data_1MX1
#
_entry.id   1MX1
#
_cell.length_a   90.021
_cell.length_b   117.030
_cell.length_c   176.010
_cell.angle_alpha   90.00
_cell.angle_beta   95.69
_cell.angle_gamma   90.00
#
_symmetry.space_group_name_H-M   'P 1 21 1'
#
loop_
_entity.id
_entity.type
_entity.pdbx_description
1 polymer 'liver Carboxylesterase I'
2 branched 2-acetamido-2-deoxy-alpha-D-glucopyranose-(1-4)-2-acetamido-2-deoxy-beta-D-glucopyranose
3 non-polymer 2-acetamido-2-deoxy-beta-D-glucopyranose
4 non-polymer 'N-acetyl-alpha-neuraminic acid'
5 non-polymer TACRINE
6 water water
#
_entity_poly.entity_id   1
_entity_poly.type   'polypeptide(L)'
_entity_poly.pdbx_seq_one_letter_code
;HPSSPPVVDTVHGKVLGKFVSLEGFAQPVAIFLGIPFAKPPLGPLRFTPPQPAEPWSFVKNATSYPPMCTQDPKAGQLLS
ELFTNRKENIPLKLSEDCLYLNIYTPADLTKKNRLPVMVWIHGGGLMVGAASTYDGLALAAHENVVVVTIQYRLGIWGFF
STGDEHSRGNWGHLDQVAALRWVQDNIASFGGNPGSVTIFGESAGGESVSVLVLSPLAKNLFHRAISESGVALTSVLVKK
GDVKPLAEQIAITAGCKTTTSAVMVHCLRQKTEEELLETTLKMKFLSLDLQGDPRESQPLLGTVIDGMLLLKTPEELQAE
RNFHTVPYMVGINKQEFGWLIPMLMSYPLSEGQLDQKTAMSLLWKSYPLVCIAKELIPEATEKYLGGTDDTVKKKDLFLD
LIADVMFGVPSVIVARNHRDAGAPTYMYEFQYRPSFSSDMKPKTVIGDHGDELFSVFGAPFLKEGASEEEIRLSKMVMKF
WANFARNGNPNGEGLPHWPEYNQKEGYLQIGANTQAAQKLKDKEVAFWTNLFAKKAVEKPPQTEHIEL
;
_entity_poly.pdbx_strand_id   A,B,C,D,E,F
#
# COMPACT_ATOMS: atom_id res chain seq x y z
N SER A 3 18.92 -35.80 34.57
CA SER A 3 17.79 -35.58 33.61
C SER A 3 17.04 -34.28 33.90
N SER A 4 16.36 -34.22 35.04
CA SER A 4 15.60 -33.04 35.45
C SER A 4 16.32 -31.73 35.13
N PRO A 5 15.80 -30.97 34.16
CA PRO A 5 16.36 -29.68 33.72
C PRO A 5 16.56 -28.67 34.86
N PRO A 6 17.63 -27.87 34.76
CA PRO A 6 17.92 -26.85 35.78
C PRO A 6 16.99 -25.64 35.64
N VAL A 7 16.50 -25.15 36.76
CA VAL A 7 15.62 -23.99 36.78
C VAL A 7 16.26 -22.91 37.65
N VAL A 8 16.53 -21.76 37.05
CA VAL A 8 17.16 -20.68 37.79
C VAL A 8 16.20 -19.52 37.98
N ASP A 9 16.41 -18.81 39.09
CA ASP A 9 15.58 -17.66 39.44
C ASP A 9 16.31 -16.38 39.09
N THR A 10 15.83 -15.65 38.09
CA THR A 10 16.47 -14.39 37.74
C THR A 10 15.63 -13.26 38.30
N VAL A 11 16.17 -12.04 38.27
CA VAL A 11 15.46 -10.89 38.79
C VAL A 11 14.11 -10.69 38.11
N HIS A 12 14.02 -11.05 36.83
CA HIS A 12 12.78 -10.88 36.08
C HIS A 12 11.88 -12.10 35.99
N GLY A 13 12.31 -13.22 36.55
CA GLY A 13 11.49 -14.42 36.50
C GLY A 13 12.32 -15.69 36.44
N LYS A 14 11.65 -16.84 36.41
CA LYS A 14 12.33 -18.12 36.37
C LYS A 14 12.67 -18.56 34.96
N VAL A 15 13.81 -19.22 34.80
CA VAL A 15 14.21 -19.73 33.49
C VAL A 15 14.55 -21.20 33.60
N LEU A 16 14.24 -21.93 32.52
CA LEU A 16 14.48 -23.35 32.46
C LEU A 16 15.50 -23.66 31.37
N GLY A 17 16.58 -24.34 31.75
CA GLY A 17 17.62 -24.69 30.80
C GLY A 17 17.71 -26.19 30.57
N LYS A 18 18.90 -26.66 30.20
CA LYS A 18 19.11 -28.08 29.96
C LYS A 18 20.55 -28.44 30.33
N PHE A 19 20.74 -29.71 30.71
CA PHE A 19 22.06 -30.20 31.09
C PHE A 19 22.71 -30.86 29.89
N VAL A 20 24.00 -30.61 29.73
CA VAL A 20 24.76 -31.21 28.64
C VAL A 20 26.08 -31.69 29.22
N SER A 21 26.41 -32.95 28.96
CA SER A 21 27.63 -33.55 29.45
C SER A 21 28.74 -33.57 28.41
N LEU A 22 29.95 -33.22 28.86
CA LEU A 22 31.10 -33.23 27.97
C LEU A 22 32.01 -34.35 28.42
N GLU A 23 32.36 -35.22 27.49
CA GLU A 23 33.24 -36.35 27.76
C GLU A 23 34.46 -35.92 28.55
N GLY A 24 34.67 -36.54 29.71
CA GLY A 24 35.82 -36.20 30.53
C GLY A 24 35.48 -35.41 31.77
N PHE A 25 34.21 -35.06 31.92
CA PHE A 25 33.78 -34.31 33.09
C PHE A 25 32.52 -34.92 33.68
N ALA A 26 32.50 -35.03 35.00
CA ALA A 26 31.37 -35.61 35.71
C ALA A 26 30.19 -34.65 35.76
N GLN A 27 30.43 -33.46 36.29
CA GLN A 27 29.37 -32.45 36.41
C GLN A 27 28.91 -31.94 35.05
N PRO A 28 27.62 -32.17 34.72
CA PRO A 28 27.13 -31.69 33.43
C PRO A 28 27.05 -30.16 33.45
N VAL A 29 27.19 -29.55 32.28
CA VAL A 29 27.10 -28.10 32.17
C VAL A 29 25.63 -27.69 31.98
N ALA A 30 25.18 -26.70 32.73
CA ALA A 30 23.81 -26.22 32.60
C ALA A 30 23.81 -25.13 31.53
N ILE A 31 23.11 -25.37 30.44
CA ILE A 31 23.04 -24.44 29.32
C ILE A 31 21.68 -23.73 29.23
N PHE A 32 21.73 -22.40 29.14
CA PHE A 32 20.50 -21.61 29.02
C PHE A 32 20.62 -20.78 27.75
N LEU A 33 19.75 -21.05 26.79
CA LEU A 33 19.80 -20.33 25.52
C LEU A 33 18.76 -19.22 25.52
N GLY A 34 18.96 -18.21 24.69
CA GLY A 34 18.01 -17.11 24.56
C GLY A 34 17.35 -16.44 25.77
N ILE A 35 18.13 -15.91 26.69
CA ILE A 35 17.55 -15.22 27.83
C ILE A 35 17.54 -13.73 27.45
N PRO A 36 16.36 -13.08 27.51
CA PRO A 36 16.31 -11.66 27.15
C PRO A 36 16.92 -10.77 28.21
N PHE A 37 17.78 -9.83 27.81
CA PHE A 37 18.40 -8.92 28.78
C PHE A 37 17.92 -7.49 28.57
N ALA A 38 17.00 -7.33 27.64
CA ALA A 38 16.46 -6.02 27.36
C ALA A 38 15.13 -6.20 26.67
N LYS A 39 14.40 -5.11 26.56
CA LYS A 39 13.10 -5.14 25.90
C LYS A 39 13.33 -5.12 24.38
N PRO A 40 12.53 -5.91 23.63
CA PRO A 40 12.71 -5.92 22.17
C PRO A 40 12.63 -4.51 21.58
N PRO A 41 13.70 -4.07 20.90
CA PRO A 41 13.84 -2.75 20.28
C PRO A 41 12.96 -2.56 19.04
N LEU A 42 11.68 -2.87 19.18
CA LEU A 42 10.75 -2.76 18.07
C LEU A 42 10.00 -1.42 18.05
N GLY A 43 9.50 -1.05 16.87
CA GLY A 43 8.75 0.18 16.71
C GLY A 43 9.48 1.44 17.14
N PRO A 44 8.88 2.23 18.03
CA PRO A 44 9.50 3.47 18.51
C PRO A 44 10.79 3.25 19.28
N LEU A 45 11.08 2.00 19.65
CA LEU A 45 12.31 1.70 20.38
C LEU A 45 13.51 1.51 19.46
N ARG A 46 13.26 1.56 18.15
CA ARG A 46 14.33 1.43 17.17
C ARG A 46 15.11 2.76 17.24
N PHE A 47 16.43 2.68 17.26
CA PHE A 47 17.31 3.86 17.33
C PHE A 47 17.26 4.57 18.69
N THR A 48 17.05 3.82 19.77
CA THR A 48 17.03 4.39 21.11
C THR A 48 17.77 3.41 22.04
N PRO A 49 18.17 3.89 23.22
CA PRO A 49 18.89 3.04 24.18
C PRO A 49 18.05 1.83 24.60
N PRO A 50 18.69 0.71 24.93
CA PRO A 50 17.93 -0.48 25.34
C PRO A 50 17.25 -0.25 26.68
N GLN A 51 16.05 -0.81 26.83
CA GLN A 51 15.32 -0.69 28.08
C GLN A 51 15.29 -2.05 28.77
N PRO A 52 15.02 -2.08 30.08
CA PRO A 52 14.96 -3.33 30.84
C PRO A 52 13.91 -4.30 30.30
N ALA A 53 14.19 -5.59 30.41
CA ALA A 53 13.23 -6.58 29.94
C ALA A 53 12.07 -6.59 30.91
N GLU A 54 10.88 -6.90 30.41
CA GLU A 54 9.69 -6.95 31.23
C GLU A 54 9.68 -8.26 32.02
N PRO A 55 9.28 -8.20 33.30
CA PRO A 55 9.27 -9.44 34.09
C PRO A 55 8.16 -10.37 33.60
N TRP A 56 8.34 -11.67 33.83
CA TRP A 56 7.37 -12.65 33.40
C TRP A 56 7.00 -13.58 34.56
N SER A 57 5.88 -14.26 34.42
CA SER A 57 5.38 -15.17 35.44
C SER A 57 5.74 -16.58 35.01
N PHE A 58 5.55 -17.54 35.91
CA PHE A 58 5.84 -18.93 35.57
C PHE A 58 7.29 -19.12 35.11
N VAL A 59 7.56 -20.23 34.45
CA VAL A 59 8.90 -20.56 33.97
C VAL A 59 9.10 -20.33 32.48
N LYS A 60 10.12 -19.55 32.13
CA LYS A 60 10.44 -19.27 30.73
C LYS A 60 11.39 -20.36 30.23
N ASN A 61 10.98 -21.05 29.18
CA ASN A 61 11.78 -22.13 28.59
C ASN A 61 12.94 -21.55 27.80
N ALA A 62 14.15 -21.67 28.34
CA ALA A 62 15.34 -21.14 27.67
C ALA A 62 16.19 -22.26 27.05
N THR A 63 15.63 -22.94 26.05
CA THR A 63 16.33 -24.04 25.41
C THR A 63 16.39 -24.01 23.88
N SER A 64 15.98 -22.90 23.27
CA SER A 64 16.04 -22.77 21.80
C SER A 64 16.94 -21.59 21.49
N TYR A 65 17.73 -21.70 20.43
CA TYR A 65 18.60 -20.60 20.07
C TYR A 65 17.79 -19.37 19.68
N PRO A 66 18.22 -18.18 20.12
CA PRO A 66 17.44 -17.00 19.73
C PRO A 66 17.82 -16.60 18.30
N PRO A 67 17.02 -15.74 17.67
CA PRO A 67 17.33 -15.30 16.31
C PRO A 67 18.54 -14.40 16.40
N MET A 68 19.21 -14.17 15.27
CA MET A 68 20.34 -13.25 15.27
C MET A 68 19.76 -11.91 14.80
N CYS A 69 20.40 -10.81 15.16
CA CYS A 69 19.89 -9.51 14.74
C CYS A 69 19.85 -9.37 13.22
N THR A 70 18.85 -8.66 12.71
CA THR A 70 18.68 -8.48 11.26
C THR A 70 20.00 -8.12 10.60
N GLN A 71 20.32 -8.82 9.52
CA GLN A 71 21.59 -8.63 8.81
C GLN A 71 21.49 -9.36 7.48
N ASP A 72 22.46 -9.14 6.59
CA ASP A 72 22.49 -9.84 5.31
C ASP A 72 22.49 -11.31 5.72
N PRO A 73 21.39 -12.03 5.39
CA PRO A 73 21.30 -13.45 5.76
C PRO A 73 22.35 -14.37 5.13
N LYS A 74 22.81 -14.04 3.92
CA LYS A 74 23.81 -14.86 3.26
C LYS A 74 25.18 -14.67 3.88
N ALA A 75 25.52 -13.42 4.20
CA ALA A 75 26.81 -13.14 4.79
C ALA A 75 26.80 -13.61 6.23
N GLY A 76 25.69 -13.36 6.91
CA GLY A 76 25.57 -13.79 8.30
C GLY A 76 25.76 -15.29 8.45
N GLN A 77 25.06 -16.06 7.62
CA GLN A 77 25.16 -17.51 7.67
C GLN A 77 26.54 -18.05 7.27
N LEU A 78 27.16 -17.44 6.25
CA LEU A 78 28.48 -17.88 5.80
C LEU A 78 29.52 -17.67 6.89
N LEU A 79 29.51 -16.51 7.52
CA LEU A 79 30.45 -16.22 8.57
C LEU A 79 30.26 -17.16 9.73
N SER A 80 29.01 -17.50 10.00
CA SER A 80 28.71 -18.41 11.09
C SER A 80 29.32 -19.79 10.83
N GLU A 81 29.24 -20.26 9.59
CA GLU A 81 29.79 -21.56 9.23
C GLU A 81 31.31 -21.57 9.35
N LEU A 82 31.93 -20.44 9.03
CA LEU A 82 33.38 -20.33 9.09
C LEU A 82 33.92 -20.19 10.51
N PHE A 83 33.15 -19.56 11.39
CA PHE A 83 33.62 -19.34 12.76
C PHE A 83 33.09 -20.27 13.84
N THR A 84 32.04 -21.04 13.56
CA THR A 84 31.51 -21.91 14.62
C THR A 84 32.48 -23.00 15.07
N ASN A 85 32.43 -23.32 16.36
CA ASN A 85 33.30 -24.34 16.95
C ASN A 85 32.56 -25.65 17.21
N ARG A 86 31.26 -25.68 16.92
CA ARG A 86 30.45 -26.89 17.12
C ARG A 86 30.46 -27.77 15.85
N LYS A 87 30.02 -29.02 15.99
CA LYS A 87 29.98 -29.95 14.86
C LYS A 87 29.20 -29.48 13.65
N GLU A 88 27.93 -29.15 13.85
CA GLU A 88 27.09 -28.69 12.75
C GLU A 88 26.73 -27.23 12.96
N ASN A 89 26.80 -26.43 11.91
CA ASN A 89 26.45 -25.03 12.03
C ASN A 89 24.96 -24.96 12.28
N ILE A 90 24.57 -24.10 13.21
CA ILE A 90 23.16 -23.93 13.54
C ILE A 90 22.53 -22.87 12.65
N PRO A 91 21.55 -23.27 11.83
CA PRO A 91 20.92 -22.27 10.96
C PRO A 91 20.12 -21.32 11.87
N LEU A 92 20.29 -20.02 11.68
CA LEU A 92 19.59 -19.07 12.51
C LEU A 92 18.56 -18.20 11.78
N LYS A 93 17.58 -17.73 12.54
CA LYS A 93 16.52 -16.88 12.01
C LYS A 93 16.91 -15.42 12.21
N LEU A 94 16.43 -14.54 11.33
CA LEU A 94 16.71 -13.11 11.44
C LEU A 94 15.57 -12.46 12.20
N SER A 95 15.86 -11.40 12.95
CA SER A 95 14.82 -10.70 13.69
C SER A 95 15.33 -9.46 14.38
N GLU A 96 14.47 -8.44 14.48
CA GLU A 96 14.84 -7.22 15.17
C GLU A 96 14.77 -7.51 16.67
N ASP A 97 14.03 -8.55 17.02
CA ASP A 97 13.90 -8.99 18.41
C ASP A 97 15.09 -9.91 18.62
N CYS A 98 16.22 -9.34 19.01
CA CYS A 98 17.43 -10.12 19.16
C CYS A 98 18.31 -9.82 20.38
N LEU A 99 17.80 -9.10 21.35
CA LEU A 99 18.62 -8.79 22.53
C LEU A 99 18.54 -9.93 23.54
N TYR A 100 19.28 -10.99 23.23
CA TYR A 100 19.34 -12.18 24.06
C TYR A 100 20.78 -12.59 24.32
N LEU A 101 20.98 -13.45 25.30
CA LEU A 101 22.31 -13.95 25.60
C LEU A 101 22.17 -15.41 26.00
N ASN A 102 23.25 -16.16 25.78
CA ASN A 102 23.30 -17.59 26.11
C ASN A 102 24.30 -17.79 27.24
N ILE A 103 23.93 -18.65 28.19
CA ILE A 103 24.77 -18.93 29.35
C ILE A 103 25.16 -20.39 29.46
N TYR A 104 26.45 -20.61 29.65
CA TYR A 104 27.00 -21.95 29.82
C TYR A 104 27.69 -21.94 31.18
N THR A 105 27.05 -22.55 32.16
CA THR A 105 27.61 -22.60 33.50
C THR A 105 27.92 -24.03 33.91
N PRO A 106 29.17 -24.29 34.30
CA PRO A 106 29.66 -25.61 34.73
C PRO A 106 29.37 -25.87 36.19
N ALA A 107 28.97 -24.81 36.89
CA ALA A 107 28.67 -24.87 38.31
C ALA A 107 27.55 -25.83 38.66
N ASP A 108 27.50 -26.22 39.93
CA ASP A 108 26.47 -27.10 40.44
C ASP A 108 25.48 -26.13 41.09
N LEU A 109 24.41 -25.84 40.36
CA LEU A 109 23.41 -24.88 40.81
C LEU A 109 22.67 -25.22 42.11
N THR A 110 22.86 -26.43 42.63
CA THR A 110 22.22 -26.83 43.87
C THR A 110 23.01 -26.27 45.04
N LYS A 111 24.28 -25.95 44.78
CA LYS A 111 25.18 -25.39 45.79
C LYS A 111 25.52 -23.95 45.39
N LYS A 112 26.28 -23.25 46.23
CA LYS A 112 26.67 -21.88 45.92
C LYS A 112 28.02 -21.86 45.21
N ASN A 113 28.12 -21.03 44.18
CA ASN A 113 29.35 -20.92 43.40
C ASN A 113 29.60 -19.47 42.97
N ARG A 114 30.88 -19.11 42.93
CA ARG A 114 31.29 -17.78 42.52
C ARG A 114 32.40 -17.91 41.49
N LEU A 115 32.12 -18.61 40.40
CA LEU A 115 33.10 -18.82 39.34
C LEU A 115 33.35 -17.56 38.53
N PRO A 116 34.54 -17.43 37.96
CA PRO A 116 34.84 -16.24 37.14
C PRO A 116 33.88 -16.25 35.95
N VAL A 117 33.48 -15.07 35.49
CA VAL A 117 32.56 -14.97 34.37
C VAL A 117 33.23 -14.41 33.11
N MET A 118 33.01 -15.07 31.99
CA MET A 118 33.60 -14.62 30.73
C MET A 118 32.50 -14.29 29.72
N VAL A 119 32.36 -13.00 29.41
CA VAL A 119 31.34 -12.52 28.48
C VAL A 119 31.92 -12.29 27.10
N TRP A 120 31.46 -13.08 26.14
CA TRP A 120 31.94 -13.02 24.76
C TRP A 120 31.12 -12.10 23.86
N ILE A 121 31.82 -11.27 23.11
CA ILE A 121 31.18 -10.34 22.17
C ILE A 121 31.69 -10.70 20.79
N HIS A 122 30.80 -11.25 19.96
CA HIS A 122 31.16 -11.68 18.61
C HIS A 122 31.53 -10.55 17.64
N GLY A 123 32.25 -10.92 16.59
CA GLY A 123 32.66 -9.96 15.56
C GLY A 123 31.78 -10.05 14.32
N GLY A 124 32.19 -9.36 13.27
CA GLY A 124 31.40 -9.37 12.05
C GLY A 124 31.21 -7.93 11.57
N GLY A 125 32.24 -7.12 11.76
CA GLY A 125 32.22 -5.74 11.34
C GLY A 125 31.05 -4.91 11.83
N LEU A 126 30.41 -5.36 12.91
CA LEU A 126 29.26 -4.65 13.47
C LEU A 126 28.08 -4.72 12.51
N MET A 127 28.22 -5.50 11.45
CA MET A 127 27.18 -5.64 10.42
C MET A 127 26.49 -7.00 10.43
N VAL A 128 27.23 -8.04 10.81
CA VAL A 128 26.69 -9.41 10.85
C VAL A 128 27.21 -10.15 12.09
N GLY A 129 26.78 -11.40 12.26
CA GLY A 129 27.23 -12.17 13.41
C GLY A 129 26.12 -12.55 14.39
N ALA A 130 26.41 -13.51 15.26
CA ALA A 130 25.45 -13.98 16.25
C ALA A 130 26.17 -14.62 17.43
N ALA A 131 25.51 -14.70 18.57
CA ALA A 131 26.12 -15.28 19.76
C ALA A 131 26.13 -16.82 19.66
N SER A 132 25.04 -17.36 19.12
CA SER A 132 24.85 -18.80 18.98
C SER A 132 25.91 -19.53 18.17
N THR A 133 26.64 -18.77 17.35
CA THR A 133 27.72 -19.31 16.54
C THR A 133 28.75 -19.95 17.46
N TYR A 134 28.93 -19.34 18.63
CA TYR A 134 29.92 -19.80 19.60
C TYR A 134 29.36 -20.59 20.78
N ASP A 135 29.69 -21.87 20.79
CA ASP A 135 29.27 -22.80 21.83
C ASP A 135 30.25 -22.76 23.01
N GLY A 136 29.76 -22.36 24.18
CA GLY A 136 30.62 -22.26 25.35
C GLY A 136 30.81 -23.50 26.19
N LEU A 137 30.23 -24.61 25.74
CA LEU A 137 30.32 -25.88 26.46
C LEU A 137 31.74 -26.31 26.85
N ALA A 138 32.66 -26.33 25.89
CA ALA A 138 34.04 -26.76 26.15
C ALA A 138 34.81 -25.87 27.10
N LEU A 139 34.81 -24.57 26.83
CA LEU A 139 35.54 -23.64 27.67
C LEU A 139 35.03 -23.67 29.09
N ALA A 140 33.72 -23.71 29.26
CA ALA A 140 33.12 -23.74 30.59
C ALA A 140 33.57 -24.98 31.39
N ALA A 141 33.38 -26.16 30.81
CA ALA A 141 33.74 -27.40 31.48
C ALA A 141 35.23 -27.54 31.78
N HIS A 142 36.05 -27.33 30.75
CA HIS A 142 37.49 -27.44 30.86
C HIS A 142 38.18 -26.48 31.82
N GLU A 143 37.63 -25.29 31.99
CA GLU A 143 38.27 -24.31 32.86
C GLU A 143 37.47 -23.79 34.05
N ASN A 144 36.28 -24.33 34.25
CA ASN A 144 35.44 -23.90 35.37
C ASN A 144 35.12 -22.42 35.37
N VAL A 145 34.60 -21.94 34.25
CA VAL A 145 34.23 -20.53 34.16
C VAL A 145 32.85 -20.45 33.56
N VAL A 146 32.12 -19.40 33.91
CA VAL A 146 30.78 -19.22 33.37
C VAL A 146 30.96 -18.46 32.07
N VAL A 147 30.55 -19.06 30.97
CA VAL A 147 30.68 -18.41 29.67
C VAL A 147 29.33 -17.85 29.24
N VAL A 148 29.35 -16.58 28.86
CA VAL A 148 28.15 -15.90 28.40
C VAL A 148 28.41 -15.30 27.02
N THR A 149 27.52 -15.59 26.08
CA THR A 149 27.65 -15.03 24.74
C THR A 149 26.49 -14.06 24.56
N ILE A 150 26.79 -12.80 24.25
CA ILE A 150 25.74 -11.80 24.10
C ILE A 150 25.51 -11.36 22.67
N GLN A 151 24.36 -10.73 22.43
CA GLN A 151 24.03 -10.20 21.13
C GLN A 151 23.75 -8.71 21.30
N TYR A 152 23.81 -7.97 20.20
CA TYR A 152 23.58 -6.53 20.21
C TYR A 152 23.16 -6.13 18.80
N ARG A 153 22.47 -5.01 18.67
CA ARG A 153 22.00 -4.55 17.37
C ARG A 153 23.15 -4.30 16.39
N LEU A 154 22.93 -4.69 15.15
CA LEU A 154 23.94 -4.56 14.10
C LEU A 154 23.50 -3.64 12.97
N GLY A 155 24.46 -3.23 12.15
CA GLY A 155 24.18 -2.36 11.03
C GLY A 155 23.33 -1.14 11.34
N ILE A 156 22.39 -0.85 10.44
CA ILE A 156 21.51 0.29 10.59
C ILE A 156 20.86 0.31 11.97
N TRP A 157 20.29 -0.82 12.38
CA TRP A 157 19.62 -0.91 13.67
C TRP A 157 20.51 -0.59 14.86
N GLY A 158 21.79 -0.94 14.76
CA GLY A 158 22.69 -0.71 15.87
C GLY A 158 23.60 0.49 15.79
N PHE A 159 23.77 1.09 14.62
CA PHE A 159 24.68 2.21 14.52
C PHE A 159 24.30 3.40 13.65
N PHE A 160 23.04 3.46 13.24
CA PHE A 160 22.61 4.59 12.43
C PHE A 160 22.75 5.85 13.28
N SER A 161 23.50 6.82 12.78
CA SER A 161 23.71 8.05 13.52
C SER A 161 23.52 9.31 12.67
N THR A 162 22.83 10.29 13.23
CA THR A 162 22.63 11.55 12.52
C THR A 162 23.65 12.57 13.00
N GLY A 163 24.46 12.18 13.99
CA GLY A 163 25.47 13.06 14.52
C GLY A 163 24.95 14.03 15.56
N ASP A 164 23.66 13.96 15.86
CA ASP A 164 23.09 14.85 16.87
C ASP A 164 22.17 14.11 17.83
N GLU A 165 21.41 14.86 18.62
CA GLU A 165 20.55 14.27 19.62
C GLU A 165 19.36 13.45 19.13
N HIS A 166 19.02 13.57 17.86
CA HIS A 166 17.89 12.81 17.33
C HIS A 166 18.22 11.34 17.10
N SER A 167 19.51 11.07 16.89
CA SER A 167 20.00 9.71 16.70
C SER A 167 21.52 9.71 16.91
N ARG A 168 21.94 9.70 18.16
CA ARG A 168 23.36 9.73 18.51
C ARG A 168 24.13 8.57 17.90
N GLY A 169 23.56 7.37 18.00
CA GLY A 169 24.22 6.20 17.46
C GLY A 169 24.75 5.27 18.54
N ASN A 170 25.59 4.32 18.14
CA ASN A 170 26.17 3.36 19.09
C ASN A 170 25.14 2.55 19.86
N TRP A 171 23.95 2.34 19.29
CA TRP A 171 22.92 1.57 19.96
C TRP A 171 23.44 0.16 20.28
N GLY A 172 24.24 -0.41 19.38
CA GLY A 172 24.82 -1.73 19.58
C GLY A 172 25.73 -1.79 20.80
N HIS A 173 26.51 -0.74 21.04
CA HIS A 173 27.40 -0.72 22.20
C HIS A 173 26.61 -0.53 23.48
N LEU A 174 25.53 0.24 23.39
CA LEU A 174 24.67 0.45 24.56
C LEU A 174 24.03 -0.89 24.93
N ASP A 175 23.81 -1.74 23.94
CA ASP A 175 23.24 -3.07 24.18
C ASP A 175 24.27 -3.94 24.90
N GLN A 176 25.54 -3.76 24.54
CA GLN A 176 26.60 -4.52 25.17
C GLN A 176 26.70 -4.10 26.63
N VAL A 177 26.50 -2.82 26.89
CA VAL A 177 26.54 -2.31 28.25
C VAL A 177 25.39 -2.89 29.07
N ALA A 178 24.20 -2.89 28.47
CA ALA A 178 22.99 -3.41 29.11
C ALA A 178 23.10 -4.90 29.42
N ALA A 179 23.79 -5.64 28.55
CA ALA A 179 23.98 -7.07 28.78
C ALA A 179 24.95 -7.27 29.95
N LEU A 180 25.94 -6.40 30.05
CA LEU A 180 26.90 -6.47 31.16
C LEU A 180 26.23 -6.08 32.47
N ARG A 181 25.25 -5.20 32.38
CA ARG A 181 24.53 -4.75 33.56
C ARG A 181 23.62 -5.90 34.01
N TRP A 182 23.08 -6.64 33.04
CA TRP A 182 22.23 -7.78 33.38
C TRP A 182 23.08 -8.83 34.09
N VAL A 183 24.33 -8.98 33.64
CA VAL A 183 25.26 -9.95 34.23
C VAL A 183 25.52 -9.59 35.69
N GLN A 184 25.76 -8.31 35.96
CA GLN A 184 25.99 -7.86 37.32
C GLN A 184 24.83 -8.20 38.23
N ASP A 185 23.61 -7.97 37.74
CA ASP A 185 22.42 -8.21 38.52
C ASP A 185 21.93 -9.66 38.59
N ASN A 186 22.35 -10.50 37.65
CA ASN A 186 21.84 -11.87 37.61
C ASN A 186 22.80 -13.05 37.62
N ILE A 187 24.06 -12.83 37.27
CA ILE A 187 24.99 -13.93 37.16
C ILE A 187 25.20 -14.80 38.40
N ALA A 188 25.04 -14.23 39.59
CA ALA A 188 25.22 -15.01 40.82
C ALA A 188 24.28 -16.20 40.87
N SER A 189 23.11 -16.06 40.25
CA SER A 189 22.11 -17.14 40.23
C SER A 189 22.56 -18.29 39.33
N PHE A 190 23.53 -18.03 38.48
CA PHE A 190 24.04 -19.08 37.60
C PHE A 190 25.40 -19.57 38.08
N GLY A 191 25.76 -19.24 39.31
CA GLY A 191 27.03 -19.67 39.86
C GLY A 191 28.19 -18.78 39.48
N GLY A 192 27.88 -17.59 39.00
CA GLY A 192 28.92 -16.68 38.58
C GLY A 192 29.19 -15.64 39.65
N ASN A 193 30.34 -14.99 39.55
CA ASN A 193 30.73 -13.96 40.49
C ASN A 193 30.75 -12.59 39.80
N PRO A 194 29.71 -11.77 40.03
CA PRO A 194 29.66 -10.45 39.40
C PRO A 194 30.88 -9.60 39.74
N GLY A 195 31.64 -10.05 40.74
CA GLY A 195 32.84 -9.33 41.12
C GLY A 195 34.02 -9.66 40.22
N SER A 196 33.85 -10.68 39.38
CA SER A 196 34.92 -11.07 38.47
C SER A 196 34.38 -11.36 37.07
N VAL A 197 34.19 -10.30 36.29
CA VAL A 197 33.68 -10.43 34.94
C VAL A 197 34.71 -10.04 33.91
N THR A 198 34.99 -10.95 32.99
CA THR A 198 35.96 -10.69 31.93
C THR A 198 35.24 -10.56 30.61
N ILE A 199 35.57 -9.53 29.85
CA ILE A 199 34.97 -9.37 28.55
C ILE A 199 36.02 -9.66 27.49
N PHE A 200 35.65 -10.47 26.51
CA PHE A 200 36.56 -10.78 25.43
C PHE A 200 35.80 -10.85 24.10
N GLY A 201 36.49 -10.53 23.02
CA GLY A 201 35.87 -10.54 21.71
C GLY A 201 36.90 -10.49 20.61
N GLU A 202 36.47 -10.84 19.41
CA GLU A 202 37.36 -10.86 18.26
C GLU A 202 36.85 -9.89 17.19
N SER A 203 37.78 -9.18 16.56
CA SER A 203 37.43 -8.24 15.52
C SER A 203 36.56 -7.11 16.03
N ALA A 204 35.38 -6.94 15.42
CA ALA A 204 34.46 -5.89 15.85
C ALA A 204 34.17 -6.13 17.32
N GLY A 205 34.23 -7.40 17.72
CA GLY A 205 34.00 -7.75 19.12
C GLY A 205 35.18 -7.25 19.93
N GLY A 206 36.37 -7.32 19.33
CA GLY A 206 37.57 -6.84 20.00
C GLY A 206 37.54 -5.32 20.08
N GLU A 207 37.02 -4.69 19.02
CA GLU A 207 36.92 -3.23 19.00
C GLU A 207 35.89 -2.79 20.04
N SER A 208 34.84 -3.59 20.22
CA SER A 208 33.80 -3.27 21.21
C SER A 208 34.39 -3.31 22.61
N VAL A 209 35.18 -4.35 22.90
CA VAL A 209 35.82 -4.48 24.19
C VAL A 209 36.66 -3.24 24.45
N SER A 210 37.47 -2.88 23.46
CA SER A 210 38.35 -1.72 23.53
C SER A 210 37.50 -0.46 23.77
N VAL A 211 36.35 -0.39 23.11
CA VAL A 211 35.46 0.76 23.28
C VAL A 211 34.93 0.79 24.70
N LEU A 212 34.58 -0.38 25.23
CA LEU A 212 34.04 -0.45 26.59
C LEU A 212 35.10 -0.03 27.61
N VAL A 213 36.37 -0.30 27.31
CA VAL A 213 37.45 0.08 28.21
C VAL A 213 37.60 1.61 28.26
N LEU A 214 37.21 2.28 27.18
CA LEU A 214 37.31 3.74 27.10
C LEU A 214 36.01 4.46 27.43
N SER A 215 34.96 3.72 27.78
CA SER A 215 33.66 4.33 28.07
C SER A 215 33.23 4.40 29.52
N PRO A 216 32.74 5.57 29.95
CA PRO A 216 32.27 5.85 31.31
C PRO A 216 31.02 5.02 31.65
N LEU A 217 30.26 4.65 30.63
CA LEU A 217 29.06 3.86 30.84
C LEU A 217 29.35 2.42 31.27
N ALA A 218 30.55 1.94 31.00
CA ALA A 218 30.92 0.58 31.36
C ALA A 218 31.71 0.49 32.66
N LYS A 219 31.76 1.58 33.42
CA LYS A 219 32.48 1.58 34.68
C LYS A 219 31.90 0.53 35.63
N ASN A 220 32.78 -0.22 36.28
CA ASN A 220 32.40 -1.25 37.24
C ASN A 220 31.58 -2.41 36.68
N LEU A 221 31.59 -2.57 35.36
CA LEU A 221 30.85 -3.66 34.73
C LEU A 221 31.73 -4.85 34.39
N PHE A 222 33.04 -4.64 34.34
CA PHE A 222 33.99 -5.71 34.04
C PHE A 222 35.29 -5.44 34.77
N HIS A 223 36.10 -6.48 34.97
CA HIS A 223 37.34 -6.34 35.73
C HIS A 223 38.60 -6.79 34.97
N ARG A 224 38.40 -7.37 33.80
CA ARG A 224 39.50 -7.83 32.96
C ARG A 224 39.03 -7.75 31.51
N ALA A 225 39.94 -7.56 30.58
CA ALA A 225 39.54 -7.43 29.18
C ALA A 225 40.50 -8.07 28.19
N ILE A 226 39.92 -8.61 27.11
CA ILE A 226 40.67 -9.25 26.05
C ILE A 226 40.16 -8.82 24.67
N SER A 227 41.04 -8.24 23.86
CA SER A 227 40.70 -7.82 22.51
C SER A 227 41.47 -8.74 21.58
N GLU A 228 40.75 -9.49 20.75
CA GLU A 228 41.39 -10.40 19.80
C GLU A 228 41.24 -9.85 18.38
N SER A 229 42.36 -9.53 17.75
CA SER A 229 42.35 -9.00 16.38
C SER A 229 41.38 -7.82 16.19
N GLY A 230 41.57 -6.77 16.96
CA GLY A 230 40.68 -5.62 16.82
C GLY A 230 40.64 -4.71 18.03
N VAL A 231 40.88 -3.43 17.80
CA VAL A 231 40.84 -2.44 18.87
C VAL A 231 40.13 -1.17 18.39
N ALA A 232 39.92 -0.25 19.32
CA ALA A 232 39.24 1.01 19.00
C ALA A 232 40.05 1.88 18.05
N LEU A 233 41.30 1.51 17.79
CA LEU A 233 42.13 2.28 16.85
C LEU A 233 42.08 1.68 15.45
N THR A 234 41.27 0.63 15.28
CA THR A 234 41.09 0.01 13.98
C THR A 234 40.12 0.98 13.27
N SER A 235 40.69 2.05 12.74
CA SER A 235 39.97 3.13 12.07
C SER A 235 38.66 2.79 11.35
N VAL A 236 38.67 1.77 10.49
CA VAL A 236 37.47 1.42 9.74
C VAL A 236 36.19 1.25 10.57
N LEU A 237 36.32 0.85 11.84
CA LEU A 237 35.15 0.65 12.70
C LEU A 237 34.76 1.89 13.48
N VAL A 238 35.62 2.90 13.50
CA VAL A 238 35.34 4.13 14.24
C VAL A 238 35.17 5.33 13.30
N LYS A 239 33.95 5.83 13.21
CA LYS A 239 33.64 6.96 12.35
C LYS A 239 34.10 8.26 12.98
N LYS A 240 35.10 8.87 12.38
CA LYS A 240 35.61 10.13 12.88
C LYS A 240 35.27 11.21 11.86
N GLY A 241 34.80 12.36 12.36
CA GLY A 241 34.44 13.44 11.46
C GLY A 241 32.94 13.63 11.42
N ASP A 242 32.44 14.14 10.28
CA ASP A 242 31.01 14.37 10.15
C ASP A 242 30.33 13.13 9.59
N VAL A 243 29.37 12.61 10.35
CA VAL A 243 28.64 11.40 9.99
C VAL A 243 27.35 11.67 9.21
N LYS A 244 26.95 12.94 9.17
CA LYS A 244 25.74 13.35 8.48
C LYS A 244 25.62 12.79 7.04
N PRO A 245 26.69 12.93 6.22
CA PRO A 245 26.66 12.43 4.85
C PRO A 245 26.24 10.97 4.68
N LEU A 246 26.74 10.09 5.56
CA LEU A 246 26.41 8.67 5.50
C LEU A 246 24.93 8.48 5.87
N ALA A 247 24.50 9.21 6.89
CA ALA A 247 23.11 9.12 7.35
C ALA A 247 22.15 9.54 6.24
N GLU A 248 22.46 10.63 5.56
CA GLU A 248 21.59 11.10 4.49
C GLU A 248 21.53 10.11 3.34
N GLN A 249 22.66 9.45 3.08
CA GLN A 249 22.76 8.49 1.99
C GLN A 249 21.96 7.22 2.32
N ILE A 250 21.84 6.91 3.60
CA ILE A 250 21.08 5.74 4.02
C ILE A 250 19.59 6.06 3.90
N ALA A 251 19.21 7.25 4.34
CA ALA A 251 17.81 7.67 4.29
C ALA A 251 17.32 7.74 2.86
N ILE A 252 18.16 8.31 1.99
CA ILE A 252 17.82 8.44 0.57
C ILE A 252 17.62 7.05 -0.05
N THR A 253 18.52 6.13 0.25
CA THR A 253 18.43 4.78 -0.28
C THR A 253 17.15 4.11 0.22
N ALA A 254 16.73 4.45 1.43
CA ALA A 254 15.52 3.89 1.99
C ALA A 254 14.27 4.65 1.52
N GLY A 255 14.48 5.66 0.68
CA GLY A 255 13.37 6.43 0.17
C GLY A 255 12.88 7.50 1.13
N CYS A 256 13.75 7.97 2.01
CA CYS A 256 13.41 8.98 3.00
C CYS A 256 13.87 10.39 2.64
N LYS A 257 13.18 11.38 3.18
CA LYS A 257 13.54 12.78 2.96
C LYS A 257 14.70 13.09 3.92
N THR A 258 15.52 14.07 3.58
CA THR A 258 16.64 14.43 4.43
C THR A 258 16.53 15.87 4.92
N THR A 259 15.30 16.36 5.00
CA THR A 259 15.05 17.72 5.44
C THR A 259 15.75 18.06 6.76
N THR A 260 15.55 17.22 7.79
CA THR A 260 16.20 17.44 9.07
C THR A 260 16.56 16.09 9.66
N SER A 261 17.39 16.10 10.69
CA SER A 261 17.78 14.86 11.33
C SER A 261 16.55 14.14 11.89
N ALA A 262 15.66 14.89 12.54
CA ALA A 262 14.48 14.28 13.14
C ALA A 262 13.58 13.64 12.09
N VAL A 263 13.52 14.25 10.91
CA VAL A 263 12.71 13.74 9.81
C VAL A 263 13.30 12.41 9.32
N MET A 264 14.62 12.37 9.14
CA MET A 264 15.27 11.15 8.70
C MET A 264 14.95 10.01 9.68
N VAL A 265 15.24 10.25 10.95
CA VAL A 265 15.00 9.27 12.00
C VAL A 265 13.55 8.82 12.06
N HIS A 266 12.62 9.78 12.04
CA HIS A 266 11.19 9.43 12.07
C HIS A 266 10.81 8.55 10.89
N CYS A 267 11.27 8.92 9.70
CA CYS A 267 11.00 8.14 8.49
C CYS A 267 11.57 6.71 8.57
N LEU A 268 12.82 6.59 9.00
CA LEU A 268 13.44 5.26 9.12
C LEU A 268 12.74 4.39 10.16
N ARG A 269 12.17 5.02 11.19
CA ARG A 269 11.46 4.26 12.23
C ARG A 269 10.18 3.65 11.70
N GLN A 270 9.63 4.21 10.63
CA GLN A 270 8.38 3.69 10.06
C GLN A 270 8.61 2.57 9.05
N LYS A 271 9.85 2.43 8.59
CA LYS A 271 10.18 1.39 7.62
C LYS A 271 10.08 0.01 8.25
N THR A 272 9.72 -1.00 7.47
CA THR A 272 9.63 -2.35 8.00
C THR A 272 11.03 -2.95 8.06
N GLU A 273 11.17 -4.03 8.83
CA GLU A 273 12.44 -4.73 8.94
C GLU A 273 12.97 -5.07 7.54
N GLU A 274 12.07 -5.50 6.66
CA GLU A 274 12.46 -5.88 5.31
C GLU A 274 12.94 -4.71 4.44
N GLU A 275 12.30 -3.55 4.59
CA GLU A 275 12.71 -2.39 3.81
C GLU A 275 14.10 -1.95 4.26
N LEU A 276 14.37 -2.02 5.57
CA LEU A 276 15.68 -1.64 6.06
C LEU A 276 16.73 -2.68 5.64
N LEU A 277 16.31 -3.93 5.54
CA LEU A 277 17.23 -4.97 5.13
C LEU A 277 17.53 -4.78 3.64
N GLU A 278 16.50 -4.39 2.88
CA GLU A 278 16.69 -4.14 1.45
C GLU A 278 17.62 -2.95 1.28
N THR A 279 17.49 -1.96 2.16
CA THR A 279 18.36 -0.79 2.10
C THR A 279 19.79 -1.22 2.37
N THR A 280 19.94 -2.10 3.37
CA THR A 280 21.26 -2.62 3.74
C THR A 280 21.91 -3.35 2.57
N LEU A 281 21.15 -4.19 1.88
CA LEU A 281 21.67 -4.93 0.75
C LEU A 281 21.99 -4.02 -0.42
N LYS A 282 21.28 -2.91 -0.53
CA LYS A 282 21.51 -1.97 -1.60
C LYS A 282 22.77 -1.16 -1.36
N MET A 283 23.05 -0.83 -0.10
CA MET A 283 24.24 -0.06 0.26
C MET A 283 25.48 -0.90 -0.01
N LYS A 284 25.31 -2.22 0.02
CA LYS A 284 26.40 -3.15 -0.24
C LYS A 284 27.58 -2.97 0.69
N PHE A 285 27.32 -3.08 1.99
CA PHE A 285 28.35 -2.94 3.01
C PHE A 285 29.33 -4.13 3.02
N LEU A 286 30.47 -3.95 3.70
CA LEU A 286 31.47 -5.00 3.81
C LEU A 286 31.90 -5.58 2.47
N SER A 287 32.15 -4.69 1.50
CA SER A 287 32.55 -5.12 0.17
C SER A 287 33.37 -4.00 -0.47
N LEU A 288 34.53 -4.33 -1.00
CA LEU A 288 35.39 -3.33 -1.64
C LEU A 288 34.73 -2.75 -2.89
N ASP A 289 34.48 -1.45 -2.86
CA ASP A 289 33.85 -0.74 -3.98
C ASP A 289 34.97 -0.35 -4.94
N LEU A 290 34.95 -0.95 -6.14
CA LEU A 290 35.98 -0.68 -7.14
C LEU A 290 35.64 0.48 -8.09
N GLN A 291 34.50 1.11 -7.89
CA GLN A 291 34.09 2.20 -8.76
C GLN A 291 34.03 3.54 -8.07
N GLY A 292 34.39 4.59 -8.80
CA GLY A 292 34.35 5.95 -8.27
C GLY A 292 35.51 6.34 -7.38
N ASP A 293 35.29 7.37 -6.56
CA ASP A 293 36.32 7.84 -5.66
C ASP A 293 36.34 7.00 -4.39
N PRO A 294 37.47 6.35 -4.11
CA PRO A 294 37.64 5.49 -2.93
C PRO A 294 37.30 6.21 -1.63
N ARG A 295 37.52 7.52 -1.60
CA ARG A 295 37.25 8.32 -0.41
C ARG A 295 35.77 8.47 -0.06
N GLU A 296 34.88 8.06 -0.97
CA GLU A 296 33.45 8.17 -0.71
C GLU A 296 32.85 6.82 -0.36
N SER A 297 33.64 5.76 -0.48
CA SER A 297 33.16 4.42 -0.17
C SER A 297 32.86 4.33 1.32
N GLN A 298 31.75 3.68 1.66
CA GLN A 298 31.37 3.51 3.05
C GLN A 298 31.19 2.00 3.26
N PRO A 299 32.26 1.31 3.67
CA PRO A 299 32.26 -0.13 3.90
C PRO A 299 31.31 -0.65 4.98
N LEU A 300 30.99 0.19 5.96
CA LEU A 300 30.10 -0.22 7.03
C LEU A 300 29.69 0.90 7.97
N LEU A 301 28.71 0.63 8.81
CA LEU A 301 28.24 1.61 9.79
C LEU A 301 28.90 1.20 11.09
N GLY A 302 29.39 2.15 11.87
CA GLY A 302 30.02 1.77 13.12
C GLY A 302 29.96 2.77 14.24
N THR A 303 30.93 2.61 15.15
CA THR A 303 31.08 3.44 16.33
C THR A 303 31.28 4.92 16.00
N VAL A 304 30.62 5.79 16.75
CA VAL A 304 30.78 7.23 16.56
C VAL A 304 31.06 7.85 17.93
N ILE A 305 31.54 9.09 17.92
CA ILE A 305 31.81 9.80 19.16
C ILE A 305 30.47 10.50 19.41
N ASP A 306 29.61 9.83 20.17
CA ASP A 306 28.26 10.32 20.46
C ASP A 306 28.08 11.25 21.65
N GLY A 307 29.03 11.25 22.59
CA GLY A 307 28.89 12.10 23.77
C GLY A 307 28.26 11.38 24.95
N MET A 308 27.85 10.13 24.77
CA MET A 308 27.26 9.32 25.85
C MET A 308 28.16 8.13 26.15
N LEU A 309 28.41 7.33 25.12
CA LEU A 309 29.27 6.17 25.24
C LEU A 309 30.73 6.62 25.22
N LEU A 310 31.07 7.41 24.20
CA LEU A 310 32.42 7.95 24.03
C LEU A 310 32.36 9.46 24.03
N LEU A 311 33.01 10.10 25.00
CA LEU A 311 33.02 11.56 25.10
C LEU A 311 33.93 12.23 24.08
N LYS A 312 34.98 11.54 23.66
CA LYS A 312 35.88 12.08 22.64
C LYS A 312 36.51 10.92 21.88
N THR A 313 37.36 11.22 20.90
CA THR A 313 37.97 10.16 20.12
C THR A 313 38.88 9.26 20.96
N PRO A 314 39.02 7.99 20.57
CA PRO A 314 39.87 7.03 21.28
C PRO A 314 41.28 7.57 21.51
N GLU A 315 41.88 8.10 20.45
CA GLU A 315 43.23 8.66 20.52
C GLU A 315 43.34 9.71 21.63
N GLU A 316 42.38 10.64 21.67
CA GLU A 316 42.39 11.67 22.69
C GLU A 316 42.18 11.08 24.08
N LEU A 317 41.26 10.11 24.18
CA LEU A 317 40.99 9.47 25.45
C LEU A 317 42.21 8.75 26.03
N GLN A 318 43.13 8.32 25.18
CA GLN A 318 44.30 7.64 25.70
C GLN A 318 45.48 8.58 25.86
N ALA A 319 45.51 9.67 25.10
CA ALA A 319 46.58 10.66 25.22
C ALA A 319 46.58 11.07 26.69
N GLU A 320 45.37 11.25 27.22
CA GLU A 320 45.18 11.58 28.62
C GLU A 320 44.75 10.23 29.16
N ARG A 321 45.41 9.75 30.21
CA ARG A 321 45.07 8.43 30.75
C ARG A 321 43.63 8.41 31.27
N ASN A 322 42.68 8.56 30.37
CA ASN A 322 41.27 8.57 30.74
C ASN A 322 40.55 7.30 30.30
N PHE A 323 40.75 6.22 31.05
CA PHE A 323 40.10 4.96 30.75
C PHE A 323 40.26 3.94 31.88
N HIS A 324 39.50 2.85 31.78
CA HIS A 324 39.53 1.79 32.78
C HIS A 324 40.86 1.04 32.75
N THR A 325 41.60 1.15 33.85
CA THR A 325 42.89 0.51 33.97
C THR A 325 42.81 -0.94 34.45
N VAL A 326 41.95 -1.73 33.83
CA VAL A 326 41.81 -3.14 34.19
C VAL A 326 42.84 -3.96 33.41
N PRO A 327 43.14 -5.18 33.89
CA PRO A 327 44.13 -6.00 33.16
C PRO A 327 43.60 -6.15 31.74
N TYR A 328 44.48 -5.96 30.76
CA TYR A 328 44.09 -6.01 29.35
C TYR A 328 45.03 -6.85 28.48
N MET A 329 44.45 -7.79 27.74
CA MET A 329 45.19 -8.66 26.84
C MET A 329 44.82 -8.27 25.41
N VAL A 330 45.79 -7.78 24.66
CA VAL A 330 45.58 -7.37 23.28
C VAL A 330 46.40 -8.29 22.38
N GLY A 331 45.73 -8.94 21.43
CA GLY A 331 46.45 -9.84 20.55
C GLY A 331 46.09 -9.75 19.08
N ILE A 332 46.91 -10.37 18.25
CA ILE A 332 46.70 -10.38 16.80
C ILE A 332 47.13 -11.72 16.24
N ASN A 333 46.76 -11.99 14.99
CA ASN A 333 47.14 -13.22 14.33
C ASN A 333 48.21 -12.86 13.31
N LYS A 334 49.03 -13.84 12.94
CA LYS A 334 50.12 -13.61 11.99
C LYS A 334 49.69 -13.03 10.66
N GLN A 335 48.59 -13.53 10.11
CA GLN A 335 48.10 -13.05 8.82
C GLN A 335 46.64 -12.60 8.87
N GLU A 336 46.39 -11.49 9.54
CA GLU A 336 45.04 -10.94 9.69
C GLU A 336 44.28 -10.73 8.37
N PHE A 337 44.99 -10.37 7.32
CA PHE A 337 44.38 -10.14 6.02
C PHE A 337 44.80 -11.23 5.06
N GLY A 338 45.13 -12.39 5.61
CA GLY A 338 45.60 -13.51 4.80
C GLY A 338 44.63 -14.12 3.80
N TRP A 339 43.36 -14.28 4.19
CA TRP A 339 42.42 -14.91 3.29
C TRP A 339 40.95 -14.59 3.58
N LEU A 340 40.52 -14.87 4.81
CA LEU A 340 39.13 -14.64 5.21
C LEU A 340 38.53 -13.27 4.87
N ILE A 341 39.19 -12.19 5.27
CA ILE A 341 38.66 -10.85 5.01
C ILE A 341 38.68 -10.47 3.52
N PRO A 342 39.83 -10.66 2.84
CA PRO A 342 39.87 -10.30 1.41
C PRO A 342 38.79 -11.07 0.66
N MET A 343 38.54 -12.30 1.11
CA MET A 343 37.54 -13.16 0.49
C MET A 343 36.12 -12.64 0.75
N LEU A 344 35.82 -12.30 2.00
CA LEU A 344 34.52 -11.79 2.37
C LEU A 344 34.23 -10.39 1.82
N MET A 345 35.28 -9.65 1.50
CA MET A 345 35.10 -8.30 0.96
C MET A 345 35.24 -8.25 -0.55
N SER A 346 35.40 -9.41 -1.18
CA SER A 346 35.52 -9.51 -2.62
C SER A 346 36.73 -8.79 -3.24
N TYR A 347 37.91 -8.96 -2.65
CA TYR A 347 39.11 -8.32 -3.20
C TYR A 347 39.47 -8.96 -4.54
N PRO A 348 39.95 -8.17 -5.51
CA PRO A 348 40.33 -8.66 -6.84
C PRO A 348 41.75 -9.23 -6.86
N LEU A 349 41.94 -10.39 -6.24
CA LEU A 349 43.24 -11.02 -6.17
C LEU A 349 43.28 -12.42 -6.79
N SER A 350 42.47 -12.65 -7.81
CA SER A 350 42.39 -13.96 -8.45
C SER A 350 43.73 -14.50 -8.95
N GLU A 351 44.63 -13.61 -9.34
CA GLU A 351 45.94 -14.04 -9.84
C GLU A 351 46.92 -14.40 -8.74
N GLY A 352 46.65 -13.93 -7.52
CA GLY A 352 47.54 -14.23 -6.41
C GLY A 352 48.91 -13.58 -6.50
N GLN A 353 49.16 -12.85 -7.58
CA GLN A 353 50.43 -12.18 -7.77
C GLN A 353 50.14 -10.69 -7.87
N LEU A 354 51.16 -9.86 -7.77
CA LEU A 354 50.94 -8.42 -7.80
C LEU A 354 52.20 -7.60 -8.04
N ASP A 355 52.14 -6.69 -9.00
CA ASP A 355 53.26 -5.81 -9.29
C ASP A 355 53.01 -4.52 -8.51
N GLN A 356 54.05 -3.72 -8.34
CA GLN A 356 53.93 -2.48 -7.58
C GLN A 356 52.88 -1.50 -8.09
N LYS A 357 52.69 -1.43 -9.39
CA LYS A 357 51.71 -0.52 -9.97
C LYS A 357 50.30 -0.96 -9.60
N THR A 358 50.06 -2.26 -9.70
CA THR A 358 48.77 -2.83 -9.37
C THR A 358 48.53 -2.69 -7.86
N ALA A 359 49.59 -2.82 -7.08
CA ALA A 359 49.50 -2.72 -5.62
C ALA A 359 49.12 -1.30 -5.18
N MET A 360 49.68 -0.30 -5.83
CA MET A 360 49.35 1.08 -5.48
C MET A 360 47.90 1.37 -5.82
N SER A 361 47.43 0.74 -6.90
CA SER A 361 46.06 0.89 -7.36
C SER A 361 45.07 0.32 -6.33
N LEU A 362 45.33 -0.90 -5.87
CA LEU A 362 44.45 -1.54 -4.89
C LEU A 362 44.58 -0.87 -3.53
N LEU A 363 45.80 -0.47 -3.16
CA LEU A 363 45.96 0.19 -1.88
C LEU A 363 45.14 1.47 -1.83
N TRP A 364 45.05 2.16 -2.97
CA TRP A 364 44.26 3.39 -3.07
C TRP A 364 42.77 3.05 -2.98
N LYS A 365 42.37 1.93 -3.58
CA LYS A 365 40.98 1.52 -3.51
C LYS A 365 40.65 1.06 -2.08
N SER A 366 41.68 0.69 -1.32
CA SER A 366 41.51 0.22 0.04
C SER A 366 41.39 1.35 1.05
N TYR A 367 41.31 2.58 0.55
CA TYR A 367 41.22 3.76 1.40
C TYR A 367 40.24 3.64 2.57
N PRO A 368 39.02 3.16 2.30
CA PRO A 368 38.08 3.05 3.42
C PRO A 368 38.60 2.17 4.56
N LEU A 369 39.49 1.23 4.24
CA LEU A 369 40.07 0.34 5.26
C LEU A 369 41.36 0.86 5.89
N VAL A 370 42.22 1.47 5.09
CA VAL A 370 43.52 1.94 5.57
C VAL A 370 43.72 3.46 5.68
N CYS A 371 42.93 4.24 4.95
CA CYS A 371 43.03 5.70 4.97
C CYS A 371 44.43 6.25 4.64
N ILE A 372 45.02 5.76 3.56
CA ILE A 372 46.33 6.22 3.15
C ILE A 372 46.18 7.19 1.98
N ALA A 373 46.48 8.46 2.23
CA ALA A 373 46.40 9.50 1.21
C ALA A 373 47.09 9.05 -0.08
N LYS A 374 46.54 9.45 -1.22
CA LYS A 374 47.11 9.07 -2.50
C LYS A 374 48.58 9.45 -2.62
N GLU A 375 48.96 10.58 -2.05
CA GLU A 375 50.34 11.05 -2.11
C GLU A 375 51.30 10.15 -1.32
N LEU A 376 50.77 9.46 -0.32
CA LEU A 376 51.58 8.59 0.52
C LEU A 376 51.66 7.14 0.03
N ILE A 377 50.72 6.74 -0.83
CA ILE A 377 50.68 5.37 -1.35
C ILE A 377 52.03 4.84 -1.86
N PRO A 378 52.74 5.60 -2.72
CA PRO A 378 54.04 5.17 -3.24
C PRO A 378 55.05 4.79 -2.15
N GLU A 379 55.16 5.63 -1.13
CA GLU A 379 56.09 5.37 -0.02
C GLU A 379 55.65 4.14 0.79
N ALA A 380 54.36 4.04 1.07
CA ALA A 380 53.83 2.89 1.82
C ALA A 380 54.10 1.60 1.04
N THR A 381 53.82 1.62 -0.26
CA THR A 381 54.02 0.45 -1.11
C THR A 381 55.49 0.09 -1.28
N GLU A 382 56.33 1.09 -1.51
CA GLU A 382 57.75 0.84 -1.69
C GLU A 382 58.32 0.18 -0.44
N LYS A 383 57.90 0.68 0.72
CA LYS A 383 58.37 0.17 2.00
C LYS A 383 58.14 -1.33 2.16
N TYR A 384 56.96 -1.81 1.76
CA TYR A 384 56.64 -3.23 1.90
C TYR A 384 57.01 -4.14 0.74
N LEU A 385 56.78 -3.69 -0.49
CA LEU A 385 57.06 -4.53 -1.65
C LEU A 385 58.42 -4.34 -2.33
N GLY A 386 59.05 -3.19 -2.10
CA GLY A 386 60.32 -2.89 -2.74
C GLY A 386 61.48 -3.84 -2.44
N GLY A 387 61.37 -4.60 -1.36
CA GLY A 387 62.43 -5.52 -0.99
C GLY A 387 62.63 -6.71 -1.91
N THR A 388 61.59 -7.09 -2.66
CA THR A 388 61.70 -8.22 -3.57
C THR A 388 61.15 -7.93 -4.96
N ASP A 389 61.50 -8.79 -5.91
CA ASP A 389 61.07 -8.63 -7.28
C ASP A 389 60.01 -9.67 -7.60
N ASP A 390 59.92 -10.70 -6.76
CA ASP A 390 58.94 -11.77 -6.93
C ASP A 390 57.53 -11.18 -6.82
N THR A 391 56.70 -11.39 -7.84
CA THR A 391 55.34 -10.84 -7.83
C THR A 391 54.38 -11.53 -6.87
N VAL A 392 54.60 -12.81 -6.59
CA VAL A 392 53.74 -13.52 -5.66
C VAL A 392 54.08 -13.04 -4.26
N LYS A 393 55.37 -12.95 -3.95
CA LYS A 393 55.82 -12.47 -2.66
C LYS A 393 55.29 -11.07 -2.43
N LYS A 394 55.32 -10.24 -3.47
CA LYS A 394 54.82 -8.89 -3.36
C LYS A 394 53.37 -8.91 -2.86
N LYS A 395 52.58 -9.84 -3.41
CA LYS A 395 51.19 -9.95 -3.01
C LYS A 395 51.09 -10.28 -1.52
N ASP A 396 51.99 -11.14 -1.04
CA ASP A 396 52.00 -11.52 0.37
C ASP A 396 52.35 -10.31 1.23
N LEU A 397 53.30 -9.52 0.77
CA LEU A 397 53.72 -8.34 1.50
C LEU A 397 52.63 -7.28 1.48
N PHE A 398 51.84 -7.28 0.41
CA PHE A 398 50.73 -6.33 0.29
C PHE A 398 49.70 -6.66 1.36
N LEU A 399 49.44 -7.96 1.57
CA LEU A 399 48.47 -8.36 2.58
C LEU A 399 48.98 -8.03 3.98
N ASP A 400 50.29 -8.16 4.19
CA ASP A 400 50.88 -7.84 5.50
C ASP A 400 50.72 -6.36 5.75
N LEU A 401 50.92 -5.55 4.72
CA LEU A 401 50.79 -4.10 4.83
C LEU A 401 49.39 -3.72 5.30
N ILE A 402 48.37 -4.32 4.69
CA ILE A 402 46.99 -4.02 5.09
C ILE A 402 46.70 -4.50 6.52
N ALA A 403 47.24 -5.65 6.88
CA ALA A 403 47.07 -6.22 8.22
C ALA A 403 47.72 -5.33 9.29
N ASP A 404 48.92 -4.84 9.01
CA ASP A 404 49.63 -3.99 9.95
C ASP A 404 48.86 -2.69 10.20
N VAL A 405 48.29 -2.11 9.16
CA VAL A 405 47.54 -0.87 9.31
C VAL A 405 46.21 -1.05 10.03
N MET A 406 45.50 -2.13 9.75
CA MET A 406 44.20 -2.36 10.38
C MET A 406 44.27 -2.98 11.78
N PHE A 407 45.24 -3.86 12.00
CA PHE A 407 45.35 -4.54 13.28
C PHE A 407 46.69 -4.42 14.00
N GLY A 408 47.74 -4.96 13.39
CA GLY A 408 49.06 -4.93 13.99
C GLY A 408 49.46 -3.65 14.73
N VAL A 409 49.61 -2.55 13.99
CA VAL A 409 50.00 -1.29 14.58
C VAL A 409 49.00 -0.74 15.59
N PRO A 410 47.69 -0.75 15.24
CA PRO A 410 46.69 -0.23 16.18
C PRO A 410 46.70 -1.01 17.50
N SER A 411 46.90 -2.32 17.40
CA SER A 411 46.93 -3.17 18.59
C SER A 411 48.08 -2.83 19.53
N VAL A 412 49.27 -2.63 18.96
CA VAL A 412 50.43 -2.30 19.77
C VAL A 412 50.30 -0.90 20.39
N ILE A 413 49.81 0.06 19.61
CA ILE A 413 49.66 1.41 20.13
C ILE A 413 48.73 1.41 21.33
N VAL A 414 47.64 0.64 21.24
CA VAL A 414 46.70 0.55 22.34
C VAL A 414 47.37 -0.10 23.55
N ALA A 415 48.06 -1.21 23.34
CA ALA A 415 48.74 -1.91 24.42
C ALA A 415 49.74 -0.98 25.14
N ARG A 416 50.50 -0.22 24.35
CA ARG A 416 51.48 0.71 24.92
C ARG A 416 50.81 1.80 25.76
N ASN A 417 49.70 2.35 25.26
CA ASN A 417 49.00 3.38 26.01
C ASN A 417 48.40 2.80 27.27
N HIS A 418 47.89 1.57 27.20
CA HIS A 418 47.30 0.93 28.38
C HIS A 418 48.40 0.67 29.40
N ARG A 419 49.55 0.19 28.93
CA ARG A 419 50.69 -0.09 29.79
C ARG A 419 51.16 1.20 30.47
N ASP A 420 51.44 2.21 29.66
CA ASP A 420 51.92 3.49 30.18
C ASP A 420 50.96 4.15 31.15
N ALA A 421 49.76 3.59 31.26
CA ALA A 421 48.77 4.13 32.18
C ALA A 421 48.87 3.38 33.49
N GLY A 422 49.89 2.51 33.60
CA GLY A 422 50.12 1.73 34.80
C GLY A 422 49.21 0.54 34.99
N ALA A 423 48.56 0.09 33.93
CA ALA A 423 47.66 -1.06 34.02
C ALA A 423 48.35 -2.31 33.49
N PRO A 424 48.02 -3.48 34.08
CA PRO A 424 48.62 -4.75 33.65
C PRO A 424 48.23 -5.04 32.19
N THR A 425 49.23 -5.20 31.33
CA THR A 425 48.97 -5.42 29.91
C THR A 425 49.69 -6.64 29.38
N TYR A 426 49.02 -7.38 28.50
CA TYR A 426 49.59 -8.57 27.89
C TYR A 426 49.31 -8.57 26.39
N MET A 427 50.24 -9.11 25.61
CA MET A 427 50.07 -9.20 24.17
C MET A 427 50.49 -10.57 23.66
N TYR A 428 49.95 -10.95 22.52
CA TYR A 428 50.31 -12.22 21.90
C TYR A 428 50.17 -12.10 20.39
N GLU A 429 50.74 -13.06 19.69
CA GLU A 429 50.65 -13.15 18.25
C GLU A 429 50.38 -14.62 17.97
N PHE A 430 49.19 -14.91 17.45
CA PHE A 430 48.78 -16.27 17.14
C PHE A 430 49.20 -16.70 15.73
N GLN A 431 49.95 -17.81 15.66
CA GLN A 431 50.41 -18.33 14.37
C GLN A 431 50.17 -19.83 14.26
N TYR A 432 48.98 -20.19 13.80
CA TYR A 432 48.64 -21.59 13.63
C TYR A 432 47.50 -21.71 12.62
N ARG A 433 47.45 -22.85 11.93
CA ARG A 433 46.37 -23.08 10.97
C ARG A 433 45.53 -24.25 11.44
N PRO A 434 44.33 -23.98 11.94
CA PRO A 434 43.43 -25.04 12.43
C PRO A 434 42.91 -25.94 11.32
N SER A 435 42.65 -27.19 11.68
CA SER A 435 42.12 -28.16 10.74
C SER A 435 40.66 -27.81 10.44
N PHE A 436 40.08 -26.94 11.26
CA PHE A 436 38.68 -26.54 11.08
C PHE A 436 38.55 -25.41 10.07
N SER A 437 39.65 -25.08 9.41
CA SER A 437 39.66 -24.03 8.39
C SER A 437 38.81 -24.48 7.22
N SER A 438 38.27 -23.51 6.48
CA SER A 438 37.46 -23.78 5.30
C SER A 438 38.28 -24.56 4.27
N ASP A 439 37.63 -25.45 3.52
CA ASP A 439 38.33 -26.22 2.49
C ASP A 439 38.84 -25.35 1.35
N MET A 440 38.20 -24.20 1.15
CA MET A 440 38.60 -23.28 0.06
C MET A 440 39.82 -22.44 0.42
N LYS A 441 40.28 -22.57 1.66
CA LYS A 441 41.44 -21.83 2.15
C LYS A 441 42.71 -22.66 1.97
N PRO A 442 43.64 -22.18 1.14
CA PRO A 442 44.90 -22.89 0.88
C PRO A 442 45.69 -23.22 2.15
N LYS A 443 46.58 -24.20 2.03
CA LYS A 443 47.40 -24.63 3.16
C LYS A 443 48.49 -23.66 3.58
N THR A 444 48.84 -22.72 2.70
CA THR A 444 49.88 -21.75 3.02
C THR A 444 49.42 -20.61 3.93
N VAL A 445 48.11 -20.49 4.15
CA VAL A 445 47.60 -19.44 5.01
C VAL A 445 47.61 -19.93 6.46
N ILE A 446 48.38 -19.25 7.30
CA ILE A 446 48.52 -19.63 8.69
C ILE A 446 48.27 -18.43 9.59
N GLY A 447 47.44 -18.62 10.61
CA GLY A 447 47.12 -17.53 11.52
C GLY A 447 46.29 -16.46 10.84
N ASP A 448 45.31 -16.91 10.06
CA ASP A 448 44.41 -16.03 9.35
C ASP A 448 43.42 -15.44 10.35
N HIS A 449 42.72 -14.40 9.94
CA HIS A 449 41.74 -13.76 10.81
C HIS A 449 40.76 -14.81 11.34
N GLY A 450 40.61 -14.87 12.66
CA GLY A 450 39.69 -15.82 13.29
C GLY A 450 40.24 -17.19 13.65
N ASP A 451 41.45 -17.51 13.18
CA ASP A 451 42.02 -18.82 13.48
C ASP A 451 42.16 -19.16 14.95
N GLU A 452 42.41 -18.15 15.78
CA GLU A 452 42.59 -18.41 17.21
C GLU A 452 41.30 -18.83 17.92
N LEU A 453 40.16 -18.42 17.35
CA LEU A 453 38.86 -18.75 17.92
C LEU A 453 38.68 -20.23 18.18
N PHE A 454 39.20 -21.07 17.29
CA PHE A 454 39.07 -22.52 17.45
C PHE A 454 39.77 -23.08 18.69
N SER A 455 40.85 -22.43 19.12
CA SER A 455 41.57 -22.86 20.31
C SER A 455 40.87 -22.31 21.55
N VAL A 456 40.55 -21.03 21.50
CA VAL A 456 39.87 -20.36 22.61
C VAL A 456 38.57 -21.07 23.01
N PHE A 457 37.74 -21.43 22.03
CA PHE A 457 36.47 -22.09 22.35
C PHE A 457 36.45 -23.61 22.31
N GLY A 458 37.64 -24.23 22.38
CA GLY A 458 37.73 -25.68 22.39
C GLY A 458 37.09 -26.47 21.27
N ALA A 459 37.29 -26.02 20.03
CA ALA A 459 36.74 -26.72 18.90
C ALA A 459 37.21 -28.19 18.85
N PRO A 460 38.49 -28.44 19.19
CA PRO A 460 38.97 -29.83 19.17
C PRO A 460 38.16 -30.80 20.04
N PHE A 461 37.38 -30.26 20.97
CA PHE A 461 36.58 -31.10 21.87
C PHE A 461 35.10 -31.18 21.51
N LEU A 462 34.68 -30.47 20.46
CA LEU A 462 33.29 -30.49 20.02
C LEU A 462 33.20 -30.99 18.59
N LYS A 463 34.19 -30.63 17.77
CA LYS A 463 34.22 -31.06 16.38
C LYS A 463 35.18 -32.25 16.29
N GLU A 464 35.23 -32.88 15.13
CA GLU A 464 36.10 -34.05 14.95
C GLU A 464 37.30 -33.82 14.05
N GLY A 465 38.23 -34.77 14.09
CA GLY A 465 39.42 -34.72 13.25
C GLY A 465 40.59 -33.87 13.72
N ALA A 466 40.65 -33.54 15.01
CA ALA A 466 41.75 -32.73 15.51
C ALA A 466 42.95 -33.59 15.90
N SER A 467 44.15 -33.12 15.54
CA SER A 467 45.37 -33.83 15.86
C SER A 467 45.65 -33.64 17.34
N GLU A 468 46.53 -34.44 17.90
CA GLU A 468 46.84 -34.32 19.31
C GLU A 468 47.53 -32.98 19.59
N GLU A 469 48.26 -32.48 18.60
CA GLU A 469 48.94 -31.21 18.73
C GLU A 469 47.92 -30.06 18.81
N GLU A 470 46.86 -30.14 18.01
CA GLU A 470 45.82 -29.11 17.99
C GLU A 470 45.02 -29.16 19.30
N ILE A 471 44.79 -30.37 19.80
CA ILE A 471 44.06 -30.57 21.05
C ILE A 471 44.85 -29.95 22.21
N ARG A 472 46.16 -30.13 22.17
CA ARG A 472 47.05 -29.62 23.20
C ARG A 472 47.07 -28.09 23.15
N LEU A 473 47.00 -27.54 21.95
CA LEU A 473 47.03 -26.10 21.78
C LEU A 473 45.79 -25.44 22.39
N SER A 474 44.63 -26.01 22.10
CA SER A 474 43.37 -25.49 22.61
C SER A 474 43.32 -25.54 24.15
N LYS A 475 43.84 -26.61 24.73
CA LYS A 475 43.85 -26.74 26.20
C LYS A 475 44.71 -25.65 26.82
N MET A 476 45.87 -25.38 26.20
CA MET A 476 46.78 -24.36 26.68
C MET A 476 46.17 -22.96 26.58
N VAL A 477 45.61 -22.65 25.42
CA VAL A 477 44.97 -21.36 25.18
C VAL A 477 43.84 -21.10 26.17
N MET A 478 42.94 -22.09 26.34
CA MET A 478 41.85 -21.93 27.29
C MET A 478 42.37 -21.70 28.71
N LYS A 479 43.48 -22.36 29.04
CA LYS A 479 44.09 -22.20 30.35
C LYS A 479 44.52 -20.76 30.52
N PHE A 480 45.29 -20.26 29.54
CA PHE A 480 45.78 -18.89 29.54
C PHE A 480 44.62 -17.90 29.71
N TRP A 481 43.61 -18.02 28.86
CA TRP A 481 42.45 -17.15 28.91
C TRP A 481 41.74 -17.21 30.25
N ALA A 482 41.50 -18.41 30.76
CA ALA A 482 40.81 -18.57 32.03
C ALA A 482 41.67 -18.14 33.22
N ASN A 483 42.97 -18.34 33.13
CA ASN A 483 43.84 -17.92 34.22
C ASN A 483 43.76 -16.40 34.26
N PHE A 484 43.75 -15.80 33.07
CA PHE A 484 43.68 -14.35 32.98
C PHE A 484 42.36 -13.86 33.58
N ALA A 485 41.28 -14.56 33.26
CA ALA A 485 39.97 -14.21 33.78
C ALA A 485 39.98 -14.32 35.31
N ARG A 486 40.66 -15.34 35.83
CA ARG A 486 40.71 -15.54 37.27
C ARG A 486 41.59 -14.54 38.01
N ASN A 487 42.81 -14.32 37.51
CA ASN A 487 43.76 -13.46 38.21
C ASN A 487 44.23 -12.17 37.54
N GLY A 488 43.92 -11.98 36.26
CA GLY A 488 44.37 -10.77 35.60
C GLY A 488 45.80 -10.97 35.15
N ASN A 489 46.21 -12.24 35.13
CA ASN A 489 47.54 -12.66 34.72
C ASN A 489 47.28 -14.04 34.11
N PRO A 490 47.74 -14.27 32.87
CA PRO A 490 47.51 -15.57 32.23
C PRO A 490 48.36 -16.73 32.74
N ASN A 491 49.46 -16.41 33.43
CA ASN A 491 50.37 -17.45 33.91
C ASN A 491 49.84 -18.46 34.90
N GLY A 492 50.40 -19.66 34.81
CA GLY A 492 50.01 -20.75 35.70
C GLY A 492 50.98 -21.91 35.55
N GLU A 493 50.90 -22.88 36.46
CA GLU A 493 51.79 -24.03 36.39
C GLU A 493 51.43 -24.93 35.22
N GLY A 494 52.46 -25.35 34.48
CA GLY A 494 52.26 -26.21 33.34
C GLY A 494 52.16 -25.46 32.03
N LEU A 495 52.18 -24.13 32.10
CA LEU A 495 52.07 -23.32 30.90
C LEU A 495 53.34 -22.52 30.63
N PRO A 496 53.67 -22.31 29.34
CA PRO A 496 54.87 -21.54 28.99
C PRO A 496 54.78 -20.19 29.69
N HIS A 497 55.91 -19.58 30.00
CA HIS A 497 55.87 -18.29 30.66
C HIS A 497 55.45 -17.17 29.69
N TRP A 498 54.43 -16.42 30.08
CA TRP A 498 53.92 -15.30 29.29
C TRP A 498 54.33 -14.02 30.01
N PRO A 499 55.32 -13.31 29.46
CA PRO A 499 55.76 -12.07 30.11
C PRO A 499 54.75 -10.95 29.98
N GLU A 500 54.75 -10.04 30.95
CA GLU A 500 53.86 -8.91 30.93
C GLU A 500 54.39 -7.91 29.90
N TYR A 501 53.48 -7.23 29.23
CA TYR A 501 53.88 -6.24 28.22
C TYR A 501 54.30 -4.95 28.91
N ASN A 502 55.55 -4.90 29.36
CA ASN A 502 56.08 -3.72 30.03
C ASN A 502 56.99 -2.98 29.08
N GLN A 503 57.92 -2.18 29.61
CA GLN A 503 58.85 -1.43 28.77
C GLN A 503 59.69 -2.31 27.86
N LYS A 504 59.89 -3.57 28.26
CA LYS A 504 60.66 -4.50 27.44
C LYS A 504 59.81 -5.00 26.28
N GLU A 505 58.50 -4.75 26.38
CA GLU A 505 57.53 -5.14 25.36
C GLU A 505 57.50 -6.63 25.04
N GLY A 506 57.48 -7.45 26.07
CA GLY A 506 57.42 -8.88 25.86
C GLY A 506 56.02 -9.31 25.44
N TYR A 507 55.96 -10.35 24.62
CA TYR A 507 54.67 -10.85 24.18
C TYR A 507 54.80 -12.33 23.92
N LEU A 508 53.67 -13.02 23.79
CA LEU A 508 53.69 -14.45 23.58
C LEU A 508 53.38 -14.88 22.15
N GLN A 509 54.25 -15.71 21.60
CA GLN A 509 54.02 -16.24 20.26
C GLN A 509 53.32 -17.56 20.51
N ILE A 510 52.05 -17.63 20.13
CA ILE A 510 51.25 -18.84 20.32
C ILE A 510 51.11 -19.58 18.99
N GLY A 511 51.42 -20.88 19.01
CA GLY A 511 51.33 -21.70 17.82
C GLY A 511 51.88 -23.08 18.11
N ALA A 512 52.34 -23.78 17.08
CA ALA A 512 52.91 -25.12 17.29
C ALA A 512 54.02 -24.97 18.33
N ASN A 513 54.79 -23.89 18.22
CA ASN A 513 55.85 -23.58 19.16
C ASN A 513 55.42 -22.33 19.91
N THR A 514 55.21 -22.45 21.21
CA THR A 514 54.79 -21.31 22.01
C THR A 514 55.94 -20.81 22.87
N GLN A 515 56.34 -19.56 22.65
CA GLN A 515 57.42 -18.98 23.43
C GLN A 515 57.38 -17.45 23.45
N ALA A 516 57.93 -16.88 24.50
CA ALA A 516 57.98 -15.44 24.66
C ALA A 516 58.93 -14.79 23.67
N ALA A 517 58.59 -13.57 23.26
CA ALA A 517 59.41 -12.80 22.34
C ALA A 517 59.29 -11.35 22.80
N GLN A 518 59.92 -10.43 22.07
CA GLN A 518 59.89 -9.02 22.45
C GLN A 518 59.70 -8.06 21.26
N LYS A 519 59.17 -6.88 21.58
CA LYS A 519 58.96 -5.82 20.59
C LYS A 519 58.15 -6.19 19.35
N LEU A 520 56.88 -6.51 19.55
CA LEU A 520 55.98 -6.86 18.46
C LEU A 520 55.69 -5.64 17.58
N LYS A 521 55.88 -5.80 16.27
CA LYS A 521 55.63 -4.75 15.29
C LYS A 521 56.32 -3.42 15.59
N ASP A 522 57.45 -3.47 16.29
CA ASP A 522 58.17 -2.25 16.66
C ASP A 522 58.48 -1.31 15.51
N LYS A 523 59.13 -1.84 14.47
CA LYS A 523 59.50 -1.04 13.31
C LYS A 523 58.28 -0.52 12.55
N GLU A 524 57.27 -1.38 12.40
CA GLU A 524 56.06 -1.01 11.70
C GLU A 524 55.34 0.16 12.35
N VAL A 525 55.27 0.16 13.68
CA VAL A 525 54.63 1.24 14.39
C VAL A 525 55.38 2.54 14.10
N ALA A 526 56.71 2.45 14.13
CA ALA A 526 57.55 3.61 13.87
C ALA A 526 57.31 4.12 12.44
N PHE A 527 57.34 3.23 11.48
CA PHE A 527 57.13 3.61 10.09
C PHE A 527 55.78 4.27 9.86
N TRP A 528 54.71 3.62 10.33
CA TRP A 528 53.37 4.16 10.16
C TRP A 528 53.02 5.39 10.98
N THR A 529 53.58 5.51 12.17
CA THR A 529 53.29 6.67 13.00
C THR A 529 53.85 7.90 12.30
N ASN A 530 55.02 7.74 11.71
CA ASN A 530 55.66 8.83 10.99
C ASN A 530 54.91 9.15 9.69
N LEU A 531 54.61 8.11 8.91
CA LEU A 531 53.91 8.28 7.64
C LEU A 531 52.59 9.02 7.79
N PHE A 532 51.77 8.62 8.76
CA PHE A 532 50.47 9.26 8.99
C PHE A 532 50.60 10.67 9.57
N ALA A 533 51.83 11.11 9.76
CA ALA A 533 52.08 12.46 10.28
C ALA A 533 52.44 13.33 9.08
N LYS A 534 52.42 12.73 7.90
CA LYS A 534 52.74 13.37 6.63
C LYS A 534 54.26 13.44 6.42
N SER B 4 -34.63 20.89 33.21
CA SER B 4 -33.35 20.75 32.43
C SER B 4 -32.69 19.40 32.69
N PRO B 5 -31.97 18.87 31.68
CA PRO B 5 -31.28 17.58 31.79
C PRO B 5 -30.28 17.51 32.94
N PRO B 6 -30.12 16.32 33.55
CA PRO B 6 -29.20 16.09 34.68
C PRO B 6 -27.71 16.17 34.34
N VAL B 7 -26.98 16.95 35.12
CA VAL B 7 -25.54 17.10 34.93
C VAL B 7 -24.87 16.56 36.18
N VAL B 8 -23.82 15.76 36.00
CA VAL B 8 -23.11 15.18 37.14
C VAL B 8 -21.62 15.43 37.06
N ASP B 9 -21.01 15.67 38.22
CA ASP B 9 -19.57 15.91 38.32
C ASP B 9 -18.86 14.60 38.64
N THR B 10 -17.94 14.18 37.78
CA THR B 10 -17.19 12.95 38.02
C THR B 10 -15.74 13.39 38.22
N VAL B 11 -14.88 12.47 38.63
CA VAL B 11 -13.47 12.81 38.85
C VAL B 11 -12.84 13.41 37.59
N HIS B 12 -13.19 12.85 36.43
CA HIS B 12 -12.63 13.32 35.16
C HIS B 12 -13.38 14.50 34.50
N GLY B 13 -14.56 14.84 35.03
CA GLY B 13 -15.31 15.94 34.45
C GLY B 13 -16.82 15.79 34.51
N LYS B 14 -17.54 16.85 34.15
CA LYS B 14 -18.99 16.83 34.17
C LYS B 14 -19.60 16.06 33.01
N VAL B 15 -20.67 15.34 33.28
CA VAL B 15 -21.37 14.61 32.23
C VAL B 15 -22.84 15.01 32.22
N LEU B 16 -23.38 15.11 31.02
CA LEU B 16 -24.77 15.50 30.81
C LEU B 16 -25.53 14.26 30.36
N GLY B 17 -26.66 14.01 31.03
CA GLY B 17 -27.47 12.85 30.68
C GLY B 17 -28.86 13.28 30.24
N LYS B 18 -29.85 12.42 30.48
CA LYS B 18 -31.23 12.74 30.12
C LYS B 18 -32.21 12.05 31.08
N PHE B 19 -33.38 12.67 31.26
CA PHE B 19 -34.40 12.11 32.12
C PHE B 19 -35.39 11.27 31.33
N VAL B 20 -35.77 10.13 31.89
CA VAL B 20 -36.73 9.25 31.24
C VAL B 20 -37.66 8.70 32.30
N SER B 21 -38.95 8.97 32.15
CA SER B 21 -39.94 8.49 33.11
C SER B 21 -40.52 7.16 32.68
N LEU B 22 -40.87 6.34 33.66
CA LEU B 22 -41.48 5.06 33.37
C LEU B 22 -42.86 5.10 33.99
N GLU B 23 -43.87 4.80 33.19
CA GLU B 23 -45.26 4.83 33.65
C GLU B 23 -45.41 4.12 34.98
N GLY B 24 -45.91 4.85 35.99
CA GLY B 24 -46.10 4.27 37.30
C GLY B 24 -45.05 4.69 38.32
N PHE B 25 -44.15 5.58 37.92
CA PHE B 25 -43.11 6.05 38.83
C PHE B 25 -42.91 7.56 38.69
N ALA B 26 -43.13 8.25 39.79
CA ALA B 26 -43.01 9.70 39.85
C ALA B 26 -41.60 10.20 39.57
N GLN B 27 -40.62 9.59 40.21
CA GLN B 27 -39.23 10.02 40.01
C GLN B 27 -38.70 9.53 38.67
N PRO B 28 -38.27 10.47 37.81
CA PRO B 28 -37.72 10.15 36.48
C PRO B 28 -36.32 9.56 36.66
N VAL B 29 -35.97 8.58 35.83
CA VAL B 29 -34.66 7.98 35.91
C VAL B 29 -33.65 8.79 35.08
N ALA B 30 -32.50 9.08 35.66
CA ALA B 30 -31.48 9.83 34.94
C ALA B 30 -30.64 8.82 34.18
N ILE B 31 -30.47 9.04 32.88
CA ILE B 31 -29.73 8.11 32.06
C ILE B 31 -28.48 8.70 31.42
N PHE B 32 -27.36 8.02 31.59
CA PHE B 32 -26.10 8.45 31.02
C PHE B 32 -25.55 7.35 30.15
N LEU B 33 -25.38 7.67 28.87
CA LEU B 33 -24.87 6.69 27.92
C LEU B 33 -23.47 7.10 27.45
N GLY B 34 -22.63 6.11 27.21
CA GLY B 34 -21.30 6.38 26.71
C GLY B 34 -20.32 7.12 27.60
N ILE B 35 -20.22 6.72 28.87
CA ILE B 35 -19.26 7.36 29.76
C ILE B 35 -17.98 6.54 29.67
N PRO B 36 -16.87 7.16 29.27
CA PRO B 36 -15.59 6.46 29.14
C PRO B 36 -14.97 6.15 30.48
N PHE B 37 -14.55 4.89 30.69
CA PHE B 37 -13.93 4.53 31.95
C PHE B 37 -12.46 4.18 31.78
N ALA B 38 -11.95 4.36 30.57
CA ALA B 38 -10.54 4.08 30.31
C ALA B 38 -10.12 4.77 29.01
N LYS B 39 -8.83 4.84 28.79
CA LYS B 39 -8.31 5.45 27.57
C LYS B 39 -8.53 4.48 26.39
N PRO B 40 -8.94 5.00 25.23
CA PRO B 40 -9.17 4.13 24.06
C PRO B 40 -7.95 3.26 23.77
N PRO B 41 -8.12 1.93 23.82
CA PRO B 41 -7.02 0.98 23.57
C PRO B 41 -6.58 0.93 22.11
N LEU B 42 -6.17 2.08 21.59
CA LEU B 42 -5.74 2.20 20.19
C LEU B 42 -4.21 2.19 20.02
N GLY B 43 -3.78 1.85 18.81
CA GLY B 43 -2.37 1.83 18.50
C GLY B 43 -1.55 1.00 19.48
N PRO B 44 -0.56 1.62 20.14
CA PRO B 44 0.30 0.95 21.11
C PRO B 44 -0.47 0.32 22.27
N LEU B 45 -1.66 0.84 22.54
CA LEU B 45 -2.45 0.32 23.65
C LEU B 45 -3.18 -0.99 23.40
N ARG B 46 -3.19 -1.46 22.16
CA ARG B 46 -3.83 -2.72 21.84
C ARG B 46 -2.99 -3.82 22.49
N PHE B 47 -3.65 -4.79 23.12
CA PHE B 47 -2.98 -5.89 23.80
C PHE B 47 -2.20 -5.49 25.04
N THR B 48 -2.70 -4.47 25.75
CA THR B 48 -2.07 -4.01 26.98
C THR B 48 -3.18 -3.71 27.98
N PRO B 49 -2.84 -3.57 29.27
CA PRO B 49 -3.87 -3.27 30.28
C PRO B 49 -4.58 -1.94 29.99
N PRO B 50 -5.83 -1.80 30.45
CA PRO B 50 -6.55 -0.54 30.22
C PRO B 50 -5.91 0.58 31.03
N GLN B 51 -6.01 1.80 30.54
CA GLN B 51 -5.44 2.92 31.26
C GLN B 51 -6.51 3.93 31.63
N PRO B 52 -6.28 4.71 32.69
CA PRO B 52 -7.23 5.73 33.15
C PRO B 52 -7.63 6.67 32.02
N ALA B 53 -8.88 7.09 31.99
CA ALA B 53 -9.35 8.01 30.96
C ALA B 53 -8.81 9.41 31.24
N GLU B 54 -8.59 10.19 30.18
CA GLU B 54 -8.10 11.55 30.31
C GLU B 54 -9.25 12.48 30.70
N PRO B 55 -9.02 13.37 31.68
CA PRO B 55 -10.08 14.29 32.10
C PRO B 55 -10.45 15.26 30.99
N TRP B 56 -11.69 15.73 30.99
CA TRP B 56 -12.14 16.66 29.96
C TRP B 56 -12.58 17.98 30.58
N SER B 57 -12.71 18.98 29.73
CA SER B 57 -13.14 20.31 30.19
C SER B 57 -14.62 20.46 29.90
N PHE B 58 -15.27 21.43 30.53
CA PHE B 58 -16.68 21.67 30.29
C PHE B 58 -17.58 20.45 30.52
N VAL B 59 -18.65 20.35 29.75
CA VAL B 59 -19.59 19.26 29.90
C VAL B 59 -19.63 18.32 28.71
N LYS B 60 -19.36 17.04 28.99
CA LYS B 60 -19.38 16.01 27.97
C LYS B 60 -20.81 15.48 27.88
N ASN B 61 -21.38 15.47 26.67
CA ASN B 61 -22.74 14.97 26.52
C ASN B 61 -22.76 13.46 26.43
N ALA B 62 -23.44 12.83 27.39
CA ALA B 62 -23.56 11.37 27.41
C ALA B 62 -25.00 11.00 27.06
N THR B 63 -25.38 11.24 25.82
CA THR B 63 -26.75 10.94 25.38
C THR B 63 -26.87 10.07 24.14
N SER B 64 -25.76 9.61 23.58
CA SER B 64 -25.86 8.74 22.41
C SER B 64 -25.21 7.39 22.74
N TYR B 65 -25.70 6.32 22.12
CA TYR B 65 -25.14 5.01 22.39
C TYR B 65 -23.69 4.85 21.93
N PRO B 66 -22.84 4.29 22.79
CA PRO B 66 -21.44 4.12 22.41
C PRO B 66 -21.29 3.01 21.39
N PRO B 67 -20.14 2.96 20.71
CA PRO B 67 -19.99 1.89 19.72
C PRO B 67 -19.82 0.59 20.50
N MET B 68 -19.97 -0.55 19.82
CA MET B 68 -19.75 -1.82 20.50
C MET B 68 -18.35 -2.25 20.06
N CYS B 69 -17.65 -2.99 20.91
CA CYS B 69 -16.30 -3.43 20.57
C CYS B 69 -16.29 -4.21 19.26
N THR B 70 -15.20 -4.09 18.51
CA THR B 70 -15.07 -4.78 17.23
C THR B 70 -15.45 -6.25 17.36
N GLN B 71 -16.26 -6.73 16.43
CA GLN B 71 -16.75 -8.11 16.43
C GLN B 71 -17.47 -8.37 15.11
N ASP B 72 -17.80 -9.63 14.86
CA ASP B 72 -18.55 -10.00 13.66
C ASP B 72 -19.81 -9.16 13.73
N PRO B 73 -19.99 -8.23 12.78
CA PRO B 73 -21.17 -7.35 12.76
C PRO B 73 -22.50 -8.11 12.69
N LYS B 74 -22.52 -9.18 11.90
CA LYS B 74 -23.73 -9.97 11.73
C LYS B 74 -24.11 -10.74 12.97
N ALA B 75 -23.15 -11.46 13.53
CA ALA B 75 -23.41 -12.23 14.72
C ALA B 75 -23.73 -11.28 15.87
N GLY B 76 -23.08 -10.12 15.87
CA GLY B 76 -23.30 -9.14 16.91
C GLY B 76 -24.72 -8.60 16.91
N GLN B 77 -25.20 -8.20 15.74
CA GLN B 77 -26.54 -7.65 15.62
C GLN B 77 -27.60 -8.71 15.92
N LEU B 78 -27.36 -9.93 15.46
CA LEU B 78 -28.30 -11.03 15.68
C LEU B 78 -28.50 -11.29 17.18
N LEU B 79 -27.40 -11.48 17.90
CA LEU B 79 -27.48 -11.72 19.34
C LEU B 79 -28.17 -10.56 20.06
N SER B 80 -27.78 -9.34 19.73
CA SER B 80 -28.38 -8.17 20.36
C SER B 80 -29.91 -8.19 20.18
N GLU B 81 -30.36 -8.55 18.98
CA GLU B 81 -31.79 -8.63 18.67
C GLU B 81 -32.48 -9.73 19.47
N LEU B 82 -31.77 -10.83 19.72
CA LEU B 82 -32.33 -11.94 20.45
C LEU B 82 -32.37 -11.70 21.97
N PHE B 83 -31.45 -10.91 22.49
CA PHE B 83 -31.35 -10.64 23.92
C PHE B 83 -31.87 -9.29 24.40
N THR B 84 -32.08 -8.34 23.51
CA THR B 84 -32.52 -7.01 23.95
C THR B 84 -33.87 -7.02 24.65
N ASN B 85 -33.99 -6.15 25.66
CA ASN B 85 -35.23 -6.03 26.42
C ASN B 85 -35.95 -4.77 25.97
N ARG B 86 -35.44 -4.12 24.92
CA ARG B 86 -36.04 -2.90 24.37
C ARG B 86 -37.16 -3.23 23.38
N LYS B 87 -38.00 -2.24 23.10
CA LYS B 87 -39.10 -2.42 22.16
C LYS B 87 -38.56 -2.71 20.76
N GLU B 88 -37.50 -1.99 20.39
CA GLU B 88 -36.85 -2.17 19.09
C GLU B 88 -35.35 -2.18 19.31
N ASN B 89 -34.67 -3.17 18.75
CA ASN B 89 -33.23 -3.26 18.91
C ASN B 89 -32.54 -2.04 18.32
N ILE B 90 -31.49 -1.59 19.00
CA ILE B 90 -30.76 -0.42 18.57
C ILE B 90 -29.49 -0.80 17.81
N PRO B 91 -29.43 -0.46 16.51
CA PRO B 91 -28.26 -0.76 15.68
C PRO B 91 -27.02 -0.08 16.27
N LEU B 92 -25.91 -0.81 16.31
CA LEU B 92 -24.69 -0.25 16.87
C LEU B 92 -23.55 -0.23 15.87
N LYS B 93 -22.61 0.69 16.09
CA LYS B 93 -21.43 0.83 15.25
C LYS B 93 -20.32 0.01 15.89
N LEU B 94 -19.31 -0.35 15.12
CA LEU B 94 -18.18 -1.12 15.63
C LEU B 94 -16.99 -0.19 15.79
N SER B 95 -16.16 -0.47 16.79
CA SER B 95 -14.97 0.34 17.01
C SER B 95 -14.09 -0.23 18.11
N GLU B 96 -12.79 0.02 18.00
CA GLU B 96 -11.86 -0.44 19.00
C GLU B 96 -12.01 0.48 20.20
N ASP B 97 -12.56 1.67 19.95
CA ASP B 97 -12.80 2.66 21.00
C ASP B 97 -14.16 2.32 21.58
N CYS B 98 -14.18 1.33 22.46
CA CYS B 98 -15.43 0.84 23.03
C CYS B 98 -15.45 0.70 24.55
N LEU B 99 -14.46 1.27 25.24
CA LEU B 99 -14.44 1.16 26.69
C LEU B 99 -15.36 2.19 27.35
N TYR B 100 -16.65 1.91 27.27
CA TYR B 100 -17.66 2.79 27.83
C TYR B 100 -18.63 2.01 28.70
N LEU B 101 -19.38 2.74 29.51
CA LEU B 101 -20.39 2.13 30.37
C LEU B 101 -21.62 3.05 30.38
N ASN B 102 -22.80 2.46 30.55
CA ASN B 102 -24.05 3.23 30.59
C ASN B 102 -24.60 3.18 32.01
N ILE B 103 -25.18 4.29 32.44
CA ILE B 103 -25.71 4.38 33.79
C ILE B 103 -27.20 4.75 33.84
N TYR B 104 -27.94 4.03 34.67
CA TYR B 104 -29.36 4.28 34.89
C TYR B 104 -29.58 4.44 36.39
N THR B 105 -29.75 5.68 36.83
CA THR B 105 -29.95 5.93 38.25
C THR B 105 -31.33 6.54 38.52
N PRO B 106 -32.12 5.88 39.39
CA PRO B 106 -33.45 6.32 39.75
C PRO B 106 -33.39 7.34 40.89
N ALA B 107 -32.18 7.52 41.42
CA ALA B 107 -31.94 8.43 42.53
C ALA B 107 -32.20 9.87 42.15
N ASP B 108 -32.55 10.67 43.15
CA ASP B 108 -32.79 12.09 42.96
C ASP B 108 -31.43 12.75 43.18
N LEU B 109 -30.82 13.19 42.08
CA LEU B 109 -29.50 13.80 42.11
C LEU B 109 -29.43 15.15 42.83
N THR B 110 -30.57 15.74 43.16
CA THR B 110 -30.60 17.03 43.83
C THR B 110 -30.47 16.82 45.34
N LYS B 111 -30.26 15.56 45.73
CA LYS B 111 -30.11 15.20 47.13
C LYS B 111 -29.03 14.12 47.24
N LYS B 112 -28.73 13.69 48.46
CA LYS B 112 -27.73 12.65 48.64
C LYS B 112 -28.40 11.28 48.64
N ASN B 113 -27.83 10.35 47.91
CA ASN B 113 -28.38 8.99 47.83
C ASN B 113 -27.24 7.99 47.76
N ARG B 114 -27.43 6.84 48.38
CA ARG B 114 -26.43 5.78 48.38
C ARG B 114 -27.15 4.45 48.12
N LEU B 115 -27.76 4.35 46.94
CA LEU B 115 -28.50 3.16 46.55
C LEU B 115 -27.58 2.04 46.11
N PRO B 116 -28.03 0.78 46.25
CA PRO B 116 -27.18 -0.33 45.83
C PRO B 116 -26.89 -0.20 44.33
N VAL B 117 -25.73 -0.69 43.92
CA VAL B 117 -25.32 -0.60 42.53
C VAL B 117 -25.20 -1.98 41.89
N MET B 118 -25.78 -2.14 40.71
CA MET B 118 -25.72 -3.41 40.01
C MET B 118 -24.98 -3.19 38.69
N VAL B 119 -23.83 -3.84 38.57
CA VAL B 119 -22.97 -3.74 37.40
C VAL B 119 -23.13 -4.98 36.53
N TRP B 120 -23.74 -4.80 35.37
CA TRP B 120 -24.01 -5.88 34.44
C TRP B 120 -22.91 -6.13 33.39
N ILE B 121 -22.53 -7.40 33.25
CA ILE B 121 -21.50 -7.80 32.29
C ILE B 121 -22.16 -8.71 31.27
N HIS B 122 -22.35 -8.19 30.05
CA HIS B 122 -23.01 -8.94 28.98
C HIS B 122 -22.26 -10.17 28.50
N GLY B 123 -23.00 -11.11 27.91
CA GLY B 123 -22.40 -12.32 27.39
C GLY B 123 -22.19 -12.25 25.89
N GLY B 124 -21.89 -13.40 25.29
CA GLY B 124 -21.64 -13.45 23.87
C GLY B 124 -20.34 -14.19 23.59
N GLY B 125 -20.02 -15.13 24.46
CA GLY B 125 -18.82 -15.94 24.33
C GLY B 125 -17.50 -15.21 24.31
N LEU B 126 -17.47 -13.98 24.81
CA LEU B 126 -16.26 -13.16 24.84
C LEU B 126 -15.84 -12.77 23.42
N MET B 127 -16.73 -13.02 22.46
CA MET B 127 -16.48 -12.71 21.04
C MET B 127 -17.40 -11.62 20.50
N VAL B 128 -18.61 -11.52 21.06
CA VAL B 128 -19.57 -10.51 20.64
C VAL B 128 -20.37 -9.97 21.82
N GLY B 129 -21.28 -9.05 21.54
CA GLY B 129 -22.10 -8.48 22.60
C GLY B 129 -21.84 -6.99 22.76
N ALA B 130 -22.75 -6.33 23.49
CA ALA B 130 -22.65 -4.90 23.73
C ALA B 130 -23.47 -4.56 24.97
N ALA B 131 -23.10 -3.48 25.66
CA ALA B 131 -23.80 -3.05 26.86
C ALA B 131 -25.16 -2.46 26.51
N SER B 132 -25.20 -1.69 25.42
CA SER B 132 -26.42 -1.03 24.98
C SER B 132 -27.58 -1.96 24.64
N THR B 133 -27.30 -3.24 24.48
CA THR B 133 -28.34 -4.22 24.20
C THR B 133 -29.28 -4.31 25.40
N TYR B 134 -28.77 -3.94 26.57
CA TYR B 134 -29.55 -4.03 27.81
C TYR B 134 -29.96 -2.68 28.36
N ASP B 135 -31.26 -2.46 28.44
CA ASP B 135 -31.81 -1.21 28.95
C ASP B 135 -32.05 -1.35 30.45
N GLY B 136 -31.35 -0.56 31.25
CA GLY B 136 -31.51 -0.65 32.68
C GLY B 136 -32.66 0.15 33.27
N LEU B 137 -33.43 0.82 32.42
CA LEU B 137 -34.55 1.65 32.84
C LEU B 137 -35.54 1.00 33.82
N ALA B 138 -36.08 -0.16 33.47
CA ALA B 138 -37.07 -0.84 34.32
C ALA B 138 -36.52 -1.37 35.64
N LEU B 139 -35.38 -2.04 35.59
CA LEU B 139 -34.78 -2.59 36.79
C LEU B 139 -34.52 -1.49 37.80
N ALA B 140 -33.96 -0.38 37.33
CA ALA B 140 -33.65 0.76 38.18
C ALA B 140 -34.90 1.34 38.83
N ALA B 141 -35.93 1.59 38.02
CA ALA B 141 -37.17 2.18 38.52
C ALA B 141 -37.94 1.26 39.46
N HIS B 142 -38.12 0.01 39.06
CA HIS B 142 -38.86 -0.95 39.89
C HIS B 142 -38.18 -1.37 41.19
N GLU B 143 -36.86 -1.41 41.21
CA GLU B 143 -36.19 -1.82 42.44
C GLU B 143 -35.39 -0.73 43.13
N ASN B 144 -35.37 0.45 42.53
CA ASN B 144 -34.66 1.56 43.12
C ASN B 144 -33.18 1.23 43.36
N VAL B 145 -32.50 0.80 42.30
CA VAL B 145 -31.08 0.47 42.36
C VAL B 145 -30.43 1.15 41.16
N VAL B 146 -29.14 1.47 41.27
CA VAL B 146 -28.44 2.09 40.16
C VAL B 146 -27.90 0.96 39.29
N VAL B 147 -28.24 0.98 38.01
CA VAL B 147 -27.78 -0.06 37.09
C VAL B 147 -26.73 0.46 36.13
N VAL B 148 -25.62 -0.26 36.04
CA VAL B 148 -24.51 0.09 35.16
C VAL B 148 -24.21 -1.08 34.23
N THR B 149 -24.18 -0.81 32.93
CA THR B 149 -23.87 -1.85 31.96
C THR B 149 -22.55 -1.45 31.35
N ILE B 150 -21.58 -2.35 31.40
CA ILE B 150 -20.24 -2.08 30.91
C ILE B 150 -19.86 -2.83 29.65
N GLN B 151 -18.82 -2.35 28.98
CA GLN B 151 -18.31 -3.00 27.79
C GLN B 151 -16.85 -3.35 28.05
N TYR B 152 -16.34 -4.33 27.33
CA TYR B 152 -14.96 -4.76 27.48
C TYR B 152 -14.51 -5.34 26.16
N ARG B 153 -13.21 -5.25 25.89
CA ARG B 153 -12.65 -5.76 24.64
C ARG B 153 -13.00 -7.21 24.40
N LEU B 154 -13.38 -7.51 23.16
CA LEU B 154 -13.79 -8.84 22.74
C LEU B 154 -12.84 -9.50 21.75
N GLY B 155 -12.97 -10.82 21.61
CA GLY B 155 -12.15 -11.59 20.68
C GLY B 155 -10.65 -11.32 20.77
N ILE B 156 -10.04 -11.19 19.59
CA ILE B 156 -8.61 -10.94 19.48
C ILE B 156 -8.20 -9.73 20.32
N TRP B 157 -8.91 -8.62 20.16
CA TRP B 157 -8.60 -7.40 20.89
C TRP B 157 -8.60 -7.60 22.40
N GLY B 158 -9.55 -8.38 22.90
CA GLY B 158 -9.62 -8.59 24.34
C GLY B 158 -8.98 -9.84 24.91
N PHE B 159 -8.66 -10.83 24.07
CA PHE B 159 -8.08 -12.05 24.62
C PHE B 159 -6.91 -12.70 23.88
N PHE B 160 -6.31 -11.99 22.93
CA PHE B 160 -5.17 -12.55 22.22
C PHE B 160 -4.04 -12.76 23.22
N SER B 161 -3.55 -13.98 23.33
CA SER B 161 -2.48 -14.30 24.26
C SER B 161 -1.36 -15.14 23.63
N THR B 162 -0.12 -14.77 23.89
CA THR B 162 1.03 -15.51 23.38
C THR B 162 1.51 -16.48 24.45
N GLY B 163 0.90 -16.41 25.62
CA GLY B 163 1.27 -17.30 26.71
C GLY B 163 2.43 -16.81 27.55
N ASP B 164 2.96 -15.63 27.24
CA ASP B 164 4.07 -15.06 28.00
C ASP B 164 3.92 -13.55 28.23
N GLU B 165 4.97 -12.93 28.76
CA GLU B 165 4.94 -11.50 29.09
C GLU B 165 4.73 -10.51 27.96
N HIS B 166 4.94 -10.93 26.72
CA HIS B 166 4.76 -10.03 25.59
C HIS B 166 3.29 -9.79 25.25
N SER B 167 2.42 -10.66 25.76
CA SER B 167 0.96 -10.56 25.56
C SER B 167 0.29 -11.60 26.46
N ARG B 168 0.19 -11.27 27.74
CA ARG B 168 -0.40 -12.15 28.73
C ARG B 168 -1.82 -12.58 28.43
N GLY B 169 -2.64 -11.65 27.97
CA GLY B 169 -4.02 -11.97 27.66
C GLY B 169 -4.99 -11.40 28.69
N ASN B 170 -6.25 -11.81 28.59
CA ASN B 170 -7.32 -11.36 29.48
C ASN B 170 -7.54 -9.87 29.52
N TRP B 171 -7.23 -9.18 28.41
CA TRP B 171 -7.42 -7.73 28.32
C TRP B 171 -8.85 -7.34 28.63
N GLY B 172 -9.80 -8.14 28.15
CA GLY B 172 -11.20 -7.85 28.41
C GLY B 172 -11.56 -7.96 29.88
N HIS B 173 -10.93 -8.90 30.58
CA HIS B 173 -11.19 -9.07 32.00
C HIS B 173 -10.59 -7.92 32.79
N LEU B 174 -9.44 -7.41 32.32
CA LEU B 174 -8.80 -6.29 32.99
C LEU B 174 -9.64 -5.05 32.72
N ASP B 175 -10.41 -5.06 31.62
CA ASP B 175 -11.30 -3.95 31.29
C ASP B 175 -12.45 -3.95 32.29
N GLN B 176 -12.99 -5.13 32.58
CA GLN B 176 -14.08 -5.27 33.53
C GLN B 176 -13.61 -4.78 34.89
N VAL B 177 -12.36 -5.09 35.23
CA VAL B 177 -11.80 -4.64 36.50
C VAL B 177 -11.70 -3.12 36.53
N ALA B 178 -11.21 -2.52 35.44
CA ALA B 178 -11.08 -1.06 35.39
C ALA B 178 -12.46 -0.38 35.49
N ALA B 179 -13.51 -1.04 34.99
CA ALA B 179 -14.85 -0.47 35.06
C ALA B 179 -15.31 -0.47 36.52
N LEU B 180 -15.02 -1.55 37.24
CA LEU B 180 -15.40 -1.64 38.66
C LEU B 180 -14.60 -0.62 39.46
N ARG B 181 -13.41 -0.29 38.96
CA ARG B 181 -12.55 0.68 39.60
C ARG B 181 -13.14 2.09 39.41
N TRP B 182 -13.70 2.32 38.23
CA TRP B 182 -14.32 3.61 37.92
C TRP B 182 -15.59 3.76 38.75
N VAL B 183 -16.33 2.66 38.90
CA VAL B 183 -17.56 2.67 39.67
C VAL B 183 -17.28 3.03 41.13
N GLN B 184 -16.21 2.48 41.68
CA GLN B 184 -15.85 2.77 43.06
C GLN B 184 -15.56 4.25 43.27
N ASP B 185 -14.78 4.84 42.37
CA ASP B 185 -14.41 6.24 42.50
C ASP B 185 -15.43 7.24 42.00
N ASN B 186 -16.44 6.79 41.25
CA ASN B 186 -17.39 7.75 40.70
C ASN B 186 -18.88 7.56 40.98
N ILE B 187 -19.30 6.33 41.26
CA ILE B 187 -20.72 6.06 41.44
C ILE B 187 -21.49 6.89 42.48
N ALA B 188 -20.81 7.38 43.51
CA ALA B 188 -21.47 8.18 44.53
C ALA B 188 -22.10 9.43 43.91
N SER B 189 -21.48 9.97 42.86
CA SER B 189 -22.00 11.15 42.19
C SER B 189 -23.32 10.89 41.47
N PHE B 190 -23.64 9.62 41.25
CA PHE B 190 -24.88 9.26 40.58
C PHE B 190 -25.90 8.71 41.57
N GLY B 191 -25.63 8.87 42.87
CA GLY B 191 -26.55 8.40 43.88
C GLY B 191 -26.31 6.95 44.24
N GLY B 192 -25.16 6.42 43.84
CA GLY B 192 -24.85 5.04 44.14
C GLY B 192 -23.97 4.86 45.35
N ASN B 193 -24.09 3.70 45.99
CA ASN B 193 -23.30 3.39 47.17
C ASN B 193 -22.09 2.55 46.73
N PRO B 194 -20.89 3.16 46.71
CA PRO B 194 -19.72 2.41 46.30
C PRO B 194 -19.40 1.26 47.26
N GLY B 195 -19.99 1.31 48.46
CA GLY B 195 -19.76 0.26 49.43
C GLY B 195 -20.68 -0.94 49.22
N SER B 196 -21.56 -0.86 48.23
CA SER B 196 -22.48 -1.95 47.94
C SER B 196 -22.67 -2.16 46.43
N VAL B 197 -21.68 -2.80 45.82
CA VAL B 197 -21.71 -3.05 44.39
C VAL B 197 -21.89 -4.52 44.11
N THR B 198 -22.87 -4.82 43.27
CA THR B 198 -23.17 -6.19 42.89
C THR B 198 -22.86 -6.40 41.42
N ILE B 199 -22.04 -7.40 41.12
CA ILE B 199 -21.73 -7.67 39.73
C ILE B 199 -22.55 -8.88 39.29
N PHE B 200 -23.21 -8.75 38.14
CA PHE B 200 -24.00 -9.84 37.61
C PHE B 200 -23.88 -9.91 36.09
N GLY B 201 -24.03 -11.11 35.55
CA GLY B 201 -23.93 -11.28 34.10
C GLY B 201 -24.34 -12.68 33.71
N GLU B 202 -24.62 -12.89 32.44
CA GLU B 202 -25.02 -14.21 32.00
C GLU B 202 -24.10 -14.75 30.91
N SER B 203 -23.99 -16.07 30.86
CA SER B 203 -23.15 -16.71 29.87
C SER B 203 -21.70 -16.26 30.07
N ALA B 204 -21.04 -15.76 29.03
CA ALA B 204 -19.66 -15.31 29.18
C ALA B 204 -19.60 -14.22 30.26
N GLY B 205 -20.71 -13.51 30.43
CA GLY B 205 -20.76 -12.48 31.44
C GLY B 205 -20.76 -13.16 32.80
N GLY B 206 -21.43 -14.29 32.87
CA GLY B 206 -21.47 -15.06 34.11
C GLY B 206 -20.12 -15.68 34.40
N GLU B 207 -19.42 -16.08 33.35
CA GLU B 207 -18.09 -16.66 33.51
C GLU B 207 -17.14 -15.55 33.94
N SER B 208 -17.33 -14.35 33.42
CA SER B 208 -16.49 -13.21 33.79
C SER B 208 -16.68 -12.94 35.29
N VAL B 209 -17.94 -12.93 35.73
CA VAL B 209 -18.24 -12.69 37.13
C VAL B 209 -17.53 -13.75 37.97
N SER B 210 -17.64 -15.00 37.55
CA SER B 210 -17.02 -16.10 38.27
C SER B 210 -15.51 -15.88 38.33
N VAL B 211 -14.93 -15.41 37.23
CA VAL B 211 -13.50 -15.14 37.16
C VAL B 211 -13.10 -14.05 38.18
N LEU B 212 -13.80 -12.92 38.14
CA LEU B 212 -13.54 -11.80 39.05
C LEU B 212 -13.61 -12.26 40.51
N VAL B 213 -14.58 -13.14 40.79
CA VAL B 213 -14.76 -13.69 42.13
C VAL B 213 -13.51 -14.39 42.64
N LEU B 214 -12.74 -14.97 41.72
CA LEU B 214 -11.53 -15.72 42.05
C LEU B 214 -10.25 -14.90 41.87
N SER B 215 -10.37 -13.67 41.39
CA SER B 215 -9.20 -12.85 41.14
C SER B 215 -8.81 -11.83 42.21
N PRO B 216 -7.50 -11.77 42.54
CA PRO B 216 -6.95 -10.85 43.52
C PRO B 216 -7.02 -9.39 43.07
N LEU B 217 -7.14 -9.17 41.77
CA LEU B 217 -7.22 -7.82 41.22
C LEU B 217 -8.56 -7.13 41.48
N ALA B 218 -9.59 -7.92 41.80
CA ALA B 218 -10.92 -7.35 42.04
C ALA B 218 -11.40 -7.47 43.48
N LYS B 219 -10.49 -7.80 44.40
CA LYS B 219 -10.84 -7.97 45.82
C LYS B 219 -11.87 -7.03 46.43
N ASN B 220 -11.58 -5.74 46.44
CA ASN B 220 -12.52 -4.81 47.05
C ASN B 220 -13.37 -4.00 46.08
N LEU B 221 -13.62 -4.55 44.89
CA LEU B 221 -14.41 -3.82 43.91
C LEU B 221 -15.89 -4.22 43.83
N PHE B 222 -16.29 -5.24 44.57
CA PHE B 222 -17.69 -5.66 44.57
C PHE B 222 -18.03 -6.37 45.87
N HIS B 223 -19.33 -6.47 46.20
CA HIS B 223 -19.78 -7.08 47.45
C HIS B 223 -20.78 -8.22 47.32
N ARG B 224 -21.30 -8.44 46.11
CA ARG B 224 -22.24 -9.52 45.83
C ARG B 224 -22.00 -9.91 44.38
N ALA B 225 -22.26 -11.16 44.04
CA ALA B 225 -22.07 -11.60 42.67
C ALA B 225 -23.17 -12.55 42.23
N ILE B 226 -23.49 -12.51 40.95
CA ILE B 226 -24.51 -13.39 40.39
C ILE B 226 -24.03 -13.88 39.03
N SER B 227 -23.99 -15.19 38.86
CA SER B 227 -23.58 -15.78 37.59
C SER B 227 -24.79 -16.49 37.00
N GLU B 228 -25.27 -15.98 35.87
CA GLU B 228 -26.42 -16.57 35.19
C GLU B 228 -25.98 -17.39 33.99
N SER B 229 -26.19 -18.70 34.05
CA SER B 229 -25.82 -19.60 32.97
C SER B 229 -24.35 -19.47 32.55
N GLY B 230 -23.44 -19.62 33.50
CA GLY B 230 -22.02 -19.53 33.18
C GLY B 230 -21.12 -19.25 34.37
N VAL B 231 -20.05 -20.03 34.47
CA VAL B 231 -19.06 -19.88 35.53
C VAL B 231 -17.67 -20.19 34.97
N ALA B 232 -16.63 -20.03 35.79
CA ALA B 232 -15.27 -20.28 35.34
C ALA B 232 -14.93 -21.76 35.12
N LEU B 233 -15.85 -22.66 35.43
CA LEU B 233 -15.62 -24.09 35.18
C LEU B 233 -16.25 -24.50 33.84
N THR B 234 -16.86 -23.54 33.15
CA THR B 234 -17.44 -23.78 31.83
C THR B 234 -16.21 -23.77 30.93
N SER B 235 -15.53 -24.92 30.88
CA SER B 235 -14.30 -25.11 30.12
C SER B 235 -14.14 -24.45 28.75
N VAL B 236 -15.18 -24.41 27.94
CA VAL B 236 -15.06 -23.82 26.61
C VAL B 236 -14.63 -22.34 26.61
N LEU B 237 -14.81 -21.66 27.73
CA LEU B 237 -14.43 -20.25 27.81
C LEU B 237 -13.08 -20.02 28.46
N VAL B 238 -12.50 -21.06 29.06
CA VAL B 238 -11.21 -20.96 29.72
C VAL B 238 -10.18 -21.86 29.04
N LYS B 239 -9.12 -21.24 28.51
CA LYS B 239 -8.06 -21.95 27.82
C LYS B 239 -7.01 -22.50 28.80
N LYS B 240 -6.99 -23.81 28.94
CA LYS B 240 -6.02 -24.44 29.82
C LYS B 240 -4.92 -25.04 28.93
N GLY B 241 -3.70 -25.03 29.43
CA GLY B 241 -2.60 -25.59 28.67
C GLY B 241 -1.80 -24.55 27.91
N ASP B 242 -1.19 -24.98 26.82
CA ASP B 242 -0.37 -24.09 25.99
C ASP B 242 -1.21 -23.35 24.98
N VAL B 243 -1.19 -22.02 25.05
CA VAL B 243 -1.96 -21.20 24.14
C VAL B 243 -1.14 -20.71 22.94
N LYS B 244 0.16 -20.97 23.00
CA LYS B 244 1.08 -20.57 21.95
C LYS B 244 0.62 -20.97 20.54
N PRO B 245 0.14 -22.22 20.38
CA PRO B 245 -0.33 -22.68 19.07
C PRO B 245 -1.46 -21.82 18.47
N LEU B 246 -2.48 -21.53 19.27
CA LEU B 246 -3.60 -20.72 18.80
C LEU B 246 -3.10 -19.34 18.37
N ALA B 247 -2.19 -18.77 19.15
CA ALA B 247 -1.63 -17.46 18.84
C ALA B 247 -0.94 -17.46 17.48
N GLU B 248 -0.17 -18.52 17.21
CA GLU B 248 0.54 -18.62 15.94
C GLU B 248 -0.42 -18.71 14.77
N GLN B 249 -1.47 -19.49 14.95
CA GLN B 249 -2.49 -19.67 13.94
C GLN B 249 -3.15 -18.32 13.67
N ILE B 250 -3.38 -17.54 14.72
CA ILE B 250 -3.97 -16.25 14.56
C ILE B 250 -3.01 -15.31 13.82
N ALA B 251 -1.74 -15.35 14.21
CA ALA B 251 -0.74 -14.49 13.58
C ALA B 251 -0.56 -14.85 12.11
N ILE B 252 -0.45 -16.13 11.83
CA ILE B 252 -0.28 -16.60 10.46
C ILE B 252 -1.48 -16.19 9.60
N THR B 253 -2.68 -16.28 10.15
CA THR B 253 -3.89 -15.91 9.40
C THR B 253 -3.95 -14.42 9.12
N ALA B 254 -3.44 -13.60 10.05
CA ALA B 254 -3.46 -12.16 9.84
C ALA B 254 -2.31 -11.75 8.90
N GLY B 255 -1.46 -12.72 8.55
CA GLY B 255 -0.34 -12.44 7.67
C GLY B 255 0.92 -12.06 8.41
N CYS B 256 1.08 -12.53 9.64
CA CYS B 256 2.26 -12.21 10.44
C CYS B 256 3.23 -13.37 10.65
N LYS B 257 4.52 -13.04 10.79
CA LYS B 257 5.55 -14.04 11.04
C LYS B 257 5.41 -14.50 12.49
N THR B 258 5.88 -15.71 12.78
CA THR B 258 5.77 -16.25 14.13
C THR B 258 7.13 -16.55 14.75
N THR B 259 8.14 -15.81 14.30
CA THR B 259 9.52 -15.99 14.77
C THR B 259 9.65 -15.91 16.27
N THR B 260 8.99 -14.91 16.85
CA THR B 260 9.05 -14.67 18.29
C THR B 260 7.70 -14.16 18.78
N SER B 261 7.49 -14.20 20.08
CA SER B 261 6.25 -13.70 20.65
C SER B 261 6.16 -12.20 20.41
N ALA B 262 7.22 -11.49 20.77
CA ALA B 262 7.26 -10.03 20.61
C ALA B 262 7.02 -9.63 19.15
N VAL B 263 7.51 -10.45 18.22
CA VAL B 263 7.34 -10.20 16.80
C VAL B 263 5.87 -10.39 16.41
N MET B 264 5.25 -11.48 16.85
CA MET B 264 3.83 -11.72 16.54
C MET B 264 3.02 -10.53 17.05
N VAL B 265 3.26 -10.14 18.30
CA VAL B 265 2.52 -9.04 18.92
C VAL B 265 2.75 -7.70 18.21
N HIS B 266 4.00 -7.38 17.95
CA HIS B 266 4.31 -6.12 17.28
C HIS B 266 3.64 -6.04 15.90
N CYS B 267 3.60 -7.16 15.18
CA CYS B 267 2.98 -7.21 13.87
C CYS B 267 1.45 -7.05 13.96
N LEU B 268 0.83 -7.76 14.91
CA LEU B 268 -0.62 -7.65 15.07
C LEU B 268 -1.04 -6.24 15.48
N ARG B 269 -0.17 -5.54 16.18
CA ARG B 269 -0.46 -4.17 16.60
C ARG B 269 -0.45 -3.19 15.42
N GLN B 270 0.24 -3.54 14.36
CA GLN B 270 0.31 -2.67 13.18
C GLN B 270 -0.81 -2.93 12.21
N LYS B 271 -1.58 -3.99 12.44
CA LYS B 271 -2.70 -4.32 11.57
C LYS B 271 -3.86 -3.36 11.85
N THR B 272 -4.65 -3.06 10.82
CA THR B 272 -5.79 -2.17 11.00
C THR B 272 -6.93 -2.96 11.65
N GLU B 273 -7.90 -2.23 12.19
CA GLU B 273 -9.05 -2.86 12.81
C GLU B 273 -9.70 -3.78 11.80
N GLU B 274 -9.86 -3.28 10.57
CA GLU B 274 -10.47 -4.03 9.48
C GLU B 274 -9.72 -5.34 9.21
N GLU B 275 -8.38 -5.29 9.24
CA GLU B 275 -7.58 -6.49 9.00
C GLU B 275 -7.79 -7.55 10.08
N LEU B 276 -7.81 -7.12 11.34
CA LEU B 276 -8.03 -8.05 12.43
C LEU B 276 -9.47 -8.57 12.39
N LEU B 277 -10.39 -7.76 11.88
CA LEU B 277 -11.78 -8.19 11.77
C LEU B 277 -11.90 -9.29 10.69
N GLU B 278 -11.16 -9.15 9.61
CA GLU B 278 -11.15 -10.13 8.51
C GLU B 278 -10.45 -11.41 8.96
N THR B 279 -9.43 -11.26 9.82
CA THR B 279 -8.74 -12.41 10.36
C THR B 279 -9.73 -13.12 11.28
N THR B 280 -10.53 -12.33 11.99
CA THR B 280 -11.54 -12.85 12.89
C THR B 280 -12.55 -13.69 12.08
N LEU B 281 -13.00 -13.13 10.97
CA LEU B 281 -13.96 -13.82 10.10
C LEU B 281 -13.40 -15.11 9.49
N LYS B 282 -12.12 -15.10 9.12
CA LYS B 282 -11.49 -16.29 8.54
C LYS B 282 -11.38 -17.42 9.57
N MET B 283 -11.01 -17.08 10.81
CA MET B 283 -10.90 -18.10 11.86
C MET B 283 -12.25 -18.80 12.01
N LYS B 284 -13.33 -18.05 11.73
CA LYS B 284 -14.69 -18.55 11.82
C LYS B 284 -15.03 -19.01 13.23
N PHE B 285 -14.89 -18.09 14.18
CA PHE B 285 -15.18 -18.38 15.59
C PHE B 285 -16.68 -18.56 15.80
N LEU B 286 -17.05 -18.99 17.00
CA LEU B 286 -18.45 -19.19 17.37
C LEU B 286 -19.16 -20.28 16.56
N SER B 287 -18.44 -20.96 15.69
CA SER B 287 -19.06 -21.99 14.87
C SER B 287 -18.42 -23.35 15.08
N LEU B 288 -19.25 -24.39 15.11
CA LEU B 288 -18.78 -25.76 15.30
C LEU B 288 -18.13 -26.30 14.01
N ASP B 289 -16.82 -26.53 14.09
CA ASP B 289 -16.03 -27.04 12.97
C ASP B 289 -16.30 -28.55 12.84
N LEU B 290 -16.80 -28.96 11.68
CA LEU B 290 -17.10 -30.37 11.44
C LEU B 290 -16.03 -31.10 10.63
N GLN B 291 -14.94 -30.41 10.36
CA GLN B 291 -13.85 -30.98 9.57
C GLN B 291 -12.57 -31.10 10.38
N GLY B 292 -11.83 -32.19 10.17
CA GLY B 292 -10.58 -32.40 10.88
C GLY B 292 -10.71 -33.05 12.25
N ASP B 293 -9.72 -32.82 13.10
CA ASP B 293 -9.72 -33.36 14.44
C ASP B 293 -10.36 -32.33 15.38
N PRO B 294 -11.46 -32.72 16.03
CA PRO B 294 -12.23 -31.88 16.95
C PRO B 294 -11.37 -31.26 18.03
N ARG B 295 -10.27 -31.91 18.37
CA ARG B 295 -9.38 -31.41 19.41
C ARG B 295 -8.59 -30.16 19.03
N GLU B 296 -8.41 -29.92 17.74
CA GLU B 296 -7.66 -28.75 17.32
C GLU B 296 -8.52 -27.54 16.92
N SER B 297 -9.83 -27.65 17.10
CA SER B 297 -10.72 -26.54 16.76
C SER B 297 -10.92 -25.61 17.95
N GLN B 298 -10.76 -24.32 17.72
CA GLN B 298 -10.93 -23.31 18.75
C GLN B 298 -12.05 -22.35 18.37
N PRO B 299 -13.27 -22.63 18.85
CA PRO B 299 -14.45 -21.80 18.56
C PRO B 299 -14.47 -20.43 19.23
N LEU B 300 -13.63 -20.24 20.25
CA LEU B 300 -13.57 -18.95 20.95
C LEU B 300 -12.18 -18.62 21.46
N LEU B 301 -11.95 -17.33 21.70
CA LEU B 301 -10.70 -16.85 22.27
C LEU B 301 -11.16 -16.50 23.69
N GLY B 302 -10.53 -17.05 24.72
CA GLY B 302 -11.01 -16.73 26.04
C GLY B 302 -9.97 -16.49 27.12
N THR B 303 -10.42 -16.69 28.34
CA THR B 303 -9.62 -16.51 29.55
C THR B 303 -8.43 -17.48 29.59
N VAL B 304 -7.29 -17.00 30.07
CA VAL B 304 -6.11 -17.84 30.20
C VAL B 304 -5.51 -17.59 31.57
N ILE B 305 -4.61 -18.46 32.00
CA ILE B 305 -3.95 -18.30 33.29
C ILE B 305 -2.76 -17.38 33.01
N ASP B 306 -2.98 -16.07 33.16
CA ASP B 306 -1.96 -15.07 32.87
C ASP B 306 -0.94 -14.75 33.96
N GLY B 307 -1.28 -15.03 35.21
CA GLY B 307 -0.35 -14.73 36.28
C GLY B 307 -0.66 -13.38 36.93
N MET B 308 -1.60 -12.64 36.34
CA MET B 308 -1.99 -11.34 36.85
C MET B 308 -3.43 -11.44 37.34
N LEU B 309 -4.37 -11.67 36.42
CA LEU B 309 -5.78 -11.83 36.78
C LEU B 309 -5.95 -13.18 37.47
N LEU B 310 -5.32 -14.21 36.91
CA LEU B 310 -5.40 -15.55 37.45
C LEU B 310 -4.03 -16.19 37.65
N LEU B 311 -3.74 -16.60 38.89
CA LEU B 311 -2.44 -17.21 39.20
C LEU B 311 -2.47 -18.73 38.99
N LYS B 312 -3.66 -19.31 39.00
CA LYS B 312 -3.81 -20.74 38.82
C LYS B 312 -5.12 -21.03 38.11
N THR B 313 -5.34 -22.30 37.74
CA THR B 313 -6.57 -22.65 37.06
C THR B 313 -7.75 -22.42 38.01
N PRO B 314 -8.92 -22.08 37.46
CA PRO B 314 -10.11 -21.84 38.30
C PRO B 314 -10.33 -23.00 39.27
N GLU B 315 -10.06 -24.22 38.78
CA GLU B 315 -10.20 -25.43 39.56
C GLU B 315 -9.30 -25.41 40.79
N GLU B 316 -8.03 -25.07 40.59
CA GLU B 316 -7.08 -25.01 41.68
C GLU B 316 -7.39 -23.85 42.62
N LEU B 317 -8.03 -22.81 42.09
CA LEU B 317 -8.38 -21.66 42.91
C LEU B 317 -9.55 -21.95 43.82
N GLN B 318 -10.24 -23.05 43.56
CA GLN B 318 -11.39 -23.42 44.39
C GLN B 318 -10.95 -24.27 45.57
N ALA B 319 -9.85 -24.99 45.42
CA ALA B 319 -9.34 -25.83 46.48
C ALA B 319 -9.10 -24.98 47.73
N GLU B 320 -8.39 -23.88 47.56
CA GLU B 320 -8.11 -22.98 48.68
C GLU B 320 -9.41 -22.32 49.10
N ARG B 321 -9.62 -22.15 50.41
CA ARG B 321 -10.86 -21.55 50.89
C ARG B 321 -10.75 -20.83 52.23
N ASN B 322 -9.78 -19.93 52.34
CA ASN B 322 -9.61 -19.14 53.57
C ASN B 322 -9.24 -17.73 53.16
N PHE B 323 -10.11 -17.13 52.35
CA PHE B 323 -9.90 -15.80 51.82
C PHE B 323 -11.12 -14.92 52.08
N HIS B 324 -11.13 -13.74 51.46
CA HIS B 324 -12.24 -12.82 51.60
C HIS B 324 -13.34 -13.24 50.63
N THR B 325 -14.55 -13.40 51.15
CA THR B 325 -15.68 -13.83 50.35
C THR B 325 -16.85 -12.85 50.25
N VAL B 326 -17.81 -13.18 49.39
CA VAL B 326 -18.99 -12.37 49.18
C VAL B 326 -20.16 -13.30 48.85
N PRO B 327 -21.41 -12.82 49.05
CA PRO B 327 -22.60 -13.62 48.73
C PRO B 327 -22.55 -13.93 47.23
N TYR B 328 -22.86 -15.17 46.85
CA TYR B 328 -22.80 -15.56 45.45
C TYR B 328 -24.03 -16.33 44.98
N MET B 329 -24.71 -15.80 43.97
CA MET B 329 -25.88 -16.46 43.42
C MET B 329 -25.44 -17.08 42.09
N VAL B 330 -25.66 -18.37 41.95
CA VAL B 330 -25.29 -19.12 40.75
C VAL B 330 -26.53 -19.85 40.24
N GLY B 331 -26.86 -19.64 38.96
CA GLY B 331 -28.03 -20.28 38.41
C GLY B 331 -27.91 -20.79 36.99
N ILE B 332 -28.85 -21.65 36.61
CA ILE B 332 -28.89 -22.21 35.27
C ILE B 332 -30.32 -22.23 34.78
N ASN B 333 -30.47 -22.48 33.49
CA ASN B 333 -31.79 -22.57 32.88
C ASN B 333 -32.06 -24.05 32.59
N LYS B 334 -33.33 -24.42 32.56
CA LYS B 334 -33.74 -25.80 32.33
C LYS B 334 -33.12 -26.47 31.10
N GLN B 335 -33.13 -25.76 29.97
CA GLN B 335 -32.59 -26.29 28.71
C GLN B 335 -31.52 -25.36 28.14
N GLU B 336 -30.39 -25.28 28.83
CA GLU B 336 -29.29 -24.42 28.42
C GLU B 336 -28.85 -24.59 26.96
N PHE B 337 -28.96 -25.81 26.45
CA PHE B 337 -28.55 -26.11 25.07
C PHE B 337 -29.77 -26.53 24.27
N GLY B 338 -30.90 -25.88 24.54
CA GLY B 338 -32.13 -26.23 23.87
C GLY B 338 -32.37 -25.69 22.47
N TRP B 339 -31.81 -24.53 22.15
CA TRP B 339 -32.05 -23.99 20.82
C TRP B 339 -31.11 -22.85 20.43
N LEU B 340 -31.09 -21.79 21.22
CA LEU B 340 -30.25 -20.64 20.92
C LEU B 340 -28.78 -20.96 20.64
N ILE B 341 -28.10 -21.60 21.58
CA ILE B 341 -26.70 -21.89 21.38
C ILE B 341 -26.42 -22.76 20.14
N PRO B 342 -27.06 -23.93 20.04
CA PRO B 342 -26.81 -24.76 18.86
C PRO B 342 -27.17 -24.06 17.54
N MET B 343 -28.14 -23.16 17.59
CA MET B 343 -28.57 -22.41 16.40
C MET B 343 -27.46 -21.45 15.99
N LEU B 344 -26.92 -20.72 16.95
CA LEU B 344 -25.86 -19.77 16.68
C LEU B 344 -24.54 -20.43 16.27
N MET B 345 -24.37 -21.70 16.62
CA MET B 345 -23.15 -22.41 16.29
C MET B 345 -23.27 -23.33 15.09
N SER B 346 -24.41 -23.29 14.41
CA SER B 346 -24.63 -24.14 13.23
C SER B 346 -24.50 -25.62 13.59
N TYR B 347 -25.03 -25.99 14.74
CA TYR B 347 -24.96 -27.38 15.19
C TYR B 347 -25.74 -28.27 14.22
N PRO B 348 -25.14 -29.38 13.77
CA PRO B 348 -25.74 -30.33 12.82
C PRO B 348 -26.78 -31.24 13.48
N LEU B 349 -27.99 -30.74 13.69
CA LEU B 349 -29.02 -31.54 14.32
C LEU B 349 -30.37 -31.20 13.71
N SER B 350 -30.50 -31.47 12.41
CA SER B 350 -31.72 -31.17 11.67
C SER B 350 -32.74 -32.31 11.56
N GLU B 351 -32.69 -33.29 12.48
CA GLU B 351 -33.63 -34.40 12.42
C GLU B 351 -34.53 -34.62 13.63
N GLY B 352 -34.02 -34.38 14.83
CA GLY B 352 -34.84 -34.57 16.01
C GLY B 352 -34.80 -36.01 16.47
N GLN B 353 -34.48 -36.90 15.54
CA GLN B 353 -34.37 -38.33 15.84
C GLN B 353 -32.87 -38.58 15.91
N LEU B 354 -32.40 -39.15 17.00
CA LEU B 354 -30.97 -39.39 17.14
C LEU B 354 -30.66 -40.79 17.66
N ASP B 355 -29.95 -41.56 16.85
CA ASP B 355 -29.56 -42.90 17.24
C ASP B 355 -28.29 -42.74 18.07
N GLN B 356 -28.00 -43.71 18.93
CA GLN B 356 -26.82 -43.63 19.77
C GLN B 356 -25.50 -43.52 19.01
N LYS B 357 -25.43 -44.14 17.84
CA LYS B 357 -24.22 -44.10 17.02
C LYS B 357 -23.93 -42.68 16.52
N THR B 358 -24.97 -42.00 16.03
CA THR B 358 -24.81 -40.64 15.52
C THR B 358 -24.51 -39.70 16.70
N ALA B 359 -25.17 -39.96 17.83
CA ALA B 359 -24.98 -39.15 19.02
C ALA B 359 -23.51 -39.17 19.44
N MET B 360 -22.90 -40.34 19.38
CA MET B 360 -21.49 -40.47 19.76
C MET B 360 -20.59 -39.67 18.83
N SER B 361 -20.91 -39.62 17.54
CA SER B 361 -20.12 -38.87 16.59
C SER B 361 -20.25 -37.37 16.84
N LEU B 362 -21.46 -36.92 17.12
CA LEU B 362 -21.68 -35.49 17.38
C LEU B 362 -20.97 -35.05 18.64
N LEU B 363 -21.03 -35.90 19.68
CA LEU B 363 -20.37 -35.58 20.94
C LEU B 363 -18.87 -35.41 20.71
N TRP B 364 -18.30 -36.23 19.83
CA TRP B 364 -16.87 -36.15 19.53
C TRP B 364 -16.58 -34.83 18.81
N LYS B 365 -17.45 -34.45 17.88
CA LYS B 365 -17.26 -33.20 17.16
C LYS B 365 -17.44 -32.01 18.10
N SER B 366 -18.17 -32.24 19.19
CA SER B 366 -18.43 -31.20 20.19
C SER B 366 -17.30 -31.08 21.21
N TYR B 367 -16.19 -31.76 20.97
CA TYR B 367 -15.07 -31.72 21.90
C TYR B 367 -14.73 -30.32 22.43
N PRO B 368 -14.67 -29.31 21.53
CA PRO B 368 -14.34 -27.97 22.02
C PRO B 368 -15.34 -27.43 23.03
N LEU B 369 -16.54 -27.99 23.03
CA LEU B 369 -17.58 -27.55 23.96
C LEU B 369 -17.62 -28.38 25.24
N VAL B 370 -17.46 -29.69 25.11
CA VAL B 370 -17.55 -30.59 26.26
C VAL B 370 -16.25 -31.25 26.72
N CYS B 371 -15.20 -31.18 25.90
CA CYS B 371 -13.91 -31.76 26.23
C CYS B 371 -13.96 -33.19 26.76
N ILE B 372 -14.72 -34.05 26.08
CA ILE B 372 -14.83 -35.44 26.50
C ILE B 372 -13.98 -36.34 25.62
N ALA B 373 -12.95 -36.95 26.22
CA ALA B 373 -12.06 -37.84 25.49
C ALA B 373 -12.85 -38.87 24.67
N LYS B 374 -12.34 -39.21 23.50
CA LYS B 374 -13.03 -40.15 22.62
C LYS B 374 -13.28 -41.50 23.26
N GLU B 375 -12.42 -41.88 24.20
CA GLU B 375 -12.54 -43.15 24.89
C GLU B 375 -13.71 -43.14 25.88
N LEU B 376 -14.10 -41.96 26.32
CA LEU B 376 -15.19 -41.83 27.28
C LEU B 376 -16.55 -41.53 26.64
N ILE B 377 -16.55 -41.24 25.33
CA ILE B 377 -17.78 -40.93 24.63
C ILE B 377 -18.89 -41.99 24.78
N PRO B 378 -18.55 -43.28 24.59
CA PRO B 378 -19.58 -44.32 24.73
C PRO B 378 -20.27 -44.35 26.09
N GLU B 379 -19.49 -44.26 27.16
CA GLU B 379 -20.04 -44.28 28.52
C GLU B 379 -21.01 -43.11 28.72
N ALA B 380 -20.57 -41.92 28.32
CA ALA B 380 -21.39 -40.72 28.48
C ALA B 380 -22.69 -40.82 27.72
N THR B 381 -22.61 -41.25 26.46
CA THR B 381 -23.80 -41.39 25.62
C THR B 381 -24.74 -42.45 26.19
N GLU B 382 -24.18 -43.58 26.58
CA GLU B 382 -24.95 -44.69 27.14
C GLU B 382 -25.69 -44.24 28.41
N LYS B 383 -25.02 -43.49 29.26
CA LYS B 383 -25.60 -43.00 30.50
C LYS B 383 -26.82 -42.10 30.26
N TYR B 384 -26.76 -41.26 29.23
CA TYR B 384 -27.87 -40.36 28.94
C TYR B 384 -28.95 -40.87 27.99
N LEU B 385 -28.58 -41.60 26.94
CA LEU B 385 -29.57 -42.07 25.98
C LEU B 385 -29.89 -43.57 26.09
N GLY B 386 -29.09 -44.30 26.84
CA GLY B 386 -29.30 -45.73 26.96
C GLY B 386 -30.62 -46.17 27.56
N GLY B 387 -31.12 -45.40 28.51
CA GLY B 387 -32.38 -45.74 29.17
C GLY B 387 -33.64 -45.76 28.32
N THR B 388 -33.64 -45.08 27.19
CA THR B 388 -34.81 -45.05 26.31
C THR B 388 -34.49 -45.55 24.92
N ASP B 389 -35.52 -45.92 24.18
CA ASP B 389 -35.34 -46.43 22.82
C ASP B 389 -36.02 -45.58 21.75
N ASP B 390 -36.53 -44.41 22.14
CA ASP B 390 -37.17 -43.51 21.20
C ASP B 390 -36.12 -42.59 20.63
N THR B 391 -35.89 -42.64 19.33
CA THR B 391 -34.88 -41.78 18.72
C THR B 391 -35.22 -40.31 18.99
N VAL B 392 -36.42 -40.07 19.51
CA VAL B 392 -36.87 -38.71 19.81
C VAL B 392 -36.35 -38.27 21.16
N LYS B 393 -36.58 -39.08 22.19
CA LYS B 393 -36.12 -38.76 23.53
C LYS B 393 -34.60 -38.75 23.57
N LYS B 394 -33.98 -39.62 22.79
CA LYS B 394 -32.52 -39.70 22.75
C LYS B 394 -31.94 -38.35 22.36
N LYS B 395 -32.58 -37.68 21.40
CA LYS B 395 -32.12 -36.39 20.96
C LYS B 395 -32.28 -35.38 22.10
N ASP B 396 -33.43 -35.43 22.77
CA ASP B 396 -33.70 -34.50 23.86
C ASP B 396 -32.73 -34.73 25.02
N LEU B 397 -32.41 -35.99 25.29
CA LEU B 397 -31.49 -36.33 26.37
C LEU B 397 -30.06 -35.92 25.98
N PHE B 398 -29.77 -35.95 24.69
CA PHE B 398 -28.46 -35.57 24.18
C PHE B 398 -28.20 -34.08 24.41
N LEU B 399 -29.25 -33.27 24.31
CA LEU B 399 -29.10 -31.85 24.52
C LEU B 399 -28.92 -31.59 26.02
N ASP B 400 -29.49 -32.48 26.85
CA ASP B 400 -29.35 -32.34 28.29
C ASP B 400 -27.90 -32.65 28.65
N LEU B 401 -27.33 -33.63 27.96
CA LEU B 401 -25.95 -34.02 28.20
C LEU B 401 -25.00 -32.85 27.94
N ILE B 402 -25.13 -32.22 26.78
CA ILE B 402 -24.27 -31.09 26.45
C ILE B 402 -24.46 -29.99 27.49
N ALA B 403 -25.71 -29.73 27.85
CA ALA B 403 -26.07 -28.72 28.83
C ALA B 403 -25.52 -28.99 30.22
N ASP B 404 -25.58 -30.24 30.66
CA ASP B 404 -25.06 -30.57 31.99
C ASP B 404 -23.54 -30.36 32.08
N VAL B 405 -22.83 -30.68 31.02
CA VAL B 405 -21.37 -30.53 31.02
C VAL B 405 -20.90 -29.08 30.89
N MET B 406 -21.63 -28.27 30.14
CA MET B 406 -21.23 -26.89 29.96
C MET B 406 -21.68 -25.95 31.08
N PHE B 407 -22.88 -26.17 31.59
CA PHE B 407 -23.43 -25.28 32.60
C PHE B 407 -23.88 -25.93 33.92
N GLY B 408 -24.77 -26.92 33.83
CA GLY B 408 -25.29 -27.57 35.01
C GLY B 408 -24.27 -28.02 36.03
N VAL B 409 -23.42 -28.97 35.66
CA VAL B 409 -22.42 -29.49 36.59
C VAL B 409 -21.39 -28.43 37.02
N PRO B 410 -20.85 -27.64 36.07
CA PRO B 410 -19.89 -26.63 36.49
C PRO B 410 -20.46 -25.66 37.53
N SER B 411 -21.72 -25.26 37.32
CA SER B 411 -22.39 -24.33 38.23
C SER B 411 -22.56 -24.87 39.66
N VAL B 412 -23.05 -26.10 39.77
CA VAL B 412 -23.22 -26.73 41.06
C VAL B 412 -21.86 -26.89 41.76
N ILE B 413 -20.87 -27.35 41.00
CA ILE B 413 -19.53 -27.52 41.57
C ILE B 413 -19.00 -26.19 42.12
N VAL B 414 -19.21 -25.11 41.38
CA VAL B 414 -18.75 -23.81 41.85
C VAL B 414 -19.51 -23.38 43.10
N ALA B 415 -20.82 -23.64 43.12
CA ALA B 415 -21.65 -23.28 44.25
C ALA B 415 -21.26 -24.09 45.48
N ARG B 416 -20.98 -25.37 45.30
CA ARG B 416 -20.58 -26.22 46.42
C ARG B 416 -19.28 -25.74 47.05
N ASN B 417 -18.31 -25.31 46.24
CA ASN B 417 -17.05 -24.83 46.77
C ASN B 417 -17.21 -23.48 47.46
N HIS B 418 -18.08 -22.64 46.93
CA HIS B 418 -18.32 -21.32 47.52
C HIS B 418 -18.95 -21.53 48.88
N ARG B 419 -19.86 -22.49 48.95
CA ARG B 419 -20.54 -22.82 50.20
C ARG B 419 -19.49 -23.30 51.20
N ASP B 420 -18.71 -24.29 50.80
CA ASP B 420 -17.67 -24.85 51.65
C ASP B 420 -16.63 -23.82 52.06
N ALA B 421 -16.53 -22.73 51.32
CA ALA B 421 -15.59 -21.67 51.65
C ALA B 421 -16.17 -20.87 52.82
N GLY B 422 -17.45 -21.08 53.10
CA GLY B 422 -18.09 -20.39 54.21
C GLY B 422 -18.82 -19.10 53.86
N ALA B 423 -19.15 -18.90 52.59
CA ALA B 423 -19.85 -17.68 52.19
C ALA B 423 -21.30 -17.98 51.79
N PRO B 424 -22.20 -16.98 51.89
CA PRO B 424 -23.60 -17.19 51.53
C PRO B 424 -23.71 -17.58 50.06
N THR B 425 -24.43 -18.65 49.79
CA THR B 425 -24.58 -19.10 48.41
C THR B 425 -26.04 -19.42 48.11
N TYR B 426 -26.46 -19.09 46.89
CA TYR B 426 -27.82 -19.33 46.45
C TYR B 426 -27.81 -19.88 45.02
N MET B 427 -28.76 -20.76 44.72
CA MET B 427 -28.86 -21.33 43.39
C MET B 427 -30.29 -21.32 42.92
N TYR B 428 -30.47 -21.27 41.62
CA TYR B 428 -31.80 -21.31 41.03
C TYR B 428 -31.74 -22.04 39.69
N GLU B 429 -32.90 -22.51 39.25
CA GLU B 429 -33.03 -23.18 37.96
C GLU B 429 -34.24 -22.52 37.31
N PHE B 430 -34.00 -21.76 36.25
CA PHE B 430 -35.04 -21.04 35.54
C PHE B 430 -35.72 -21.94 34.52
N GLN B 431 -37.04 -22.02 34.59
CA GLN B 431 -37.81 -22.84 33.66
C GLN B 431 -39.05 -22.10 33.18
N TYR B 432 -38.90 -21.37 32.09
CA TYR B 432 -40.01 -20.59 31.54
C TYR B 432 -39.71 -20.23 30.08
N ARG B 433 -40.75 -20.02 29.28
CA ARG B 433 -40.56 -19.66 27.88
C ARG B 433 -41.13 -18.28 27.63
N PRO B 434 -40.28 -17.26 27.60
CA PRO B 434 -40.77 -15.91 27.35
C PRO B 434 -41.43 -15.77 25.98
N SER B 435 -42.50 -14.99 25.94
CA SER B 435 -43.21 -14.75 24.69
C SER B 435 -42.33 -13.88 23.77
N PHE B 436 -41.21 -13.40 24.32
CA PHE B 436 -40.31 -12.55 23.54
C PHE B 436 -39.30 -13.38 22.76
N SER B 437 -39.42 -14.70 22.87
CA SER B 437 -38.52 -15.61 22.16
C SER B 437 -38.62 -15.44 20.64
N SER B 438 -37.59 -15.90 19.94
CA SER B 438 -37.55 -15.82 18.49
C SER B 438 -38.72 -16.61 17.89
N ASP B 439 -39.25 -16.15 16.77
CA ASP B 439 -40.36 -16.84 16.11
C ASP B 439 -39.93 -18.20 15.56
N MET B 440 -38.63 -18.37 15.35
CA MET B 440 -38.09 -19.62 14.83
C MET B 440 -37.88 -20.66 15.92
N LYS B 441 -38.01 -20.25 17.17
CA LYS B 441 -37.83 -21.14 18.31
C LYS B 441 -39.13 -21.90 18.61
N PRO B 442 -39.10 -23.25 18.51
CA PRO B 442 -40.32 -24.03 18.78
C PRO B 442 -40.88 -23.85 20.20
N LYS B 443 -42.20 -23.92 20.30
CA LYS B 443 -42.93 -23.74 21.54
C LYS B 443 -42.52 -24.68 22.67
N THR B 444 -41.94 -25.82 22.32
CA THR B 444 -41.52 -26.81 23.31
C THR B 444 -40.24 -26.47 24.08
N VAL B 445 -39.44 -25.55 23.56
CA VAL B 445 -38.22 -25.18 24.27
C VAL B 445 -38.60 -24.27 25.43
N ILE B 446 -38.32 -24.71 26.64
CA ILE B 446 -38.65 -23.93 27.83
C ILE B 446 -37.40 -23.74 28.67
N GLY B 447 -37.11 -22.49 29.00
CA GLY B 447 -35.92 -22.22 29.79
C GLY B 447 -34.65 -22.43 28.98
N ASP B 448 -34.64 -21.84 27.80
CA ASP B 448 -33.50 -21.93 26.90
C ASP B 448 -32.45 -20.92 27.38
N HIS B 449 -31.23 -21.06 26.89
CA HIS B 449 -30.15 -20.14 27.23
C HIS B 449 -30.62 -18.69 27.04
N GLY B 450 -30.45 -17.87 28.06
CA GLY B 450 -30.85 -16.48 27.97
C GLY B 450 -32.30 -16.13 28.30
N ASP B 451 -33.17 -17.13 28.43
CA ASP B 451 -34.58 -16.87 28.71
C ASP B 451 -34.88 -16.07 29.97
N GLU B 452 -34.00 -16.18 30.96
CA GLU B 452 -34.20 -15.46 32.21
C GLU B 452 -33.89 -13.96 32.07
N LEU B 453 -33.16 -13.61 31.02
CA LEU B 453 -32.81 -12.21 30.80
C LEU B 453 -34.01 -11.28 30.69
N PHE B 454 -35.07 -11.73 30.02
CA PHE B 454 -36.26 -10.90 29.87
C PHE B 454 -36.90 -10.52 31.21
N SER B 455 -36.83 -11.42 32.17
CA SER B 455 -37.41 -11.17 33.49
C SER B 455 -36.50 -10.26 34.29
N VAL B 456 -35.22 -10.64 34.39
CA VAL B 456 -34.24 -9.87 35.14
C VAL B 456 -34.23 -8.39 34.75
N PHE B 457 -34.30 -8.10 33.45
CA PHE B 457 -34.29 -6.71 33.02
C PHE B 457 -35.66 -6.09 32.76
N GLY B 458 -36.71 -6.76 33.22
CA GLY B 458 -38.05 -6.24 33.04
C GLY B 458 -38.47 -5.90 31.63
N ALA B 459 -38.25 -6.82 30.70
CA ALA B 459 -38.66 -6.61 29.32
C ALA B 459 -40.17 -6.38 29.27
N PRO B 460 -40.94 -7.09 30.12
CA PRO B 460 -42.40 -6.91 30.11
C PRO B 460 -42.86 -5.46 30.28
N PHE B 461 -42.01 -4.61 30.84
CA PHE B 461 -42.38 -3.21 31.05
C PHE B 461 -41.76 -2.28 30.02
N LEU B 462 -40.98 -2.84 29.10
CA LEU B 462 -40.35 -2.05 28.07
C LEU B 462 -40.86 -2.48 26.71
N LYS B 463 -41.08 -3.78 26.56
CA LYS B 463 -41.58 -4.31 25.31
C LYS B 463 -43.09 -4.35 25.36
N GLU B 464 -43.68 -4.58 24.20
CA GLU B 464 -45.11 -4.63 24.04
C GLU B 464 -45.55 -6.07 23.91
N GLY B 465 -46.70 -6.41 24.48
CA GLY B 465 -47.21 -7.76 24.35
C GLY B 465 -46.87 -8.83 25.35
N ALA B 466 -46.45 -8.46 26.55
CA ALA B 466 -46.13 -9.46 27.55
C ALA B 466 -47.44 -9.91 28.20
N SER B 467 -47.50 -11.18 28.62
CA SER B 467 -48.70 -11.71 29.29
C SER B 467 -48.66 -11.27 30.76
N GLU B 468 -49.82 -11.30 31.41
CA GLU B 468 -49.91 -10.91 32.81
C GLU B 468 -49.01 -11.81 33.66
N GLU B 469 -48.93 -13.09 33.28
CA GLU B 469 -48.09 -14.04 33.98
C GLU B 469 -46.63 -13.64 33.81
N GLU B 470 -46.28 -13.22 32.60
CA GLU B 470 -44.91 -12.79 32.28
C GLU B 470 -44.55 -11.55 33.08
N ILE B 471 -45.54 -10.69 33.32
CA ILE B 471 -45.33 -9.47 34.08
C ILE B 471 -45.09 -9.78 35.56
N ARG B 472 -45.91 -10.68 36.13
CA ARG B 472 -45.75 -11.04 37.54
C ARG B 472 -44.39 -11.70 37.76
N LEU B 473 -43.97 -12.51 36.79
CA LEU B 473 -42.69 -13.21 36.88
C LEU B 473 -41.52 -12.22 36.90
N SER B 474 -41.57 -11.21 36.05
CA SER B 474 -40.49 -10.24 36.01
C SER B 474 -40.42 -9.41 37.30
N LYS B 475 -41.58 -9.04 37.83
CA LYS B 475 -41.61 -8.26 39.07
C LYS B 475 -40.97 -9.06 40.21
N MET B 476 -41.30 -10.34 40.30
CA MET B 476 -40.74 -11.23 41.33
C MET B 476 -39.22 -11.39 41.19
N VAL B 477 -38.76 -11.69 39.98
CA VAL B 477 -37.33 -11.87 39.72
C VAL B 477 -36.48 -10.61 40.00
N MET B 478 -36.94 -9.46 39.51
CA MET B 478 -36.20 -8.23 39.73
C MET B 478 -36.07 -7.96 41.22
N LYS B 479 -37.14 -8.24 41.98
CA LYS B 479 -37.11 -8.01 43.42
C LYS B 479 -36.14 -8.98 44.10
N PHE B 480 -36.07 -10.22 43.63
CA PHE B 480 -35.15 -11.20 44.19
C PHE B 480 -33.72 -10.71 43.98
N TRP B 481 -33.44 -10.29 42.75
CA TRP B 481 -32.12 -9.80 42.39
C TRP B 481 -31.75 -8.53 43.17
N ALA B 482 -32.69 -7.61 43.31
CA ALA B 482 -32.44 -6.37 44.03
C ALA B 482 -32.30 -6.61 45.53
N ASN B 483 -33.11 -7.51 46.07
CA ASN B 483 -33.02 -7.83 47.48
C ASN B 483 -31.63 -8.40 47.72
N PHE B 484 -31.15 -9.17 46.75
CA PHE B 484 -29.83 -9.77 46.86
C PHE B 484 -28.75 -8.71 46.75
N ALA B 485 -28.99 -7.68 45.95
CA ALA B 485 -28.02 -6.60 45.79
C ALA B 485 -27.83 -5.81 47.08
N ARG B 486 -28.90 -5.60 47.84
CA ARG B 486 -28.77 -4.85 49.08
C ARG B 486 -28.50 -5.66 50.34
N ASN B 487 -28.92 -6.92 50.36
CA ASN B 487 -28.71 -7.73 51.56
C ASN B 487 -27.82 -8.95 51.40
N GLY B 488 -27.53 -9.33 50.15
CA GLY B 488 -26.72 -10.52 49.94
C GLY B 488 -27.58 -11.73 50.26
N ASN B 489 -28.89 -11.50 50.21
CA ASN B 489 -29.90 -12.51 50.49
C ASN B 489 -31.10 -12.08 49.64
N PRO B 490 -31.59 -12.96 48.75
CA PRO B 490 -32.73 -12.63 47.88
C PRO B 490 -34.11 -12.52 48.53
N ASN B 491 -34.30 -13.20 49.65
CA ASN B 491 -35.59 -13.19 50.34
C ASN B 491 -36.14 -11.83 50.76
N GLY B 492 -37.47 -11.74 50.75
CA GLY B 492 -38.14 -10.52 51.12
C GLY B 492 -39.64 -10.77 51.20
N GLU B 493 -40.37 -9.84 51.78
CA GLU B 493 -41.81 -9.99 51.93
C GLU B 493 -42.50 -10.08 50.57
N GLY B 494 -43.56 -10.88 50.51
CA GLY B 494 -44.31 -11.04 49.28
C GLY B 494 -43.67 -11.97 48.25
N LEU B 495 -42.54 -12.59 48.61
CA LEU B 495 -41.86 -13.48 47.68
C LEU B 495 -41.76 -14.91 48.24
N PRO B 496 -41.81 -15.93 47.37
CA PRO B 496 -41.71 -17.28 47.92
C PRO B 496 -40.33 -17.48 48.55
N HIS B 497 -40.26 -18.31 49.58
CA HIS B 497 -39.00 -18.54 50.28
C HIS B 497 -37.93 -19.18 49.41
N TRP B 498 -36.75 -18.57 49.42
CA TRP B 498 -35.62 -19.07 48.65
C TRP B 498 -34.59 -19.53 49.68
N PRO B 499 -34.42 -20.85 49.85
CA PRO B 499 -33.45 -21.36 50.82
C PRO B 499 -32.02 -21.10 50.41
N GLU B 500 -31.15 -20.92 51.40
CA GLU B 500 -29.75 -20.70 51.11
C GLU B 500 -29.17 -22.05 50.67
N TYR B 501 -28.16 -22.00 49.81
CA TYR B 501 -27.54 -23.23 49.31
C TYR B 501 -26.55 -23.78 50.34
N ASN B 502 -27.07 -24.54 51.29
CA ASN B 502 -26.23 -25.13 52.33
C ASN B 502 -26.08 -26.64 52.11
N GLN B 503 -25.84 -27.37 53.19
CA GLN B 503 -25.65 -28.82 53.09
C GLN B 503 -26.87 -29.55 52.55
N LYS B 504 -28.05 -28.93 52.65
CA LYS B 504 -29.27 -29.53 52.15
C LYS B 504 -29.35 -29.24 50.65
N GLU B 505 -28.48 -28.33 50.21
CA GLU B 505 -28.43 -27.93 48.80
C GLU B 505 -29.79 -27.53 48.26
N GLY B 506 -30.45 -26.63 48.97
CA GLY B 506 -31.75 -26.16 48.52
C GLY B 506 -31.57 -25.14 47.41
N TYR B 507 -32.54 -25.02 46.53
CA TYR B 507 -32.46 -24.06 45.44
C TYR B 507 -33.86 -23.68 44.97
N LEU B 508 -33.97 -22.56 44.29
CA LEU B 508 -35.26 -22.11 43.82
C LEU B 508 -35.56 -22.50 42.37
N GLN B 509 -36.75 -23.02 42.14
CA GLN B 509 -37.17 -23.37 40.80
C GLN B 509 -38.05 -22.20 40.39
N ILE B 510 -37.52 -21.35 39.52
CA ILE B 510 -38.23 -20.17 39.06
C ILE B 510 -38.95 -20.40 37.74
N GLY B 511 -40.24 -20.06 37.71
CA GLY B 511 -41.04 -20.24 36.52
C GLY B 511 -42.50 -19.88 36.81
N ALA B 512 -43.42 -20.38 35.98
CA ALA B 512 -44.84 -20.12 36.20
C ALA B 512 -45.16 -20.39 37.66
N ASN B 513 -44.62 -21.48 38.18
CA ASN B 513 -44.80 -21.87 39.57
C ASN B 513 -43.41 -21.90 40.19
N THR B 514 -43.20 -21.01 41.16
CA THR B 514 -41.92 -20.90 41.82
C THR B 514 -41.95 -21.50 43.22
N GLN B 515 -41.04 -22.42 43.48
CA GLN B 515 -40.94 -23.06 44.78
C GLN B 515 -39.54 -23.61 45.01
N ALA B 516 -39.20 -23.82 46.28
CA ALA B 516 -37.89 -24.34 46.64
C ALA B 516 -37.81 -25.85 46.41
N ALA B 517 -36.60 -26.33 46.14
CA ALA B 517 -36.35 -27.75 45.92
C ALA B 517 -34.94 -28.05 46.43
N GLN B 518 -34.52 -29.32 46.33
CA GLN B 518 -33.20 -29.70 46.82
C GLN B 518 -32.40 -30.57 45.87
N LYS B 519 -31.08 -30.54 46.08
CA LYS B 519 -30.16 -31.36 45.29
C LYS B 519 -30.22 -31.13 43.78
N LEU B 520 -29.80 -29.96 43.33
CA LEU B 520 -29.80 -29.66 41.90
C LEU B 520 -28.66 -30.36 41.17
N LYS B 521 -28.99 -31.18 40.18
CA LYS B 521 -28.00 -31.90 39.38
C LYS B 521 -27.08 -32.81 40.19
N ASP B 522 -27.53 -33.24 41.36
CA ASP B 522 -26.72 -34.10 42.23
C ASP B 522 -26.16 -35.35 41.53
N LYS B 523 -27.02 -36.15 40.92
CA LYS B 523 -26.57 -37.36 40.24
C LYS B 523 -25.66 -37.05 39.07
N GLU B 524 -25.91 -35.93 38.38
CA GLU B 524 -25.11 -35.54 37.24
C GLU B 524 -23.69 -35.18 37.68
N VAL B 525 -23.57 -34.41 38.76
CA VAL B 525 -22.26 -34.02 39.26
C VAL B 525 -21.42 -35.24 39.61
N ALA B 526 -22.02 -36.18 40.33
CA ALA B 526 -21.32 -37.39 40.73
C ALA B 526 -20.84 -38.15 39.49
N PHE B 527 -21.75 -38.42 38.56
CA PHE B 527 -21.41 -39.13 37.35
C PHE B 527 -20.25 -38.52 36.58
N TRP B 528 -20.37 -37.23 36.25
CA TRP B 528 -19.34 -36.55 35.49
C TRP B 528 -18.00 -36.44 36.20
N THR B 529 -18.03 -36.15 37.48
CA THR B 529 -16.80 -36.03 38.24
C THR B 529 -16.04 -37.36 38.13
N ASN B 530 -16.77 -38.46 38.27
CA ASN B 530 -16.17 -39.78 38.19
C ASN B 530 -15.71 -40.11 36.77
N LEU B 531 -16.47 -39.69 35.77
CA LEU B 531 -16.11 -39.96 34.39
C LEU B 531 -14.84 -39.21 33.98
N PHE B 532 -14.76 -37.94 34.37
CA PHE B 532 -13.61 -37.10 34.05
C PHE B 532 -12.35 -37.44 34.83
N ALA B 533 -12.48 -38.32 35.82
CA ALA B 533 -11.32 -38.71 36.63
C ALA B 533 -10.57 -39.85 35.95
N LYS B 534 -11.17 -40.44 34.93
CA LYS B 534 -10.56 -41.56 34.20
C LYS B 534 -9.55 -41.07 33.17
N SER C 4 36.30 35.11 16.43
CA SER C 4 35.69 33.87 15.86
C SER C 4 34.19 33.80 16.20
N PRO C 5 33.46 32.90 15.54
CA PRO C 5 32.01 32.72 15.74
C PRO C 5 31.52 32.75 17.20
N PRO C 6 30.31 33.29 17.42
CA PRO C 6 29.71 33.39 18.75
C PRO C 6 29.22 32.01 19.20
N VAL C 7 29.61 31.61 20.40
CA VAL C 7 29.20 30.33 20.96
C VAL C 7 28.53 30.59 22.30
N VAL C 8 27.26 30.19 22.42
CA VAL C 8 26.51 30.42 23.65
C VAL C 8 26.11 29.12 24.34
N ASP C 9 26.11 29.15 25.66
CA ASP C 9 25.72 27.98 26.44
C ASP C 9 24.26 28.11 26.84
N THR C 10 23.42 27.16 26.41
CA THR C 10 22.01 27.18 26.76
C THR C 10 21.72 25.97 27.64
N VAL C 11 20.58 25.98 28.31
CA VAL C 11 20.22 24.86 29.19
C VAL C 11 20.46 23.50 28.53
N HIS C 12 19.96 23.33 27.31
CA HIS C 12 20.09 22.07 26.60
C HIS C 12 21.42 21.83 25.88
N GLY C 13 22.30 22.82 25.88
CA GLY C 13 23.58 22.65 25.22
C GLY C 13 24.13 23.89 24.52
N LYS C 14 25.31 23.74 23.91
CA LYS C 14 25.98 24.85 23.23
C LYS C 14 25.50 25.07 21.80
N VAL C 15 25.37 26.34 21.42
CA VAL C 15 24.95 26.70 20.08
C VAL C 15 25.93 27.70 19.46
N LEU C 16 26.22 27.47 18.18
CA LEU C 16 27.14 28.29 17.43
C LEU C 16 26.36 29.19 16.46
N GLY C 17 26.58 30.50 16.54
CA GLY C 17 25.90 31.41 15.66
C GLY C 17 26.90 32.08 14.73
N LYS C 18 26.59 33.29 14.28
CA LYS C 18 27.49 34.02 13.40
C LYS C 18 27.35 35.53 13.65
N PHE C 19 28.42 36.26 13.39
CA PHE C 19 28.43 37.71 13.57
C PHE C 19 28.08 38.35 12.25
N VAL C 20 27.26 39.39 12.31
CA VAL C 20 26.87 40.11 11.10
C VAL C 20 26.95 41.59 11.40
N SER C 21 27.79 42.29 10.64
CA SER C 21 27.95 43.73 10.83
C SER C 21 26.98 44.53 9.99
N LEU C 22 26.53 45.63 10.55
CA LEU C 22 25.61 46.52 9.86
C LEU C 22 26.37 47.82 9.60
N GLU C 23 26.33 48.31 8.35
CA GLU C 23 27.03 49.53 8.00
C GLU C 23 26.88 50.63 9.03
N GLY C 24 28.00 51.18 9.47
CA GLY C 24 27.96 52.25 10.46
C GLY C 24 27.83 51.80 11.90
N PHE C 25 27.86 50.49 12.14
CA PHE C 25 27.76 49.99 13.50
C PHE C 25 29.06 49.29 13.91
N ALA C 26 29.65 49.78 15.00
CA ALA C 26 30.90 49.23 15.51
C ALA C 26 30.75 47.78 15.97
N GLN C 27 29.85 47.55 16.92
CA GLN C 27 29.60 46.21 17.44
C GLN C 27 28.71 45.40 16.49
N PRO C 28 29.14 44.18 16.14
CA PRO C 28 28.37 43.30 15.25
C PRO C 28 27.18 42.66 15.97
N VAL C 29 26.17 42.23 15.22
CA VAL C 29 25.02 41.55 15.83
C VAL C 29 25.23 40.03 15.73
N ALA C 30 25.02 39.33 16.84
CA ALA C 30 25.17 37.87 16.84
C ALA C 30 23.83 37.27 16.42
N ILE C 31 23.88 36.40 15.41
CA ILE C 31 22.67 35.78 14.90
C ILE C 31 22.66 34.26 15.07
N PHE C 32 21.57 33.73 15.61
CA PHE C 32 21.40 32.30 15.83
C PHE C 32 20.12 31.85 15.13
N LEU C 33 20.28 30.98 14.14
CA LEU C 33 19.14 30.49 13.36
C LEU C 33 18.81 29.03 13.63
N GLY C 34 17.52 28.76 13.79
CA GLY C 34 17.06 27.40 14.02
C GLY C 34 17.40 26.73 15.33
N ILE C 35 17.13 27.39 16.46
CA ILE C 35 17.38 26.79 17.76
C ILE C 35 16.08 26.08 18.13
N PRO C 36 16.14 24.79 18.49
CA PRO C 36 14.91 24.08 18.85
C PRO C 36 14.48 24.45 20.26
N PHE C 37 13.20 24.75 20.43
CA PHE C 37 12.68 25.10 21.74
C PHE C 37 11.69 24.04 22.21
N ALA C 38 11.58 22.97 21.44
CA ALA C 38 10.68 21.86 21.77
C ALA C 38 11.04 20.63 20.97
N LYS C 39 10.50 19.49 21.38
CA LYS C 39 10.72 18.24 20.69
C LYS C 39 9.86 18.22 19.43
N PRO C 40 10.42 17.78 18.29
CA PRO C 40 9.67 17.72 17.04
C PRO C 40 8.32 17.03 17.24
N PRO C 41 7.22 17.70 16.87
CA PRO C 41 5.87 17.14 17.02
C PRO C 41 5.55 16.07 15.97
N LEU C 42 6.34 14.99 15.96
CA LEU C 42 6.17 13.93 15.00
C LEU C 42 5.50 12.68 15.56
N GLY C 43 5.00 11.85 14.65
CA GLY C 43 4.34 10.61 15.04
C GLY C 43 3.25 10.79 16.07
N PRO C 44 3.38 10.15 17.23
CA PRO C 44 2.36 10.27 18.28
C PRO C 44 2.27 11.66 18.91
N LEU C 45 3.23 12.53 18.60
CA LEU C 45 3.21 13.88 19.17
C LEU C 45 2.37 14.85 18.38
N ARG C 46 1.84 14.39 17.24
CA ARG C 46 0.98 15.23 16.41
C ARG C 46 -0.32 15.41 17.21
N PHE C 47 -0.88 16.62 17.18
CA PHE C 47 -2.10 16.94 17.91
C PHE C 47 -1.95 16.81 19.43
N THR C 48 -0.75 17.03 19.97
CA THR C 48 -0.54 16.99 21.41
C THR C 48 0.30 18.21 21.78
N PRO C 49 0.30 18.58 23.07
CA PRO C 49 1.09 19.75 23.50
C PRO C 49 2.59 19.57 23.25
N PRO C 50 3.31 20.69 23.04
CA PRO C 50 4.75 20.57 22.80
C PRO C 50 5.48 20.07 24.03
N GLN C 51 6.56 19.32 23.81
CA GLN C 51 7.36 18.79 24.90
C GLN C 51 8.74 19.42 24.84
N PRO C 52 9.44 19.49 25.98
CA PRO C 52 10.78 20.08 26.02
C PRO C 52 11.75 19.38 25.08
N ALA C 53 12.64 20.16 24.47
CA ALA C 53 13.62 19.62 23.54
C ALA C 53 14.66 18.79 24.28
N GLU C 54 15.20 17.77 23.61
CA GLU C 54 16.22 16.91 24.20
C GLU C 54 17.58 17.61 24.15
N PRO C 55 18.41 17.41 25.17
CA PRO C 55 19.73 18.04 25.18
C PRO C 55 20.70 17.41 24.18
N TRP C 56 21.68 18.19 23.72
CA TRP C 56 22.67 17.68 22.78
C TRP C 56 24.05 17.77 23.42
N SER C 57 24.97 16.94 22.96
CA SER C 57 26.31 16.86 23.54
C SER C 57 27.41 17.86 23.21
N PHE C 58 27.53 18.27 21.96
CA PHE C 58 28.62 19.21 21.65
C PHE C 58 28.10 20.59 21.30
N VAL C 59 28.59 21.14 20.20
CA VAL C 59 28.13 22.46 19.79
C VAL C 59 27.19 22.29 18.60
N LYS C 60 25.95 22.77 18.73
CA LYS C 60 24.98 22.68 17.65
C LYS C 60 25.17 23.90 16.76
N ASN C 61 25.38 23.62 15.46
CA ASN C 61 25.58 24.65 14.45
C ASN C 61 24.21 25.27 14.16
N ALA C 62 24.01 26.53 14.55
CA ALA C 62 22.73 27.19 14.32
C ALA C 62 22.93 28.34 13.35
N THR C 63 23.33 28.02 12.12
CA THR C 63 23.60 29.05 11.12
C THR C 63 22.84 28.89 9.82
N SER C 64 21.89 27.96 9.77
CA SER C 64 21.08 27.78 8.58
C SER C 64 19.62 27.90 8.98
N TYR C 65 18.81 28.48 8.10
CA TYR C 65 17.40 28.68 8.36
C TYR C 65 16.65 27.39 8.55
N PRO C 66 15.77 27.33 9.55
CA PRO C 66 14.98 26.13 9.82
C PRO C 66 13.81 26.07 8.84
N PRO C 67 13.21 24.89 8.69
CA PRO C 67 12.07 24.78 7.78
C PRO C 67 10.85 25.48 8.37
N MET C 68 9.84 25.72 7.54
CA MET C 68 8.61 26.34 8.03
C MET C 68 7.63 25.19 8.19
N CYS C 69 6.71 25.31 9.13
CA CYS C 69 5.73 24.25 9.35
C CYS C 69 4.95 23.94 8.08
N THR C 70 4.65 22.66 7.87
CA THR C 70 3.90 22.26 6.68
C THR C 70 2.76 23.24 6.45
N GLN C 71 2.59 23.62 5.19
CA GLN C 71 1.56 24.58 4.78
C GLN C 71 1.59 24.61 3.25
N ASP C 72 0.59 25.25 2.65
CA ASP C 72 0.52 25.37 1.19
C ASP C 72 1.83 26.03 0.77
N PRO C 73 2.70 25.29 0.08
CA PRO C 73 3.98 25.87 -0.34
C PRO C 73 3.88 27.09 -1.26
N LYS C 74 2.90 27.10 -2.15
CA LYS C 74 2.74 28.23 -3.06
C LYS C 74 2.32 29.47 -2.29
N ALA C 75 1.36 29.31 -1.38
CA ALA C 75 0.85 30.42 -0.57
C ALA C 75 1.89 30.94 0.43
N GLY C 76 2.58 30.03 1.11
CA GLY C 76 3.59 30.45 2.07
C GLY C 76 4.74 31.23 1.47
N GLN C 77 5.19 30.79 0.30
CA GLN C 77 6.28 31.47 -0.37
C GLN C 77 5.86 32.86 -0.85
N LEU C 78 4.66 32.95 -1.39
CA LEU C 78 4.17 34.25 -1.88
C LEU C 78 4.12 35.22 -0.71
N LEU C 79 3.51 34.79 0.39
CA LEU C 79 3.40 35.62 1.57
C LEU C 79 4.77 36.05 2.10
N SER C 80 5.70 35.11 2.18
CA SER C 80 7.03 35.43 2.69
C SER C 80 7.66 36.51 1.81
N GLU C 81 7.50 36.38 0.50
CA GLU C 81 8.04 37.34 -0.47
C GLU C 81 7.43 38.73 -0.33
N LEU C 82 6.16 38.78 0.03
CA LEU C 82 5.48 40.04 0.19
C LEU C 82 5.81 40.74 1.51
N PHE C 83 6.12 39.96 2.54
CA PHE C 83 6.40 40.51 3.86
C PHE C 83 7.86 40.59 4.30
N THR C 84 8.75 39.80 3.70
CA THR C 84 10.13 39.85 4.15
C THR C 84 10.73 41.24 4.06
N ASN C 85 11.63 41.54 4.99
CA ASN C 85 12.30 42.82 5.03
C ASN C 85 13.73 42.70 4.51
N ARG C 86 14.11 41.51 4.04
CA ARG C 86 15.45 41.27 3.51
C ARG C 86 15.53 41.73 2.06
N LYS C 87 16.75 41.83 1.53
CA LYS C 87 16.95 42.25 0.16
C LYS C 87 16.39 41.17 -0.79
N GLU C 88 16.62 39.91 -0.45
CA GLU C 88 16.14 38.80 -1.25
C GLU C 88 15.41 37.79 -0.39
N ASN C 89 14.27 37.31 -0.87
CA ASN C 89 13.49 36.34 -0.10
C ASN C 89 14.16 34.98 -0.10
N ILE C 90 14.26 34.38 1.08
CA ILE C 90 14.87 33.09 1.26
C ILE C 90 13.92 31.93 1.02
N PRO C 91 14.30 31.00 0.13
CA PRO C 91 13.41 29.87 -0.13
C PRO C 91 13.46 29.00 1.12
N LEU C 92 12.29 28.60 1.61
CA LEU C 92 12.26 27.77 2.80
C LEU C 92 11.71 26.39 2.49
N LYS C 93 12.15 25.42 3.29
CA LYS C 93 11.72 24.03 3.15
C LYS C 93 10.53 23.82 4.07
N LEU C 94 9.69 22.84 3.76
CA LEU C 94 8.53 22.51 4.59
C LEU C 94 8.84 21.28 5.43
N SER C 95 8.31 21.25 6.64
CA SER C 95 8.49 20.13 7.54
C SER C 95 7.61 20.22 8.77
N GLU C 96 7.23 19.06 9.30
CA GLU C 96 6.44 19.03 10.51
C GLU C 96 7.40 19.35 11.67
N ASP C 97 8.70 19.16 11.41
CA ASP C 97 9.75 19.45 12.38
C ASP C 97 10.06 20.92 12.16
N CYS C 98 9.28 21.79 12.80
CA CYS C 98 9.44 23.21 12.60
C CYS C 98 9.45 24.05 13.87
N LEU C 99 9.48 23.41 15.05
CA LEU C 99 9.47 24.18 16.28
C LEU C 99 10.84 24.76 16.59
N TYR C 100 11.17 25.83 15.89
CA TYR C 100 12.43 26.51 16.08
C TYR C 100 12.21 28.00 16.25
N LEU C 101 13.27 28.70 16.66
CA LEU C 101 13.23 30.15 16.83
C LEU C 101 14.59 30.72 16.42
N ASN C 102 14.58 31.96 15.93
CA ASN C 102 15.79 32.64 15.51
C ASN C 102 16.06 33.80 16.47
N ILE C 103 17.33 34.03 16.78
CA ILE C 103 17.70 35.08 17.71
C ILE C 103 18.66 36.10 17.10
N TYR C 104 18.42 37.37 17.40
CA TYR C 104 19.27 38.46 16.93
C TYR C 104 19.57 39.31 18.15
N THR C 105 20.79 39.18 18.66
CA THR C 105 21.21 39.94 19.84
C THR C 105 22.37 40.87 19.51
N PRO C 106 22.22 42.17 19.84
CA PRO C 106 23.24 43.19 19.60
C PRO C 106 24.20 43.27 20.78
N ALA C 107 23.91 42.53 21.85
CA ALA C 107 24.73 42.53 23.05
C ALA C 107 26.14 41.99 22.87
N ASP C 108 27.02 42.37 23.79
CA ASP C 108 28.39 41.90 23.78
C ASP C 108 28.34 40.66 24.66
N LEU C 109 28.26 39.50 24.04
CA LEU C 109 28.14 38.24 24.75
C LEU C 109 29.29 37.92 25.71
N THR C 110 30.45 38.55 25.52
CA THR C 110 31.59 38.30 26.39
C THR C 110 31.40 38.97 27.76
N LYS C 111 30.34 39.76 27.89
CA LYS C 111 30.04 40.43 29.15
C LYS C 111 28.71 39.93 29.69
N LYS C 112 28.09 40.74 30.53
CA LYS C 112 26.80 40.41 31.12
C LYS C 112 25.84 41.52 30.69
N ASN C 113 24.79 41.16 29.96
CA ASN C 113 23.83 42.16 29.52
C ASN C 113 22.41 41.75 29.88
N ARG C 114 21.54 42.75 29.98
CA ARG C 114 20.14 42.54 30.31
C ARG C 114 19.35 43.46 29.40
N LEU C 115 19.46 43.23 28.09
CA LEU C 115 18.73 44.04 27.13
C LEU C 115 17.29 43.58 27.04
N PRO C 116 16.37 44.50 26.66
CA PRO C 116 14.97 44.09 26.54
C PRO C 116 14.83 43.08 25.41
N VAL C 117 13.83 42.20 25.53
CA VAL C 117 13.60 41.17 24.54
C VAL C 117 12.28 41.37 23.83
N MET C 118 12.28 41.25 22.51
CA MET C 118 11.06 41.37 21.73
C MET C 118 10.87 40.07 20.96
N VAL C 119 9.77 39.37 21.27
CA VAL C 119 9.44 38.10 20.64
C VAL C 119 8.36 38.30 19.57
N TRP C 120 8.72 38.00 18.33
CA TRP C 120 7.82 38.17 17.19
C TRP C 120 7.04 36.94 16.83
N ILE C 121 5.72 37.10 16.69
CA ILE C 121 4.84 36.01 16.31
C ILE C 121 4.27 36.37 14.94
N HIS C 122 4.77 35.72 13.90
CA HIS C 122 4.34 36.00 12.53
C HIS C 122 2.87 35.73 12.26
N GLY C 123 2.36 36.33 11.19
CA GLY C 123 0.98 36.13 10.82
C GLY C 123 0.88 35.18 9.64
N GLY C 124 -0.33 35.02 9.13
CA GLY C 124 -0.55 34.12 8.00
C GLY C 124 -1.80 33.30 8.22
N GLY C 125 -2.77 33.90 8.91
CA GLY C 125 -4.05 33.26 9.17
C GLY C 125 -3.96 31.95 9.93
N LEU C 126 -2.82 31.71 10.58
CA LEU C 126 -2.62 30.47 11.32
C LEU C 126 -2.58 29.28 10.38
N MET C 127 -2.41 29.55 9.08
CA MET C 127 -2.36 28.50 8.07
C MET C 127 -1.03 28.49 7.33
N VAL C 128 -0.40 29.65 7.24
CA VAL C 128 0.89 29.78 6.57
C VAL C 128 1.76 30.76 7.32
N GLY C 129 2.99 30.95 6.85
CA GLY C 129 3.91 31.88 7.49
C GLY C 129 5.19 31.21 7.97
N ALA C 130 6.15 32.02 8.38
CA ALA C 130 7.44 31.53 8.86
C ALA C 130 8.17 32.62 9.62
N ALA C 131 9.01 32.24 10.56
CA ALA C 131 9.79 33.21 11.33
C ALA C 131 10.93 33.78 10.51
N SER C 132 11.53 32.92 9.69
CA SER C 132 12.66 33.32 8.85
C SER C 132 12.39 34.45 7.87
N THR C 133 11.11 34.73 7.62
CA THR C 133 10.71 35.80 6.71
C THR C 133 11.16 37.15 7.28
N TYR C 134 11.25 37.21 8.61
CA TYR C 134 11.59 38.44 9.30
C TYR C 134 13.00 38.50 9.87
N ASP C 135 13.79 39.42 9.33
CA ASP C 135 15.16 39.61 9.75
C ASP C 135 15.22 40.64 10.87
N GLY C 136 15.73 40.25 12.03
CA GLY C 136 15.81 41.16 13.15
C GLY C 136 17.09 41.96 13.32
N LEU C 137 18.00 41.84 12.35
CA LEU C 137 19.29 42.54 12.40
C LEU C 137 19.13 44.04 12.66
N ALA C 138 18.32 44.72 11.83
CA ALA C 138 18.09 46.16 11.94
C ALA C 138 17.51 46.61 13.27
N LEU C 139 16.38 46.02 13.65
CA LEU C 139 15.73 46.39 14.91
C LEU C 139 16.67 46.19 16.08
N ALA C 140 17.38 45.07 16.09
CA ALA C 140 18.31 44.75 17.16
C ALA C 140 19.41 45.78 17.29
N ALA C 141 20.07 46.08 16.18
CA ALA C 141 21.17 47.03 16.17
C ALA C 141 20.75 48.48 16.44
N HIS C 142 19.71 48.96 15.77
CA HIS C 142 19.25 50.34 15.95
C HIS C 142 18.69 50.65 17.33
N GLU C 143 17.98 49.69 17.93
CA GLU C 143 17.39 49.94 19.23
C GLU C 143 18.02 49.20 20.40
N ASN C 144 19.05 48.41 20.13
CA ASN C 144 19.74 47.68 21.19
C ASN C 144 18.78 46.79 22.00
N VAL C 145 18.06 45.91 21.31
CA VAL C 145 17.14 44.98 21.95
C VAL C 145 17.41 43.59 21.36
N VAL C 146 17.04 42.55 22.10
CA VAL C 146 17.23 41.20 21.60
C VAL C 146 15.94 40.83 20.88
N VAL C 147 16.06 40.50 19.61
CA VAL C 147 14.90 40.13 18.82
C VAL C 147 14.87 38.62 18.65
N VAL C 148 13.69 38.05 18.90
CA VAL C 148 13.48 36.61 18.79
C VAL C 148 12.28 36.33 17.89
N THR C 149 12.48 35.58 16.81
CA THR C 149 11.37 35.23 15.92
C THR C 149 11.03 33.75 16.12
N ILE C 150 9.78 33.46 16.42
CA ILE C 150 9.37 32.08 16.68
C ILE C 150 8.44 31.45 15.65
N GLN C 151 8.39 30.12 15.66
CA GLN C 151 7.49 29.39 14.78
C GLN C 151 6.56 28.57 15.65
N TYR C 152 5.46 28.13 15.07
CA TYR C 152 4.46 27.34 15.80
C TYR C 152 3.67 26.54 14.78
N ARG C 153 3.14 25.40 15.19
CA ARG C 153 2.38 24.56 14.27
C ARG C 153 1.23 25.32 13.61
N LEU C 154 1.00 25.06 12.33
CA LEU C 154 -0.02 25.74 11.55
C LEU C 154 -1.08 24.81 10.98
N GLY C 155 -2.16 25.41 10.49
CA GLY C 155 -3.25 24.65 9.92
C GLY C 155 -3.71 23.46 10.73
N ILE C 156 -3.90 22.34 10.05
CA ILE C 156 -4.34 21.11 10.69
C ILE C 156 -3.42 20.67 11.82
N TRP C 157 -2.11 20.72 11.56
CA TRP C 157 -1.13 20.31 12.56
C TRP C 157 -1.23 21.19 13.80
N GLY C 158 -1.50 22.46 13.60
CA GLY C 158 -1.56 23.36 14.74
C GLY C 158 -2.91 23.60 15.38
N PHE C 159 -4.00 23.37 14.65
CA PHE C 159 -5.30 23.71 15.23
C PHE C 159 -6.43 22.71 15.08
N PHE C 160 -6.13 21.47 14.71
CA PHE C 160 -7.18 20.48 14.57
C PHE C 160 -7.80 20.24 15.96
N SER C 161 -9.12 20.34 16.03
CA SER C 161 -9.82 20.16 17.29
C SER C 161 -11.09 19.33 17.12
N THR C 162 -11.29 18.37 18.03
CA THR C 162 -12.46 17.53 18.00
C THR C 162 -13.50 18.11 18.96
N GLY C 163 -13.11 19.15 19.68
CA GLY C 163 -14.03 19.76 20.63
C GLY C 163 -14.02 19.10 21.99
N ASP C 164 -13.17 18.09 22.17
CA ASP C 164 -13.09 17.39 23.45
C ASP C 164 -11.66 17.00 23.83
N GLU C 165 -11.51 16.16 24.86
CA GLU C 165 -10.17 15.79 25.34
C GLU C 165 -9.29 14.99 24.40
N HIS C 166 -9.88 14.39 23.37
CA HIS C 166 -9.09 13.60 22.43
C HIS C 166 -8.28 14.47 21.47
N SER C 167 -8.59 15.77 21.45
CA SER C 167 -7.88 16.75 20.62
C SER C 167 -8.47 18.12 20.89
N ARG C 168 -8.05 18.72 22.00
CA ARG C 168 -8.54 20.02 22.41
C ARG C 168 -8.30 21.10 21.37
N GLY C 169 -7.13 21.07 20.74
CA GLY C 169 -6.80 22.06 19.74
C GLY C 169 -5.81 23.08 20.28
N ASN C 170 -5.63 24.17 19.54
CA ASN C 170 -4.72 25.24 19.94
C ASN C 170 -3.28 24.81 20.15
N TRP C 171 -2.84 23.78 19.43
CA TRP C 171 -1.47 23.30 19.58
C TRP C 171 -0.46 24.40 19.21
N GLY C 172 -0.81 25.19 18.20
CA GLY C 172 0.06 26.28 17.76
C GLY C 172 0.24 27.35 18.83
N HIS C 173 -0.79 27.61 19.61
CA HIS C 173 -0.69 28.61 20.68
C HIS C 173 0.13 28.05 21.84
N LEU C 174 -0.02 26.75 22.10
CA LEU C 174 0.74 26.11 23.16
C LEU C 174 2.22 26.12 22.74
N ASP C 175 2.47 26.05 21.43
CA ASP C 175 3.84 26.11 20.91
C ASP C 175 4.39 27.51 21.20
N GLN C 176 3.52 28.51 21.11
CA GLN C 176 3.90 29.90 21.36
C GLN C 176 4.27 30.05 22.86
N VAL C 177 3.49 29.39 23.72
CA VAL C 177 3.75 29.44 25.15
C VAL C 177 5.08 28.73 25.43
N ALA C 178 5.30 27.59 24.77
CA ALA C 178 6.55 26.85 24.97
C ALA C 178 7.77 27.71 24.61
N ALA C 179 7.68 28.47 23.53
CA ALA C 179 8.80 29.32 23.11
C ALA C 179 9.04 30.45 24.12
N LEU C 180 7.96 30.99 24.68
CA LEU C 180 8.10 32.06 25.67
C LEU C 180 8.72 31.49 26.95
N ARG C 181 8.44 30.21 27.22
CA ARG C 181 9.00 29.54 28.38
C ARG C 181 10.49 29.31 28.13
N TRP C 182 10.84 28.96 26.90
CA TRP C 182 12.25 28.76 26.55
C TRP C 182 13.01 30.08 26.71
N VAL C 183 12.38 31.18 26.30
CA VAL C 183 13.02 32.49 26.40
C VAL C 183 13.33 32.81 27.86
N GLN C 184 12.39 32.50 28.75
CA GLN C 184 12.58 32.74 30.18
C GLN C 184 13.77 31.96 30.73
N ASP C 185 13.95 30.73 30.26
CA ASP C 185 15.04 29.90 30.75
C ASP C 185 16.40 30.13 30.09
N ASN C 186 16.40 30.68 28.88
CA ASN C 186 17.65 30.85 28.16
C ASN C 186 18.10 32.22 27.67
N ILE C 187 17.16 33.14 27.47
CA ILE C 187 17.54 34.44 26.92
C ILE C 187 18.69 35.21 27.60
N ALA C 188 18.81 35.08 28.91
CA ALA C 188 19.88 35.77 29.64
C ALA C 188 21.24 35.41 29.02
N SER C 189 21.35 34.17 28.55
CA SER C 189 22.58 33.68 27.94
C SER C 189 22.87 34.43 26.64
N PHE C 190 21.84 35.04 26.07
CA PHE C 190 22.02 35.78 24.82
C PHE C 190 22.05 37.28 25.04
N GLY C 191 22.22 37.68 26.31
CA GLY C 191 22.27 39.09 26.65
C GLY C 191 20.89 39.68 26.85
N GLY C 192 19.88 38.83 26.90
CA GLY C 192 18.52 39.30 27.08
C GLY C 192 18.09 39.27 28.53
N ASN C 193 17.09 40.08 28.85
CA ASN C 193 16.56 40.14 30.19
C ASN C 193 15.20 39.44 30.26
N PRO C 194 15.15 38.25 30.88
CA PRO C 194 13.88 37.52 30.98
C PRO C 194 12.84 38.27 31.78
N GLY C 195 13.28 39.30 32.50
CA GLY C 195 12.35 40.09 33.29
C GLY C 195 11.65 41.15 32.46
N SER C 196 12.09 41.31 31.21
CA SER C 196 11.50 42.32 30.31
C SER C 196 11.26 41.76 28.90
N VAL C 197 10.20 40.98 28.75
CA VAL C 197 9.86 40.39 27.47
C VAL C 197 8.62 41.00 26.85
N THR C 198 8.74 41.44 25.61
CA THR C 198 7.63 42.04 24.91
C THR C 198 7.23 41.11 23.77
N ILE C 199 5.96 40.76 23.70
CA ILE C 199 5.49 39.91 22.61
C ILE C 199 4.76 40.81 21.61
N PHE C 200 5.05 40.64 20.34
CA PHE C 200 4.37 41.42 19.34
C PHE C 200 4.20 40.58 18.07
N GLY C 201 3.14 40.88 17.32
CA GLY C 201 2.88 40.17 16.09
C GLY C 201 1.83 40.91 15.29
N GLU C 202 1.62 40.51 14.04
CA GLU C 202 0.61 41.16 13.23
C GLU C 202 -0.28 40.11 12.60
N SER C 203 -1.56 40.46 12.45
CA SER C 203 -2.55 39.55 11.88
C SER C 203 -2.80 38.40 12.85
N ALA C 204 -2.70 37.18 12.34
CA ALA C 204 -2.88 35.99 13.18
C ALA C 204 -1.92 36.07 14.36
N GLY C 205 -0.74 36.65 14.13
CA GLY C 205 0.23 36.80 15.20
C GLY C 205 -0.28 37.85 16.19
N GLY C 206 -1.04 38.82 15.68
CA GLY C 206 -1.59 39.85 16.55
C GLY C 206 -2.66 39.21 17.40
N GLU C 207 -3.46 38.35 16.78
CA GLU C 207 -4.52 37.64 17.47
C GLU C 207 -3.89 36.69 18.50
N SER C 208 -2.75 36.11 18.15
CA SER C 208 -2.06 35.20 19.07
C SER C 208 -1.62 35.96 20.31
N VAL C 209 -1.06 37.15 20.11
CA VAL C 209 -0.62 37.96 21.24
C VAL C 209 -1.83 38.29 22.12
N SER C 210 -2.95 38.58 21.47
CA SER C 210 -4.20 38.92 22.16
C SER C 210 -4.69 37.71 22.99
N VAL C 211 -4.57 36.52 22.42
CA VAL C 211 -4.98 35.31 23.12
C VAL C 211 -4.05 35.04 24.30
N LEU C 212 -2.75 35.27 24.12
CA LEU C 212 -1.79 35.06 25.20
C LEU C 212 -2.09 35.99 26.37
N VAL C 213 -2.53 37.21 26.08
CA VAL C 213 -2.88 38.17 27.11
C VAL C 213 -4.07 37.68 27.95
N LEU C 214 -4.94 36.87 27.33
CA LEU C 214 -6.13 36.35 28.00
C LEU C 214 -5.97 34.94 28.60
N SER C 215 -4.80 34.34 28.44
CA SER C 215 -4.57 32.98 28.92
C SER C 215 -3.76 32.84 30.20
N PRO C 216 -4.25 32.03 31.15
CA PRO C 216 -3.54 31.82 32.42
C PRO C 216 -2.22 31.07 32.20
N LEU C 217 -2.12 30.36 31.09
CA LEU C 217 -0.91 29.61 30.77
C LEU C 217 0.30 30.48 30.50
N ALA C 218 0.07 31.73 30.10
CA ALA C 218 1.18 32.63 29.78
C ALA C 218 1.55 33.64 30.87
N LYS C 219 0.97 33.52 32.06
CA LYS C 219 1.30 34.47 33.11
C LYS C 219 2.80 34.43 33.37
N ASN C 220 3.38 35.62 33.56
CA ASN C 220 4.80 35.80 33.81
C ASN C 220 5.72 35.45 32.62
N LEU C 221 5.17 35.25 31.44
CA LEU C 221 5.99 34.95 30.29
C LEU C 221 6.31 36.17 29.43
N PHE C 222 5.60 37.27 29.68
CA PHE C 222 5.83 38.52 28.95
C PHE C 222 5.40 39.68 29.83
N HIS C 223 5.88 40.88 29.52
CA HIS C 223 5.60 42.06 30.34
C HIS C 223 5.01 43.24 29.57
N ARG C 224 4.90 43.09 28.26
CA ARG C 224 4.35 44.12 27.40
C ARG C 224 3.87 43.39 26.15
N ALA C 225 2.82 43.90 25.53
CA ALA C 225 2.28 43.25 24.34
C ALA C 225 1.91 44.23 23.24
N ILE C 226 2.04 43.78 21.98
CA ILE C 226 1.70 44.62 20.84
C ILE C 226 0.95 43.80 19.79
N SER C 227 -0.28 44.19 19.50
CA SER C 227 -1.08 43.52 18.47
C SER C 227 -1.20 44.45 17.28
N GLU C 228 -0.68 44.02 16.14
CA GLU C 228 -0.74 44.80 14.92
C GLU C 228 -1.73 44.17 13.95
N SER C 229 -2.85 44.84 13.72
CA SER C 229 -3.88 44.34 12.80
C SER C 229 -4.41 42.95 13.16
N GLY C 230 -4.91 42.78 14.38
CA GLY C 230 -5.44 41.49 14.78
C GLY C 230 -5.54 41.31 16.27
N VAL C 231 -6.71 40.91 16.75
CA VAL C 231 -6.94 40.68 18.16
C VAL C 231 -7.86 39.48 18.35
N ALA C 232 -8.05 39.06 19.60
CA ALA C 232 -8.89 37.89 19.87
C ALA C 232 -10.35 38.09 19.46
N LEU C 233 -10.74 39.33 19.16
CA LEU C 233 -12.13 39.59 18.75
C LEU C 233 -12.30 39.56 17.23
N THR C 234 -11.23 39.26 16.50
CA THR C 234 -11.30 39.15 15.04
C THR C 234 -11.89 37.76 14.81
N SER C 235 -13.23 37.70 14.87
CA SER C 235 -13.99 36.46 14.74
C SER C 235 -13.50 35.34 13.81
N VAL C 236 -13.10 35.66 12.59
CA VAL C 236 -12.64 34.63 11.66
C VAL C 236 -11.56 33.69 12.19
N LEU C 237 -10.69 34.19 13.05
CA LEU C 237 -9.61 33.38 13.61
C LEU C 237 -10.00 32.61 14.87
N VAL C 238 -11.22 32.84 15.35
CA VAL C 238 -11.71 32.18 16.56
C VAL C 238 -12.96 31.34 16.28
N LYS C 239 -12.88 30.05 16.60
CA LYS C 239 -14.01 29.15 16.39
C LYS C 239 -14.91 29.11 17.62
N LYS C 240 -16.16 29.51 17.44
CA LYS C 240 -17.13 29.52 18.52
C LYS C 240 -18.18 28.44 18.22
N GLY C 241 -18.81 27.93 19.26
CA GLY C 241 -19.82 26.91 19.05
C GLY C 241 -19.22 25.52 18.91
N ASP C 242 -19.94 24.64 18.22
CA ASP C 242 -19.49 23.27 18.01
C ASP C 242 -18.53 23.15 16.84
N VAL C 243 -17.29 22.80 17.14
CA VAL C 243 -16.25 22.65 16.14
C VAL C 243 -16.25 21.24 15.56
N LYS C 244 -17.05 20.37 16.16
CA LYS C 244 -17.16 18.97 15.74
C LYS C 244 -17.43 18.76 14.24
N PRO C 245 -18.34 19.54 13.65
CA PRO C 245 -18.64 19.38 12.22
C PRO C 245 -17.44 19.62 11.30
N LEU C 246 -16.59 20.57 11.66
CA LEU C 246 -15.41 20.87 10.85
C LEU C 246 -14.45 19.69 11.04
N ALA C 247 -14.30 19.25 12.28
CA ALA C 247 -13.42 18.13 12.59
C ALA C 247 -13.78 16.94 11.70
N GLU C 248 -15.07 16.61 11.64
CA GLU C 248 -15.54 15.48 10.84
C GLU C 248 -15.33 15.67 9.35
N GLN C 249 -15.50 16.89 8.86
CA GLN C 249 -15.31 17.17 7.44
C GLN C 249 -13.84 17.02 7.03
N ILE C 250 -12.94 17.31 7.95
CA ILE C 250 -11.51 17.18 7.69
C ILE C 250 -11.17 15.69 7.72
N ALA C 251 -11.75 14.98 8.68
CA ALA C 251 -11.51 13.55 8.80
C ALA C 251 -11.96 12.85 7.54
N ILE C 252 -13.17 13.17 7.08
CA ILE C 252 -13.74 12.56 5.87
C ILE C 252 -12.92 12.88 4.63
N THR C 253 -12.40 14.10 4.56
CA THR C 253 -11.61 14.51 3.41
C THR C 253 -10.29 13.74 3.39
N ALA C 254 -9.79 13.42 4.57
CA ALA C 254 -8.53 12.69 4.69
C ALA C 254 -8.73 11.19 4.54
N GLY C 255 -9.97 10.77 4.36
CA GLY C 255 -10.24 9.35 4.18
C GLY C 255 -10.36 8.61 5.51
N CYS C 256 -10.76 9.32 6.56
CA CYS C 256 -10.91 8.74 7.87
C CYS C 256 -12.38 8.55 8.27
N LYS C 257 -12.63 7.60 9.18
CA LYS C 257 -13.99 7.37 9.66
C LYS C 257 -14.26 8.36 10.78
N THR C 258 -15.53 8.66 11.01
CA THR C 258 -15.89 9.62 12.04
C THR C 258 -16.69 8.99 13.16
N THR C 259 -16.47 7.70 13.40
CA THR C 259 -17.20 6.97 14.44
C THR C 259 -17.12 7.65 15.82
N THR C 260 -15.93 8.10 16.20
CA THR C 260 -15.74 8.78 17.49
C THR C 260 -14.58 9.77 17.36
N SER C 261 -14.41 10.60 18.37
CA SER C 261 -13.32 11.56 18.38
C SER C 261 -11.97 10.84 18.36
N ALA C 262 -11.80 9.90 19.29
CA ALA C 262 -10.55 9.15 19.38
C ALA C 262 -10.19 8.45 18.08
N VAL C 263 -11.21 7.93 17.38
CA VAL C 263 -11.00 7.25 16.11
C VAL C 263 -10.56 8.24 15.02
N MET C 264 -11.13 9.44 15.03
CA MET C 264 -10.75 10.44 14.05
C MET C 264 -9.30 10.88 14.29
N VAL C 265 -8.96 11.13 15.55
CA VAL C 265 -7.63 11.56 15.91
C VAL C 265 -6.58 10.49 15.61
N HIS C 266 -6.86 9.27 16.05
CA HIS C 266 -5.94 8.16 15.82
C HIS C 266 -5.69 7.97 14.32
N CYS C 267 -6.75 8.07 13.51
CA CYS C 267 -6.60 7.90 12.07
C CYS C 267 -5.76 9.01 11.43
N LEU C 268 -6.05 10.25 11.81
CA LEU C 268 -5.30 11.39 11.28
C LEU C 268 -3.83 11.36 11.68
N ARG C 269 -3.51 10.71 12.80
CA ARG C 269 -2.12 10.60 13.24
C ARG C 269 -1.29 9.63 12.39
N GLN C 270 -1.96 8.70 11.71
CA GLN C 270 -1.27 7.72 10.86
C GLN C 270 -1.02 8.24 9.46
N LYS C 271 -1.69 9.34 9.12
CA LYS C 271 -1.54 9.94 7.79
C LYS C 271 -0.15 10.55 7.64
N THR C 272 0.36 10.53 6.42
CA THR C 272 1.67 11.10 6.16
C THR C 272 1.51 12.62 6.03
N GLU C 273 2.61 13.34 6.17
CA GLU C 273 2.59 14.78 6.04
C GLU C 273 1.97 15.17 4.70
N GLU C 274 2.38 14.49 3.65
CA GLU C 274 1.88 14.76 2.31
C GLU C 274 0.36 14.59 2.24
N GLU C 275 -0.13 13.53 2.88
CA GLU C 275 -1.56 13.26 2.88
C GLU C 275 -2.34 14.38 3.57
N LEU C 276 -1.83 14.87 4.70
CA LEU C 276 -2.49 15.95 5.41
C LEU C 276 -2.40 17.25 4.61
N LEU C 277 -1.33 17.39 3.82
CA LEU C 277 -1.18 18.59 3.02
C LEU C 277 -2.19 18.53 1.87
N GLU C 278 -2.37 17.34 1.29
CA GLU C 278 -3.32 17.14 0.20
C GLU C 278 -4.73 17.41 0.73
N THR C 279 -4.98 17.02 1.99
CA THR C 279 -6.28 17.24 2.59
C THR C 279 -6.48 18.75 2.75
N THR C 280 -5.41 19.44 3.13
CA THR C 280 -5.43 20.89 3.30
C THR C 280 -5.79 21.57 1.99
N LEU C 281 -5.19 21.10 0.90
CA LEU C 281 -5.45 21.65 -0.43
C LEU C 281 -6.89 21.40 -0.90
N LYS C 282 -7.44 20.24 -0.57
CA LYS C 282 -8.82 19.91 -0.97
C LYS C 282 -9.83 20.78 -0.22
N MET C 283 -9.49 21.13 1.02
CA MET C 283 -10.36 21.95 1.84
C MET C 283 -10.44 23.37 1.28
N LYS C 284 -9.40 23.78 0.55
CA LYS C 284 -9.34 25.12 -0.03
C LYS C 284 -9.43 26.22 1.02
N PHE C 285 -8.52 26.18 1.99
CA PHE C 285 -8.49 27.20 3.03
C PHE C 285 -7.88 28.47 2.43
N LEU C 286 -7.98 29.58 3.14
CA LEU C 286 -7.44 30.85 2.67
C LEU C 286 -8.10 31.25 1.37
N SER C 287 -9.29 30.72 1.13
CA SER C 287 -10.00 31.04 -0.10
C SER C 287 -11.49 31.18 0.14
N LEU C 288 -12.08 32.26 -0.39
CA LEU C 288 -13.50 32.50 -0.23
C LEU C 288 -14.32 31.56 -1.11
N ASP C 289 -15.21 30.80 -0.49
CA ASP C 289 -16.05 29.86 -1.22
C ASP C 289 -17.31 30.55 -1.77
N LEU C 290 -17.46 30.52 -3.10
CA LEU C 290 -18.59 31.16 -3.74
C LEU C 290 -19.75 30.19 -4.03
N GLN C 291 -19.68 29.00 -3.44
CA GLN C 291 -20.74 28.01 -3.66
C GLN C 291 -21.45 27.64 -2.36
N GLY C 292 -22.72 27.30 -2.48
CA GLY C 292 -23.49 26.89 -1.31
C GLY C 292 -23.78 27.96 -0.29
N ASP C 293 -24.03 27.52 0.94
CA ASP C 293 -24.36 28.41 2.04
C ASP C 293 -23.07 28.98 2.64
N PRO C 294 -22.92 30.31 2.60
CA PRO C 294 -21.74 30.99 3.15
C PRO C 294 -21.47 30.61 4.59
N ARG C 295 -22.53 30.33 5.34
CA ARG C 295 -22.42 29.96 6.74
C ARG C 295 -21.73 28.63 6.99
N GLU C 296 -21.58 27.81 5.96
CA GLU C 296 -20.95 26.51 6.12
C GLU C 296 -19.49 26.46 5.68
N SER C 297 -18.98 27.53 5.08
CA SER C 297 -17.60 27.55 4.64
C SER C 297 -16.62 27.99 5.73
N GLN C 298 -15.53 27.24 5.88
CA GLN C 298 -14.52 27.54 6.88
C GLN C 298 -13.18 27.78 6.17
N PRO C 299 -12.86 29.05 5.89
CA PRO C 299 -11.62 29.41 5.20
C PRO C 299 -10.33 29.20 5.99
N LEU C 300 -10.45 29.02 7.30
CA LEU C 300 -9.28 28.83 8.15
C LEU C 300 -9.59 27.94 9.34
N LEU C 301 -8.53 27.35 9.89
CA LEU C 301 -8.61 26.53 11.09
C LEU C 301 -7.96 27.42 12.12
N GLY C 302 -8.61 27.64 13.25
CA GLY C 302 -7.99 28.52 14.22
C GLY C 302 -8.17 28.18 15.69
N THR C 303 -8.15 29.22 16.51
CA THR C 303 -8.29 29.13 17.95
C THR C 303 -9.67 28.61 18.37
N VAL C 304 -9.70 27.81 19.43
CA VAL C 304 -10.96 27.30 19.96
C VAL C 304 -10.91 27.47 21.47
N ILE C 305 -12.06 27.38 22.12
CA ILE C 305 -12.10 27.48 23.58
C ILE C 305 -11.89 26.04 24.03
N ASP C 306 -10.62 25.70 24.27
CA ASP C 306 -10.20 24.35 24.65
C ASP C 306 -10.27 23.98 26.12
N GLY C 307 -10.11 24.96 27.00
CA GLY C 307 -10.15 24.66 28.42
C GLY C 307 -8.78 24.64 29.07
N MET C 308 -7.73 24.87 28.27
CA MET C 308 -6.37 24.89 28.79
C MET C 308 -5.83 26.29 28.57
N LEU C 309 -5.73 26.70 27.31
CA LEU C 309 -5.25 28.01 26.92
C LEU C 309 -6.34 29.05 27.25
N LEU C 310 -7.54 28.81 26.73
CA LEU C 310 -8.69 29.69 26.97
C LEU C 310 -9.77 28.90 27.70
N LEU C 311 -10.27 29.46 28.80
CA LEU C 311 -11.30 28.81 29.60
C LEU C 311 -12.69 29.25 29.18
N LYS C 312 -12.75 30.40 28.51
CA LYS C 312 -14.02 30.90 28.00
C LYS C 312 -13.72 31.82 26.85
N THR C 313 -14.75 32.26 26.13
CA THR C 313 -14.55 33.13 24.99
C THR C 313 -13.91 34.44 25.39
N PRO C 314 -13.22 35.11 24.46
CA PRO C 314 -12.57 36.39 24.74
C PRO C 314 -13.57 37.37 25.35
N GLU C 315 -14.76 37.44 24.78
CA GLU C 315 -15.79 38.35 25.26
C GLU C 315 -16.11 38.14 26.73
N GLU C 316 -16.17 36.89 27.15
CA GLU C 316 -16.45 36.55 28.54
C GLU C 316 -15.26 36.92 29.44
N LEU C 317 -14.05 36.68 28.94
CA LEU C 317 -12.85 36.97 29.71
C LEU C 317 -12.61 38.47 29.85
N GLN C 318 -13.04 39.24 28.85
CA GLN C 318 -12.86 40.68 28.92
C GLN C 318 -13.81 41.27 29.93
N ALA C 319 -15.07 40.85 29.87
CA ALA C 319 -16.08 41.35 30.80
C ALA C 319 -15.62 41.06 32.23
N GLU C 320 -15.07 39.87 32.44
CA GLU C 320 -14.59 39.45 33.75
C GLU C 320 -13.35 40.21 34.21
N ARG C 321 -12.70 40.92 33.29
CA ARG C 321 -11.48 41.66 33.62
C ARG C 321 -10.44 40.66 34.11
N ASN C 322 -10.55 39.43 33.61
CA ASN C 322 -9.64 38.35 33.98
C ASN C 322 -8.55 38.15 32.94
N PHE C 323 -7.41 38.81 33.13
CA PHE C 323 -6.29 38.68 32.22
C PHE C 323 -5.08 39.48 32.69
N HIS C 324 -3.97 39.32 31.97
CA HIS C 324 -2.72 40.01 32.31
C HIS C 324 -2.81 41.49 32.02
N THR C 325 -2.69 42.30 33.08
CA THR C 325 -2.78 43.73 32.91
C THR C 325 -1.43 44.38 32.60
N VAL C 326 -0.77 43.88 31.56
CA VAL C 326 0.51 44.42 31.12
C VAL C 326 0.24 45.55 30.12
N PRO C 327 1.22 46.45 29.92
CA PRO C 327 1.04 47.54 28.96
C PRO C 327 0.70 46.88 27.63
N TYR C 328 -0.28 47.43 26.92
CA TYR C 328 -0.71 46.83 25.66
C TYR C 328 -0.88 47.87 24.55
N MET C 329 -0.21 47.64 23.42
CA MET C 329 -0.32 48.55 22.27
C MET C 329 -1.11 47.81 21.18
N VAL C 330 -2.22 48.41 20.75
CA VAL C 330 -3.08 47.85 19.73
C VAL C 330 -3.26 48.82 18.57
N GLY C 331 -2.95 48.36 17.36
CA GLY C 331 -3.07 49.23 16.20
C GLY C 331 -3.63 48.58 14.94
N ILE C 332 -3.99 49.43 13.99
CA ILE C 332 -4.55 48.98 12.73
C ILE C 332 -3.97 49.82 11.61
N ASN C 333 -4.17 49.36 10.38
CA ASN C 333 -3.70 50.08 9.22
C ASN C 333 -4.91 50.76 8.60
N LYS C 334 -4.67 51.81 7.84
CA LYS C 334 -5.72 52.58 7.20
C LYS C 334 -6.67 51.72 6.37
N GLN C 335 -6.12 50.85 5.52
CA GLN C 335 -6.94 50.00 4.64
C GLN C 335 -6.67 48.51 4.81
N GLU C 336 -7.05 47.97 5.96
CA GLU C 336 -6.82 46.55 6.24
C GLU C 336 -7.29 45.58 5.17
N PHE C 337 -8.36 45.92 4.46
CA PHE C 337 -8.87 45.03 3.41
C PHE C 337 -8.66 45.71 2.06
N GLY C 338 -7.56 46.45 1.97
CA GLY C 338 -7.23 47.18 0.76
C GLY C 338 -6.76 46.41 -0.46
N TRP C 339 -6.04 45.31 -0.28
CA TRP C 339 -5.56 44.58 -1.44
C TRP C 339 -5.02 43.18 -1.16
N LEU C 340 -4.01 43.10 -0.31
CA LEU C 340 -3.37 41.84 0.04
C LEU C 340 -4.32 40.69 0.44
N ILE C 341 -5.18 40.92 1.41
CA ILE C 341 -6.10 39.87 1.84
C ILE C 341 -7.13 39.51 0.78
N PRO C 342 -7.76 40.51 0.16
CA PRO C 342 -8.75 40.18 -0.88
C PRO C 342 -8.07 39.39 -1.99
N MET C 343 -6.83 39.75 -2.28
CA MET C 343 -6.05 39.12 -3.33
C MET C 343 -5.74 37.67 -2.99
N LEU C 344 -5.23 37.44 -1.79
CA LEU C 344 -4.90 36.09 -1.36
C LEU C 344 -6.11 35.17 -1.15
N MET C 345 -7.29 35.73 -0.98
CA MET C 345 -8.49 34.92 -0.79
C MET C 345 -9.28 34.77 -2.07
N SER C 346 -8.72 35.29 -3.17
CA SER C 346 -9.40 35.21 -4.46
C SER C 346 -10.77 35.88 -4.39
N TYR C 347 -10.83 36.99 -3.67
CA TYR C 347 -12.08 37.74 -3.50
C TYR C 347 -12.58 38.22 -4.87
N PRO C 348 -13.88 38.01 -5.16
CA PRO C 348 -14.54 38.40 -6.42
C PRO C 348 -14.76 39.90 -6.59
N LEU C 349 -13.72 40.63 -6.97
CA LEU C 349 -13.82 42.07 -7.16
C LEU C 349 -12.84 42.53 -8.22
N SER C 350 -13.35 42.86 -9.41
CA SER C 350 -12.48 43.30 -10.49
C SER C 350 -13.00 44.56 -11.16
N GLU C 351 -13.94 45.23 -10.51
CA GLU C 351 -14.53 46.45 -11.07
C GLU C 351 -14.36 47.64 -10.13
N GLY C 352 -13.98 48.78 -10.70
CA GLY C 352 -13.80 49.97 -9.89
C GLY C 352 -15.12 50.54 -9.39
N GLN C 353 -16.22 49.93 -9.83
CA GLN C 353 -17.56 50.35 -9.42
C GLN C 353 -18.31 49.18 -8.80
N LEU C 354 -19.21 49.50 -7.86
CA LEU C 354 -19.98 48.47 -7.18
C LEU C 354 -21.34 49.02 -6.72
N ASP C 355 -22.41 48.34 -7.12
CA ASP C 355 -23.76 48.73 -6.74
C ASP C 355 -24.11 48.02 -5.43
N GLN C 356 -25.04 48.60 -4.67
CA GLN C 356 -25.42 48.02 -3.39
C GLN C 356 -25.96 46.60 -3.51
N LYS C 357 -26.68 46.30 -4.58
CA LYS C 357 -27.23 44.95 -4.75
C LYS C 357 -26.10 43.93 -4.81
N THR C 358 -25.06 44.25 -5.57
CA THR C 358 -23.91 43.38 -5.71
C THR C 358 -23.16 43.34 -4.38
N ALA C 359 -23.04 44.50 -3.74
CA ALA C 359 -22.38 44.60 -2.46
C ALA C 359 -23.04 43.69 -1.45
N MET C 360 -24.38 43.67 -1.44
CA MET C 360 -25.10 42.83 -0.50
C MET C 360 -24.84 41.35 -0.75
N SER C 361 -24.70 40.95 -2.01
CA SER C 361 -24.42 39.56 -2.32
C SER C 361 -23.02 39.21 -1.86
N LEU C 362 -22.07 40.09 -2.13
CA LEU C 362 -20.69 39.85 -1.73
C LEU C 362 -20.58 39.74 -0.22
N LEU C 363 -21.21 40.66 0.49
CA LEU C 363 -21.16 40.67 1.95
C LEU C 363 -21.73 39.37 2.52
N TRP C 364 -22.80 38.86 1.92
CA TRP C 364 -23.39 37.61 2.40
C TRP C 364 -22.36 36.50 2.17
N LYS C 365 -21.69 36.57 1.03
CA LYS C 365 -20.67 35.59 0.69
C LYS C 365 -19.50 35.70 1.66
N SER C 366 -19.28 36.90 2.19
CA SER C 366 -18.19 37.15 3.13
C SER C 366 -18.50 36.71 4.55
N TYR C 367 -19.65 36.07 4.74
CA TYR C 367 -20.06 35.63 6.07
C TYR C 367 -18.94 35.09 6.95
N PRO C 368 -18.17 34.11 6.47
CA PRO C 368 -17.09 33.57 7.31
C PRO C 368 -16.12 34.63 7.83
N LEU C 369 -15.96 35.70 7.06
CA LEU C 369 -15.08 36.79 7.43
C LEU C 369 -15.74 37.84 8.31
N VAL C 370 -17.04 38.06 8.12
CA VAL C 370 -17.71 39.11 8.88
C VAL C 370 -18.84 38.68 9.81
N CYS C 371 -19.44 37.52 9.54
CA CYS C 371 -20.54 37.02 10.38
C CYS C 371 -21.72 37.98 10.52
N ILE C 372 -22.18 38.51 9.39
CA ILE C 372 -23.31 39.42 9.41
C ILE C 372 -24.51 38.65 8.85
N ALA C 373 -25.50 38.38 9.70
CA ALA C 373 -26.70 37.66 9.29
C ALA C 373 -27.28 38.28 8.04
N LYS C 374 -27.89 37.45 7.19
CA LYS C 374 -28.43 37.94 5.95
C LYS C 374 -29.49 39.03 6.13
N GLU C 375 -30.32 38.90 7.17
CA GLU C 375 -31.36 39.90 7.40
C GLU C 375 -30.75 41.25 7.78
N LEU C 376 -29.50 41.25 8.21
CA LEU C 376 -28.84 42.48 8.62
C LEU C 376 -27.96 43.08 7.52
N ILE C 377 -27.76 42.34 6.44
CA ILE C 377 -26.93 42.80 5.32
C ILE C 377 -27.38 44.15 4.77
N PRO C 378 -28.70 44.33 4.52
CA PRO C 378 -29.20 45.60 3.98
C PRO C 378 -28.82 46.82 4.82
N GLU C 379 -29.04 46.75 6.13
CA GLU C 379 -28.71 47.85 7.03
C GLU C 379 -27.23 48.18 7.02
N ALA C 380 -26.40 47.14 7.07
CA ALA C 380 -24.95 47.31 7.07
C ALA C 380 -24.49 47.98 5.79
N THR C 381 -25.02 47.49 4.67
CA THR C 381 -24.68 48.00 3.36
C THR C 381 -25.14 49.44 3.18
N GLU C 382 -26.39 49.69 3.55
CA GLU C 382 -26.95 51.04 3.42
C GLU C 382 -26.17 52.05 4.26
N LYS C 383 -25.71 51.62 5.43
CA LYS C 383 -24.96 52.50 6.32
C LYS C 383 -23.61 52.92 5.74
N TYR C 384 -22.96 52.02 5.01
CA TYR C 384 -21.65 52.33 4.44
C TYR C 384 -21.68 52.87 2.99
N LEU C 385 -22.56 52.33 2.15
CA LEU C 385 -22.60 52.75 0.77
C LEU C 385 -23.70 53.76 0.41
N GLY C 386 -24.87 53.65 1.05
CA GLY C 386 -25.99 54.52 0.75
C GLY C 386 -25.77 56.03 0.81
N GLY C 387 -24.64 56.46 1.35
CA GLY C 387 -24.38 57.88 1.46
C GLY C 387 -24.00 58.57 0.15
N THR C 388 -23.59 57.79 -0.84
CA THR C 388 -23.19 58.36 -2.13
C THR C 388 -23.66 57.52 -3.31
N ASP C 389 -23.66 58.13 -4.49
CA ASP C 389 -24.07 57.45 -5.71
C ASP C 389 -22.86 57.02 -6.51
N ASP C 390 -21.71 57.62 -6.19
CA ASP C 390 -20.47 57.29 -6.87
C ASP C 390 -20.21 55.82 -6.57
N THR C 391 -20.39 54.98 -7.58
CA THR C 391 -20.19 53.54 -7.41
C THR C 391 -18.73 53.17 -7.24
N VAL C 392 -17.85 54.11 -7.52
CA VAL C 392 -16.41 53.90 -7.36
C VAL C 392 -16.12 54.04 -5.88
N LYS C 393 -16.72 55.07 -5.30
CA LYS C 393 -16.56 55.36 -3.89
C LYS C 393 -17.27 54.28 -3.07
N LYS C 394 -18.27 53.65 -3.66
CA LYS C 394 -19.03 52.60 -2.97
C LYS C 394 -18.20 51.36 -2.71
N LYS C 395 -17.43 50.93 -3.71
CA LYS C 395 -16.60 49.74 -3.54
C LYS C 395 -15.53 50.03 -2.50
N ASP C 396 -15.02 51.27 -2.47
CA ASP C 396 -14.02 51.67 -1.50
C ASP C 396 -14.61 51.56 -0.11
N LEU C 397 -15.87 51.99 0.03
CA LEU C 397 -16.57 51.96 1.30
C LEU C 397 -16.90 50.52 1.66
N PHE C 398 -17.02 49.67 0.65
CA PHE C 398 -17.32 48.26 0.90
C PHE C 398 -16.11 47.62 1.58
N LEU C 399 -14.92 47.93 1.09
CA LEU C 399 -13.69 47.41 1.67
C LEU C 399 -13.50 47.91 3.10
N ASP C 400 -13.91 49.16 3.35
CA ASP C 400 -13.81 49.74 4.69
C ASP C 400 -14.68 48.96 5.67
N LEU C 401 -15.88 48.61 5.21
CA LEU C 401 -16.81 47.89 6.05
C LEU C 401 -16.25 46.53 6.46
N ILE C 402 -15.57 45.85 5.54
CA ILE C 402 -14.97 44.56 5.84
C ILE C 402 -13.88 44.79 6.87
N ALA C 403 -13.01 45.76 6.58
CA ALA C 403 -11.90 46.12 7.44
C ALA C 403 -12.34 46.48 8.86
N ASP C 404 -13.38 47.31 8.99
CA ASP C 404 -13.88 47.73 10.32
C ASP C 404 -14.42 46.55 11.12
N VAL C 405 -15.11 45.65 10.45
CA VAL C 405 -15.70 44.51 11.11
C VAL C 405 -14.64 43.49 11.50
N MET C 406 -13.62 43.35 10.65
CA MET C 406 -12.55 42.40 10.92
C MET C 406 -11.44 42.91 11.85
N PHE C 407 -11.04 44.17 11.68
CA PHE C 407 -9.95 44.74 12.48
C PHE C 407 -10.22 46.00 13.27
N GLY C 408 -10.73 47.04 12.61
CA GLY C 408 -11.00 48.29 13.28
C GLY C 408 -11.80 48.21 14.56
N VAL C 409 -13.05 47.75 14.47
CA VAL C 409 -13.91 47.65 15.64
C VAL C 409 -13.38 46.70 16.71
N PRO C 410 -13.01 45.47 16.34
CA PRO C 410 -12.49 44.52 17.33
C PRO C 410 -11.29 45.07 18.10
N SER C 411 -10.41 45.77 17.41
CA SER C 411 -9.22 46.34 18.05
C SER C 411 -9.58 47.41 19.09
N VAL C 412 -10.48 48.33 18.73
CA VAL C 412 -10.87 49.38 19.65
C VAL C 412 -11.58 48.78 20.86
N ILE C 413 -12.48 47.82 20.63
CA ILE C 413 -13.18 47.19 21.75
C ILE C 413 -12.17 46.53 22.70
N VAL C 414 -11.14 45.89 22.15
CA VAL C 414 -10.13 45.25 22.98
C VAL C 414 -9.30 46.30 23.71
N ALA C 415 -9.01 47.41 23.04
CA ALA C 415 -8.24 48.48 23.65
C ALA C 415 -9.05 49.05 24.81
N ARG C 416 -10.34 49.29 24.57
CA ARG C 416 -11.21 49.83 25.60
C ARG C 416 -11.32 48.94 26.83
N ASN C 417 -11.54 47.65 26.64
CA ASN C 417 -11.64 46.71 27.76
C ASN C 417 -10.33 46.65 28.53
N HIS C 418 -9.21 46.73 27.81
CA HIS C 418 -7.90 46.66 28.46
C HIS C 418 -7.68 47.91 29.32
N ARG C 419 -8.03 49.06 28.74
CA ARG C 419 -7.92 50.34 29.43
C ARG C 419 -8.78 50.30 30.69
N ASP C 420 -10.06 49.95 30.52
CA ASP C 420 -10.99 49.90 31.65
C ASP C 420 -10.60 48.87 32.72
N ALA C 421 -9.64 48.01 32.40
CA ALA C 421 -9.19 47.01 33.34
C ALA C 421 -8.07 47.62 34.18
N GLY C 422 -7.71 48.86 33.83
CA GLY C 422 -6.69 49.57 34.57
C GLY C 422 -5.24 49.47 34.08
N ALA C 423 -5.03 48.84 32.94
CA ALA C 423 -3.68 48.71 32.42
C ALA C 423 -3.38 49.74 31.34
N PRO C 424 -2.10 50.14 31.18
CA PRO C 424 -1.67 51.12 30.17
C PRO C 424 -2.01 50.62 28.77
N THR C 425 -2.63 51.48 27.97
CA THR C 425 -3.03 51.08 26.64
C THR C 425 -2.67 52.15 25.62
N TYR C 426 -2.25 51.73 24.44
CA TYR C 426 -1.90 52.66 23.39
C TYR C 426 -2.46 52.14 22.07
N MET C 427 -2.88 53.07 21.21
CA MET C 427 -3.41 52.69 19.91
C MET C 427 -2.77 53.54 18.83
N TYR C 428 -2.77 53.01 17.60
CA TYR C 428 -2.24 53.73 16.47
C TYR C 428 -3.02 53.35 15.21
N GLU C 429 -2.89 54.17 14.20
CA GLU C 429 -3.50 53.91 12.91
C GLU C 429 -2.37 54.25 11.94
N PHE C 430 -1.91 53.24 11.22
CA PHE C 430 -0.81 53.37 10.27
C PHE C 430 -1.31 53.69 8.86
N GLN C 431 -0.79 54.76 8.28
CA GLN C 431 -1.20 55.18 6.94
C GLN C 431 -0.02 55.59 6.07
N TYR C 432 0.58 54.60 5.42
CA TYR C 432 1.72 54.85 4.55
C TYR C 432 1.83 53.70 3.57
N ARG C 433 2.18 54.02 2.32
CA ARG C 433 2.33 52.99 1.31
C ARG C 433 3.81 52.76 1.07
N PRO C 434 4.36 51.66 1.62
CA PRO C 434 5.79 51.39 1.42
C PRO C 434 6.16 51.19 -0.04
N SER C 435 7.39 51.52 -0.36
CA SER C 435 7.88 51.37 -1.73
C SER C 435 8.20 49.90 -1.97
N PHE C 436 8.07 49.11 -0.90
CA PHE C 436 8.35 47.68 -0.98
C PHE C 436 7.07 46.91 -1.36
N SER C 437 5.98 47.64 -1.59
CA SER C 437 4.72 47.02 -1.97
C SER C 437 4.94 46.22 -3.25
N SER C 438 4.01 45.32 -3.55
CA SER C 438 4.08 44.50 -4.75
C SER C 438 3.82 45.35 -5.99
N ASP C 439 4.36 44.92 -7.12
CA ASP C 439 4.17 45.62 -8.38
C ASP C 439 2.72 45.53 -8.84
N MET C 440 2.00 44.54 -8.34
CA MET C 440 0.62 44.32 -8.71
C MET C 440 -0.38 45.11 -7.86
N LYS C 441 0.12 45.79 -6.84
CA LYS C 441 -0.72 46.57 -5.95
C LYS C 441 -0.84 48.00 -6.46
N PRO C 442 -2.08 48.46 -6.72
CA PRO C 442 -2.32 49.82 -7.21
C PRO C 442 -1.73 50.88 -6.29
N LYS C 443 -1.18 51.92 -6.88
CA LYS C 443 -0.57 53.00 -6.13
C LYS C 443 -1.54 53.71 -5.20
N THR C 444 -2.84 53.59 -5.47
CA THR C 444 -3.82 54.25 -4.62
C THR C 444 -4.03 53.59 -3.24
N VAL C 445 -3.67 52.32 -3.10
CA VAL C 445 -3.83 51.62 -1.82
C VAL C 445 -2.78 52.08 -0.83
N ILE C 446 -3.22 52.63 0.28
CA ILE C 446 -2.30 53.13 1.30
C ILE C 446 -2.64 52.55 2.66
N GLY C 447 -1.63 52.08 3.38
CA GLY C 447 -1.88 51.51 4.69
C GLY C 447 -2.61 50.18 4.58
N ASP C 448 -2.22 49.38 3.60
CA ASP C 448 -2.83 48.08 3.40
C ASP C 448 -2.34 47.14 4.50
N HIS C 449 -3.04 46.02 4.64
CA HIS C 449 -2.69 45.02 5.63
C HIS C 449 -1.21 44.67 5.50
N GLY C 450 -0.47 44.74 6.60
CA GLY C 450 0.95 44.41 6.58
C GLY C 450 1.93 45.51 6.21
N ASP C 451 1.44 46.67 5.78
CA ASP C 451 2.29 47.78 5.38
C ASP C 451 3.20 48.33 6.50
N GLU C 452 2.78 48.22 7.75
CA GLU C 452 3.60 48.74 8.83
C GLU C 452 4.82 47.86 9.14
N LEU C 453 4.76 46.59 8.71
CA LEU C 453 5.85 45.65 8.96
C LEU C 453 7.21 46.10 8.46
N PHE C 454 7.25 46.77 7.30
CA PHE C 454 8.52 47.23 6.77
C PHE C 454 9.17 48.31 7.63
N SER C 455 8.36 49.13 8.30
CA SER C 455 8.90 50.16 9.17
C SER C 455 9.36 49.52 10.48
N VAL C 456 8.50 48.72 11.09
CA VAL C 456 8.79 48.04 12.35
C VAL C 456 10.09 47.21 12.28
N PHE C 457 10.28 46.48 11.19
CA PHE C 457 11.48 45.65 11.06
C PHE C 457 12.65 46.27 10.33
N GLY C 458 12.57 47.57 10.09
CA GLY C 458 13.65 48.28 9.42
C GLY C 458 14.05 47.82 8.02
N ALA C 459 13.06 47.57 7.17
CA ALA C 459 13.36 47.16 5.80
C ALA C 459 14.24 48.23 5.12
N PRO C 460 13.96 49.52 5.35
CA PRO C 460 14.74 50.60 4.74
C PRO C 460 16.24 50.55 5.05
N PHE C 461 16.62 49.66 5.95
CA PHE C 461 18.03 49.53 6.32
C PHE C 461 18.66 48.23 5.83
N LEU C 462 17.85 47.34 5.27
CA LEU C 462 18.33 46.07 4.76
C LEU C 462 18.11 46.02 3.25
N LYS C 463 16.97 46.54 2.81
CA LYS C 463 16.62 46.59 1.39
C LYS C 463 17.52 47.66 0.76
N GLU C 464 17.61 47.64 -0.57
CA GLU C 464 18.47 48.59 -1.27
C GLU C 464 17.81 49.92 -1.64
N GLY C 465 18.46 51.01 -1.26
CA GLY C 465 17.97 52.35 -1.55
C GLY C 465 16.51 52.70 -1.30
N ALA C 466 16.16 52.95 -0.05
CA ALA C 466 14.80 53.34 0.29
C ALA C 466 14.86 54.87 0.37
N SER C 467 13.74 55.54 0.13
CA SER C 467 13.75 57.00 0.20
C SER C 467 14.04 57.49 1.62
N GLU C 468 14.59 58.69 1.74
CA GLU C 468 14.89 59.27 3.04
C GLU C 468 13.63 59.36 3.89
N GLU C 469 12.50 59.65 3.24
CA GLU C 469 11.23 59.75 3.96
C GLU C 469 10.89 58.40 4.60
N GLU C 470 11.01 57.33 3.82
CA GLU C 470 10.73 55.99 4.31
C GLU C 470 11.71 55.62 5.44
N ILE C 471 12.97 55.98 5.28
CA ILE C 471 13.99 55.70 6.29
C ILE C 471 13.66 56.41 7.61
N ARG C 472 13.24 57.67 7.50
CA ARG C 472 12.88 58.45 8.68
C ARG C 472 11.71 57.80 9.43
N LEU C 473 10.73 57.31 8.68
CA LEU C 473 9.55 56.67 9.26
C LEU C 473 9.90 55.41 10.04
N SER C 474 10.78 54.60 9.49
CA SER C 474 11.19 53.37 10.15
C SER C 474 11.97 53.65 11.43
N LYS C 475 12.87 54.62 11.40
CA LYS C 475 13.65 54.93 12.61
C LYS C 475 12.70 55.32 13.73
N MET C 476 11.68 56.11 13.38
CA MET C 476 10.71 56.55 14.37
C MET C 476 9.85 55.41 14.90
N VAL C 477 9.41 54.53 14.01
CA VAL C 477 8.59 53.40 14.42
C VAL C 477 9.37 52.43 15.32
N MET C 478 10.58 52.07 14.92
CA MET C 478 11.40 51.16 15.74
C MET C 478 11.65 51.79 17.10
N LYS C 479 11.80 53.11 17.11
CA LYS C 479 12.02 53.88 18.34
C LYS C 479 10.83 53.69 19.28
N PHE C 480 9.64 54.01 18.78
CA PHE C 480 8.40 53.88 19.54
C PHE C 480 8.25 52.44 20.06
N TRP C 481 8.41 51.46 19.17
CA TRP C 481 8.27 50.05 19.54
C TRP C 481 9.28 49.63 20.61
N ALA C 482 10.53 50.07 20.47
CA ALA C 482 11.55 49.71 21.43
C ALA C 482 11.39 50.45 22.76
N ASN C 483 10.96 51.72 22.72
CA ASN C 483 10.75 52.45 23.97
C ASN C 483 9.63 51.73 24.71
N PHE C 484 8.61 51.31 23.96
CA PHE C 484 7.49 50.61 24.55
C PHE C 484 8.03 49.34 25.21
N ALA C 485 8.92 48.64 24.51
CA ALA C 485 9.51 47.41 25.03
C ALA C 485 10.19 47.61 26.38
N ARG C 486 10.92 48.71 26.54
CA ARG C 486 11.59 48.90 27.81
C ARG C 486 10.78 49.64 28.88
N ASN C 487 9.84 50.50 28.49
CA ASN C 487 9.09 51.24 29.50
C ASN C 487 7.59 51.00 29.56
N GLY C 488 7.03 50.33 28.56
CA GLY C 488 5.61 50.11 28.56
C GLY C 488 4.94 51.41 28.16
N ASN C 489 5.77 52.35 27.66
CA ASN C 489 5.36 53.66 27.20
C ASN C 489 6.29 53.90 26.01
N PRO C 490 5.72 54.21 24.83
CA PRO C 490 6.52 54.46 23.62
C PRO C 490 7.22 55.81 23.55
N ASN C 491 6.70 56.79 24.28
CA ASN C 491 7.25 58.13 24.26
C ASN C 491 8.73 58.26 24.59
N GLY C 492 9.36 59.25 23.98
CA GLY C 492 10.78 59.50 24.21
C GLY C 492 11.24 60.77 23.53
N GLU C 493 12.49 61.13 23.79
CA GLU C 493 13.08 62.34 23.22
C GLU C 493 13.17 62.29 21.69
N GLY C 494 12.72 63.36 21.05
CA GLY C 494 12.79 63.43 19.61
C GLY C 494 11.65 62.76 18.86
N LEU C 495 10.69 62.21 19.60
CA LEU C 495 9.56 61.55 18.97
C LEU C 495 8.29 62.34 19.21
N PRO C 496 7.38 62.38 18.22
CA PRO C 496 6.16 63.14 18.47
C PRO C 496 5.44 62.54 19.68
N HIS C 497 4.63 63.33 20.36
CA HIS C 497 3.93 62.83 21.52
C HIS C 497 2.86 61.80 21.16
N TRP C 498 2.93 60.64 21.82
CA TRP C 498 1.95 59.58 21.59
C TRP C 498 1.12 59.51 22.88
N PRO C 499 -0.12 60.01 22.84
CA PRO C 499 -0.97 59.99 24.02
C PRO C 499 -1.41 58.60 24.44
N GLU C 500 -1.55 58.39 25.74
CA GLU C 500 -1.99 57.11 26.28
C GLU C 500 -3.47 56.95 25.90
N TYR C 501 -3.89 55.72 25.66
CA TYR C 501 -5.28 55.50 25.28
C TYR C 501 -6.16 55.43 26.53
N ASN C 502 -6.53 56.59 27.06
CA ASN C 502 -7.39 56.63 28.25
C ASN C 502 -8.81 57.03 27.84
N GLN C 503 -9.55 57.63 28.76
CA GLN C 503 -10.92 58.01 28.45
C GLN C 503 -11.03 59.00 27.30
N LYS C 504 -9.95 59.74 27.01
CA LYS C 504 -10.00 60.69 25.91
C LYS C 504 -9.83 59.94 24.59
N GLU C 505 -9.41 58.68 24.69
CA GLU C 505 -9.21 57.81 23.54
C GLU C 505 -8.23 58.37 22.50
N GLY C 506 -7.11 58.90 22.99
CA GLY C 506 -6.11 59.42 22.07
C GLY C 506 -5.35 58.27 21.43
N TYR C 507 -4.91 58.50 20.20
CA TYR C 507 -4.16 57.48 19.48
C TYR C 507 -3.25 58.20 18.52
N LEU C 508 -2.24 57.50 18.02
CA LEU C 508 -1.31 58.14 17.10
C LEU C 508 -1.62 57.77 15.65
N GLN C 509 -1.56 58.77 14.77
CA GLN C 509 -1.78 58.53 13.35
C GLN C 509 -0.37 58.49 12.79
N ILE C 510 0.10 57.30 12.44
CA ILE C 510 1.44 57.14 11.92
C ILE C 510 1.50 57.15 10.40
N GLY C 511 2.42 57.95 9.86
CA GLY C 511 2.58 58.07 8.43
C GLY C 511 3.64 59.09 8.09
N ALA C 512 3.62 59.63 6.87
CA ALA C 512 4.59 60.64 6.48
C ALA C 512 4.47 61.79 7.48
N ASN C 513 3.24 62.06 7.89
CA ASN C 513 2.93 63.09 8.88
C ASN C 513 2.37 62.32 10.09
N THR C 514 3.10 62.33 11.19
CA THR C 514 2.67 61.62 12.39
C THR C 514 2.19 62.58 13.47
N GLN C 515 0.93 62.44 13.88
CA GLN C 515 0.35 63.30 14.92
C GLN C 515 -0.65 62.53 15.76
N ALA C 516 -0.99 63.08 16.92
CA ALA C 516 -1.96 62.48 17.81
C ALA C 516 -3.36 62.85 17.34
N ALA C 517 -4.34 62.04 17.70
CA ALA C 517 -5.73 62.27 17.35
C ALA C 517 -6.58 61.58 18.40
N GLN C 518 -7.89 61.71 18.31
CA GLN C 518 -8.79 61.11 19.30
C GLN C 518 -10.01 60.41 18.72
N LYS C 519 -10.53 59.46 19.49
CA LYS C 519 -11.73 58.69 19.15
C LYS C 519 -11.68 57.83 17.89
N LEU C 520 -10.66 56.99 17.80
CA LEU C 520 -10.48 56.09 16.66
C LEU C 520 -11.68 55.15 16.45
N LYS C 521 -12.28 55.18 15.26
CA LYS C 521 -13.41 54.32 14.94
C LYS C 521 -14.55 54.38 15.96
N ASP C 522 -14.66 55.49 16.67
CA ASP C 522 -15.70 55.63 17.69
C ASP C 522 -17.12 55.39 17.19
N LYS C 523 -17.46 55.99 16.05
CA LYS C 523 -18.80 55.83 15.49
C LYS C 523 -19.05 54.46 14.91
N GLU C 524 -18.01 53.87 14.33
CA GLU C 524 -18.13 52.54 13.74
C GLU C 524 -18.43 51.52 14.83
N VAL C 525 -17.74 51.63 15.95
CA VAL C 525 -17.95 50.70 17.06
C VAL C 525 -19.40 50.79 17.55
N ALA C 526 -19.89 52.02 17.71
CA ALA C 526 -21.25 52.24 18.17
C ALA C 526 -22.23 51.59 17.20
N PHE C 527 -22.01 51.79 15.91
CA PHE C 527 -22.89 51.21 14.89
C PHE C 527 -22.91 49.67 14.90
N TRP C 528 -21.75 49.06 14.78
CA TRP C 528 -21.69 47.59 14.76
C TRP C 528 -22.11 46.93 16.06
N THR C 529 -21.80 47.55 17.19
CA THR C 529 -22.17 46.99 18.48
C THR C 529 -23.69 46.92 18.55
N ASN C 530 -24.36 47.97 18.07
CA ASN C 530 -25.80 47.99 18.08
C ASN C 530 -26.36 46.97 17.08
N LEU C 531 -25.76 46.90 15.91
CA LEU C 531 -26.20 45.97 14.88
C LEU C 531 -26.15 44.51 15.32
N PHE C 532 -24.99 44.07 15.81
CA PHE C 532 -24.81 42.69 16.26
C PHE C 532 -25.63 42.35 17.50
N ALA C 533 -26.00 43.37 18.27
CA ALA C 533 -26.78 43.14 19.48
C ALA C 533 -28.19 42.66 19.14
N LYS C 534 -28.66 42.98 17.92
CA LYS C 534 -29.99 42.56 17.50
C LYS C 534 -30.15 41.04 17.60
N SER D 4 -46.69 5.79 -23.52
CA SER D 4 -45.43 5.06 -23.19
C SER D 4 -44.18 5.78 -23.66
N PRO D 5 -43.17 5.87 -22.78
CA PRO D 5 -41.90 6.53 -23.06
C PRO D 5 -41.29 6.12 -24.39
N PRO D 6 -40.53 7.01 -25.02
CA PRO D 6 -39.89 6.74 -26.31
C PRO D 6 -38.86 5.61 -26.26
N VAL D 7 -38.98 4.65 -27.17
CA VAL D 7 -38.03 3.55 -27.24
C VAL D 7 -37.42 3.51 -28.62
N VAL D 8 -36.18 3.99 -28.73
CA VAL D 8 -35.49 4.05 -30.00
C VAL D 8 -34.49 2.91 -30.20
N ASP D 9 -34.33 2.49 -31.44
CA ASP D 9 -33.41 1.40 -31.79
C ASP D 9 -32.15 1.97 -32.41
N THR D 10 -31.02 1.88 -31.70
CA THR D 10 -29.76 2.38 -32.24
C THR D 10 -28.96 1.20 -32.74
N VAL D 11 -27.80 1.47 -33.32
CA VAL D 11 -26.96 0.39 -33.83
C VAL D 11 -26.53 -0.59 -32.75
N HIS D 12 -26.15 -0.07 -31.59
CA HIS D 12 -25.69 -0.90 -30.48
C HIS D 12 -26.81 -1.45 -29.59
N GLY D 13 -28.03 -0.98 -29.77
CA GLY D 13 -29.12 -1.48 -28.95
C GLY D 13 -30.22 -0.47 -28.71
N LYS D 14 -31.30 -0.93 -28.08
CA LYS D 14 -32.45 -0.08 -27.80
C LYS D 14 -32.21 0.83 -26.60
N VAL D 15 -32.77 2.04 -26.66
CA VAL D 15 -32.66 3.01 -25.59
C VAL D 15 -34.04 3.56 -25.25
N LEU D 16 -34.30 3.72 -23.96
CA LEU D 16 -35.56 4.25 -23.47
C LEU D 16 -35.34 5.66 -22.95
N GLY D 17 -36.11 6.60 -23.47
CA GLY D 17 -35.99 7.98 -23.04
C GLY D 17 -37.22 8.42 -22.28
N LYS D 18 -37.50 9.72 -22.29
CA LYS D 18 -38.66 10.25 -21.59
C LYS D 18 -39.23 11.43 -22.36
N PHE D 19 -40.54 11.61 -22.26
CA PHE D 19 -41.20 12.72 -22.92
C PHE D 19 -41.29 13.91 -21.97
N VAL D 20 -41.07 15.10 -22.51
CA VAL D 20 -41.15 16.32 -21.72
C VAL D 20 -41.82 17.38 -22.60
N SER D 21 -42.91 17.95 -22.11
CA SER D 21 -43.63 18.96 -22.85
C SER D 21 -43.20 20.37 -22.47
N LEU D 22 -43.29 21.29 -23.42
CA LEU D 22 -42.91 22.67 -23.18
C LEU D 22 -44.11 23.55 -23.49
N GLU D 23 -44.28 24.62 -22.71
CA GLU D 23 -45.40 25.53 -22.90
C GLU D 23 -45.37 26.14 -24.29
N GLY D 24 -46.47 25.99 -25.01
CA GLY D 24 -46.57 26.54 -26.35
C GLY D 24 -46.42 25.52 -27.46
N PHE D 25 -46.11 24.28 -27.09
CA PHE D 25 -45.94 23.22 -28.09
C PHE D 25 -46.66 21.94 -27.70
N ALA D 26 -47.57 21.51 -28.57
CA ALA D 26 -48.36 20.29 -28.34
C ALA D 26 -47.51 19.04 -28.34
N GLN D 27 -46.65 18.90 -29.36
CA GLN D 27 -45.77 17.74 -29.47
C GLN D 27 -44.72 17.76 -28.36
N PRO D 28 -44.69 16.72 -27.52
CA PRO D 28 -43.71 16.68 -26.45
C PRO D 28 -42.34 16.31 -27.00
N VAL D 29 -41.29 16.79 -26.36
CA VAL D 29 -39.92 16.51 -26.79
C VAL D 29 -39.43 15.20 -26.20
N ALA D 30 -38.83 14.36 -27.02
CA ALA D 30 -38.27 13.08 -26.55
C ALA D 30 -36.86 13.38 -26.09
N ILE D 31 -36.56 13.03 -24.85
CA ILE D 31 -35.25 13.28 -24.28
C ILE D 31 -34.53 12.02 -23.84
N PHE D 32 -33.29 11.85 -24.29
CA PHE D 32 -32.49 10.69 -23.93
C PHE D 32 -31.21 11.16 -23.24
N LEU D 33 -31.01 10.69 -22.02
CA LEU D 33 -29.83 11.09 -21.24
C LEU D 33 -28.82 9.98 -20.98
N GLY D 34 -27.55 10.28 -21.27
CA GLY D 34 -26.50 9.32 -21.01
C GLY D 34 -26.35 8.17 -21.97
N ILE D 35 -26.37 8.45 -23.26
CA ILE D 35 -26.18 7.42 -24.28
C ILE D 35 -24.68 7.31 -24.54
N PRO D 36 -24.10 6.13 -24.34
CA PRO D 36 -22.67 5.93 -24.57
C PRO D 36 -22.34 5.92 -26.05
N PHE D 37 -21.36 6.73 -26.46
CA PHE D 37 -20.96 6.76 -27.87
C PHE D 37 -19.57 6.15 -28.03
N ALA D 38 -19.02 5.67 -26.92
CA ALA D 38 -17.70 5.05 -26.92
C ALA D 38 -17.52 4.16 -25.71
N LYS D 39 -16.48 3.34 -25.73
CA LYS D 39 -16.19 2.44 -24.63
C LYS D 39 -15.54 3.26 -23.50
N PRO D 40 -15.93 2.99 -22.24
CA PRO D 40 -15.35 3.74 -21.13
C PRO D 40 -13.82 3.68 -21.17
N PRO D 41 -13.15 4.85 -21.22
CA PRO D 41 -11.69 4.96 -21.26
C PRO D 41 -11.00 4.68 -19.92
N LEU D 42 -11.20 3.48 -19.40
CA LEU D 42 -10.60 3.09 -18.12
C LEU D 42 -9.40 2.18 -18.32
N GLY D 43 -8.63 2.01 -17.24
CA GLY D 43 -7.47 1.15 -17.29
C GLY D 43 -6.51 1.45 -18.43
N PRO D 44 -6.19 0.44 -19.25
CA PRO D 44 -5.28 0.62 -20.39
C PRO D 44 -5.81 1.56 -21.46
N LEU D 45 -7.10 1.87 -21.41
CA LEU D 45 -7.70 2.75 -22.41
C LEU D 45 -7.46 4.22 -22.11
N ARG D 46 -6.82 4.51 -20.99
CA ARG D 46 -6.49 5.89 -20.63
C ARG D 46 -5.37 6.36 -21.55
N PHE D 47 -5.46 7.59 -22.04
CA PHE D 47 -4.44 8.14 -22.94
C PHE D 47 -4.39 7.40 -24.28
N THR D 48 -5.53 6.94 -24.77
CA THR D 48 -5.58 6.25 -26.06
C THR D 48 -6.83 6.69 -26.79
N PRO D 49 -6.87 6.53 -28.12
CA PRO D 49 -8.05 6.93 -28.88
C PRO D 49 -9.33 6.27 -28.38
N PRO D 50 -10.48 6.94 -28.52
CA PRO D 50 -11.73 6.33 -28.06
C PRO D 50 -12.10 5.12 -28.91
N GLN D 51 -12.76 4.13 -28.30
CA GLN D 51 -13.16 2.94 -29.03
C GLN D 51 -14.67 2.79 -29.05
N PRO D 52 -15.20 2.03 -30.03
CA PRO D 52 -16.65 1.81 -30.15
C PRO D 52 -17.27 1.21 -28.90
N ALA D 53 -18.50 1.60 -28.60
CA ALA D 53 -19.20 1.08 -27.43
C ALA D 53 -19.60 -0.36 -27.71
N GLU D 54 -19.59 -1.18 -26.66
CA GLU D 54 -19.99 -2.58 -26.78
C GLU D 54 -21.50 -2.61 -26.93
N PRO D 55 -22.02 -3.45 -27.86
CA PRO D 55 -23.47 -3.50 -28.04
C PRO D 55 -24.12 -4.09 -26.79
N TRP D 56 -25.40 -3.86 -26.60
CA TRP D 56 -26.09 -4.37 -25.44
C TRP D 56 -27.42 -5.03 -25.80
N SER D 57 -27.88 -5.95 -24.96
CA SER D 57 -29.14 -6.64 -25.17
C SER D 57 -30.23 -5.91 -24.41
N PHE D 58 -31.48 -6.26 -24.70
CA PHE D 58 -32.61 -5.66 -24.02
C PHE D 58 -32.68 -4.15 -24.22
N VAL D 59 -33.30 -3.44 -23.28
CA VAL D 59 -33.44 -2.00 -23.39
C VAL D 59 -32.62 -1.22 -22.37
N LYS D 60 -31.80 -0.30 -22.86
CA LYS D 60 -30.97 0.54 -21.99
C LYS D 60 -31.76 1.77 -21.59
N ASN D 61 -31.80 2.04 -20.29
CA ASN D 61 -32.53 3.17 -19.73
C ASN D 61 -31.69 4.46 -19.82
N ALA D 62 -32.09 5.38 -20.69
CA ALA D 62 -31.36 6.65 -20.86
C ALA D 62 -32.16 7.81 -20.28
N THR D 63 -32.41 7.76 -18.97
CA THR D 63 -33.18 8.79 -18.30
C THR D 63 -32.45 9.46 -17.15
N SER D 64 -31.20 9.06 -16.92
CA SER D 64 -30.39 9.63 -15.85
C SER D 64 -29.25 10.43 -16.45
N TYR D 65 -28.92 11.55 -15.81
CA TYR D 65 -27.81 12.37 -16.27
C TYR D 65 -26.52 11.60 -16.04
N PRO D 66 -25.63 11.57 -17.03
CA PRO D 66 -24.37 10.85 -16.89
C PRO D 66 -23.37 11.63 -16.03
N PRO D 67 -22.33 10.94 -15.54
CA PRO D 67 -21.32 11.61 -14.72
C PRO D 67 -20.61 12.60 -15.64
N MET D 68 -19.94 13.59 -15.06
CA MET D 68 -19.19 14.52 -15.88
C MET D 68 -17.76 14.01 -15.80
N CYS D 69 -16.93 14.31 -16.80
CA CYS D 69 -15.56 13.81 -16.76
C CYS D 69 -14.79 14.33 -15.54
N THR D 70 -13.93 13.49 -14.99
CA THR D 70 -13.15 13.89 -13.83
C THR D 70 -12.59 15.31 -14.04
N GLN D 71 -12.71 16.11 -12.99
CA GLN D 71 -12.25 17.50 -13.03
C GLN D 71 -12.39 18.06 -11.61
N ASP D 72 -11.78 19.23 -11.40
CA ASP D 72 -11.85 19.93 -10.11
C ASP D 72 -13.35 20.05 -9.82
N PRO D 73 -13.86 19.26 -8.87
CA PRO D 73 -15.28 19.27 -8.51
C PRO D 73 -15.90 20.61 -8.14
N LYS D 74 -15.12 21.45 -7.45
CA LYS D 74 -15.64 22.76 -7.06
C LYS D 74 -15.76 23.68 -8.26
N ALA D 75 -14.65 23.87 -8.97
CA ALA D 75 -14.65 24.75 -10.15
C ALA D 75 -15.67 24.26 -11.16
N GLY D 76 -15.80 22.95 -11.29
CA GLY D 76 -16.75 22.37 -12.22
C GLY D 76 -18.19 22.74 -11.90
N GLN D 77 -18.59 22.52 -10.65
CA GLN D 77 -19.95 22.83 -10.23
C GLN D 77 -20.23 24.34 -10.27
N LEU D 78 -19.24 25.14 -9.92
CA LEU D 78 -19.41 26.59 -9.95
C LEU D 78 -19.70 27.06 -11.37
N LEU D 79 -18.92 26.56 -12.33
CA LEU D 79 -19.10 26.94 -13.72
C LEU D 79 -20.43 26.44 -14.24
N SER D 80 -20.84 25.27 -13.79
CA SER D 80 -22.11 24.72 -14.24
C SER D 80 -23.25 25.64 -13.80
N GLU D 81 -23.20 26.11 -12.55
CA GLU D 81 -24.23 26.99 -12.02
C GLU D 81 -24.27 28.33 -12.75
N LEU D 82 -23.09 28.88 -13.08
CA LEU D 82 -23.03 30.16 -13.77
C LEU D 82 -23.49 30.04 -15.22
N PHE D 83 -23.34 28.86 -15.79
CA PHE D 83 -23.70 28.65 -17.19
C PHE D 83 -25.02 27.92 -17.53
N THR D 84 -25.56 27.15 -16.60
CA THR D 84 -26.78 26.43 -16.91
C THR D 84 -27.94 27.33 -17.30
N ASN D 85 -28.78 26.83 -18.21
CA ASN D 85 -29.94 27.56 -18.70
C ASN D 85 -31.22 27.06 -18.06
N ARG D 86 -31.11 26.09 -17.16
CA ARG D 86 -32.29 25.53 -16.50
C ARG D 86 -32.46 26.07 -15.08
N LYS D 87 -33.69 26.01 -14.58
CA LYS D 87 -34.01 26.50 -13.23
C LYS D 87 -33.02 26.11 -12.13
N GLU D 88 -32.99 24.83 -11.79
CA GLU D 88 -32.09 24.34 -10.75
C GLU D 88 -30.86 23.67 -11.36
N ASN D 89 -29.67 24.03 -10.90
CA ASN D 89 -28.47 23.42 -11.44
C ASN D 89 -28.52 21.95 -11.01
N ILE D 90 -28.06 21.07 -11.89
CA ILE D 90 -28.05 19.65 -11.60
C ILE D 90 -26.70 19.24 -11.05
N PRO D 91 -26.67 18.75 -9.80
CA PRO D 91 -25.40 18.33 -9.20
C PRO D 91 -24.93 17.06 -9.93
N LEU D 92 -23.68 17.03 -10.36
CA LEU D 92 -23.18 15.88 -11.09
C LEU D 92 -22.05 15.16 -10.37
N LYS D 93 -21.88 13.88 -10.69
CA LYS D 93 -20.82 13.07 -10.09
C LYS D 93 -19.64 13.00 -11.04
N LEU D 94 -18.44 12.83 -10.47
CA LEU D 94 -17.21 12.73 -11.26
C LEU D 94 -16.97 11.29 -11.65
N SER D 95 -16.29 11.10 -12.78
CA SER D 95 -15.99 9.76 -13.26
C SER D 95 -15.19 9.76 -14.56
N GLU D 96 -14.32 8.77 -14.70
CA GLU D 96 -13.51 8.62 -15.90
C GLU D 96 -14.41 8.02 -16.98
N ASP D 97 -15.49 7.38 -16.54
CA ASP D 97 -16.48 6.78 -17.43
C ASP D 97 -17.47 7.90 -17.72
N CYS D 98 -17.11 8.77 -18.67
CA CYS D 98 -17.94 9.93 -19.00
C CYS D 98 -18.21 10.17 -20.49
N LEU D 99 -17.84 9.24 -21.35
CA LEU D 99 -18.07 9.45 -22.77
C LEU D 99 -19.54 9.17 -23.12
N TYR D 100 -20.38 10.16 -22.83
CA TYR D 100 -21.82 10.09 -23.08
C TYR D 100 -22.30 11.36 -23.75
N LEU D 101 -23.49 11.28 -24.34
CA LEU D 101 -24.09 12.45 -24.98
C LEU D 101 -25.57 12.42 -24.65
N ASN D 102 -26.20 13.59 -24.68
CA ASN D 102 -27.64 13.68 -24.40
C ASN D 102 -28.35 14.15 -25.66
N ILE D 103 -29.55 13.62 -25.89
CA ILE D 103 -30.30 13.97 -27.08
C ILE D 103 -31.69 14.56 -26.79
N TYR D 104 -31.97 15.69 -27.43
CA TYR D 104 -33.26 16.36 -27.29
C TYR D 104 -33.85 16.44 -28.70
N THR D 105 -34.85 15.62 -28.97
CA THR D 105 -35.49 15.61 -30.28
C THR D 105 -36.98 15.94 -30.20
N PRO D 106 -37.44 16.93 -30.98
CA PRO D 106 -38.84 17.36 -31.00
C PRO D 106 -39.63 16.58 -32.05
N ALA D 107 -38.92 15.77 -32.81
CA ALA D 107 -39.53 14.97 -33.86
C ALA D 107 -40.53 13.97 -33.33
N ASP D 108 -41.46 13.58 -34.20
CA ASP D 108 -42.46 12.58 -33.84
C ASP D 108 -41.83 11.25 -34.25
N LEU D 109 -41.30 10.54 -33.27
CA LEU D 109 -40.62 9.27 -33.52
C LEU D 109 -41.47 8.17 -34.13
N THR D 110 -42.78 8.36 -34.15
CA THR D 110 -43.67 7.35 -34.73
C THR D 110 -43.81 7.52 -36.24
N LYS D 111 -43.16 8.55 -36.78
CA LYS D 111 -43.18 8.81 -38.21
C LYS D 111 -41.74 8.97 -38.65
N LYS D 112 -41.51 9.47 -39.86
CA LYS D 112 -40.14 9.66 -40.33
C LYS D 112 -39.81 11.14 -40.42
N ASN D 113 -38.74 11.54 -39.74
CA ASN D 113 -38.31 12.92 -39.73
C ASN D 113 -36.83 13.02 -40.08
N ARG D 114 -36.43 14.17 -40.60
CA ARG D 114 -35.05 14.42 -40.98
C ARG D 114 -34.75 15.88 -40.66
N LEU D 115 -34.83 16.22 -39.38
CA LEU D 115 -34.59 17.57 -38.91
C LEU D 115 -33.10 17.90 -38.80
N PRO D 116 -32.73 19.18 -38.97
CA PRO D 116 -31.30 19.51 -38.85
C PRO D 116 -30.80 19.14 -37.45
N VAL D 117 -29.51 18.82 -37.36
CA VAL D 117 -28.92 18.45 -36.08
C VAL D 117 -27.88 19.46 -35.60
N MET D 118 -28.00 19.84 -34.33
CA MET D 118 -27.06 20.78 -33.75
C MET D 118 -26.35 20.08 -32.59
N VAL D 119 -25.04 19.89 -32.73
CA VAL D 119 -24.25 19.24 -31.70
C VAL D 119 -23.51 20.28 -30.88
N TRP D 120 -23.80 20.31 -29.59
CA TRP D 120 -23.19 21.27 -28.68
C TRP D 120 -21.94 20.75 -27.99
N ILE D 121 -20.88 21.56 -28.02
CA ILE D 121 -19.61 21.22 -27.38
C ILE D 121 -19.36 22.29 -26.31
N HIS D 122 -19.55 21.90 -25.05
CA HIS D 122 -19.40 22.83 -23.94
C HIS D 122 -18.00 23.38 -23.72
N GLY D 123 -17.91 24.50 -23.01
CA GLY D 123 -16.65 25.13 -22.70
C GLY D 123 -16.15 24.75 -21.31
N GLY D 124 -15.01 25.32 -20.92
CA GLY D 124 -14.44 25.00 -19.62
C GLY D 124 -12.93 24.88 -19.67
N GLY D 125 -12.31 25.61 -20.60
CA GLY D 125 -10.86 25.59 -20.75
C GLY D 125 -10.27 24.22 -21.00
N LEU D 126 -11.12 23.27 -21.38
CA LEU D 126 -10.70 21.89 -21.63
C LEU D 126 -10.31 21.23 -20.30
N MET D 127 -10.64 21.89 -19.19
CA MET D 127 -10.32 21.36 -17.87
C MET D 127 -11.57 20.98 -17.08
N VAL D 128 -12.67 21.67 -17.33
CA VAL D 128 -13.92 21.41 -16.63
C VAL D 128 -15.11 21.55 -17.59
N GLY D 129 -16.30 21.36 -17.07
CA GLY D 129 -17.50 21.48 -17.90
C GLY D 129 -18.26 20.16 -18.04
N ALA D 130 -19.51 20.26 -18.49
CA ALA D 130 -20.34 19.09 -18.66
C ALA D 130 -21.46 19.34 -19.65
N ALA D 131 -21.92 18.29 -20.31
CA ALA D 131 -23.00 18.39 -21.28
C ALA D 131 -24.33 18.64 -20.59
N SER D 132 -24.54 17.93 -19.49
CA SER D 132 -25.77 18.01 -18.72
C SER D 132 -26.10 19.42 -18.23
N THR D 133 -25.08 20.28 -18.20
CA THR D 133 -25.26 21.67 -17.80
C THR D 133 -26.24 22.38 -18.72
N TYR D 134 -26.22 21.98 -20.00
CA TYR D 134 -27.06 22.60 -21.00
C TYR D 134 -28.29 21.79 -21.39
N ASP D 135 -29.46 22.38 -21.15
CA ASP D 135 -30.74 21.74 -21.46
C ASP D 135 -31.19 22.16 -22.87
N GLY D 136 -31.34 21.18 -23.75
CA GLY D 136 -31.74 21.48 -25.12
C GLY D 136 -33.23 21.53 -25.40
N LEU D 137 -34.05 21.39 -24.37
CA LEU D 137 -35.50 21.39 -24.53
C LEU D 137 -36.04 22.60 -25.29
N ALA D 138 -35.71 23.80 -24.82
CA ALA D 138 -36.20 25.02 -25.45
C ALA D 138 -35.79 25.21 -26.91
N LEU D 139 -34.49 25.12 -27.17
CA LEU D 139 -33.98 25.28 -28.53
C LEU D 139 -34.59 24.26 -29.47
N ALA D 140 -34.66 23.01 -29.02
CA ALA D 140 -35.22 21.94 -29.86
C ALA D 140 -36.67 22.20 -30.24
N ALA D 141 -37.49 22.48 -29.23
CA ALA D 141 -38.91 22.74 -29.44
C ALA D 141 -39.16 24.00 -30.24
N HIS D 142 -38.51 25.09 -29.84
CA HIS D 142 -38.70 26.37 -30.52
C HIS D 142 -38.25 26.43 -31.97
N GLU D 143 -37.26 25.64 -32.35
CA GLU D 143 -36.78 25.69 -33.72
C GLU D 143 -36.87 24.42 -34.55
N ASN D 144 -37.45 23.37 -34.00
CA ASN D 144 -37.57 22.12 -34.73
C ASN D 144 -36.23 21.58 -35.20
N VAL D 145 -35.31 21.41 -34.26
CA VAL D 145 -34.00 20.88 -34.55
C VAL D 145 -33.69 19.85 -33.46
N VAL D 146 -32.85 18.88 -33.80
CA VAL D 146 -32.46 17.86 -32.82
C VAL D 146 -31.21 18.42 -32.13
N VAL D 147 -31.25 18.52 -30.82
CA VAL D 147 -30.10 19.03 -30.07
C VAL D 147 -29.36 17.89 -29.37
N VAL D 148 -28.07 17.80 -29.65
CA VAL D 148 -27.24 16.78 -29.04
C VAL D 148 -26.12 17.46 -28.25
N THR D 149 -26.00 17.09 -26.97
CA THR D 149 -24.96 17.65 -26.11
C THR D 149 -23.96 16.53 -25.83
N ILE D 150 -22.69 16.78 -26.11
CA ILE D 150 -21.68 15.76 -25.92
C ILE D 150 -20.66 16.06 -24.84
N GLN D 151 -19.97 15.02 -24.40
CA GLN D 151 -18.94 15.16 -23.39
C GLN D 151 -17.67 14.58 -23.98
N TYR D 152 -16.54 14.92 -23.37
CA TYR D 152 -15.25 14.47 -23.84
C TYR D 152 -14.24 14.60 -22.71
N ARG D 153 -13.25 13.72 -22.70
CA ARG D 153 -12.25 13.73 -21.66
C ARG D 153 -11.65 15.12 -21.47
N LEU D 154 -11.46 15.50 -20.21
CA LEU D 154 -10.91 16.80 -19.86
C LEU D 154 -9.55 16.70 -19.16
N GLY D 155 -8.89 17.84 -19.01
CA GLY D 155 -7.61 17.91 -18.34
C GLY D 155 -6.61 16.84 -18.70
N ILE D 156 -5.99 16.25 -17.68
CA ILE D 156 -4.98 15.22 -17.87
C ILE D 156 -5.51 14.07 -18.72
N TRP D 157 -6.67 13.55 -18.37
CA TRP D 157 -7.29 12.44 -19.09
C TRP D 157 -7.57 12.77 -20.55
N GLY D 158 -7.84 14.04 -20.83
CA GLY D 158 -8.15 14.40 -22.19
C GLY D 158 -7.05 15.01 -23.04
N PHE D 159 -5.99 15.51 -22.39
CA PHE D 159 -4.94 16.18 -23.16
C PHE D 159 -3.50 15.96 -22.76
N PHE D 160 -3.25 14.95 -21.92
CA PHE D 160 -1.88 14.69 -21.53
C PHE D 160 -1.09 14.26 -22.76
N SER D 161 -0.04 15.00 -23.10
CA SER D 161 0.77 14.69 -24.26
C SER D 161 2.27 14.65 -23.96
N THR D 162 2.97 13.65 -24.49
CA THR D 162 4.40 13.54 -24.29
C THR D 162 5.12 14.10 -25.51
N GLY D 163 4.35 14.54 -26.50
CA GLY D 163 4.94 15.11 -27.68
C GLY D 163 5.34 14.08 -28.73
N ASP D 164 5.15 12.80 -28.42
CA ASP D 164 5.50 11.76 -29.39
C ASP D 164 4.44 10.65 -29.47
N GLU D 165 4.79 9.55 -30.13
CA GLU D 165 3.85 8.45 -30.33
C GLU D 165 3.35 7.71 -29.11
N HIS D 166 4.05 7.80 -27.99
CA HIS D 166 3.63 7.11 -26.77
C HIS D 166 2.39 7.72 -26.12
N SER D 167 2.13 9.00 -26.40
CA SER D 167 0.96 9.72 -25.91
C SER D 167 0.81 10.99 -26.75
N ARG D 168 0.26 10.83 -27.93
CA ARG D 168 0.10 11.96 -28.85
C ARG D 168 -0.63 13.15 -28.26
N GLY D 169 -1.75 12.89 -27.60
CA GLY D 169 -2.53 13.95 -27.02
C GLY D 169 -3.85 14.13 -27.77
N ASN D 170 -4.59 15.18 -27.44
CA ASN D 170 -5.87 15.46 -28.09
C ASN D 170 -6.93 14.37 -27.91
N TRP D 171 -6.80 13.57 -26.85
CA TRP D 171 -7.75 12.51 -26.59
C TRP D 171 -9.17 13.08 -26.55
N GLY D 172 -9.31 14.25 -25.93
CA GLY D 172 -10.59 14.91 -25.83
C GLY D 172 -11.20 15.26 -27.17
N HIS D 173 -10.38 15.72 -28.11
CA HIS D 173 -10.86 16.05 -29.45
C HIS D 173 -11.22 14.77 -30.21
N LEU D 174 -10.46 13.71 -29.97
CA LEU D 174 -10.75 12.44 -30.62
C LEU D 174 -12.12 11.96 -30.14
N ASP D 175 -12.45 12.27 -28.88
CA ASP D 175 -13.75 11.88 -28.33
C ASP D 175 -14.84 12.68 -29.03
N GLN D 176 -14.56 13.95 -29.32
CA GLN D 176 -15.54 14.80 -29.99
C GLN D 176 -15.81 14.20 -31.38
N VAL D 177 -14.74 13.83 -32.07
CA VAL D 177 -14.87 13.22 -33.39
C VAL D 177 -15.71 11.96 -33.31
N ALA D 178 -15.45 11.13 -32.30
CA ALA D 178 -16.19 9.87 -32.11
C ALA D 178 -17.69 10.11 -31.91
N ALA D 179 -18.02 11.11 -31.11
CA ALA D 179 -19.43 11.40 -30.87
C ALA D 179 -20.05 11.85 -32.19
N LEU D 180 -19.30 12.59 -32.99
CA LEU D 180 -19.81 13.06 -34.29
C LEU D 180 -20.04 11.88 -35.22
N ARG D 181 -19.19 10.87 -35.11
CA ARG D 181 -19.34 9.68 -35.93
C ARG D 181 -20.57 8.92 -35.46
N TRP D 182 -20.77 8.89 -34.15
CA TRP D 182 -21.92 8.21 -33.59
C TRP D 182 -23.19 8.84 -34.15
N VAL D 183 -23.21 10.18 -34.21
CA VAL D 183 -24.37 10.91 -34.72
C VAL D 183 -24.66 10.50 -36.16
N GLN D 184 -23.62 10.45 -36.98
CA GLN D 184 -23.76 10.06 -38.38
C GLN D 184 -24.42 8.69 -38.52
N ASP D 185 -24.02 7.75 -37.65
CA ASP D 185 -24.54 6.40 -37.69
C ASP D 185 -25.88 6.17 -37.00
N ASN D 186 -26.27 7.02 -36.06
CA ASN D 186 -27.50 6.80 -35.32
C ASN D 186 -28.56 7.89 -35.30
N ILE D 187 -28.19 9.13 -35.56
CA ILE D 187 -29.15 10.21 -35.46
C ILE D 187 -30.46 10.07 -36.23
N ALA D 188 -30.44 9.35 -37.35
CA ALA D 188 -31.67 9.15 -38.13
C ALA D 188 -32.77 8.50 -37.28
N SER D 189 -32.37 7.64 -36.35
CA SER D 189 -33.32 6.96 -35.48
C SER D 189 -33.97 7.91 -34.48
N PHE D 190 -33.42 9.12 -34.34
CA PHE D 190 -33.98 10.09 -33.41
C PHE D 190 -34.66 11.26 -34.11
N GLY D 191 -35.03 11.05 -35.37
CA GLY D 191 -35.70 12.10 -36.13
C GLY D 191 -34.76 13.11 -36.74
N GLY D 192 -33.46 12.81 -36.75
CA GLY D 192 -32.50 13.75 -37.30
C GLY D 192 -31.91 13.37 -38.65
N ASN D 193 -31.41 14.38 -39.35
CA ASN D 193 -30.80 14.18 -40.66
C ASN D 193 -29.27 14.26 -40.58
N PRO D 194 -28.59 13.12 -40.74
CA PRO D 194 -27.12 13.09 -40.69
C PRO D 194 -26.47 13.90 -41.81
N GLY D 195 -27.28 14.27 -42.80
CA GLY D 195 -26.76 15.07 -43.91
C GLY D 195 -26.76 16.56 -43.58
N SER D 196 -27.29 16.91 -42.41
CA SER D 196 -27.34 18.30 -41.95
C SER D 196 -26.99 18.42 -40.47
N VAL D 197 -25.70 18.39 -40.19
CA VAL D 197 -25.22 18.49 -38.81
C VAL D 197 -24.40 19.76 -38.60
N THR D 198 -24.80 20.54 -37.60
CA THR D 198 -24.08 21.75 -37.29
C THR D 198 -23.41 21.57 -35.93
N ILE D 199 -22.14 21.92 -35.86
CA ILE D 199 -21.44 21.84 -34.59
C ILE D 199 -21.29 23.26 -34.09
N PHE D 200 -21.55 23.46 -32.81
CA PHE D 200 -21.39 24.77 -32.22
C PHE D 200 -20.96 24.63 -30.78
N GLY D 201 -20.21 25.60 -30.31
CA GLY D 201 -19.71 25.55 -28.95
C GLY D 201 -19.21 26.91 -28.51
N GLU D 202 -19.01 27.07 -27.21
CA GLU D 202 -18.53 28.32 -26.64
C GLU D 202 -17.19 28.11 -25.92
N SER D 203 -16.27 29.05 -26.11
CA SER D 203 -14.95 28.97 -25.48
C SER D 203 -14.11 27.80 -25.97
N ALA D 204 -13.72 26.93 -25.04
CA ALA D 204 -12.92 25.76 -25.37
C ALA D 204 -13.72 24.96 -26.41
N GLY D 205 -15.04 25.05 -26.31
CA GLY D 205 -15.91 24.37 -27.25
C GLY D 205 -15.88 25.09 -28.58
N GLY D 206 -15.71 26.41 -28.55
CA GLY D 206 -15.62 27.19 -29.76
C GLY D 206 -14.27 26.91 -30.41
N GLU D 207 -13.27 26.68 -29.56
CA GLU D 207 -11.93 26.38 -30.06
C GLU D 207 -11.96 24.95 -30.60
N SER D 208 -12.77 24.09 -30.00
CA SER D 208 -12.86 22.71 -30.47
C SER D 208 -13.48 22.68 -31.86
N VAL D 209 -14.55 23.43 -32.05
CA VAL D 209 -15.21 23.51 -33.34
C VAL D 209 -14.21 24.03 -34.36
N SER D 210 -13.49 25.08 -33.99
CA SER D 210 -12.50 25.66 -34.89
C SER D 210 -11.42 24.61 -35.22
N VAL D 211 -11.03 23.80 -34.24
CA VAL D 211 -10.02 22.76 -34.45
C VAL D 211 -10.56 21.65 -35.36
N LEU D 212 -11.83 21.29 -35.18
CA LEU D 212 -12.43 20.25 -36.00
C LEU D 212 -12.53 20.70 -37.46
N VAL D 213 -12.84 21.98 -37.65
CA VAL D 213 -12.94 22.56 -38.98
C VAL D 213 -11.64 22.40 -39.76
N LEU D 214 -10.54 22.32 -39.02
CA LEU D 214 -9.21 22.18 -39.62
C LEU D 214 -8.68 20.75 -39.58
N SER D 215 -9.49 19.82 -39.08
CA SER D 215 -9.05 18.43 -38.97
C SER D 215 -9.57 17.47 -40.03
N PRO D 216 -8.66 16.70 -40.63
CA PRO D 216 -8.99 15.72 -41.67
C PRO D 216 -9.91 14.63 -41.12
N LEU D 217 -9.74 14.31 -39.85
CA LEU D 217 -10.55 13.28 -39.20
C LEU D 217 -12.02 13.65 -39.10
N ALA D 218 -12.34 14.93 -39.23
CA ALA D 218 -13.72 15.37 -39.12
C ALA D 218 -14.45 15.43 -40.46
N LYS D 219 -13.84 14.88 -41.50
CA LYS D 219 -14.46 14.86 -42.82
C LYS D 219 -15.81 14.16 -42.81
N ASN D 220 -16.81 14.82 -43.40
CA ASN D 220 -18.17 14.29 -43.49
C ASN D 220 -18.87 14.09 -42.15
N LEU D 221 -18.42 14.80 -41.11
CA LEU D 221 -19.05 14.66 -39.80
C LEU D 221 -19.90 15.88 -39.43
N PHE D 222 -19.77 16.95 -40.19
CA PHE D 222 -20.57 18.15 -39.97
C PHE D 222 -20.62 18.98 -41.25
N HIS D 223 -21.64 19.83 -41.36
CA HIS D 223 -21.84 20.64 -42.55
C HIS D 223 -21.91 22.13 -42.26
N ARG D 224 -21.91 22.50 -40.99
CA ARG D 224 -21.97 23.89 -40.58
C ARG D 224 -21.30 24.04 -39.22
N ALA D 225 -20.60 25.14 -39.02
CA ALA D 225 -19.89 25.37 -37.78
C ALA D 225 -20.12 26.73 -37.16
N ILE D 226 -20.15 26.76 -35.83
CA ILE D 226 -20.33 28.01 -35.11
C ILE D 226 -19.37 28.06 -33.91
N SER D 227 -18.50 29.06 -33.91
CA SER D 227 -17.57 29.23 -32.81
C SER D 227 -17.96 30.46 -32.02
N GLU D 228 -18.41 30.23 -30.79
CA GLU D 228 -18.83 31.31 -29.89
C GLU D 228 -17.72 31.66 -28.90
N SER D 229 -17.18 32.86 -29.06
CA SER D 229 -16.12 33.34 -28.17
C SER D 229 -14.96 32.34 -28.01
N GLY D 230 -14.31 32.00 -29.12
CA GLY D 230 -13.21 31.06 -29.03
C GLY D 230 -12.90 30.35 -30.33
N VAL D 231 -11.63 30.39 -30.75
CA VAL D 231 -11.20 29.74 -31.98
C VAL D 231 -9.82 29.12 -31.76
N ALA D 232 -9.33 28.40 -32.77
CA ALA D 232 -8.02 27.75 -32.70
C ALA D 232 -6.84 28.70 -32.60
N LEU D 233 -7.07 30.00 -32.77
CA LEU D 233 -5.98 30.97 -32.67
C LEU D 233 -5.90 31.56 -31.26
N THR D 234 -6.74 31.06 -30.35
CA THR D 234 -6.73 31.51 -28.96
C THR D 234 -5.60 30.67 -28.35
N SER D 235 -4.37 31.11 -28.64
CA SER D 235 -3.14 30.44 -28.22
C SER D 235 -3.03 29.83 -26.83
N VAL D 236 -3.87 30.24 -25.90
CA VAL D 236 -3.80 29.67 -24.55
C VAL D 236 -4.24 28.21 -24.59
N LEU D 237 -5.21 27.91 -25.44
CA LEU D 237 -5.76 26.55 -25.57
C LEU D 237 -4.95 25.67 -26.50
N VAL D 238 -4.04 26.26 -27.28
CA VAL D 238 -3.22 25.50 -28.21
C VAL D 238 -1.74 25.53 -27.80
N LYS D 239 -1.12 24.36 -27.68
CA LYS D 239 0.27 24.26 -27.29
C LYS D 239 1.19 24.10 -28.49
N LYS D 240 1.86 25.19 -28.86
CA LYS D 240 2.79 25.17 -29.98
C LYS D 240 4.20 25.15 -29.40
N GLY D 241 5.04 24.27 -29.92
CA GLY D 241 6.40 24.19 -29.41
C GLY D 241 6.64 22.88 -28.69
N ASP D 242 7.63 22.86 -27.80
CA ASP D 242 7.95 21.64 -27.05
C ASP D 242 7.01 21.49 -25.87
N VAL D 243 6.25 20.39 -25.87
CA VAL D 243 5.28 20.13 -24.80
C VAL D 243 5.85 19.20 -23.74
N LYS D 244 7.09 18.76 -23.94
CA LYS D 244 7.77 17.86 -23.03
C LYS D 244 7.88 18.39 -21.59
N PRO D 245 8.30 19.65 -21.42
CA PRO D 245 8.42 20.18 -20.06
C PRO D 245 7.14 20.04 -19.25
N LEU D 246 6.01 20.31 -19.88
CA LEU D 246 4.72 20.21 -19.20
C LEU D 246 4.48 18.75 -18.80
N ALA D 247 4.74 17.83 -19.73
CA ALA D 247 4.54 16.41 -19.47
C ALA D 247 5.36 15.94 -18.27
N GLU D 248 6.65 16.26 -18.26
CA GLU D 248 7.52 15.86 -17.17
C GLU D 248 7.08 16.43 -15.83
N GLN D 249 6.63 17.68 -15.85
CA GLN D 249 6.18 18.33 -14.64
C GLN D 249 4.93 17.63 -14.08
N ILE D 250 4.03 17.21 -14.97
CA ILE D 250 2.83 16.52 -14.51
C ILE D 250 3.23 15.17 -13.94
N ALA D 251 4.18 14.51 -14.59
CA ALA D 251 4.62 13.21 -14.13
C ALA D 251 5.30 13.29 -12.75
N ILE D 252 6.12 14.31 -12.56
CA ILE D 252 6.83 14.49 -11.31
C ILE D 252 5.86 14.84 -10.18
N THR D 253 4.80 15.57 -10.51
CA THR D 253 3.82 15.96 -9.51
C THR D 253 3.04 14.73 -9.02
N ALA D 254 2.82 13.76 -9.92
CA ALA D 254 2.09 12.56 -9.57
C ALA D 254 2.98 11.50 -8.94
N GLY D 255 4.27 11.78 -8.86
CA GLY D 255 5.20 10.83 -8.28
C GLY D 255 5.69 9.81 -9.28
N CYS D 256 5.89 10.25 -10.52
CA CYS D 256 6.35 9.36 -11.59
C CYS D 256 7.77 9.70 -12.05
N LYS D 257 8.46 8.71 -12.60
CA LYS D 257 9.81 8.91 -13.14
C LYS D 257 9.64 9.53 -14.52
N THR D 258 10.71 10.15 -15.02
CA THR D 258 10.66 10.79 -16.33
C THR D 258 11.74 10.28 -17.26
N THR D 259 12.19 9.05 -17.01
CA THR D 259 13.23 8.43 -17.80
C THR D 259 12.96 8.46 -19.31
N THR D 260 11.72 8.14 -19.70
CA THR D 260 11.34 8.15 -21.12
C THR D 260 9.84 8.45 -21.22
N SER D 261 9.38 8.74 -22.44
CA SER D 261 7.97 9.02 -22.67
C SER D 261 7.13 7.81 -22.25
N ALA D 262 7.52 6.63 -22.72
CA ALA D 262 6.79 5.41 -22.41
C ALA D 262 6.73 5.17 -20.91
N VAL D 263 7.83 5.46 -20.21
CA VAL D 263 7.87 5.26 -18.77
C VAL D 263 6.84 6.16 -18.10
N MET D 264 6.76 7.40 -18.54
CA MET D 264 5.82 8.35 -17.97
C MET D 264 4.36 7.93 -18.18
N VAL D 265 4.03 7.58 -19.41
CA VAL D 265 2.66 7.18 -19.73
C VAL D 265 2.24 5.91 -19.00
N HIS D 266 3.18 4.98 -18.85
CA HIS D 266 2.90 3.73 -18.17
C HIS D 266 2.62 3.98 -16.70
N CYS D 267 3.41 4.87 -16.10
CA CYS D 267 3.23 5.22 -14.68
C CYS D 267 1.94 5.99 -14.46
N LEU D 268 1.66 6.95 -15.32
CA LEU D 268 0.42 7.72 -15.16
C LEU D 268 -0.79 6.82 -15.38
N ARG D 269 -0.61 5.81 -16.22
CA ARG D 269 -1.69 4.88 -16.52
C ARG D 269 -2.03 4.00 -15.33
N GLN D 270 -1.11 3.90 -14.37
CA GLN D 270 -1.34 3.07 -13.19
C GLN D 270 -1.95 3.81 -11.99
N LYS D 271 -1.84 5.14 -11.99
CA LYS D 271 -2.39 5.93 -10.90
C LYS D 271 -3.91 5.79 -10.90
N THR D 272 -4.51 5.97 -9.73
CA THR D 272 -5.97 5.87 -9.61
C THR D 272 -6.58 7.20 -10.04
N GLU D 273 -7.89 7.22 -10.24
CA GLU D 273 -8.58 8.45 -10.62
C GLU D 273 -8.37 9.51 -9.55
N GLU D 274 -8.33 9.09 -8.30
CA GLU D 274 -8.14 10.03 -7.19
C GLU D 274 -6.74 10.63 -7.22
N GLU D 275 -5.75 9.81 -7.56
CA GLU D 275 -4.37 10.26 -7.63
C GLU D 275 -4.16 11.32 -8.71
N LEU D 276 -4.76 11.11 -9.88
CA LEU D 276 -4.63 12.06 -10.98
C LEU D 276 -5.43 13.32 -10.70
N LEU D 277 -6.48 13.18 -9.89
CA LEU D 277 -7.30 14.32 -9.53
C LEU D 277 -6.50 15.20 -8.57
N GLU D 278 -5.74 14.56 -7.69
CA GLU D 278 -4.92 15.29 -6.73
C GLU D 278 -3.75 15.97 -7.45
N THR D 279 -3.24 15.31 -8.49
CA THR D 279 -2.16 15.90 -9.26
C THR D 279 -2.74 17.15 -9.92
N THR D 280 -3.96 17.02 -10.43
CA THR D 280 -4.63 18.14 -11.08
C THR D 280 -4.75 19.33 -10.13
N LEU D 281 -5.18 19.06 -8.92
CA LEU D 281 -5.35 20.08 -7.91
C LEU D 281 -4.03 20.75 -7.53
N LYS D 282 -2.96 19.96 -7.39
CA LYS D 282 -1.65 20.50 -7.02
C LYS D 282 -1.10 21.42 -8.10
N MET D 283 -1.33 21.07 -9.36
CA MET D 283 -0.86 21.87 -10.50
C MET D 283 -1.51 23.25 -10.47
N LYS D 284 -2.71 23.31 -9.91
CA LYS D 284 -3.49 24.55 -9.80
C LYS D 284 -3.82 25.21 -11.14
N PHE D 285 -4.38 24.43 -12.06
CA PHE D 285 -4.76 24.94 -13.37
C PHE D 285 -5.89 25.95 -13.23
N LEU D 286 -6.14 26.72 -14.30
CA LEU D 286 -7.21 27.71 -14.31
C LEU D 286 -7.03 28.83 -13.30
N SER D 287 -5.80 29.06 -12.87
CA SER D 287 -5.51 30.10 -11.90
C SER D 287 -4.24 30.83 -12.29
N LEU D 288 -4.24 32.15 -12.12
CA LEU D 288 -3.08 32.97 -12.47
C LEU D 288 -1.98 32.80 -11.43
N ASP D 289 -0.80 32.38 -11.89
CA ASP D 289 0.34 32.18 -11.00
C ASP D 289 1.00 33.53 -10.73
N LEU D 290 0.88 34.02 -9.50
CA LEU D 290 1.43 35.32 -9.13
C LEU D 290 2.87 35.22 -8.61
N GLN D 291 3.38 34.01 -8.50
CA GLN D 291 4.72 33.79 -8.00
C GLN D 291 5.57 33.04 -9.03
N GLY D 292 6.79 33.52 -9.26
CA GLY D 292 7.66 32.86 -10.22
C GLY D 292 7.79 33.56 -11.56
N ASP D 293 8.09 32.78 -12.60
CA ASP D 293 8.23 33.33 -13.94
C ASP D 293 7.01 32.99 -14.77
N PRO D 294 6.33 34.02 -15.29
CA PRO D 294 5.12 33.91 -16.11
C PRO D 294 5.23 32.96 -17.30
N ARG D 295 6.42 32.88 -17.89
CA ARG D 295 6.63 32.02 -19.04
C ARG D 295 6.59 30.53 -18.72
N GLU D 296 6.78 30.17 -17.45
CA GLU D 296 6.77 28.77 -17.07
C GLU D 296 5.38 28.32 -16.59
N SER D 297 4.49 29.29 -16.40
CA SER D 297 3.14 28.98 -15.95
C SER D 297 2.35 28.19 -16.99
N GLN D 298 1.72 27.11 -16.56
CA GLN D 298 0.92 26.31 -17.46
C GLN D 298 -0.50 26.26 -16.89
N PRO D 299 -1.30 27.28 -17.18
CA PRO D 299 -2.68 27.40 -16.70
C PRO D 299 -3.62 26.27 -17.11
N LEU D 300 -3.23 25.49 -18.11
CA LEU D 300 -4.06 24.37 -18.57
C LEU D 300 -3.42 23.48 -19.63
N LEU D 301 -3.95 22.27 -19.76
CA LEU D 301 -3.47 21.32 -20.74
C LEU D 301 -4.46 21.41 -21.90
N GLY D 302 -3.94 21.55 -23.12
CA GLY D 302 -4.85 21.66 -24.25
C GLY D 302 -4.47 20.94 -25.52
N THR D 303 -4.94 21.52 -26.63
CA THR D 303 -4.71 21.00 -27.97
C THR D 303 -3.23 21.07 -28.34
N VAL D 304 -2.74 20.01 -28.99
CA VAL D 304 -1.35 19.97 -29.43
C VAL D 304 -1.36 19.56 -30.89
N ILE D 305 -0.22 19.66 -31.55
CA ILE D 305 -0.11 19.25 -32.93
C ILE D 305 0.38 17.80 -32.86
N ASP D 306 -0.56 16.87 -32.80
CA ASP D 306 -0.28 15.44 -32.67
C ASP D 306 0.07 14.71 -33.96
N GLY D 307 -0.33 15.27 -35.11
CA GLY D 307 -0.03 14.61 -36.36
C GLY D 307 -1.13 13.67 -36.81
N MET D 308 -2.21 13.60 -36.03
CA MET D 308 -3.35 12.75 -36.34
C MET D 308 -4.54 13.68 -36.54
N LEU D 309 -4.91 14.41 -35.49
CA LEU D 309 -6.01 15.36 -35.55
C LEU D 309 -5.53 16.59 -36.33
N LEU D 310 -4.46 17.21 -35.86
CA LEU D 310 -3.89 18.38 -36.52
C LEU D 310 -2.51 18.02 -37.07
N LEU D 311 -2.31 18.27 -38.36
CA LEU D 311 -1.04 17.95 -39.00
C LEU D 311 -0.03 19.10 -38.91
N LYS D 312 -0.52 20.30 -38.61
CA LYS D 312 0.35 21.45 -38.47
C LYS D 312 -0.41 22.53 -37.72
N THR D 313 0.30 23.53 -37.21
CA THR D 313 -0.35 24.60 -36.46
C THR D 313 -1.54 25.20 -37.20
N PRO D 314 -2.54 25.67 -36.44
CA PRO D 314 -3.73 26.28 -37.03
C PRO D 314 -3.34 27.39 -38.00
N GLU D 315 -2.31 28.15 -37.64
CA GLU D 315 -1.83 29.25 -38.47
C GLU D 315 -1.41 28.75 -39.85
N GLU D 316 -0.56 27.72 -39.89
CA GLU D 316 -0.10 27.15 -41.15
C GLU D 316 -1.20 26.46 -41.93
N LEU D 317 -2.10 25.78 -41.22
CA LEU D 317 -3.21 25.09 -41.86
C LEU D 317 -4.11 26.04 -42.62
N GLN D 318 -4.46 27.17 -42.00
CA GLN D 318 -5.33 28.12 -42.67
C GLN D 318 -4.55 28.94 -43.69
N ALA D 319 -3.23 28.96 -43.56
CA ALA D 319 -2.41 29.69 -44.52
C ALA D 319 -2.72 29.04 -45.86
N GLU D 320 -2.63 27.71 -45.87
CA GLU D 320 -2.94 26.93 -47.06
C GLU D 320 -4.44 26.67 -47.00
N ARG D 321 -4.97 25.97 -48.01
CA ARG D 321 -6.40 25.68 -48.03
C ARG D 321 -6.66 24.22 -47.72
N ASN D 322 -5.96 23.70 -46.71
CA ASN D 322 -6.10 22.31 -46.31
C ASN D 322 -7.38 22.06 -45.52
N PHE D 323 -7.64 22.90 -44.52
CA PHE D 323 -8.85 22.79 -43.71
C PHE D 323 -10.01 22.86 -44.69
N HIS D 324 -11.22 22.49 -44.26
CA HIS D 324 -12.28 22.58 -45.24
C HIS D 324 -13.47 23.49 -45.03
N THR D 325 -13.93 23.98 -46.17
CA THR D 325 -15.02 24.92 -46.28
C THR D 325 -16.43 24.42 -46.03
N VAL D 326 -17.04 25.00 -45.01
CA VAL D 326 -18.40 24.73 -44.61
C VAL D 326 -18.82 26.09 -44.08
N PRO D 327 -20.11 26.43 -44.18
CA PRO D 327 -20.52 27.74 -43.66
C PRO D 327 -20.01 27.83 -42.23
N TYR D 328 -19.41 28.97 -41.89
CA TYR D 328 -18.82 29.17 -40.58
C TYR D 328 -19.23 30.49 -39.93
N MET D 329 -19.82 30.40 -38.74
CA MET D 329 -20.23 31.60 -38.00
C MET D 329 -19.24 31.72 -36.83
N VAL D 330 -18.68 32.91 -36.65
CA VAL D 330 -17.72 33.18 -35.59
C VAL D 330 -18.11 34.46 -34.84
N GLY D 331 -18.26 34.36 -33.53
CA GLY D 331 -18.65 35.53 -32.76
C GLY D 331 -17.91 35.74 -31.46
N ILE D 332 -18.13 36.90 -30.87
CA ILE D 332 -17.52 37.27 -29.61
C ILE D 332 -18.49 38.15 -28.84
N ASN D 333 -18.22 38.35 -27.55
CA ASN D 333 -19.05 39.18 -26.71
C ASN D 333 -18.32 40.49 -26.45
N LYS D 334 -19.07 41.54 -26.17
CA LYS D 334 -18.51 42.86 -25.93
C LYS D 334 -17.37 42.88 -24.90
N GLN D 335 -17.61 42.22 -23.76
CA GLN D 335 -16.61 42.17 -22.69
C GLN D 335 -16.25 40.75 -22.32
N GLU D 336 -15.50 40.08 -23.19
CA GLU D 336 -15.10 38.70 -22.96
C GLU D 336 -14.31 38.50 -21.66
N PHE D 337 -13.52 39.50 -21.29
CA PHE D 337 -12.70 39.41 -20.09
C PHE D 337 -13.07 40.52 -19.13
N GLY D 338 -14.35 40.60 -18.79
CA GLY D 338 -14.82 41.64 -17.90
C GLY D 338 -15.09 41.21 -16.48
N TRP D 339 -15.55 39.98 -16.28
CA TRP D 339 -15.85 39.51 -14.93
C TRP D 339 -15.60 38.01 -14.74
N LEU D 340 -16.41 37.18 -15.39
CA LEU D 340 -16.32 35.73 -15.27
C LEU D 340 -14.93 35.11 -15.28
N ILE D 341 -14.22 35.24 -16.40
CA ILE D 341 -12.89 34.65 -16.51
C ILE D 341 -11.92 35.14 -15.46
N PRO D 342 -11.79 36.48 -15.27
CA PRO D 342 -10.88 37.04 -14.28
C PRO D 342 -11.23 36.53 -12.87
N MET D 343 -12.53 36.34 -12.64
CA MET D 343 -13.04 35.87 -11.36
C MET D 343 -12.61 34.41 -11.12
N LEU D 344 -12.82 33.56 -12.11
CA LEU D 344 -12.47 32.16 -12.01
C LEU D 344 -10.96 31.92 -11.95
N MET D 345 -10.18 32.86 -12.46
CA MET D 345 -8.72 32.72 -12.45
C MET D 345 -8.04 33.48 -11.33
N SER D 346 -8.83 34.05 -10.42
CA SER D 346 -8.29 34.79 -9.29
C SER D 346 -7.30 35.89 -9.67
N TYR D 347 -7.68 36.73 -10.64
CA TYR D 347 -6.84 37.85 -11.07
C TYR D 347 -6.85 38.90 -9.96
N PRO D 348 -5.68 39.47 -9.66
CA PRO D 348 -5.53 40.50 -8.61
C PRO D 348 -6.08 41.86 -9.08
N LEU D 349 -7.36 42.10 -8.81
CA LEU D 349 -8.01 43.35 -9.22
C LEU D 349 -8.99 43.87 -8.19
N SER D 350 -8.92 43.37 -6.96
CA SER D 350 -9.85 43.77 -5.91
C SER D 350 -9.98 45.28 -5.69
N GLU D 351 -9.16 46.08 -6.37
CA GLU D 351 -9.25 47.53 -6.21
C GLU D 351 -10.04 48.20 -7.33
N GLY D 352 -10.27 47.47 -8.42
CA GLY D 352 -11.03 48.01 -9.53
C GLY D 352 -10.39 49.17 -10.27
N GLN D 353 -9.22 49.60 -9.83
CA GLN D 353 -8.51 50.69 -10.48
C GLN D 353 -7.11 50.22 -10.87
N LEU D 354 -6.51 50.91 -11.83
CA LEU D 354 -5.18 50.50 -12.29
C LEU D 354 -4.40 51.62 -12.98
N ASP D 355 -3.13 51.73 -12.63
CA ASP D 355 -2.25 52.71 -13.23
C ASP D 355 -1.30 51.97 -14.16
N GLN D 356 -0.78 52.66 -15.16
CA GLN D 356 0.11 52.07 -16.14
C GLN D 356 1.13 51.05 -15.60
N LYS D 357 1.87 51.42 -14.57
CA LYS D 357 2.86 50.51 -13.98
C LYS D 357 2.25 49.18 -13.54
N THR D 358 1.12 49.26 -12.83
CA THR D 358 0.46 48.06 -12.37
C THR D 358 0.02 47.23 -13.57
N ALA D 359 -0.61 47.90 -14.53
CA ALA D 359 -1.09 47.26 -15.74
C ALA D 359 0.03 46.44 -16.41
N MET D 360 1.16 47.08 -16.67
CA MET D 360 2.29 46.41 -17.29
C MET D 360 2.69 45.19 -16.47
N SER D 361 2.68 45.35 -15.16
CA SER D 361 3.02 44.27 -14.24
C SER D 361 2.03 43.11 -14.38
N LEU D 362 0.74 43.42 -14.37
CA LEU D 362 -0.30 42.40 -14.51
C LEU D 362 -0.26 41.71 -15.87
N LEU D 363 -0.03 42.50 -16.91
CA LEU D 363 0.03 41.99 -18.28
C LEU D 363 1.17 40.99 -18.42
N TRP D 364 2.28 41.26 -17.73
CA TRP D 364 3.42 40.34 -17.78
C TRP D 364 3.03 39.04 -17.11
N LYS D 365 2.34 39.13 -15.97
CA LYS D 365 1.89 37.94 -15.25
C LYS D 365 0.92 37.16 -16.13
N SER D 366 0.17 37.89 -16.96
CA SER D 366 -0.82 37.28 -17.86
C SER D 366 -0.19 36.59 -19.06
N TYR D 367 1.14 36.49 -19.08
CA TYR D 367 1.82 35.88 -20.21
C TYR D 367 1.18 34.58 -20.72
N PRO D 368 0.88 33.62 -19.82
CA PRO D 368 0.27 32.37 -20.28
C PRO D 368 -1.08 32.54 -21.00
N LEU D 369 -1.72 33.68 -20.78
CA LEU D 369 -3.02 33.96 -21.40
C LEU D 369 -2.94 34.77 -22.70
N VAL D 370 -2.03 35.74 -22.75
CA VAL D 370 -1.90 36.60 -23.93
C VAL D 370 -0.60 36.48 -24.72
N CYS D 371 0.44 35.95 -24.09
CA CYS D 371 1.73 35.76 -24.74
C CYS D 371 2.37 37.02 -25.31
N ILE D 372 2.44 38.08 -24.50
CA ILE D 372 3.07 39.30 -24.98
C ILE D 372 4.48 39.35 -24.40
N ALA D 373 5.47 39.53 -25.26
CA ALA D 373 6.86 39.61 -24.82
C ALA D 373 7.03 40.80 -23.88
N LYS D 374 7.91 40.63 -22.89
CA LYS D 374 8.15 41.68 -21.91
C LYS D 374 8.46 43.04 -22.54
N GLU D 375 9.25 43.03 -23.60
CA GLU D 375 9.63 44.27 -24.28
C GLU D 375 8.50 44.91 -25.10
N LEU D 376 7.44 44.15 -25.36
CA LEU D 376 6.33 44.68 -26.15
C LEU D 376 5.21 45.19 -25.25
N ILE D 377 5.23 44.80 -23.98
CA ILE D 377 4.22 45.20 -23.01
C ILE D 377 4.03 46.71 -22.91
N PRO D 378 5.13 47.48 -22.80
CA PRO D 378 5.02 48.93 -22.70
C PRO D 378 4.24 49.55 -23.87
N GLU D 379 4.62 49.16 -25.09
CA GLU D 379 3.95 49.67 -26.28
C GLU D 379 2.48 49.27 -26.29
N ALA D 380 2.21 48.02 -25.89
CA ALA D 380 0.85 47.52 -25.85
C ALA D 380 0.03 48.26 -24.80
N THR D 381 0.58 48.40 -23.60
CA THR D 381 -0.12 49.09 -22.51
C THR D 381 -0.41 50.53 -22.91
N GLU D 382 0.59 51.22 -23.43
CA GLU D 382 0.43 52.61 -23.84
C GLU D 382 -0.69 52.75 -24.87
N LYS D 383 -0.72 51.85 -25.84
CA LYS D 383 -1.74 51.89 -26.88
C LYS D 383 -3.17 51.88 -26.33
N TYR D 384 -3.44 51.01 -25.35
CA TYR D 384 -4.77 50.90 -24.76
C TYR D 384 -5.07 51.85 -23.59
N LEU D 385 -4.10 52.08 -22.70
CA LEU D 385 -4.35 52.93 -21.54
C LEU D 385 -3.77 54.35 -21.64
N GLY D 386 -3.04 54.62 -22.70
CA GLY D 386 -2.44 55.94 -22.85
C GLY D 386 -3.44 57.06 -23.14
N GLY D 387 -4.70 56.71 -23.28
CA GLY D 387 -5.72 57.71 -23.56
C GLY D 387 -6.06 58.62 -22.39
N THR D 388 -6.67 58.07 -21.35
CA THR D 388 -7.05 58.85 -20.18
C THR D 388 -6.14 58.65 -18.97
N ASP D 389 -6.49 59.30 -17.87
CA ASP D 389 -5.72 59.23 -16.64
C ASP D 389 -6.52 58.51 -15.55
N ASP D 390 -7.81 58.34 -15.80
CA ASP D 390 -8.70 57.69 -14.86
C ASP D 390 -8.23 56.24 -14.63
N THR D 391 -7.80 55.94 -13.41
CA THR D 391 -7.31 54.60 -13.09
C THR D 391 -8.39 53.53 -13.23
N VAL D 392 -9.66 53.94 -13.23
CA VAL D 392 -10.75 53.00 -13.37
C VAL D 392 -10.93 52.72 -14.85
N LYS D 393 -10.85 53.76 -15.67
CA LYS D 393 -10.97 53.60 -17.12
C LYS D 393 -9.79 52.79 -17.63
N LYS D 394 -8.63 53.01 -17.02
CA LYS D 394 -7.43 52.27 -17.41
C LYS D 394 -7.64 50.79 -17.13
N LYS D 395 -8.34 50.49 -16.03
CA LYS D 395 -8.62 49.10 -15.68
C LYS D 395 -9.54 48.51 -16.75
N ASP D 396 -10.60 49.26 -17.10
CA ASP D 396 -11.53 48.81 -18.12
C ASP D 396 -10.78 48.55 -19.43
N LEU D 397 -10.05 49.56 -19.89
CA LEU D 397 -9.30 49.42 -21.12
C LEU D 397 -8.34 48.25 -21.05
N PHE D 398 -7.85 47.97 -19.85
CA PHE D 398 -6.92 46.88 -19.65
C PHE D 398 -7.64 45.53 -19.87
N LEU D 399 -8.91 45.47 -19.51
CA LEU D 399 -9.70 44.26 -19.68
C LEU D 399 -9.97 44.06 -21.18
N ASP D 400 -10.11 45.16 -21.91
CA ASP D 400 -10.33 45.11 -23.35
C ASP D 400 -9.06 44.60 -24.02
N LEU D 401 -7.92 45.04 -23.50
CA LEU D 401 -6.63 44.63 -24.02
C LEU D 401 -6.63 43.10 -24.06
N ILE D 402 -6.74 42.48 -22.88
CA ILE D 402 -6.74 41.03 -22.76
C ILE D 402 -7.85 40.37 -23.59
N ALA D 403 -9.02 40.99 -23.63
CA ALA D 403 -10.13 40.46 -24.40
C ALA D 403 -9.81 40.44 -25.90
N ASP D 404 -9.24 41.52 -26.41
CA ASP D 404 -8.91 41.59 -27.84
C ASP D 404 -7.83 40.59 -28.22
N VAL D 405 -6.86 40.38 -27.34
CA VAL D 405 -5.78 39.46 -27.63
C VAL D 405 -6.19 37.99 -27.52
N MET D 406 -7.16 37.68 -26.67
CA MET D 406 -7.58 36.30 -26.51
C MET D 406 -8.71 35.89 -27.45
N PHE D 407 -9.70 36.77 -27.62
CA PHE D 407 -10.84 36.44 -28.46
C PHE D 407 -11.08 37.31 -29.69
N GLY D 408 -11.17 38.61 -29.48
CA GLY D 408 -11.44 39.52 -30.57
C GLY D 408 -10.58 39.40 -31.82
N VAL D 409 -9.29 39.70 -31.69
CA VAL D 409 -8.38 39.64 -32.82
C VAL D 409 -8.30 38.24 -33.43
N PRO D 410 -8.17 37.20 -32.59
CA PRO D 410 -8.10 35.83 -33.14
C PRO D 410 -9.36 35.44 -33.92
N SER D 411 -10.52 35.78 -33.38
CA SER D 411 -11.78 35.45 -34.03
C SER D 411 -11.90 36.11 -35.40
N VAL D 412 -11.54 37.39 -35.47
CA VAL D 412 -11.62 38.12 -36.73
C VAL D 412 -10.59 37.58 -37.73
N ILE D 413 -9.38 37.29 -37.27
CA ILE D 413 -8.37 36.77 -38.18
C ILE D 413 -8.83 35.44 -38.77
N VAL D 414 -9.36 34.56 -37.91
CA VAL D 414 -9.84 33.26 -38.35
C VAL D 414 -11.00 33.41 -39.36
N ALA D 415 -11.85 34.41 -39.13
CA ALA D 415 -12.99 34.65 -40.03
C ALA D 415 -12.48 35.14 -41.39
N ARG D 416 -11.53 36.07 -41.37
CA ARG D 416 -10.97 36.59 -42.62
C ARG D 416 -10.35 35.47 -43.46
N ASN D 417 -9.60 34.58 -42.81
CA ASN D 417 -8.97 33.48 -43.53
C ASN D 417 -9.99 32.52 -44.12
N HIS D 418 -11.11 32.33 -43.42
CA HIS D 418 -12.16 31.43 -43.90
C HIS D 418 -12.78 32.09 -45.14
N ARG D 419 -13.00 33.40 -45.03
CA ARG D 419 -13.58 34.19 -46.11
C ARG D 419 -12.70 34.09 -47.35
N ASP D 420 -11.41 34.34 -47.16
CA ASP D 420 -10.46 34.29 -48.26
C ASP D 420 -10.32 32.88 -48.84
N ALA D 421 -10.77 31.88 -48.10
CA ALA D 421 -10.69 30.51 -48.60
C ALA D 421 -11.91 30.23 -49.48
N GLY D 422 -12.75 31.26 -49.66
CA GLY D 422 -13.92 31.12 -50.51
C GLY D 422 -15.13 30.46 -49.88
N ALA D 423 -15.25 30.52 -48.56
CA ALA D 423 -16.38 29.90 -47.88
C ALA D 423 -17.34 30.91 -47.25
N PRO D 424 -18.61 30.53 -47.06
CA PRO D 424 -19.59 31.42 -46.46
C PRO D 424 -19.13 31.73 -45.03
N THR D 425 -19.10 33.01 -44.68
CA THR D 425 -18.64 33.40 -43.35
C THR D 425 -19.53 34.45 -42.71
N TYR D 426 -19.82 34.26 -41.43
CA TYR D 426 -20.65 35.19 -40.67
C TYR D 426 -19.99 35.48 -39.33
N MET D 427 -20.21 36.68 -38.83
CA MET D 427 -19.66 37.09 -37.54
C MET D 427 -20.69 37.89 -36.77
N TYR D 428 -20.52 37.95 -35.47
CA TYR D 428 -21.42 38.73 -34.63
C TYR D 428 -20.67 39.20 -33.40
N GLU D 429 -21.25 40.19 -32.73
CA GLU D 429 -20.68 40.71 -31.50
C GLU D 429 -21.90 40.81 -30.59
N PHE D 430 -21.88 40.01 -29.53
CA PHE D 430 -22.99 39.99 -28.58
C PHE D 430 -22.79 41.00 -27.45
N GLN D 431 -23.77 41.86 -27.26
CA GLN D 431 -23.71 42.88 -26.22
C GLN D 431 -25.01 42.94 -25.45
N TYR D 432 -25.03 42.30 -24.29
CA TYR D 432 -26.23 42.27 -23.46
C TYR D 432 -25.94 41.63 -22.12
N ARG D 433 -26.61 42.10 -21.07
CA ARG D 433 -26.43 41.55 -19.74
C ARG D 433 -27.70 40.81 -19.36
N PRO D 434 -27.67 39.47 -19.38
CA PRO D 434 -28.82 38.63 -19.03
C PRO D 434 -29.24 38.77 -17.58
N SER D 435 -30.53 38.61 -17.33
CA SER D 435 -31.06 38.71 -15.97
C SER D 435 -30.60 37.50 -15.17
N PHE D 436 -30.13 36.47 -15.87
CA PHE D 436 -29.67 35.25 -15.24
C PHE D 436 -28.23 35.37 -14.74
N SER D 437 -27.65 36.56 -14.89
CA SER D 437 -26.28 36.81 -14.45
C SER D 437 -26.14 36.52 -12.96
N SER D 438 -24.93 36.19 -12.53
CA SER D 438 -24.67 35.92 -11.12
C SER D 438 -24.86 37.20 -10.29
N ASP D 439 -25.42 37.05 -9.10
CA ASP D 439 -25.64 38.18 -8.21
C ASP D 439 -24.35 38.93 -7.89
N MET D 440 -23.23 38.21 -7.91
CA MET D 440 -21.93 38.81 -7.59
C MET D 440 -21.38 39.68 -8.71
N LYS D 441 -21.95 39.55 -9.90
CA LYS D 441 -21.51 40.30 -11.06
C LYS D 441 -22.17 41.68 -11.11
N PRO D 442 -21.35 42.75 -11.09
CA PRO D 442 -21.90 44.11 -11.14
C PRO D 442 -22.70 44.38 -12.40
N LYS D 443 -23.60 45.35 -12.33
CA LYS D 443 -24.47 45.72 -13.45
C LYS D 443 -23.71 46.37 -14.61
N THR D 444 -22.50 46.84 -14.34
CA THR D 444 -21.69 47.49 -15.36
C THR D 444 -21.03 46.52 -16.34
N VAL D 445 -21.16 45.22 -16.08
CA VAL D 445 -20.57 44.23 -16.98
C VAL D 445 -21.63 43.85 -18.00
N ILE D 446 -21.39 44.22 -19.25
CA ILE D 446 -22.33 43.91 -20.32
C ILE D 446 -21.64 43.12 -21.42
N GLY D 447 -22.23 42.00 -21.81
CA GLY D 447 -21.64 41.17 -22.84
C GLY D 447 -20.43 40.43 -22.29
N ASP D 448 -20.54 39.93 -21.07
CA ASP D 448 -19.45 39.19 -20.44
C ASP D 448 -19.33 37.83 -21.12
N HIS D 449 -18.22 37.15 -20.82
CA HIS D 449 -17.96 35.83 -21.37
C HIS D 449 -19.10 34.89 -21.02
N GLY D 450 -19.65 34.23 -22.04
CA GLY D 450 -20.74 33.29 -21.81
C GLY D 450 -22.16 33.85 -21.83
N ASP D 451 -22.31 35.16 -21.82
CA ASP D 451 -23.64 35.77 -21.80
C ASP D 451 -24.61 35.40 -22.93
N GLU D 452 -24.09 35.05 -24.11
CA GLU D 452 -24.99 34.71 -25.21
C GLU D 452 -25.60 33.31 -25.04
N LEU D 453 -25.03 32.51 -24.15
CA LEU D 453 -25.53 31.16 -23.90
C LEU D 453 -26.99 31.15 -23.47
N PHE D 454 -27.38 32.12 -22.63
CA PHE D 454 -28.76 32.15 -22.17
C PHE D 454 -29.75 32.42 -23.30
N SER D 455 -29.32 33.18 -24.30
CA SER D 455 -30.18 33.48 -25.44
C SER D 455 -30.22 32.28 -26.38
N VAL D 456 -29.06 31.69 -26.63
CA VAL D 456 -28.94 30.55 -27.54
C VAL D 456 -29.74 29.33 -27.06
N PHE D 457 -29.66 29.02 -25.77
CA PHE D 457 -30.36 27.85 -25.25
C PHE D 457 -31.74 28.15 -24.66
N GLY D 458 -32.27 29.32 -24.98
CA GLY D 458 -33.60 29.68 -24.51
C GLY D 458 -33.83 29.65 -23.01
N ALA D 459 -32.90 30.17 -22.24
CA ALA D 459 -33.04 30.20 -20.78
C ALA D 459 -34.33 30.93 -20.37
N PRO D 460 -34.73 31.98 -21.11
CA PRO D 460 -35.96 32.71 -20.74
C PRO D 460 -37.21 31.82 -20.71
N PHE D 461 -37.16 30.70 -21.41
CA PHE D 461 -38.29 29.79 -21.44
C PHE D 461 -38.19 28.65 -20.43
N LEU D 462 -37.04 28.54 -19.78
CA LEU D 462 -36.86 27.49 -18.79
C LEU D 462 -36.76 28.11 -17.40
N LYS D 463 -36.10 29.26 -17.31
CA LYS D 463 -35.95 29.95 -16.04
C LYS D 463 -37.03 31.02 -15.92
N GLU D 464 -37.06 31.70 -14.78
CA GLU D 464 -38.08 32.72 -14.55
C GLU D 464 -37.51 34.12 -14.41
N GLY D 465 -38.40 35.11 -14.44
CA GLY D 465 -38.02 36.50 -14.29
C GLY D 465 -37.42 37.18 -15.50
N ALA D 466 -37.65 36.64 -16.69
CA ALA D 466 -37.12 37.25 -17.90
C ALA D 466 -38.08 38.26 -18.49
N SER D 467 -37.57 39.46 -18.73
CA SER D 467 -38.36 40.53 -19.31
C SER D 467 -38.74 40.18 -20.74
N GLU D 468 -39.84 40.73 -21.21
CA GLU D 468 -40.31 40.48 -22.55
C GLU D 468 -39.21 40.76 -23.59
N GLU D 469 -38.36 41.74 -23.29
CA GLU D 469 -37.27 42.08 -24.19
C GLU D 469 -36.21 40.98 -24.27
N GLU D 470 -35.91 40.35 -23.14
CA GLU D 470 -34.92 39.29 -23.10
C GLU D 470 -35.47 38.08 -23.84
N ILE D 471 -36.79 37.91 -23.73
CA ILE D 471 -37.47 36.81 -24.38
C ILE D 471 -37.42 36.98 -25.90
N ARG D 472 -37.58 38.21 -26.38
CA ARG D 472 -37.54 38.47 -27.82
C ARG D 472 -36.12 38.23 -28.32
N LEU D 473 -35.14 38.61 -27.52
CA LEU D 473 -33.73 38.44 -27.87
C LEU D 473 -33.40 36.96 -28.05
N SER D 474 -33.89 36.13 -27.13
CA SER D 474 -33.64 34.70 -27.19
C SER D 474 -34.29 34.08 -28.42
N LYS D 475 -35.55 34.45 -28.68
CA LYS D 475 -36.27 33.94 -29.84
C LYS D 475 -35.52 34.27 -31.13
N MET D 476 -35.03 35.50 -31.23
CA MET D 476 -34.29 35.92 -32.42
C MET D 476 -33.00 35.13 -32.61
N VAL D 477 -32.18 35.03 -31.56
CA VAL D 477 -30.92 34.30 -31.65
C VAL D 477 -31.12 32.83 -32.02
N MET D 478 -32.11 32.19 -31.41
CA MET D 478 -32.37 30.78 -31.72
C MET D 478 -32.72 30.65 -33.20
N LYS D 479 -33.52 31.59 -33.70
CA LYS D 479 -33.91 31.60 -35.11
C LYS D 479 -32.66 31.66 -35.97
N PHE D 480 -31.83 32.66 -35.71
CA PHE D 480 -30.57 32.86 -36.43
C PHE D 480 -29.73 31.57 -36.43
N TRP D 481 -29.53 31.00 -35.25
CA TRP D 481 -28.74 29.78 -35.12
C TRP D 481 -29.36 28.62 -35.89
N ALA D 482 -30.67 28.45 -35.76
CA ALA D 482 -31.38 27.36 -36.44
C ALA D 482 -31.44 27.56 -37.95
N ASN D 483 -31.63 28.79 -38.40
CA ASN D 483 -31.69 29.05 -39.83
C ASN D 483 -30.31 28.78 -40.41
N PHE D 484 -29.28 28.99 -39.59
CA PHE D 484 -27.91 28.77 -40.02
C PHE D 484 -27.69 27.26 -40.18
N ALA D 485 -28.20 26.49 -39.21
CA ALA D 485 -28.06 25.04 -39.24
C ALA D 485 -28.76 24.47 -40.46
N ARG D 486 -29.86 25.10 -40.85
CA ARG D 486 -30.62 24.60 -41.99
C ARG D 486 -30.02 24.98 -43.35
N ASN D 487 -29.66 26.25 -43.52
CA ASN D 487 -29.15 26.70 -44.81
C ASN D 487 -27.73 27.25 -44.88
N GLY D 488 -27.02 27.29 -43.76
CA GLY D 488 -25.68 27.83 -43.79
C GLY D 488 -25.75 29.33 -43.99
N ASN D 489 -26.92 29.88 -43.68
CA ASN D 489 -27.21 31.31 -43.79
C ASN D 489 -28.22 31.59 -42.68
N PRO D 490 -27.87 32.49 -41.74
CA PRO D 490 -28.74 32.85 -40.62
C PRO D 490 -30.01 33.60 -40.96
N ASN D 491 -29.97 34.37 -42.04
CA ASN D 491 -31.11 35.19 -42.44
C ASN D 491 -32.43 34.47 -42.65
N GLY D 492 -33.50 35.14 -42.27
CA GLY D 492 -34.84 34.58 -42.41
C GLY D 492 -35.86 35.70 -42.32
N GLU D 493 -37.12 35.37 -42.56
CA GLU D 493 -38.18 36.37 -42.51
C GLU D 493 -38.49 36.79 -41.08
N GLY D 494 -38.54 38.11 -40.87
CA GLY D 494 -38.83 38.66 -39.56
C GLY D 494 -37.60 38.91 -38.69
N LEU D 495 -36.42 38.70 -39.27
CA LEU D 495 -35.17 38.90 -38.54
C LEU D 495 -34.33 40.01 -39.15
N PRO D 496 -33.61 40.78 -38.30
CA PRO D 496 -32.78 41.86 -38.84
C PRO D 496 -31.86 41.25 -39.89
N HIS D 497 -31.46 42.03 -40.88
CA HIS D 497 -30.58 41.51 -41.92
C HIS D 497 -29.16 41.29 -41.39
N TRP D 498 -28.64 40.08 -41.60
CA TRP D 498 -27.30 39.73 -41.16
C TRP D 498 -26.43 39.55 -42.41
N PRO D 499 -25.63 40.56 -42.76
CA PRO D 499 -24.77 40.49 -43.94
C PRO D 499 -23.65 39.46 -43.79
N GLU D 500 -23.31 38.81 -44.89
CA GLU D 500 -22.25 37.82 -44.88
C GLU D 500 -20.93 38.55 -44.65
N TYR D 501 -20.01 37.91 -43.93
CA TYR D 501 -18.73 38.52 -43.67
C TYR D 501 -17.83 38.39 -44.90
N ASN D 502 -18.03 39.32 -45.85
CA ASN D 502 -17.24 39.32 -47.08
C ASN D 502 -16.16 40.41 -47.02
N GLN D 503 -15.88 41.03 -48.16
CA GLN D 503 -14.85 42.07 -48.22
C GLN D 503 -15.21 43.35 -47.47
N LYS D 504 -16.51 43.59 -47.30
CA LYS D 504 -16.99 44.77 -46.58
C LYS D 504 -16.88 44.50 -45.07
N GLU D 505 -16.64 43.24 -44.74
CA GLU D 505 -16.52 42.80 -43.36
C GLU D 505 -17.68 43.21 -42.46
N GLY D 506 -18.89 43.03 -42.98
CA GLY D 506 -20.06 43.37 -42.19
C GLY D 506 -20.30 42.26 -41.17
N TYR D 507 -20.94 42.62 -40.06
CA TYR D 507 -21.23 41.66 -38.99
C TYR D 507 -22.46 42.15 -38.27
N LEU D 508 -23.08 41.26 -37.49
CA LEU D 508 -24.28 41.64 -36.76
C LEU D 508 -23.99 41.92 -35.29
N GLN D 509 -24.40 43.10 -34.83
CA GLN D 509 -24.24 43.47 -33.43
C GLN D 509 -25.54 43.01 -32.79
N ILE D 510 -25.47 41.98 -31.97
CA ILE D 510 -26.67 41.44 -31.33
C ILE D 510 -26.85 41.95 -29.91
N GLY D 511 -28.06 42.42 -29.61
CA GLY D 511 -28.37 42.95 -28.29
C GLY D 511 -29.78 43.49 -28.23
N ALA D 512 -30.04 44.39 -27.29
CA ALA D 512 -31.37 45.00 -27.16
C ALA D 512 -31.76 45.60 -28.51
N ASN D 513 -30.78 46.23 -29.14
CA ASN D 513 -30.97 46.82 -30.46
C ASN D 513 -30.03 46.03 -31.36
N THR D 514 -30.59 45.30 -32.32
CA THR D 514 -29.79 44.48 -33.22
C THR D 514 -29.72 45.06 -34.62
N GLN D 515 -28.51 45.29 -35.11
CA GLN D 515 -28.32 45.83 -36.45
C GLN D 515 -26.91 45.55 -36.96
N ALA D 516 -26.75 45.52 -38.27
CA ALA D 516 -25.46 45.25 -38.88
C ALA D 516 -24.50 46.43 -38.82
N ALA D 517 -23.21 46.12 -38.90
CA ALA D 517 -22.16 47.12 -38.87
C ALA D 517 -21.02 46.58 -39.73
N GLN D 518 -19.87 47.24 -39.71
CA GLN D 518 -18.74 46.79 -40.52
C GLN D 518 -17.38 46.96 -39.85
N LYS D 519 -16.41 46.17 -40.32
CA LYS D 519 -15.03 46.23 -39.83
C LYS D 519 -14.84 45.95 -38.35
N LEU D 520 -15.36 44.82 -37.88
CA LEU D 520 -15.25 44.43 -36.48
C LEU D 520 -13.77 44.28 -36.06
N LYS D 521 -13.34 45.06 -35.07
CA LYS D 521 -11.98 44.98 -34.57
C LYS D 521 -10.93 45.25 -35.65
N ASP D 522 -11.27 46.07 -36.63
CA ASP D 522 -10.34 46.36 -37.72
C ASP D 522 -9.01 46.95 -37.26
N LYS D 523 -9.07 48.00 -36.45
CA LYS D 523 -7.87 48.66 -35.96
C LYS D 523 -7.07 47.76 -35.02
N GLU D 524 -7.75 47.10 -34.10
CA GLU D 524 -7.10 46.21 -33.16
C GLU D 524 -6.28 45.16 -33.88
N VAL D 525 -6.86 44.56 -34.92
CA VAL D 525 -6.16 43.51 -35.66
C VAL D 525 -4.87 44.03 -36.28
N ALA D 526 -4.94 45.20 -36.90
CA ALA D 526 -3.75 45.79 -37.52
C ALA D 526 -2.69 46.05 -36.45
N PHE D 527 -3.10 46.65 -35.33
CA PHE D 527 -2.16 46.93 -34.25
C PHE D 527 -1.45 45.70 -33.71
N TRP D 528 -2.21 44.69 -33.29
CA TRP D 528 -1.61 43.49 -32.74
C TRP D 528 -0.79 42.70 -33.74
N THR D 529 -1.18 42.74 -35.01
CA THR D 529 -0.42 42.00 -36.03
C THR D 529 0.94 42.65 -36.21
N ASN D 530 0.96 43.98 -36.34
CA ASN D 530 2.21 44.71 -36.51
C ASN D 530 3.06 44.67 -35.26
N LEU D 531 2.43 44.54 -34.10
CA LEU D 531 3.16 44.49 -32.83
C LEU D 531 3.87 43.15 -32.65
N PHE D 532 3.12 42.06 -32.77
CA PHE D 532 3.72 40.74 -32.61
C PHE D 532 4.78 40.49 -33.67
N ALA D 533 4.72 41.25 -34.77
CA ALA D 533 5.68 41.10 -35.86
C ALA D 533 7.07 41.63 -35.49
N LYS D 534 7.27 41.96 -34.22
CA LYS D 534 8.56 42.47 -33.76
C LYS D 534 9.23 41.48 -32.80
N SER E 4 5.21 -47.92 -20.19
CA SER E 4 5.44 -46.45 -20.29
C SER E 4 4.11 -45.69 -20.25
N PRO E 5 4.09 -44.53 -19.58
CA PRO E 5 2.88 -43.70 -19.46
C PRO E 5 2.35 -43.27 -20.82
N PRO E 6 1.02 -43.08 -20.93
CA PRO E 6 0.38 -42.67 -22.18
C PRO E 6 0.57 -41.19 -22.53
N VAL E 7 0.89 -40.95 -23.80
CA VAL E 7 1.07 -39.60 -24.30
C VAL E 7 0.09 -39.39 -25.44
N VAL E 8 -0.77 -38.39 -25.30
CA VAL E 8 -1.77 -38.10 -26.32
C VAL E 8 -1.55 -36.72 -26.93
N ASP E 9 -1.73 -36.65 -28.25
CA ASP E 9 -1.56 -35.39 -28.96
C ASP E 9 -2.88 -34.67 -29.11
N THR E 10 -2.97 -33.48 -28.50
CA THR E 10 -4.18 -32.68 -28.58
C THR E 10 -3.88 -31.49 -29.48
N VAL E 11 -4.93 -30.79 -29.89
CA VAL E 11 -4.78 -29.64 -30.77
C VAL E 11 -3.67 -28.68 -30.30
N HIS E 12 -3.64 -28.41 -28.99
CA HIS E 12 -2.66 -27.48 -28.44
C HIS E 12 -1.30 -28.07 -28.01
N GLY E 13 -1.17 -29.39 -28.05
CA GLY E 13 0.09 -29.99 -27.67
C GLY E 13 -0.08 -31.34 -27.00
N LYS E 14 1.02 -32.03 -26.78
CA LYS E 14 1.00 -33.34 -26.17
C LYS E 14 0.80 -33.31 -24.66
N VAL E 15 0.08 -34.30 -24.14
CA VAL E 15 -0.13 -34.42 -22.70
C VAL E 15 0.27 -35.82 -22.25
N LEU E 16 0.83 -35.90 -21.05
CA LEU E 16 1.27 -37.14 -20.45
C LEU E 16 0.37 -37.46 -19.26
N GLY E 17 -0.15 -38.69 -19.23
CA GLY E 17 -1.01 -39.09 -18.13
C GLY E 17 -0.42 -40.32 -17.46
N LYS E 18 -1.26 -41.08 -16.78
CA LYS E 18 -0.79 -42.29 -16.11
C LYS E 18 -1.81 -43.42 -16.21
N PHE E 19 -1.31 -44.65 -16.22
CA PHE E 19 -2.18 -45.81 -16.30
C PHE E 19 -2.56 -46.24 -14.88
N VAL E 20 -3.82 -46.58 -14.69
CA VAL E 20 -4.29 -47.02 -13.39
C VAL E 20 -5.25 -48.18 -13.64
N SER E 21 -5.02 -49.30 -12.97
CA SER E 21 -5.88 -50.45 -13.14
C SER E 21 -6.81 -50.64 -11.95
N LEU E 22 -8.10 -50.72 -12.24
CA LEU E 22 -9.11 -50.94 -11.21
C LEU E 22 -9.18 -52.46 -11.03
N GLU E 23 -9.10 -52.94 -9.79
CA GLU E 23 -9.14 -54.37 -9.59
C GLU E 23 -10.37 -54.99 -10.22
N GLY E 24 -10.17 -56.11 -10.90
CA GLY E 24 -11.28 -56.78 -11.57
C GLY E 24 -11.32 -56.46 -13.04
N PHE E 25 -10.60 -55.43 -13.46
CA PHE E 25 -10.58 -55.04 -14.86
C PHE E 25 -9.15 -55.03 -15.41
N ALA E 26 -8.89 -55.88 -16.40
CA ALA E 26 -7.58 -56.00 -16.99
C ALA E 26 -7.23 -54.82 -17.91
N GLN E 27 -8.24 -54.22 -18.52
CA GLN E 27 -7.99 -53.08 -19.40
C GLN E 27 -7.64 -51.86 -18.56
N PRO E 28 -6.40 -51.38 -18.67
CA PRO E 28 -5.93 -50.20 -17.91
C PRO E 28 -6.68 -48.92 -18.26
N VAL E 29 -6.84 -48.05 -17.27
CA VAL E 29 -7.52 -46.78 -17.49
C VAL E 29 -6.46 -45.69 -17.55
N ALA E 30 -6.45 -44.90 -18.61
CA ALA E 30 -5.48 -43.82 -18.72
C ALA E 30 -6.10 -42.59 -18.07
N ILE E 31 -5.35 -41.97 -17.17
CA ILE E 31 -5.84 -40.81 -16.45
C ILE E 31 -5.01 -39.56 -16.72
N PHE E 32 -5.69 -38.48 -17.08
CA PHE E 32 -5.05 -37.20 -17.36
C PHE E 32 -5.65 -36.16 -16.44
N LEU E 33 -4.82 -35.59 -15.56
CA LEU E 33 -5.28 -34.60 -14.60
C LEU E 33 -4.77 -33.20 -14.88
N GLY E 34 -5.70 -32.26 -14.86
CA GLY E 34 -5.34 -30.87 -15.08
C GLY E 34 -5.03 -30.44 -16.49
N ILE E 35 -5.86 -30.81 -17.44
CA ILE E 35 -5.65 -30.40 -18.82
C ILE E 35 -6.39 -29.07 -18.96
N PRO E 36 -5.70 -28.02 -19.42
CA PRO E 36 -6.36 -26.71 -19.57
C PRO E 36 -7.21 -26.65 -20.83
N PHE E 37 -8.43 -26.13 -20.72
CA PHE E 37 -9.30 -26.02 -21.87
C PHE E 37 -9.56 -24.55 -22.22
N ALA E 38 -8.94 -23.66 -21.48
CA ALA E 38 -9.09 -22.23 -21.72
C ALA E 38 -7.94 -21.49 -21.04
N LYS E 39 -7.72 -20.25 -21.47
CA LYS E 39 -6.67 -19.42 -20.91
C LYS E 39 -7.07 -18.99 -19.48
N PRO E 40 -6.09 -18.91 -18.56
CA PRO E 40 -6.40 -18.52 -17.19
C PRO E 40 -7.09 -17.16 -17.15
N PRO E 41 -8.32 -17.12 -16.61
CA PRO E 41 -9.12 -15.89 -16.50
C PRO E 41 -8.56 -14.92 -15.45
N LEU E 42 -7.33 -14.49 -15.66
CA LEU E 42 -6.65 -13.60 -14.74
C LEU E 42 -6.61 -12.15 -15.27
N GLY E 43 -6.42 -11.21 -14.36
CA GLY E 43 -6.33 -9.80 -14.74
C GLY E 43 -7.49 -9.28 -15.56
N PRO E 44 -7.25 -8.82 -16.79
CA PRO E 44 -8.28 -8.28 -17.68
C PRO E 44 -9.36 -9.31 -18.01
N LEU E 45 -8.98 -10.58 -18.02
CA LEU E 45 -9.89 -11.66 -18.36
C LEU E 45 -10.95 -11.97 -17.31
N ARG E 46 -10.83 -11.38 -16.13
CA ARG E 46 -11.82 -11.62 -15.10
C ARG E 46 -13.12 -10.96 -15.55
N PHE E 47 -14.24 -11.61 -15.30
CA PHE E 47 -15.55 -11.11 -15.71
C PHE E 47 -15.69 -10.98 -17.22
N THR E 48 -15.08 -11.91 -17.96
CA THR E 48 -15.19 -11.93 -19.43
C THR E 48 -15.27 -13.39 -19.89
N PRO E 49 -15.76 -13.62 -21.12
CA PRO E 49 -15.87 -14.99 -21.65
C PRO E 49 -14.53 -15.71 -21.69
N PRO E 50 -14.53 -17.03 -21.50
CA PRO E 50 -13.26 -17.76 -21.53
C PRO E 50 -12.64 -17.72 -22.92
N GLN E 51 -11.32 -17.65 -22.99
CA GLN E 51 -10.63 -17.63 -24.28
C GLN E 51 -9.93 -18.97 -24.45
N PRO E 52 -9.56 -19.32 -25.69
CA PRO E 52 -8.87 -20.59 -25.98
C PRO E 52 -7.50 -20.66 -25.28
N ALA E 53 -7.08 -21.85 -24.90
CA ALA E 53 -5.79 -22.01 -24.24
C ALA E 53 -4.65 -21.84 -25.24
N GLU E 54 -3.53 -21.29 -24.79
CA GLU E 54 -2.36 -21.10 -25.66
C GLU E 54 -1.70 -22.46 -25.86
N PRO E 55 -1.19 -22.73 -27.07
CA PRO E 55 -0.53 -24.01 -27.36
C PRO E 55 0.82 -24.15 -26.66
N TRP E 56 1.19 -25.39 -26.35
CA TRP E 56 2.47 -25.61 -25.67
C TRP E 56 3.39 -26.46 -26.51
N SER E 57 4.68 -26.24 -26.32
CA SER E 57 5.69 -27.00 -27.04
C SER E 57 6.03 -28.19 -26.16
N PHE E 58 6.56 -29.25 -26.76
CA PHE E 58 6.93 -30.43 -25.98
C PHE E 58 5.74 -31.13 -25.34
N VAL E 59 6.00 -31.84 -24.23
CA VAL E 59 4.97 -32.62 -23.52
C VAL E 59 4.55 -32.04 -22.16
N LYS E 60 3.26 -31.73 -22.04
CA LYS E 60 2.74 -31.21 -20.79
C LYS E 60 2.38 -32.39 -19.89
N ASN E 61 2.85 -32.34 -18.65
CA ASN E 61 2.62 -33.39 -17.67
C ASN E 61 1.25 -33.24 -16.96
N ALA E 62 0.26 -34.01 -17.36
CA ALA E 62 -1.04 -33.91 -16.71
C ALA E 62 -1.15 -34.98 -15.62
N THR E 63 -0.36 -34.85 -14.57
CA THR E 63 -0.37 -35.84 -13.49
C THR E 63 -0.66 -35.32 -12.09
N SER E 64 -1.02 -34.05 -11.96
CA SER E 64 -1.31 -33.52 -10.64
C SER E 64 -2.68 -32.87 -10.67
N TYR E 65 -3.37 -32.91 -9.53
CA TYR E 65 -4.70 -32.33 -9.44
C TYR E 65 -4.68 -30.83 -9.60
N PRO E 66 -5.52 -30.30 -10.49
CA PRO E 66 -5.56 -28.85 -10.70
C PRO E 66 -6.13 -28.15 -9.49
N PRO E 67 -5.89 -26.85 -9.37
CA PRO E 67 -6.47 -26.14 -8.22
C PRO E 67 -7.99 -26.09 -8.44
N MET E 68 -8.74 -25.77 -7.41
CA MET E 68 -10.19 -25.63 -7.58
C MET E 68 -10.39 -24.12 -7.64
N CYS E 69 -11.45 -23.67 -8.29
CA CYS E 69 -11.70 -22.24 -8.38
C CYS E 69 -11.83 -21.61 -7.00
N THR E 70 -11.40 -20.36 -6.89
CA THR E 70 -11.46 -19.64 -5.62
C THR E 70 -12.87 -19.77 -5.03
N GLN E 71 -12.92 -20.10 -3.76
CA GLN E 71 -14.18 -20.32 -3.05
C GLN E 71 -13.84 -20.39 -1.57
N ASP E 72 -14.86 -20.33 -0.73
CA ASP E 72 -14.67 -20.45 0.71
C ASP E 72 -13.93 -21.78 0.92
N PRO E 73 -12.67 -21.72 1.38
CA PRO E 73 -11.85 -22.92 1.60
C PRO E 73 -12.49 -23.97 2.51
N LYS E 74 -13.05 -23.50 3.63
CA LYS E 74 -13.67 -24.41 4.59
C LYS E 74 -14.89 -25.11 4.01
N ALA E 75 -15.82 -24.33 3.47
CA ALA E 75 -17.03 -24.87 2.87
C ALA E 75 -16.69 -25.78 1.70
N GLY E 76 -15.69 -25.37 0.92
CA GLY E 76 -15.27 -26.16 -0.23
C GLY E 76 -14.73 -27.51 0.15
N GLN E 77 -13.88 -27.56 1.17
CA GLN E 77 -13.31 -28.82 1.60
C GLN E 77 -14.36 -29.72 2.25
N LEU E 78 -15.24 -29.14 3.04
CA LEU E 78 -16.27 -29.92 3.71
C LEU E 78 -17.10 -30.65 2.65
N LEU E 79 -17.61 -29.90 1.68
CA LEU E 79 -18.43 -30.47 0.61
C LEU E 79 -17.70 -31.58 -0.13
N SER E 80 -16.40 -31.36 -0.37
CA SER E 80 -15.62 -32.34 -1.10
C SER E 80 -15.52 -33.65 -0.30
N GLU E 81 -15.32 -33.54 1.01
CA GLU E 81 -15.22 -34.71 1.87
C GLU E 81 -16.52 -35.50 1.89
N LEU E 82 -17.64 -34.78 1.94
CA LEU E 82 -18.94 -35.41 1.98
C LEU E 82 -19.33 -36.08 0.67
N PHE E 83 -18.92 -35.49 -0.46
CA PHE E 83 -19.29 -36.01 -1.77
C PHE E 83 -18.29 -36.90 -2.53
N THR E 84 -17.03 -36.91 -2.12
CA THR E 84 -16.04 -37.69 -2.86
C THR E 84 -16.27 -39.21 -2.83
N ASN E 85 -15.98 -39.86 -3.96
CA ASN E 85 -16.15 -41.30 -4.08
C ASN E 85 -14.84 -42.03 -3.86
N ARG E 86 -13.80 -41.27 -3.48
CA ARG E 86 -12.48 -41.84 -3.23
C ARG E 86 -12.38 -42.35 -1.79
N LYS E 87 -11.36 -43.17 -1.55
CA LYS E 87 -11.11 -43.72 -0.23
C LYS E 87 -10.67 -42.59 0.71
N GLU E 88 -9.84 -41.69 0.19
CA GLU E 88 -9.37 -40.57 0.99
C GLU E 88 -9.53 -39.26 0.21
N ASN E 89 -10.14 -38.27 0.85
CA ASN E 89 -10.35 -36.98 0.19
C ASN E 89 -9.00 -36.34 -0.14
N ILE E 90 -8.96 -35.66 -1.27
CA ILE E 90 -7.75 -35.00 -1.72
C ILE E 90 -7.79 -33.50 -1.44
N PRO E 91 -6.92 -33.00 -0.55
CA PRO E 91 -6.94 -31.57 -0.26
C PRO E 91 -6.54 -30.83 -1.53
N LEU E 92 -7.18 -29.71 -1.79
CA LEU E 92 -6.89 -28.95 -3.00
C LEU E 92 -6.56 -27.49 -2.71
N LYS E 93 -5.81 -26.88 -3.63
CA LYS E 93 -5.44 -25.48 -3.52
C LYS E 93 -6.47 -24.60 -4.22
N LEU E 94 -6.56 -23.34 -3.84
CA LEU E 94 -7.48 -22.40 -4.46
C LEU E 94 -6.75 -21.56 -5.48
N SER E 95 -7.44 -21.15 -6.54
CA SER E 95 -6.84 -20.30 -7.55
C SER E 95 -7.84 -19.83 -8.59
N GLU E 96 -7.60 -18.66 -9.16
CA GLU E 96 -8.47 -18.13 -10.20
C GLU E 96 -8.10 -18.89 -11.48
N ASP E 97 -6.91 -19.47 -11.47
CA ASP E 97 -6.44 -20.26 -12.60
C ASP E 97 -6.98 -21.67 -12.34
N CYS E 98 -8.25 -21.87 -12.69
CA CYS E 98 -8.90 -23.14 -12.42
C CYS E 98 -9.64 -23.78 -13.58
N LEU E 99 -9.48 -23.24 -14.79
CA LEU E 99 -10.20 -23.82 -15.91
C LEU E 99 -9.50 -25.04 -16.50
N TYR E 100 -9.67 -26.16 -15.79
CA TYR E 100 -9.08 -27.44 -16.17
C TYR E 100 -10.14 -28.54 -16.14
N LEU E 101 -9.78 -29.66 -16.74
CA LEU E 101 -10.65 -30.82 -16.77
C LEU E 101 -9.78 -32.06 -16.61
N ASN E 102 -10.37 -33.12 -16.06
CA ASN E 102 -9.67 -34.39 -15.88
C ASN E 102 -10.33 -35.41 -16.80
N ILE E 103 -9.52 -36.32 -17.33
CA ILE E 103 -10.03 -37.34 -18.24
C ILE E 103 -9.68 -38.75 -17.77
N TYR E 104 -10.68 -39.62 -17.83
CA TYR E 104 -10.52 -41.03 -17.45
C TYR E 104 -10.99 -41.83 -18.66
N THR E 105 -10.04 -42.35 -19.43
CA THR E 105 -10.39 -43.14 -20.61
C THR E 105 -9.93 -44.58 -20.51
N PRO E 106 -10.84 -45.54 -20.74
CA PRO E 106 -10.52 -46.97 -20.68
C PRO E 106 -10.13 -47.52 -22.05
N ALA E 107 -10.22 -46.68 -23.06
CA ALA E 107 -9.89 -47.07 -24.43
C ALA E 107 -8.42 -47.38 -24.62
N ASP E 108 -8.12 -48.17 -25.64
CA ASP E 108 -6.74 -48.52 -25.94
C ASP E 108 -6.28 -47.47 -26.95
N LEU E 109 -5.45 -46.55 -26.49
CA LEU E 109 -4.96 -45.46 -27.32
C LEU E 109 -4.12 -45.89 -28.50
N THR E 110 -3.64 -47.14 -28.47
CA THR E 110 -2.82 -47.66 -29.57
C THR E 110 -3.68 -48.18 -30.70
N LYS E 111 -4.98 -47.91 -30.63
CA LYS E 111 -5.94 -48.33 -31.63
C LYS E 111 -6.95 -47.20 -31.77
N LYS E 112 -7.89 -47.30 -32.70
CA LYS E 112 -8.87 -46.26 -32.85
C LYS E 112 -10.13 -46.65 -32.09
N ASN E 113 -10.52 -45.83 -31.13
CA ASN E 113 -11.70 -46.10 -30.34
C ASN E 113 -12.58 -44.86 -30.31
N ARG E 114 -13.88 -45.07 -30.36
CA ARG E 114 -14.85 -43.97 -30.33
C ARG E 114 -15.91 -44.32 -29.27
N LEU E 115 -15.47 -44.38 -28.02
CA LEU E 115 -16.35 -44.69 -26.91
C LEU E 115 -17.23 -43.49 -26.56
N PRO E 116 -18.38 -43.72 -25.90
CA PRO E 116 -19.23 -42.59 -25.55
C PRO E 116 -18.54 -41.75 -24.48
N VAL E 117 -18.85 -40.46 -24.45
CA VAL E 117 -18.24 -39.57 -23.48
C VAL E 117 -19.25 -39.00 -22.49
N MET E 118 -18.93 -39.08 -21.21
CA MET E 118 -19.79 -38.55 -20.18
C MET E 118 -19.04 -37.39 -19.52
N VAL E 119 -19.61 -36.20 -19.63
CA VAL E 119 -18.98 -35.00 -19.07
C VAL E 119 -19.68 -34.57 -17.79
N TRP E 120 -18.98 -34.71 -16.68
CA TRP E 120 -19.51 -34.37 -15.37
C TRP E 120 -19.37 -32.91 -14.95
N ILE E 121 -20.47 -32.33 -14.48
CA ILE E 121 -20.49 -30.95 -14.00
C ILE E 121 -20.85 -30.99 -12.51
N HIS E 122 -19.88 -30.71 -11.66
CA HIS E 122 -20.08 -30.74 -10.22
C HIS E 122 -21.05 -29.69 -9.69
N GLY E 123 -21.65 -30.00 -8.54
CA GLY E 123 -22.58 -29.07 -7.91
C GLY E 123 -21.87 -28.27 -6.85
N GLY E 124 -22.63 -27.51 -6.07
CA GLY E 124 -22.05 -26.69 -5.02
C GLY E 124 -22.65 -25.30 -5.06
N GLY E 125 -23.93 -25.21 -5.44
CA GLY E 125 -24.59 -23.92 -5.51
C GLY E 125 -23.90 -22.88 -6.38
N LEU E 126 -22.99 -23.34 -7.23
CA LEU E 126 -22.24 -22.44 -8.12
C LEU E 126 -21.30 -21.55 -7.30
N MET E 127 -21.13 -21.89 -6.02
CA MET E 127 -20.28 -21.12 -5.10
C MET E 127 -19.03 -21.88 -4.66
N VAL E 128 -19.15 -23.21 -4.57
CA VAL E 128 -18.05 -24.07 -4.16
C VAL E 128 -18.04 -25.31 -5.04
N GLY E 129 -17.09 -26.20 -4.78
CA GLY E 129 -17.03 -27.43 -5.56
C GLY E 129 -15.77 -27.57 -6.39
N ALA E 130 -15.52 -28.79 -6.86
CA ALA E 130 -14.34 -29.07 -7.65
C ALA E 130 -14.56 -30.35 -8.41
N ALA E 131 -13.83 -30.49 -9.52
CA ALA E 131 -13.93 -31.67 -10.37
C ALA E 131 -13.17 -32.85 -9.78
N SER E 132 -12.02 -32.57 -9.18
CA SER E 132 -11.16 -33.60 -8.61
C SER E 132 -11.78 -34.41 -7.47
N THR E 133 -12.89 -33.91 -6.94
CA THR E 133 -13.60 -34.58 -5.86
C THR E 133 -14.15 -35.91 -6.38
N TYR E 134 -14.49 -35.91 -7.66
CA TYR E 134 -15.07 -37.08 -8.31
C TYR E 134 -14.05 -37.88 -9.13
N ASP E 135 -13.86 -39.13 -8.74
CA ASP E 135 -12.92 -40.04 -9.41
C ASP E 135 -13.72 -40.84 -10.43
N GLY E 136 -13.42 -40.65 -11.71
CA GLY E 136 -14.13 -41.36 -12.76
C GLY E 136 -13.55 -42.69 -13.17
N LEU E 137 -12.60 -43.20 -12.39
CA LEU E 137 -11.95 -44.47 -12.70
C LEU E 137 -12.93 -45.66 -12.72
N ALA E 138 -13.75 -45.80 -11.68
CA ALA E 138 -14.70 -46.91 -11.60
C ALA E 138 -15.74 -46.93 -12.70
N LEU E 139 -16.37 -45.78 -12.93
CA LEU E 139 -17.39 -45.67 -13.95
C LEU E 139 -16.79 -45.99 -15.32
N ALA E 140 -15.63 -45.39 -15.60
CA ALA E 140 -14.96 -45.59 -16.88
C ALA E 140 -14.63 -47.05 -17.12
N ALA E 141 -14.01 -47.70 -16.13
CA ALA E 141 -13.62 -49.10 -16.25
C ALA E 141 -14.82 -50.06 -16.27
N HIS E 142 -15.84 -49.76 -15.47
CA HIS E 142 -17.03 -50.61 -15.40
C HIS E 142 -17.96 -50.52 -16.59
N GLU E 143 -18.10 -49.34 -17.18
CA GLU E 143 -19.00 -49.21 -18.30
C GLU E 143 -18.36 -48.92 -19.64
N ASN E 144 -17.04 -49.00 -19.67
CA ASN E 144 -16.27 -48.75 -20.88
C ASN E 144 -16.65 -47.42 -21.53
N VAL E 145 -16.57 -46.35 -20.76
CA VAL E 145 -16.89 -45.01 -21.26
C VAL E 145 -15.79 -44.03 -20.85
N VAL E 146 -15.66 -42.93 -21.59
CA VAL E 146 -14.68 -41.90 -21.26
C VAL E 146 -15.35 -40.90 -20.34
N VAL E 147 -14.82 -40.75 -19.14
CA VAL E 147 -15.39 -39.82 -18.17
C VAL E 147 -14.55 -38.55 -18.13
N VAL E 148 -15.24 -37.41 -18.22
CA VAL E 148 -14.58 -36.11 -18.19
C VAL E 148 -15.21 -35.24 -17.12
N THR E 149 -14.40 -34.83 -16.14
CA THR E 149 -14.90 -33.96 -15.08
C THR E 149 -14.35 -32.55 -15.32
N ILE E 150 -15.23 -31.57 -15.41
CA ILE E 150 -14.81 -30.21 -15.67
C ILE E 150 -14.94 -29.24 -14.50
N GLN E 151 -14.28 -28.10 -14.63
CA GLN E 151 -14.37 -27.05 -13.63
C GLN E 151 -14.81 -25.79 -14.35
N TYR E 152 -15.36 -24.84 -13.60
CA TYR E 152 -15.83 -23.60 -14.17
C TYR E 152 -15.80 -22.54 -13.07
N ARG E 153 -15.64 -21.29 -13.46
CA ARG E 153 -15.58 -20.21 -12.47
C ARG E 153 -16.79 -20.23 -11.55
N LEU E 154 -16.53 -19.97 -10.26
CA LEU E 154 -17.56 -19.96 -9.23
C LEU E 154 -17.69 -18.60 -8.55
N GLY E 155 -18.79 -18.43 -7.82
CA GLY E 155 -19.04 -17.21 -7.08
C GLY E 155 -18.97 -15.91 -7.84
N ILE E 156 -18.30 -14.94 -7.24
CA ILE E 156 -18.13 -13.64 -7.85
C ILE E 156 -17.42 -13.81 -9.20
N TRP E 157 -16.31 -14.56 -9.19
CA TRP E 157 -15.54 -14.82 -10.40
C TRP E 157 -16.37 -15.42 -11.54
N GLY E 158 -17.30 -16.30 -11.20
CA GLY E 158 -18.10 -16.93 -12.24
C GLY E 158 -19.46 -16.36 -12.52
N PHE E 159 -20.02 -15.56 -11.61
CA PHE E 159 -21.36 -15.05 -11.85
C PHE E 159 -21.66 -13.58 -11.54
N PHE E 160 -20.65 -12.77 -11.29
CA PHE E 160 -20.93 -11.36 -11.01
C PHE E 160 -21.57 -10.71 -12.23
N SER E 161 -22.77 -10.19 -12.06
CA SER E 161 -23.48 -9.54 -13.14
C SER E 161 -23.94 -8.13 -12.75
N THR E 162 -23.85 -7.20 -13.70
CA THR E 162 -24.29 -5.83 -13.46
C THR E 162 -25.62 -5.66 -14.20
N GLY E 163 -26.05 -6.71 -14.87
CA GLY E 163 -27.30 -6.65 -15.61
C GLY E 163 -27.19 -5.98 -16.97
N ASP E 164 -25.98 -5.60 -17.38
CA ASP E 164 -25.78 -4.95 -18.67
C ASP E 164 -24.50 -5.41 -19.37
N GLU E 165 -24.22 -4.83 -20.53
CA GLU E 165 -23.06 -5.22 -21.34
C GLU E 165 -21.67 -5.12 -20.70
N HIS E 166 -21.56 -4.41 -19.58
CA HIS E 166 -20.27 -4.26 -18.90
C HIS E 166 -19.88 -5.49 -18.09
N SER E 167 -20.87 -6.34 -17.79
CA SER E 167 -20.66 -7.59 -17.07
C SER E 167 -21.95 -8.37 -17.13
N ARG E 168 -22.21 -8.96 -18.29
CA ARG E 168 -23.42 -9.73 -18.51
C ARG E 168 -23.64 -10.81 -17.45
N GLY E 169 -22.57 -11.54 -17.13
CA GLY E 169 -22.69 -12.60 -16.15
C GLY E 169 -22.58 -13.98 -16.78
N ASN E 170 -22.89 -15.01 -16.01
CA ASN E 170 -22.84 -16.40 -16.47
C ASN E 170 -21.47 -16.87 -16.96
N TRP E 171 -20.39 -16.27 -16.45
CA TRP E 171 -19.05 -16.66 -16.87
C TRP E 171 -18.81 -18.16 -16.66
N GLY E 172 -19.36 -18.70 -15.57
CA GLY E 172 -19.21 -20.12 -15.27
C GLY E 172 -19.86 -21.02 -16.30
N HIS E 173 -21.05 -20.61 -16.78
CA HIS E 173 -21.74 -21.39 -17.80
C HIS E 173 -20.95 -21.29 -19.11
N LEU E 174 -20.41 -20.10 -19.38
CA LEU E 174 -19.62 -19.92 -20.60
C LEU E 174 -18.39 -20.82 -20.55
N ASP E 175 -17.93 -21.11 -19.33
CA ASP E 175 -16.79 -22.00 -19.14
C ASP E 175 -17.21 -23.45 -19.40
N GLN E 176 -18.43 -23.80 -18.98
CA GLN E 176 -18.95 -25.14 -19.20
C GLN E 176 -19.06 -25.37 -20.72
N VAL E 177 -19.53 -24.36 -21.43
CA VAL E 177 -19.65 -24.43 -22.89
C VAL E 177 -18.28 -24.54 -23.55
N ALA E 178 -17.30 -23.83 -23.02
CA ALA E 178 -15.95 -23.88 -23.58
C ALA E 178 -15.34 -25.25 -23.39
N ALA E 179 -15.65 -25.89 -22.26
CA ALA E 179 -15.13 -27.23 -21.99
C ALA E 179 -15.75 -28.24 -22.97
N LEU E 180 -17.05 -28.10 -23.24
CA LEU E 180 -17.72 -29.00 -24.17
C LEU E 180 -17.14 -28.77 -25.57
N ARG E 181 -16.78 -27.52 -25.83
CA ARG E 181 -16.21 -27.15 -27.11
C ARG E 181 -14.87 -27.85 -27.26
N TRP E 182 -14.10 -27.86 -26.17
CA TRP E 182 -12.79 -28.49 -26.16
C TRP E 182 -12.93 -29.99 -26.38
N VAL E 183 -13.98 -30.57 -25.79
CA VAL E 183 -14.23 -32.00 -25.92
C VAL E 183 -14.51 -32.37 -27.38
N GLN E 184 -15.32 -31.56 -28.05
CA GLN E 184 -15.64 -31.82 -29.45
C GLN E 184 -14.38 -31.84 -30.31
N ASP E 185 -13.43 -30.96 -30.00
CA ASP E 185 -12.20 -30.87 -30.78
C ASP E 185 -11.06 -31.80 -30.36
N ASN E 186 -11.08 -32.28 -29.12
CA ASN E 186 -9.97 -33.10 -28.64
C ASN E 186 -10.26 -34.50 -28.13
N ILE E 187 -11.52 -34.81 -27.83
CA ILE E 187 -11.82 -36.11 -27.23
C ILE E 187 -11.51 -37.35 -28.06
N ALA E 188 -11.48 -37.22 -29.39
CA ALA E 188 -11.17 -38.38 -30.24
C ALA E 188 -9.77 -38.92 -29.98
N SER E 189 -8.87 -38.05 -29.54
CA SER E 189 -7.50 -38.46 -29.25
C SER E 189 -7.43 -39.31 -27.99
N PHE E 190 -8.47 -39.23 -27.16
CA PHE E 190 -8.50 -40.02 -25.94
C PHE E 190 -9.40 -41.23 -26.14
N GLY E 191 -9.72 -41.51 -27.39
CA GLY E 191 -10.55 -42.66 -27.70
C GLY E 191 -12.03 -42.43 -27.47
N GLY E 192 -12.43 -41.16 -27.41
CA GLY E 192 -13.83 -40.84 -27.19
C GLY E 192 -14.51 -40.45 -28.47
N ASN E 193 -15.82 -40.60 -28.52
CA ASN E 193 -16.58 -40.25 -29.71
C ASN E 193 -17.23 -38.88 -29.54
N PRO E 194 -16.72 -37.87 -30.26
CA PRO E 194 -17.28 -36.51 -30.18
C PRO E 194 -18.75 -36.47 -30.62
N GLY E 195 -19.16 -37.46 -31.39
CA GLY E 195 -20.53 -37.52 -31.85
C GLY E 195 -21.49 -38.11 -30.83
N SER E 196 -20.97 -38.49 -29.66
CA SER E 196 -21.80 -39.06 -28.60
C SER E 196 -21.31 -38.55 -27.25
N VAL E 197 -21.73 -37.35 -26.90
CA VAL E 197 -21.33 -36.72 -25.65
C VAL E 197 -22.52 -36.49 -24.74
N THR E 198 -22.47 -37.09 -23.56
CA THR E 198 -23.52 -36.96 -22.57
C THR E 198 -23.10 -36.02 -21.45
N ILE E 199 -23.92 -35.01 -21.16
CA ILE E 199 -23.58 -34.11 -20.06
C ILE E 199 -24.46 -34.47 -18.87
N PHE E 200 -23.85 -34.57 -17.69
CA PHE E 200 -24.61 -34.86 -16.48
C PHE E 200 -23.99 -34.17 -15.27
N GLY E 201 -24.82 -33.87 -14.28
CA GLY E 201 -24.34 -33.20 -13.09
C GLY E 201 -25.42 -33.22 -12.02
N GLU E 202 -25.07 -32.92 -10.78
CA GLU E 202 -26.10 -32.92 -9.76
C GLU E 202 -26.18 -31.58 -9.05
N SER E 203 -27.40 -31.23 -8.65
CA SER E 203 -27.65 -29.98 -7.97
C SER E 203 -27.29 -28.81 -8.87
N ALA E 204 -26.37 -27.96 -8.42
CA ALA E 204 -25.96 -26.81 -9.23
C ALA E 204 -25.52 -27.31 -10.61
N GLY E 205 -24.91 -28.49 -10.62
CA GLY E 205 -24.46 -29.09 -11.86
C GLY E 205 -25.64 -29.53 -12.69
N GLY E 206 -26.70 -29.99 -12.02
CA GLY E 206 -27.90 -30.42 -12.70
C GLY E 206 -28.59 -29.21 -13.31
N GLU E 207 -28.52 -28.08 -12.61
CA GLU E 207 -29.12 -26.86 -13.12
C GLU E 207 -28.30 -26.39 -14.32
N SER E 208 -26.98 -26.55 -14.24
CA SER E 208 -26.09 -26.18 -15.35
C SER E 208 -26.47 -26.99 -16.60
N VAL E 209 -26.69 -28.28 -16.42
CA VAL E 209 -27.08 -29.15 -17.52
C VAL E 209 -28.42 -28.67 -18.11
N SER E 210 -29.38 -28.41 -17.23
CA SER E 210 -30.69 -27.94 -17.63
C SER E 210 -30.57 -26.63 -18.43
N VAL E 211 -29.69 -25.74 -17.98
CA VAL E 211 -29.46 -24.46 -18.66
C VAL E 211 -28.84 -24.69 -20.05
N LEU E 212 -27.90 -25.62 -20.14
CA LEU E 212 -27.27 -25.89 -21.43
C LEU E 212 -28.30 -26.40 -22.45
N VAL E 213 -29.23 -27.22 -21.96
CA VAL E 213 -30.28 -27.75 -22.82
C VAL E 213 -31.09 -26.62 -23.42
N LEU E 214 -31.19 -25.51 -22.69
CA LEU E 214 -31.97 -24.35 -23.13
C LEU E 214 -31.16 -23.25 -23.82
N SER E 215 -29.85 -23.44 -23.94
CA SER E 215 -29.03 -22.41 -24.56
C SER E 215 -28.58 -22.68 -25.99
N PRO E 216 -28.72 -21.67 -26.85
CA PRO E 216 -28.31 -21.80 -28.26
C PRO E 216 -26.80 -21.90 -28.38
N LEU E 217 -26.09 -21.45 -27.35
CA LEU E 217 -24.63 -21.51 -27.36
C LEU E 217 -24.09 -22.94 -27.23
N ALA E 218 -24.91 -23.84 -26.68
CA ALA E 218 -24.48 -25.23 -26.51
C ALA E 218 -24.94 -26.15 -27.63
N LYS E 219 -25.52 -25.57 -28.68
CA LYS E 219 -26.01 -26.34 -29.81
C LYS E 219 -24.93 -27.23 -30.42
N ASN E 220 -25.29 -28.50 -30.64
CA ASN E 220 -24.40 -29.51 -31.21
C ASN E 220 -23.21 -29.89 -30.34
N LEU E 221 -23.24 -29.54 -29.06
CA LEU E 221 -22.12 -29.89 -28.19
C LEU E 221 -22.33 -31.15 -27.34
N PHE E 222 -23.58 -31.60 -27.24
CA PHE E 222 -23.88 -32.81 -26.48
C PHE E 222 -25.09 -33.50 -27.10
N HIS E 223 -25.21 -34.80 -26.87
CA HIS E 223 -26.28 -35.59 -27.47
C HIS E 223 -27.22 -36.27 -26.48
N ARG E 224 -26.88 -36.18 -25.19
CA ARG E 224 -27.70 -36.73 -24.10
C ARG E 224 -27.45 -35.85 -22.88
N ALA E 225 -28.45 -35.72 -22.02
CA ALA E 225 -28.29 -34.89 -20.84
C ALA E 225 -28.94 -35.53 -19.62
N ILE E 226 -28.28 -35.37 -18.47
CA ILE E 226 -28.80 -35.90 -17.21
C ILE E 226 -28.70 -34.88 -16.10
N SER E 227 -29.84 -34.53 -15.50
CA SER E 227 -29.88 -33.61 -14.39
C SER E 227 -30.25 -34.38 -13.12
N GLU E 228 -29.35 -34.39 -12.16
CA GLU E 228 -29.55 -35.07 -10.88
C GLU E 228 -29.83 -34.02 -9.79
N SER E 229 -31.03 -34.06 -9.23
CA SER E 229 -31.41 -33.14 -8.17
C SER E 229 -31.13 -31.67 -8.47
N GLY E 230 -31.64 -31.19 -9.58
CA GLY E 230 -31.42 -29.79 -9.93
C GLY E 230 -31.70 -29.50 -11.39
N VAL E 231 -32.57 -28.52 -11.63
CA VAL E 231 -32.95 -28.11 -12.97
C VAL E 231 -33.04 -26.58 -13.02
N ALA E 232 -33.26 -26.03 -14.21
CA ALA E 232 -33.33 -24.58 -14.40
C ALA E 232 -34.53 -23.89 -13.71
N LEU E 233 -35.47 -24.68 -13.20
CA LEU E 233 -36.62 -24.10 -12.51
C LEU E 233 -36.38 -24.06 -10.99
N THR E 234 -35.22 -24.53 -10.56
CA THR E 234 -34.84 -24.48 -9.15
C THR E 234 -34.51 -22.99 -8.95
N SER E 235 -35.55 -22.21 -8.74
CA SER E 235 -35.47 -20.75 -8.59
C SER E 235 -34.27 -20.15 -7.88
N VAL E 236 -33.83 -20.75 -6.78
CA VAL E 236 -32.70 -20.18 -6.04
C VAL E 236 -31.42 -19.99 -6.87
N LEU E 237 -31.25 -20.79 -7.92
CA LEU E 237 -30.05 -20.71 -8.74
C LEU E 237 -30.19 -19.77 -9.93
N VAL E 238 -31.41 -19.35 -10.22
CA VAL E 238 -31.66 -18.45 -11.34
C VAL E 238 -32.15 -17.10 -10.83
N LYS E 239 -31.42 -16.04 -11.16
CA LYS E 239 -31.77 -14.69 -10.73
C LYS E 239 -32.75 -14.03 -11.70
N LYS E 240 -33.91 -13.67 -11.19
CA LYS E 240 -34.91 -13.01 -12.02
C LYS E 240 -35.13 -11.58 -11.54
N GLY E 241 -35.47 -10.70 -12.47
CA GLY E 241 -35.70 -9.31 -12.10
C GLY E 241 -34.42 -8.49 -12.22
N ASP E 242 -34.28 -7.50 -11.34
CA ASP E 242 -33.13 -6.60 -11.35
C ASP E 242 -31.99 -7.16 -10.49
N VAL E 243 -30.84 -7.35 -11.11
CA VAL E 243 -29.66 -7.89 -10.43
C VAL E 243 -28.72 -6.78 -9.99
N LYS E 244 -29.02 -5.56 -10.44
CA LYS E 244 -28.22 -4.39 -10.11
C LYS E 244 -28.01 -4.24 -8.60
N PRO E 245 -29.08 -4.39 -7.80
CA PRO E 245 -28.94 -4.27 -6.34
C PRO E 245 -27.85 -5.17 -5.77
N LEU E 246 -27.84 -6.43 -6.20
CA LEU E 246 -26.84 -7.37 -5.72
C LEU E 246 -25.44 -6.94 -6.15
N ALA E 247 -25.31 -6.50 -7.40
CA ALA E 247 -24.02 -6.06 -7.92
C ALA E 247 -23.45 -4.92 -7.06
N GLU E 248 -24.31 -3.96 -6.72
CA GLU E 248 -23.89 -2.83 -5.90
C GLU E 248 -23.49 -3.29 -4.50
N GLN E 249 -24.29 -4.17 -3.92
CA GLN E 249 -24.00 -4.68 -2.59
C GLN E 249 -22.61 -5.32 -2.55
N ILE E 250 -22.27 -6.08 -3.59
CA ILE E 250 -20.98 -6.72 -3.66
C ILE E 250 -19.89 -5.67 -3.88
N ALA E 251 -20.12 -4.74 -4.80
CA ALA E 251 -19.15 -3.70 -5.08
C ALA E 251 -18.86 -2.91 -3.80
N ILE E 252 -19.91 -2.51 -3.09
CA ILE E 252 -19.74 -1.76 -1.86
C ILE E 252 -18.96 -2.55 -0.81
N THR E 253 -19.26 -3.84 -0.68
CA THR E 253 -18.58 -4.70 0.28
C THR E 253 -17.09 -4.83 -0.04
N ALA E 254 -16.76 -4.78 -1.33
CA ALA E 254 -15.36 -4.89 -1.77
C ALA E 254 -14.60 -3.59 -1.58
N GLY E 255 -15.33 -2.48 -1.44
CA GLY E 255 -14.68 -1.19 -1.27
C GLY E 255 -14.67 -0.38 -2.55
N CYS E 256 -15.63 -0.67 -3.43
CA CYS E 256 -15.74 -0.01 -4.72
C CYS E 256 -16.89 0.98 -4.84
N LYS E 257 -16.66 2.04 -5.60
CA LYS E 257 -17.69 3.03 -5.85
C LYS E 257 -18.72 2.36 -6.75
N THR E 258 -19.92 2.91 -6.80
CA THR E 258 -20.97 2.34 -7.62
C THR E 258 -21.49 3.38 -8.59
N THR E 259 -20.63 4.31 -8.96
CA THR E 259 -21.00 5.39 -9.88
C THR E 259 -21.66 4.90 -11.16
N THR E 260 -21.07 3.90 -11.80
CA THR E 260 -21.61 3.33 -13.02
C THR E 260 -21.22 1.86 -13.08
N SER E 261 -21.86 1.11 -13.98
CA SER E 261 -21.55 -0.30 -14.13
C SER E 261 -20.09 -0.52 -14.53
N ALA E 262 -19.60 0.27 -15.49
CA ALA E 262 -18.23 0.14 -15.95
C ALA E 262 -17.25 0.42 -14.82
N VAL E 263 -17.57 1.40 -13.98
CA VAL E 263 -16.72 1.76 -12.84
C VAL E 263 -16.65 0.61 -11.83
N MET E 264 -17.80 0.02 -11.49
CA MET E 264 -17.83 -1.09 -10.53
C MET E 264 -16.96 -2.24 -11.01
N VAL E 265 -17.18 -2.68 -12.25
CA VAL E 265 -16.44 -3.78 -12.82
C VAL E 265 -14.94 -3.53 -12.88
N HIS E 266 -14.56 -2.35 -13.35
CA HIS E 266 -13.16 -1.98 -13.43
C HIS E 266 -12.53 -2.08 -12.04
N CYS E 267 -13.22 -1.55 -11.05
CA CYS E 267 -12.72 -1.60 -9.68
C CYS E 267 -12.62 -3.04 -9.17
N LEU E 268 -13.61 -3.86 -9.49
CA LEU E 268 -13.60 -5.25 -9.07
C LEU E 268 -12.50 -6.03 -9.78
N ARG E 269 -12.18 -5.63 -11.00
CA ARG E 269 -11.11 -6.30 -11.74
C ARG E 269 -9.75 -6.02 -11.13
N GLN E 270 -9.64 -4.91 -10.40
CA GLN E 270 -8.36 -4.55 -9.78
C GLN E 270 -8.15 -5.16 -8.41
N LYS E 271 -9.22 -5.67 -7.80
CA LYS E 271 -9.10 -6.29 -6.49
C LYS E 271 -8.30 -7.58 -6.61
N THR E 272 -7.57 -7.94 -5.57
CA THR E 272 -6.80 -9.18 -5.60
C THR E 272 -7.74 -10.34 -5.34
N GLU E 273 -7.25 -11.55 -5.61
CA GLU E 273 -8.05 -12.75 -5.39
C GLU E 273 -8.46 -12.79 -3.91
N GLU E 274 -7.50 -12.54 -3.02
CA GLU E 274 -7.75 -12.57 -1.60
C GLU E 274 -8.80 -11.54 -1.19
N GLU E 275 -8.76 -10.36 -1.81
CA GLU E 275 -9.74 -9.32 -1.49
C GLU E 275 -11.14 -9.71 -1.90
N LEU E 276 -11.27 -10.42 -3.03
CA LEU E 276 -12.59 -10.87 -3.48
C LEU E 276 -13.05 -12.03 -2.61
N LEU E 277 -12.11 -12.87 -2.17
CA LEU E 277 -12.45 -13.99 -1.31
C LEU E 277 -12.96 -13.45 0.03
N GLU E 278 -12.31 -12.40 0.54
CA GLU E 278 -12.73 -11.80 1.80
C GLU E 278 -14.12 -11.19 1.62
N THR E 279 -14.38 -10.62 0.44
CA THR E 279 -15.69 -10.04 0.16
C THR E 279 -16.73 -11.15 0.18
N THR E 280 -16.35 -12.31 -0.36
CA THR E 280 -17.22 -13.47 -0.42
C THR E 280 -17.62 -13.88 1.00
N LEU E 281 -16.62 -13.95 1.88
CA LEU E 281 -16.84 -14.32 3.28
C LEU E 281 -17.76 -13.35 4.01
N LYS E 282 -17.58 -12.06 3.76
CA LYS E 282 -18.41 -11.05 4.40
C LYS E 282 -19.85 -11.15 3.93
N MET E 283 -20.04 -11.54 2.67
CA MET E 283 -21.39 -11.67 2.13
C MET E 283 -22.07 -12.83 2.83
N LYS E 284 -21.27 -13.80 3.25
CA LYS E 284 -21.76 -14.99 3.94
C LYS E 284 -22.79 -15.74 3.10
N PHE E 285 -22.39 -16.14 1.90
CA PHE E 285 -23.26 -16.89 1.01
C PHE E 285 -23.50 -18.30 1.54
N LEU E 286 -24.40 -19.04 0.89
CA LEU E 286 -24.68 -20.42 1.28
C LEU E 286 -25.14 -20.55 2.73
N SER E 287 -25.70 -19.48 3.28
CA SER E 287 -26.14 -19.51 4.66
C SER E 287 -27.47 -18.80 4.85
N LEU E 288 -28.40 -19.45 5.53
CA LEU E 288 -29.71 -18.87 5.76
C LEU E 288 -29.58 -17.65 6.66
N ASP E 289 -30.01 -16.50 6.15
CA ASP E 289 -29.94 -15.26 6.87
C ASP E 289 -31.18 -15.11 7.76
N LEU E 290 -30.97 -15.11 9.07
CA LEU E 290 -32.07 -15.00 10.02
C LEU E 290 -32.32 -13.58 10.50
N GLN E 291 -31.64 -12.62 9.88
CA GLN E 291 -31.79 -11.23 10.28
C GLN E 291 -32.35 -10.33 9.18
N GLY E 292 -33.34 -9.52 9.54
CA GLY E 292 -33.93 -8.61 8.57
C GLY E 292 -35.06 -9.17 7.74
N ASP E 293 -35.17 -8.67 6.51
CA ASP E 293 -36.22 -9.10 5.59
C ASP E 293 -35.70 -10.17 4.66
N PRO E 294 -36.34 -11.35 4.68
CA PRO E 294 -35.99 -12.53 3.87
C PRO E 294 -35.88 -12.22 2.38
N ARG E 295 -36.71 -11.29 1.92
CA ARG E 295 -36.73 -10.92 0.50
C ARG E 295 -35.45 -10.27 -0.02
N GLU E 296 -34.70 -9.60 0.84
CA GLU E 296 -33.47 -8.97 0.39
C GLU E 296 -32.25 -9.87 0.60
N SER E 297 -32.50 -11.13 0.94
CA SER E 297 -31.44 -12.09 1.17
C SER E 297 -30.94 -12.68 -0.15
N GLN E 298 -29.62 -12.86 -0.25
CA GLN E 298 -29.00 -13.42 -1.45
C GLN E 298 -27.98 -14.47 -1.02
N PRO E 299 -28.42 -15.74 -0.89
CA PRO E 299 -27.55 -16.83 -0.48
C PRO E 299 -26.56 -17.32 -1.53
N LEU E 300 -26.79 -16.95 -2.79
CA LEU E 300 -25.91 -17.36 -3.88
C LEU E 300 -25.90 -16.36 -5.03
N LEU E 301 -24.87 -16.46 -5.85
CA LEU E 301 -24.74 -15.64 -7.04
C LEU E 301 -24.96 -16.71 -8.11
N GLY E 302 -26.00 -16.57 -8.91
CA GLY E 302 -26.24 -17.60 -9.91
C GLY E 302 -26.48 -17.15 -11.33
N THR E 303 -27.21 -17.99 -12.05
CA THR E 303 -27.56 -17.77 -13.43
C THR E 303 -28.48 -16.56 -13.63
N VAL E 304 -28.17 -15.74 -14.63
CA VAL E 304 -29.00 -14.57 -14.93
C VAL E 304 -29.37 -14.67 -16.41
N ILE E 305 -30.31 -13.83 -16.83
CA ILE E 305 -30.72 -13.81 -18.23
C ILE E 305 -29.88 -12.71 -18.91
N ASP E 306 -28.68 -13.09 -19.34
CA ASP E 306 -27.71 -12.20 -19.95
C ASP E 306 -27.98 -11.77 -21.39
N GLY E 307 -28.73 -12.58 -22.12
CA GLY E 307 -29.00 -12.26 -23.51
C GLY E 307 -28.01 -12.91 -24.44
N MET E 308 -27.11 -13.71 -23.89
CA MET E 308 -26.11 -14.43 -24.67
C MET E 308 -26.32 -15.93 -24.47
N LEU E 309 -26.21 -16.36 -23.22
CA LEU E 309 -26.41 -17.76 -22.85
C LEU E 309 -27.91 -18.05 -22.87
N LEU E 310 -28.67 -17.20 -22.21
CA LEU E 310 -30.13 -17.31 -22.13
C LEU E 310 -30.74 -16.04 -22.66
N LEU E 311 -31.61 -16.17 -23.66
CA LEU E 311 -32.26 -15.01 -24.25
C LEU E 311 -33.53 -14.66 -23.50
N LYS E 312 -34.09 -15.65 -22.81
CA LYS E 312 -35.32 -15.46 -22.03
C LYS E 312 -35.26 -16.34 -20.80
N THR E 313 -36.20 -16.16 -19.88
CA THR E 313 -36.23 -16.98 -18.67
C THR E 313 -36.53 -18.43 -19.04
N PRO E 314 -36.06 -19.38 -18.22
CA PRO E 314 -36.30 -20.80 -18.49
C PRO E 314 -37.77 -21.12 -18.75
N GLU E 315 -38.66 -20.47 -18.00
CA GLU E 315 -40.10 -20.67 -18.11
C GLU E 315 -40.54 -20.35 -19.55
N GLU E 316 -40.21 -19.14 -19.99
CA GLU E 316 -40.57 -18.69 -21.33
C GLU E 316 -40.00 -19.60 -22.40
N LEU E 317 -38.73 -19.99 -22.26
CA LEU E 317 -38.08 -20.87 -23.22
C LEU E 317 -38.78 -22.22 -23.31
N GLN E 318 -39.34 -22.68 -22.20
CA GLN E 318 -40.04 -23.95 -22.19
C GLN E 318 -41.39 -23.80 -22.85
N ALA E 319 -42.00 -22.64 -22.68
CA ALA E 319 -43.30 -22.34 -23.28
C ALA E 319 -43.17 -22.25 -24.81
N GLU E 320 -42.00 -21.85 -25.28
CA GLU E 320 -41.77 -21.73 -26.72
C GLU E 320 -41.24 -23.05 -27.26
N ARG E 321 -41.13 -24.04 -26.39
CA ARG E 321 -40.60 -25.34 -26.80
C ARG E 321 -39.34 -25.09 -27.61
N ASN E 322 -38.59 -24.08 -27.18
CA ASN E 322 -37.35 -23.69 -27.83
C ASN E 322 -36.15 -24.13 -26.98
N PHE E 323 -35.65 -25.33 -27.27
CA PHE E 323 -34.52 -25.90 -26.58
C PHE E 323 -34.10 -27.20 -27.26
N HIS E 324 -32.90 -27.70 -26.92
CA HIS E 324 -32.39 -28.91 -27.53
C HIS E 324 -33.18 -30.15 -27.08
N THR E 325 -33.79 -30.82 -28.04
CA THR E 325 -34.59 -32.00 -27.75
C THR E 325 -33.78 -33.28 -27.77
N VAL E 326 -32.75 -33.35 -26.93
CA VAL E 326 -31.93 -34.54 -26.83
C VAL E 326 -32.52 -35.41 -25.73
N PRO E 327 -32.17 -36.71 -25.70
CA PRO E 327 -32.70 -37.56 -24.64
C PRO E 327 -32.32 -36.90 -23.32
N TYR E 328 -33.28 -36.80 -22.41
CA TYR E 328 -33.02 -36.12 -21.14
C TYR E 328 -33.52 -36.93 -19.94
N MET E 329 -32.58 -37.26 -19.04
CA MET E 329 -32.93 -38.01 -17.83
C MET E 329 -32.94 -37.01 -16.67
N VAL E 330 -34.08 -36.93 -15.98
CA VAL E 330 -34.20 -36.01 -14.86
C VAL E 330 -34.61 -36.76 -13.61
N GLY E 331 -33.86 -36.58 -12.53
CA GLY E 331 -34.20 -37.28 -11.30
C GLY E 331 -34.07 -36.48 -10.02
N ILE E 332 -34.65 -37.03 -8.95
CA ILE E 332 -34.60 -36.41 -7.63
C ILE E 332 -34.37 -37.52 -6.61
N ASN E 333 -34.00 -37.13 -5.39
CA ASN E 333 -33.79 -38.09 -4.33
C ASN E 333 -34.99 -38.03 -3.39
N LYS E 334 -35.20 -39.11 -2.64
CA LYS E 334 -36.31 -39.21 -1.71
C LYS E 334 -36.41 -38.05 -0.74
N GLN E 335 -35.29 -37.66 -0.13
CA GLN E 335 -35.28 -36.56 0.84
C GLN E 335 -34.27 -35.46 0.52
N GLU E 336 -34.50 -34.75 -0.58
CA GLU E 336 -33.61 -33.68 -1.03
C GLU E 336 -33.17 -32.68 0.04
N PHE E 337 -34.08 -32.38 0.97
CA PHE E 337 -33.79 -31.45 2.05
C PHE E 337 -33.75 -32.19 3.38
N GLY E 338 -33.27 -33.43 3.34
CA GLY E 338 -33.22 -34.25 4.53
C GLY E 338 -32.15 -33.97 5.57
N TRP E 339 -30.93 -33.61 5.14
CA TRP E 339 -29.86 -33.36 6.10
C TRP E 339 -28.73 -32.48 5.57
N LEU E 340 -28.13 -32.89 4.47
CA LEU E 340 -27.01 -32.16 3.89
C LEU E 340 -27.22 -30.66 3.70
N ILE E 341 -28.21 -30.27 2.91
CA ILE E 341 -28.44 -28.86 2.65
C ILE E 341 -28.74 -28.00 3.88
N PRO E 342 -29.77 -28.36 4.67
CA PRO E 342 -30.05 -27.55 5.86
C PRO E 342 -28.85 -27.49 6.82
N MET E 343 -28.02 -28.52 6.77
CA MET E 343 -26.83 -28.58 7.61
C MET E 343 -25.79 -27.57 7.11
N LEU E 344 -25.50 -27.62 5.82
CA LEU E 344 -24.53 -26.70 5.25
C LEU E 344 -25.02 -25.26 5.25
N MET E 345 -26.33 -25.06 5.30
CA MET E 345 -26.88 -23.72 5.31
C MET E 345 -27.25 -23.23 6.71
N SER E 346 -26.79 -23.95 7.73
CA SER E 346 -27.06 -23.57 9.11
C SER E 346 -28.55 -23.32 9.38
N TYR E 347 -29.39 -24.16 8.78
CA TYR E 347 -30.83 -24.03 8.99
C TYR E 347 -31.09 -24.20 10.49
N PRO E 348 -31.81 -23.24 11.10
CA PRO E 348 -32.13 -23.27 12.54
C PRO E 348 -33.23 -24.28 12.90
N LEU E 349 -32.97 -25.55 12.65
CA LEU E 349 -33.95 -26.58 12.94
C LEU E 349 -33.30 -27.66 13.80
N SER E 350 -33.14 -27.36 15.09
CA SER E 350 -32.50 -28.28 16.01
C SER E 350 -33.44 -28.80 17.10
N GLU E 351 -34.56 -29.40 16.69
CA GLU E 351 -35.49 -29.93 17.69
C GLU E 351 -36.28 -31.15 17.26
N GLY E 352 -36.63 -31.23 15.97
CA GLY E 352 -37.41 -32.36 15.51
C GLY E 352 -38.85 -32.11 15.90
N GLN E 353 -39.04 -31.02 16.65
CA GLN E 353 -40.36 -30.60 17.09
C GLN E 353 -40.66 -29.43 16.16
N LEU E 354 -41.94 -29.21 15.87
CA LEU E 354 -42.30 -28.10 15.00
C LEU E 354 -43.79 -27.86 14.91
N ASP E 355 -44.23 -26.72 15.44
CA ASP E 355 -45.63 -26.36 15.40
C ASP E 355 -45.81 -25.54 14.13
N GLN E 356 -47.04 -25.41 13.65
CA GLN E 356 -47.27 -24.65 12.43
C GLN E 356 -46.87 -23.20 12.53
N LYS E 357 -47.02 -22.61 13.72
CA LYS E 357 -46.62 -21.22 13.89
C LYS E 357 -45.13 -21.07 13.62
N THR E 358 -44.32 -21.98 14.17
CA THR E 358 -42.88 -21.94 13.98
C THR E 358 -42.54 -22.30 12.53
N ALA E 359 -43.32 -23.21 11.96
CA ALA E 359 -43.11 -23.65 10.60
C ALA E 359 -43.30 -22.49 9.63
N MET E 360 -44.32 -21.69 9.89
CA MET E 360 -44.60 -20.54 9.02
C MET E 360 -43.50 -19.50 9.06
N SER E 361 -42.91 -19.29 10.22
CA SER E 361 -41.84 -18.32 10.35
C SER E 361 -40.60 -18.78 9.60
N LEU E 362 -40.24 -20.05 9.76
CA LEU E 362 -39.07 -20.60 9.08
C LEU E 362 -39.27 -20.57 7.58
N LEU E 363 -40.48 -20.83 7.14
CA LEU E 363 -40.78 -20.84 5.71
C LEU E 363 -40.60 -19.44 5.14
N TRP E 364 -40.94 -18.43 5.94
CA TRP E 364 -40.81 -17.05 5.49
C TRP E 364 -39.34 -16.70 5.39
N LYS E 365 -38.57 -17.09 6.40
CA LYS E 365 -37.13 -16.82 6.38
C LYS E 365 -36.48 -17.56 5.21
N SER E 366 -37.10 -18.66 4.78
CA SER E 366 -36.59 -19.47 3.67
C SER E 366 -36.97 -18.91 2.31
N TYR E 367 -37.39 -17.65 2.28
CA TYR E 367 -37.80 -17.01 1.04
C TYR E 367 -36.78 -17.14 -0.08
N PRO E 368 -35.50 -16.89 0.21
CA PRO E 368 -34.51 -17.00 -0.87
C PRO E 368 -34.46 -18.39 -1.51
N LEU E 369 -34.90 -19.39 -0.78
CA LEU E 369 -34.91 -20.76 -1.28
C LEU E 369 -36.21 -21.18 -1.96
N VAL E 370 -37.35 -20.85 -1.36
CA VAL E 370 -38.63 -21.26 -1.91
C VAL E 370 -39.48 -20.16 -2.53
N CYS E 371 -39.15 -18.90 -2.23
CA CYS E 371 -39.87 -17.75 -2.77
C CYS E 371 -41.38 -17.84 -2.65
N ILE E 372 -41.85 -18.14 -1.45
CA ILE E 372 -43.29 -18.22 -1.20
C ILE E 372 -43.73 -16.91 -0.53
N ALA E 373 -44.57 -16.14 -1.22
CA ALA E 373 -45.06 -14.87 -0.69
C ALA E 373 -45.63 -15.09 0.71
N LYS E 374 -45.41 -14.12 1.58
CA LYS E 374 -45.87 -14.22 2.95
C LYS E 374 -47.38 -14.47 3.08
N GLU E 375 -48.17 -13.94 2.15
CA GLU E 375 -49.61 -14.15 2.22
C GLU E 375 -49.95 -15.61 1.91
N LEU E 376 -49.04 -16.31 1.24
CA LEU E 376 -49.28 -17.71 0.89
C LEU E 376 -48.66 -18.71 1.86
N ILE E 377 -47.81 -18.24 2.77
CA ILE E 377 -47.17 -19.12 3.73
C ILE E 377 -48.17 -20.02 4.46
N PRO E 378 -49.28 -19.44 4.97
CA PRO E 378 -50.30 -20.23 5.69
C PRO E 378 -50.92 -21.38 4.90
N GLU E 379 -51.39 -21.12 3.68
CA GLU E 379 -51.99 -22.17 2.86
C GLU E 379 -51.00 -23.30 2.66
N ALA E 380 -49.79 -22.94 2.24
CA ALA E 380 -48.72 -23.92 1.99
C ALA E 380 -48.43 -24.77 3.22
N THR E 381 -48.23 -24.11 4.36
CA THR E 381 -47.93 -24.80 5.59
C THR E 381 -49.05 -25.77 5.97
N GLU E 382 -50.28 -25.27 5.91
CA GLU E 382 -51.46 -26.07 6.24
C GLU E 382 -51.58 -27.27 5.32
N LYS E 383 -51.39 -27.06 4.03
CA LYS E 383 -51.47 -28.13 3.05
C LYS E 383 -50.56 -29.29 3.43
N TYR E 384 -49.35 -28.96 3.88
CA TYR E 384 -48.38 -29.98 4.25
C TYR E 384 -48.41 -30.50 5.68
N LEU E 385 -48.55 -29.61 6.67
CA LEU E 385 -48.56 -30.06 8.06
C LEU E 385 -49.94 -30.21 8.68
N GLY E 386 -50.94 -29.58 8.07
CA GLY E 386 -52.30 -29.63 8.60
C GLY E 386 -52.92 -30.96 8.99
N GLY E 387 -52.68 -32.01 8.20
CA GLY E 387 -53.27 -33.30 8.49
C GLY E 387 -52.65 -34.13 9.61
N THR E 388 -52.02 -33.47 10.57
CA THR E 388 -51.40 -34.20 11.67
C THR E 388 -51.03 -33.28 12.81
N ASP E 389 -51.02 -33.82 14.02
CA ASP E 389 -50.68 -33.04 15.20
C ASP E 389 -49.49 -33.65 15.93
N ASP E 390 -48.34 -33.65 15.27
CA ASP E 390 -47.11 -34.20 15.83
C ASP E 390 -45.95 -33.27 15.51
N THR E 391 -45.35 -32.68 16.55
CA THR E 391 -44.23 -31.79 16.34
C THR E 391 -43.15 -32.50 15.53
N VAL E 392 -43.15 -33.83 15.57
CA VAL E 392 -42.17 -34.62 14.83
C VAL E 392 -42.59 -34.83 13.37
N LYS E 393 -43.84 -35.27 13.16
CA LYS E 393 -44.34 -35.49 11.82
C LYS E 393 -44.31 -34.20 11.03
N LYS E 394 -44.71 -33.10 11.67
CA LYS E 394 -44.72 -31.81 11.02
C LYS E 394 -43.34 -31.40 10.53
N LYS E 395 -42.30 -31.67 11.32
CA LYS E 395 -40.95 -31.31 10.92
C LYS E 395 -40.56 -32.05 9.64
N ASP E 396 -40.83 -33.35 9.61
CA ASP E 396 -40.52 -34.18 8.45
C ASP E 396 -41.28 -33.69 7.22
N LEU E 397 -42.56 -33.36 7.40
CA LEU E 397 -43.39 -32.87 6.32
C LEU E 397 -42.93 -31.48 5.88
N PHE E 398 -42.35 -30.74 6.81
CA PHE E 398 -41.86 -29.40 6.51
C PHE E 398 -40.66 -29.51 5.56
N LEU E 399 -39.79 -30.49 5.83
CA LEU E 399 -38.63 -30.69 4.97
C LEU E 399 -39.09 -31.17 3.60
N ASP E 400 -40.12 -32.02 3.57
CA ASP E 400 -40.65 -32.52 2.31
C ASP E 400 -41.15 -31.32 1.49
N LEU E 401 -41.77 -30.37 2.18
CA LEU E 401 -42.31 -29.18 1.55
C LEU E 401 -41.21 -28.35 0.86
N ILE E 402 -40.09 -28.15 1.55
CA ILE E 402 -38.99 -27.40 0.96
C ILE E 402 -38.40 -28.16 -0.23
N ALA E 403 -38.30 -29.48 -0.08
CA ALA E 403 -37.76 -30.33 -1.14
C ALA E 403 -38.62 -30.29 -2.40
N ASP E 404 -39.93 -30.38 -2.22
CA ASP E 404 -40.84 -30.35 -3.35
C ASP E 404 -40.74 -29.02 -4.12
N VAL E 405 -40.59 -27.92 -3.40
CA VAL E 405 -40.50 -26.61 -4.04
C VAL E 405 -39.19 -26.41 -4.77
N MET E 406 -38.09 -26.80 -4.13
CA MET E 406 -36.76 -26.65 -4.73
C MET E 406 -36.41 -27.66 -5.81
N PHE E 407 -36.76 -28.93 -5.61
CA PHE E 407 -36.42 -29.95 -6.59
C PHE E 407 -37.54 -30.77 -7.21
N GLY E 408 -38.36 -31.39 -6.38
CA GLY E 408 -39.45 -32.21 -6.89
C GLY E 408 -40.30 -31.59 -7.98
N VAL E 409 -41.08 -30.57 -7.62
CA VAL E 409 -41.95 -29.91 -8.58
C VAL E 409 -41.22 -29.39 -9.81
N PRO E 410 -40.12 -28.64 -9.61
CA PRO E 410 -39.36 -28.10 -10.75
C PRO E 410 -38.90 -29.20 -11.72
N SER E 411 -38.46 -30.32 -11.17
CA SER E 411 -37.99 -31.43 -11.98
C SER E 411 -39.07 -32.08 -12.83
N VAL E 412 -40.24 -32.33 -12.25
CA VAL E 412 -41.32 -32.94 -13.01
C VAL E 412 -41.81 -31.98 -14.09
N ILE E 413 -41.89 -30.69 -13.76
CA ILE E 413 -42.34 -29.71 -14.75
C ILE E 413 -41.38 -29.68 -15.94
N VAL E 414 -40.07 -29.69 -15.67
CA VAL E 414 -39.08 -29.67 -16.74
C VAL E 414 -39.22 -30.95 -17.57
N ALA E 415 -39.35 -32.08 -16.88
CA ALA E 415 -39.50 -33.37 -17.55
C ALA E 415 -40.72 -33.35 -18.47
N ARG E 416 -41.83 -32.82 -17.96
CA ARG E 416 -43.06 -32.75 -18.74
C ARG E 416 -42.93 -31.89 -19.98
N ASN E 417 -42.33 -30.70 -19.83
CA ASN E 417 -42.16 -29.81 -20.97
C ASN E 417 -41.22 -30.41 -22.01
N HIS E 418 -40.26 -31.21 -21.56
CA HIS E 418 -39.30 -31.83 -22.46
C HIS E 418 -40.01 -32.95 -23.23
N ARG E 419 -40.79 -33.74 -22.50
CA ARG E 419 -41.53 -34.84 -23.10
C ARG E 419 -42.46 -34.32 -24.20
N ASP E 420 -43.18 -33.24 -23.89
CA ASP E 420 -44.12 -32.67 -24.83
C ASP E 420 -43.47 -32.01 -26.03
N ALA E 421 -42.14 -31.85 -25.97
CA ALA E 421 -41.39 -31.26 -27.08
C ALA E 421 -41.05 -32.37 -28.07
N GLY E 422 -41.38 -33.60 -27.69
CA GLY E 422 -41.11 -34.73 -28.57
C GLY E 422 -39.81 -35.45 -28.31
N ALA E 423 -39.11 -35.07 -27.25
CA ALA E 423 -37.82 -35.68 -26.93
C ALA E 423 -37.91 -36.80 -25.90
N PRO E 424 -37.07 -37.84 -26.07
CA PRO E 424 -37.03 -38.98 -25.16
C PRO E 424 -36.76 -38.47 -23.75
N THR E 425 -37.63 -38.82 -22.81
CA THR E 425 -37.50 -38.36 -21.43
C THR E 425 -37.62 -39.50 -20.43
N TYR E 426 -36.78 -39.45 -19.41
CA TYR E 426 -36.77 -40.46 -18.35
C TYR E 426 -36.64 -39.78 -16.99
N MET E 427 -37.30 -40.34 -16.00
CA MET E 427 -37.23 -39.81 -14.64
C MET E 427 -37.02 -40.93 -13.64
N TYR E 428 -36.44 -40.56 -12.50
CA TYR E 428 -36.20 -41.52 -11.43
C TYR E 428 -36.31 -40.84 -10.08
N GLU E 429 -36.47 -41.64 -9.03
CA GLU E 429 -36.50 -41.14 -7.68
C GLU E 429 -35.60 -42.07 -6.88
N PHE E 430 -34.47 -41.54 -6.42
CA PHE E 430 -33.49 -42.31 -5.69
C PHE E 430 -33.84 -42.39 -4.20
N GLN E 431 -33.93 -43.61 -3.68
CA GLN E 431 -34.27 -43.82 -2.27
C GLN E 431 -33.34 -44.87 -1.66
N TYR E 432 -32.27 -44.41 -1.03
CA TYR E 432 -31.33 -45.33 -0.42
C TYR E 432 -30.36 -44.56 0.48
N ARG E 433 -29.90 -45.20 1.54
CA ARG E 433 -28.94 -44.54 2.42
C ARG E 433 -27.59 -45.22 2.27
N PRO E 434 -26.64 -44.58 1.56
CA PRO E 434 -25.32 -45.16 1.38
C PRO E 434 -24.55 -45.30 2.69
N SER E 435 -23.70 -46.32 2.78
CA SER E 435 -22.91 -46.54 3.99
C SER E 435 -21.80 -45.49 4.07
N PHE E 436 -21.66 -44.72 2.99
CA PHE E 436 -20.63 -43.69 2.93
C PHE E 436 -21.13 -42.34 3.44
N SER E 437 -22.33 -42.33 4.02
CA SER E 437 -22.91 -41.12 4.57
C SER E 437 -22.07 -40.63 5.74
N SER E 438 -22.16 -39.33 6.03
CA SER E 438 -21.42 -38.76 7.14
C SER E 438 -21.83 -39.44 8.46
N ASP E 439 -20.89 -39.63 9.37
CA ASP E 439 -21.21 -40.24 10.66
C ASP E 439 -22.18 -39.38 11.44
N MET E 440 -22.23 -38.09 11.13
CA MET E 440 -23.12 -37.15 11.82
C MET E 440 -24.55 -37.19 11.29
N LYS E 441 -24.74 -37.82 10.14
CA LYS E 441 -26.07 -37.94 9.55
C LYS E 441 -26.79 -39.11 10.20
N PRO E 442 -27.96 -38.86 10.81
CA PRO E 442 -28.73 -39.93 11.47
C PRO E 442 -29.22 -41.02 10.51
N LYS E 443 -29.37 -42.23 11.04
CA LYS E 443 -29.81 -43.39 10.28
C LYS E 443 -31.14 -43.26 9.55
N THR E 444 -32.06 -42.47 10.12
CA THR E 444 -33.37 -42.29 9.50
C THR E 444 -33.40 -41.57 8.16
N VAL E 445 -32.38 -40.76 7.88
CA VAL E 445 -32.34 -40.01 6.62
C VAL E 445 -32.01 -40.96 5.47
N ILE E 446 -32.95 -41.06 4.53
CA ILE E 446 -32.77 -41.94 3.38
C ILE E 446 -33.00 -41.16 2.09
N GLY E 447 -32.08 -41.31 1.15
CA GLY E 447 -32.21 -40.59 -0.11
C GLY E 447 -32.01 -39.09 0.08
N ASP E 448 -30.99 -38.75 0.86
CA ASP E 448 -30.67 -37.35 1.11
C ASP E 448 -30.01 -36.77 -0.12
N HIS E 449 -29.97 -35.44 -0.20
CA HIS E 449 -29.36 -34.75 -1.34
C HIS E 449 -27.94 -35.28 -1.54
N GLY E 450 -27.64 -35.72 -2.76
CA GLY E 450 -26.31 -36.24 -3.06
C GLY E 450 -26.07 -37.72 -2.81
N ASP E 451 -27.06 -38.44 -2.28
CA ASP E 451 -26.90 -39.87 -2.00
C ASP E 451 -26.68 -40.76 -3.22
N GLU E 452 -27.22 -40.37 -4.37
CA GLU E 452 -27.06 -41.20 -5.55
C GLU E 452 -25.65 -41.14 -6.14
N LEU E 453 -24.90 -40.09 -5.84
CA LEU E 453 -23.55 -39.93 -6.36
C LEU E 453 -22.65 -41.11 -6.03
N PHE E 454 -22.88 -41.74 -4.90
CA PHE E 454 -22.05 -42.88 -4.51
C PHE E 454 -22.27 -44.09 -5.41
N SER E 455 -23.46 -44.21 -5.97
CA SER E 455 -23.75 -45.32 -6.87
C SER E 455 -23.26 -44.97 -8.27
N VAL E 456 -23.59 -43.76 -8.72
CA VAL E 456 -23.21 -43.26 -10.04
C VAL E 456 -21.70 -43.32 -10.29
N PHE E 457 -20.90 -42.89 -9.31
CA PHE E 457 -19.45 -42.92 -9.47
C PHE E 457 -18.77 -44.15 -8.89
N GLY E 458 -19.56 -45.17 -8.59
CA GLY E 458 -19.02 -46.42 -8.08
C GLY E 458 -18.13 -46.35 -6.86
N ALA E 459 -18.56 -45.62 -5.83
CA ALA E 459 -17.77 -45.52 -4.61
C ALA E 459 -17.53 -46.92 -4.03
N PRO E 460 -18.55 -47.80 -4.10
CA PRO E 460 -18.38 -49.15 -3.56
C PRO E 460 -17.12 -49.85 -4.05
N PHE E 461 -16.58 -49.39 -5.18
CA PHE E 461 -15.38 -50.01 -5.75
C PHE E 461 -14.08 -49.26 -5.48
N LEU E 462 -14.17 -48.17 -4.70
CA LEU E 462 -12.99 -47.38 -4.36
C LEU E 462 -12.90 -47.27 -2.84
N LYS E 463 -14.03 -47.05 -2.20
CA LYS E 463 -14.08 -46.98 -0.74
C LYS E 463 -14.29 -48.41 -0.24
N GLU E 464 -14.16 -48.63 1.06
CA GLU E 464 -14.33 -49.97 1.61
C GLU E 464 -15.57 -50.04 2.50
N GLY E 465 -16.02 -51.26 2.78
CA GLY E 465 -17.18 -51.45 3.65
C GLY E 465 -18.56 -51.52 3.05
N ALA E 466 -18.66 -51.46 1.72
CA ALA E 466 -19.96 -51.53 1.07
C ALA E 466 -20.51 -52.94 1.10
N SER E 467 -21.78 -53.08 1.43
CA SER E 467 -22.41 -54.39 1.49
C SER E 467 -22.61 -54.90 0.05
N GLU E 468 -23.00 -56.16 -0.08
CA GLU E 468 -23.21 -56.75 -1.40
C GLU E 468 -24.37 -56.06 -2.11
N GLU E 469 -25.33 -55.57 -1.32
CA GLU E 469 -26.49 -54.89 -1.84
C GLU E 469 -26.11 -53.51 -2.40
N GLU E 470 -25.26 -52.80 -1.67
CA GLU E 470 -24.82 -51.48 -2.10
C GLU E 470 -23.96 -51.62 -3.36
N ILE E 471 -23.20 -52.71 -3.44
CA ILE E 471 -22.35 -52.97 -4.59
C ILE E 471 -23.21 -53.21 -5.84
N ARG E 472 -24.29 -53.97 -5.67
CA ARG E 472 -25.19 -54.26 -6.78
C ARG E 472 -25.93 -53.01 -7.22
N LEU E 473 -26.30 -52.19 -6.25
CA LEU E 473 -27.01 -50.95 -6.55
C LEU E 473 -26.14 -50.06 -7.44
N SER E 474 -24.86 -49.94 -7.11
CA SER E 474 -23.95 -49.12 -7.90
C SER E 474 -23.76 -49.67 -9.31
N LYS E 475 -23.59 -51.00 -9.41
CA LYS E 475 -23.42 -51.62 -10.72
C LYS E 475 -24.64 -51.37 -11.59
N MET E 476 -25.81 -51.45 -10.98
CA MET E 476 -27.05 -51.22 -11.74
C MET E 476 -27.16 -49.77 -12.18
N VAL E 477 -26.87 -48.84 -11.29
CA VAL E 477 -26.97 -47.43 -11.63
C VAL E 477 -25.97 -47.03 -12.72
N MET E 478 -24.72 -47.44 -12.59
CA MET E 478 -23.70 -47.11 -13.59
C MET E 478 -24.07 -47.69 -14.96
N LYS E 479 -24.71 -48.86 -14.99
CA LYS E 479 -25.09 -49.47 -16.26
C LYS E 479 -26.26 -48.70 -16.89
N PHE E 480 -27.23 -48.30 -16.06
CA PHE E 480 -28.36 -47.51 -16.57
C PHE E 480 -27.82 -46.22 -17.19
N TRP E 481 -26.91 -45.56 -16.47
CA TRP E 481 -26.31 -44.31 -16.92
C TRP E 481 -25.51 -44.49 -18.22
N ALA E 482 -24.64 -45.50 -18.24
CA ALA E 482 -23.83 -45.75 -19.41
C ALA E 482 -24.70 -46.13 -20.61
N ASN E 483 -25.76 -46.91 -20.38
CA ASN E 483 -26.66 -47.31 -21.47
C ASN E 483 -27.32 -46.06 -22.03
N PHE E 484 -27.68 -45.14 -21.15
CA PHE E 484 -28.31 -43.90 -21.57
C PHE E 484 -27.30 -43.11 -22.38
N ALA E 485 -26.05 -43.11 -21.92
CA ALA E 485 -25.00 -42.39 -22.62
C ALA E 485 -24.83 -42.88 -24.05
N ARG E 486 -24.77 -44.21 -24.24
CA ARG E 486 -24.61 -44.69 -25.60
C ARG E 486 -25.89 -44.80 -26.42
N ASN E 487 -27.05 -45.02 -25.80
CA ASN E 487 -28.28 -45.16 -26.57
C ASN E 487 -29.36 -44.11 -26.37
N GLY E 488 -29.23 -43.25 -25.38
CA GLY E 488 -30.27 -42.27 -25.15
C GLY E 488 -31.48 -42.99 -24.55
N ASN E 489 -31.23 -44.18 -23.99
CA ASN E 489 -32.25 -45.02 -23.37
C ASN E 489 -31.49 -45.83 -22.32
N PRO E 490 -31.91 -45.75 -21.05
CA PRO E 490 -31.22 -46.49 -19.98
C PRO E 490 -31.33 -48.01 -19.99
N ASN E 491 -32.40 -48.54 -20.59
CA ASN E 491 -32.65 -49.97 -20.61
C ASN E 491 -31.62 -50.85 -21.28
N GLY E 492 -31.51 -52.08 -20.78
CA GLY E 492 -30.56 -53.03 -21.33
C GLY E 492 -30.70 -54.38 -20.67
N GLU E 493 -30.00 -55.37 -21.19
CA GLU E 493 -30.05 -56.71 -20.65
C GLU E 493 -29.63 -56.80 -19.19
N GLY E 494 -30.38 -57.58 -18.42
CA GLY E 494 -30.06 -57.76 -17.01
C GLY E 494 -30.39 -56.60 -16.08
N LEU E 495 -31.23 -55.68 -16.52
CA LEU E 495 -31.60 -54.53 -15.71
C LEU E 495 -33.12 -54.43 -15.64
N PRO E 496 -33.64 -53.98 -14.50
CA PRO E 496 -35.11 -53.86 -14.42
C PRO E 496 -35.57 -52.88 -15.49
N HIS E 497 -36.82 -53.01 -15.94
CA HIS E 497 -37.34 -52.14 -16.97
C HIS E 497 -37.59 -50.72 -16.48
N TRP E 498 -36.99 -49.76 -17.17
CA TRP E 498 -37.16 -48.35 -16.84
C TRP E 498 -38.08 -47.80 -17.92
N PRO E 499 -39.35 -47.54 -17.57
CA PRO E 499 -40.29 -47.01 -18.56
C PRO E 499 -39.95 -45.58 -18.92
N GLU E 500 -40.27 -45.20 -20.14
CA GLU E 500 -40.00 -43.85 -20.59
C GLU E 500 -41.04 -42.91 -19.95
N TYR E 501 -40.69 -41.64 -19.82
CA TYR E 501 -41.60 -40.67 -19.21
C TYR E 501 -42.54 -40.08 -20.24
N ASN E 502 -43.61 -40.79 -20.56
CA ASN E 502 -44.57 -40.30 -21.55
C ASN E 502 -45.81 -39.75 -20.84
N GLN E 503 -46.95 -39.77 -21.52
CA GLN E 503 -48.18 -39.25 -20.92
C GLN E 503 -48.61 -40.02 -19.67
N LYS E 504 -48.17 -41.27 -19.55
CA LYS E 504 -48.50 -42.08 -18.38
C LYS E 504 -47.57 -41.71 -17.21
N GLU E 505 -46.55 -40.93 -17.53
CA GLU E 505 -45.58 -40.45 -16.54
C GLU E 505 -44.94 -41.54 -15.68
N GLY E 506 -44.42 -42.57 -16.32
CA GLY E 506 -43.75 -43.64 -15.59
C GLY E 506 -42.34 -43.20 -15.23
N TYR E 507 -41.83 -43.72 -14.12
CA TYR E 507 -40.48 -43.37 -13.69
C TYR E 507 -39.90 -44.53 -12.90
N LEU E 508 -38.61 -44.47 -12.60
CA LEU E 508 -37.98 -45.56 -11.87
C LEU E 508 -37.68 -45.24 -10.40
N GLN E 509 -38.13 -46.13 -9.53
CA GLN E 509 -37.85 -45.97 -8.11
C GLN E 509 -36.57 -46.78 -7.87
N ILE E 510 -35.46 -46.07 -7.64
CA ILE E 510 -34.17 -46.70 -7.43
C ILE E 510 -33.81 -46.85 -5.94
N GLY E 511 -33.53 -48.09 -5.54
CA GLY E 511 -33.17 -48.36 -4.16
C GLY E 511 -32.85 -49.83 -3.96
N ALA E 512 -32.94 -50.31 -2.72
CA ALA E 512 -32.67 -51.70 -2.42
C ALA E 512 -33.53 -52.49 -3.40
N ASN E 513 -34.76 -52.02 -3.56
CA ASN E 513 -35.72 -52.60 -4.49
C ASN E 513 -35.94 -51.55 -5.54
N THR E 514 -35.75 -51.93 -6.80
CA THR E 514 -35.95 -51.01 -7.91
C THR E 514 -37.10 -51.48 -8.77
N GLN E 515 -38.08 -50.62 -8.98
CA GLN E 515 -39.22 -50.94 -9.81
C GLN E 515 -39.88 -49.68 -10.31
N ALA E 516 -40.55 -49.79 -11.44
CA ALA E 516 -41.23 -48.66 -12.06
C ALA E 516 -42.49 -48.26 -11.31
N ALA E 517 -42.95 -47.04 -11.57
CA ALA E 517 -44.16 -46.49 -10.97
C ALA E 517 -44.64 -45.38 -11.89
N GLN E 518 -45.72 -44.70 -11.52
CA GLN E 518 -46.26 -43.63 -12.34
C GLN E 518 -46.71 -42.42 -11.54
N LYS E 519 -46.81 -41.27 -12.21
CA LYS E 519 -47.27 -40.03 -11.58
C LYS E 519 -46.38 -39.52 -10.45
N LEU E 520 -45.12 -39.18 -10.76
CA LEU E 520 -44.19 -38.68 -9.75
C LEU E 520 -44.52 -37.25 -9.35
N LYS E 521 -44.84 -37.03 -8.07
CA LYS E 521 -45.15 -35.70 -7.55
C LYS E 521 -46.33 -35.02 -8.26
N ASP E 522 -47.23 -35.81 -8.82
CA ASP E 522 -48.36 -35.26 -9.56
C ASP E 522 -49.25 -34.29 -8.78
N LYS E 523 -49.59 -34.63 -7.55
CA LYS E 523 -50.43 -33.77 -6.72
C LYS E 523 -49.70 -32.55 -6.22
N GLU E 524 -48.41 -32.71 -5.91
CA GLU E 524 -47.63 -31.59 -5.43
C GLU E 524 -47.49 -30.54 -6.52
N VAL E 525 -47.22 -30.97 -7.74
CA VAL E 525 -47.08 -30.04 -8.86
C VAL E 525 -48.40 -29.28 -9.08
N ALA E 526 -49.51 -30.00 -8.94
CA ALA E 526 -50.81 -29.38 -9.11
C ALA E 526 -50.98 -28.29 -8.04
N PHE E 527 -50.79 -28.68 -6.78
CA PHE E 527 -50.93 -27.75 -5.67
C PHE E 527 -50.05 -26.51 -5.83
N TRP E 528 -48.75 -26.73 -6.02
CA TRP E 528 -47.81 -25.63 -6.17
C TRP E 528 -48.01 -24.75 -7.39
N THR E 529 -48.38 -25.33 -8.52
CA THR E 529 -48.59 -24.52 -9.72
C THR E 529 -49.76 -23.58 -9.46
N ASN E 530 -50.80 -24.10 -8.81
CA ASN E 530 -51.98 -23.33 -8.47
C ASN E 530 -51.70 -22.22 -7.46
N LEU E 531 -50.95 -22.56 -6.42
CA LEU E 531 -50.62 -21.60 -5.37
C LEU E 531 -49.80 -20.42 -5.90
N PHE E 532 -48.78 -20.71 -6.70
CA PHE E 532 -47.92 -19.68 -7.26
C PHE E 532 -48.62 -18.77 -8.26
N ALA E 533 -49.77 -19.21 -8.77
CA ALA E 533 -50.52 -18.41 -9.74
C ALA E 533 -51.27 -17.27 -9.08
N LYS E 534 -51.59 -17.44 -7.80
CA LYS E 534 -52.32 -16.42 -7.04
C LYS E 534 -51.56 -15.10 -6.95
N SER F 4 23.86 20.32 -42.57
CA SER F 4 22.78 20.19 -41.55
C SER F 4 22.67 18.74 -41.06
N PRO F 5 22.03 18.53 -39.90
CA PRO F 5 21.86 17.22 -39.29
C PRO F 5 21.23 16.19 -40.24
N PRO F 6 21.70 14.93 -40.18
CA PRO F 6 21.19 13.85 -41.03
C PRO F 6 19.78 13.43 -40.64
N VAL F 7 18.89 13.33 -41.62
CA VAL F 7 17.51 12.91 -41.38
C VAL F 7 17.24 11.73 -42.29
N VAL F 8 16.92 10.59 -41.71
CA VAL F 8 16.64 9.39 -42.48
C VAL F 8 15.18 8.96 -42.30
N ASP F 9 14.61 8.39 -43.35
CA ASP F 9 13.23 7.94 -43.33
C ASP F 9 13.16 6.43 -43.11
N THR F 10 12.56 6.00 -42.00
CA THR F 10 12.43 4.58 -41.69
C THR F 10 10.99 4.16 -41.88
N VAL F 11 10.74 2.85 -41.81
CA VAL F 11 9.39 2.33 -41.99
C VAL F 11 8.40 3.03 -41.03
N HIS F 12 8.78 3.18 -39.77
CA HIS F 12 7.91 3.79 -38.78
C HIS F 12 7.95 5.31 -38.66
N GLY F 13 8.85 5.96 -39.38
CA GLY F 13 8.94 7.41 -39.33
C GLY F 13 10.34 7.96 -39.55
N LYS F 14 10.46 9.29 -39.55
CA LYS F 14 11.76 9.94 -39.76
C LYS F 14 12.58 10.01 -38.48
N VAL F 15 13.90 9.99 -38.63
CA VAL F 15 14.81 10.07 -37.50
C VAL F 15 15.91 11.09 -37.78
N LEU F 16 16.29 11.83 -36.74
CA LEU F 16 17.32 12.84 -36.86
C LEU F 16 18.55 12.43 -36.05
N GLY F 17 19.68 12.35 -36.73
CA GLY F 17 20.91 11.98 -36.05
C GLY F 17 21.86 13.16 -36.08
N LYS F 18 23.15 12.89 -35.97
CA LYS F 18 24.16 13.94 -36.00
C LYS F 18 25.40 13.43 -36.73
N PHE F 19 26.17 14.35 -37.29
CA PHE F 19 27.39 13.98 -37.97
C PHE F 19 28.54 14.07 -36.97
N VAL F 20 29.48 13.15 -37.09
CA VAL F 20 30.64 13.13 -36.22
C VAL F 20 31.85 12.75 -37.05
N SER F 21 32.84 13.62 -37.08
CA SER F 21 34.06 13.37 -37.85
C SER F 21 35.14 12.70 -37.00
N LEU F 22 35.95 11.87 -37.66
CA LEU F 22 37.02 11.20 -36.97
C LEU F 22 38.31 11.58 -37.68
N GLU F 23 39.32 12.01 -36.91
CA GLU F 23 40.60 12.40 -37.48
C GLU F 23 41.11 11.41 -38.52
N GLY F 24 41.36 11.92 -39.73
CA GLY F 24 41.87 11.07 -40.78
C GLY F 24 40.83 10.61 -41.78
N PHE F 25 39.61 11.11 -41.66
CA PHE F 25 38.53 10.73 -42.57
C PHE F 25 37.71 11.95 -42.98
N ALA F 26 37.58 12.14 -44.28
CA ALA F 26 36.85 13.28 -44.84
C ALA F 26 35.34 13.13 -44.74
N GLN F 27 34.85 11.89 -44.81
CA GLN F 27 33.41 11.66 -44.74
C GLN F 27 32.95 11.57 -43.29
N PRO F 28 32.05 12.47 -42.88
CA PRO F 28 31.54 12.47 -41.50
C PRO F 28 30.61 11.27 -41.30
N VAL F 29 30.73 10.60 -40.16
CA VAL F 29 29.88 9.46 -39.85
C VAL F 29 28.53 9.95 -39.29
N ALA F 30 27.44 9.38 -39.80
CA ALA F 30 26.12 9.75 -39.33
C ALA F 30 25.80 8.80 -38.19
N ILE F 31 25.51 9.37 -37.02
CA ILE F 31 25.22 8.59 -35.83
C ILE F 31 23.77 8.80 -35.37
N PHE F 32 23.09 7.69 -35.10
CA PHE F 32 21.71 7.72 -34.66
C PHE F 32 21.63 6.92 -33.36
N LEU F 33 21.28 7.61 -32.28
CA LEU F 33 21.20 6.99 -30.96
C LEU F 33 19.79 6.81 -30.45
N GLY F 34 19.52 5.64 -29.89
CA GLY F 34 18.22 5.36 -29.32
C GLY F 34 17.06 5.21 -30.27
N ILE F 35 17.23 4.39 -31.31
CA ILE F 35 16.16 4.14 -32.26
C ILE F 35 15.39 2.92 -31.78
N PRO F 36 14.08 3.08 -31.52
CA PRO F 36 13.24 1.97 -31.04
C PRO F 36 12.97 0.93 -32.12
N PHE F 37 13.24 -0.34 -31.82
CA PHE F 37 13.00 -1.39 -32.80
C PHE F 37 11.83 -2.28 -32.37
N ALA F 38 11.26 -1.95 -31.22
CA ALA F 38 10.14 -2.72 -30.70
C ALA F 38 9.32 -1.87 -29.73
N LYS F 39 8.15 -2.38 -29.36
CA LYS F 39 7.30 -1.67 -28.42
C LYS F 39 7.86 -1.90 -27.01
N PRO F 40 7.89 -0.85 -26.17
CA PRO F 40 8.40 -0.99 -24.81
C PRO F 40 7.68 -2.14 -24.09
N PRO F 41 8.43 -3.14 -23.58
CA PRO F 41 7.90 -4.31 -22.88
C PRO F 41 7.37 -4.01 -21.48
N LEU F 42 6.42 -3.10 -21.41
CA LEU F 42 5.84 -2.68 -20.13
C LEU F 42 4.48 -3.27 -19.84
N GLY F 43 4.19 -3.41 -18.55
CA GLY F 43 2.92 -3.93 -18.10
C GLY F 43 2.63 -5.37 -18.51
N PRO F 44 1.55 -5.59 -19.26
CA PRO F 44 1.21 -6.95 -19.69
C PRO F 44 2.25 -7.52 -20.65
N LEU F 45 3.01 -6.63 -21.30
CA LEU F 45 4.03 -7.07 -22.25
C LEU F 45 5.28 -7.66 -21.59
N ARG F 46 5.41 -7.53 -20.28
CA ARG F 46 6.56 -8.11 -19.60
C ARG F 46 6.40 -9.62 -19.73
N PHE F 47 7.49 -10.32 -20.02
CA PHE F 47 7.47 -11.77 -20.18
C PHE F 47 6.71 -12.26 -21.42
N THR F 48 6.75 -11.46 -22.48
CA THR F 48 6.10 -11.84 -23.74
C THR F 48 7.03 -11.46 -24.89
N PRO F 49 6.87 -12.11 -26.04
CA PRO F 49 7.76 -11.76 -27.16
C PRO F 49 7.61 -10.28 -27.54
N PRO F 50 8.67 -9.68 -28.12
CA PRO F 50 8.62 -8.27 -28.51
C PRO F 50 7.64 -7.96 -29.62
N GLN F 51 6.94 -6.83 -29.50
CA GLN F 51 6.00 -6.41 -30.53
C GLN F 51 6.63 -5.25 -31.30
N PRO F 52 6.22 -5.07 -32.58
CA PRO F 52 6.76 -3.99 -33.39
C PRO F 52 6.46 -2.62 -32.80
N ALA F 53 7.39 -1.69 -33.00
CA ALA F 53 7.22 -0.33 -32.51
C ALA F 53 6.08 0.36 -33.24
N GLU F 54 5.46 1.32 -32.57
CA GLU F 54 4.37 2.07 -33.18
C GLU F 54 4.97 3.24 -33.94
N PRO F 55 4.44 3.56 -35.13
CA PRO F 55 4.99 4.67 -35.92
C PRO F 55 4.79 6.04 -35.28
N TRP F 56 5.67 6.98 -35.62
CA TRP F 56 5.57 8.34 -35.08
C TRP F 56 5.32 9.33 -36.20
N SER F 57 4.72 10.46 -35.85
CA SER F 57 4.34 11.47 -36.84
C SER F 57 5.38 12.39 -37.48
N PHE F 58 6.29 12.97 -36.70
CA PHE F 58 7.24 13.88 -37.34
C PHE F 58 8.67 13.36 -37.38
N VAL F 59 9.61 14.15 -36.90
CA VAL F 59 11.00 13.72 -36.87
C VAL F 59 11.39 13.36 -35.46
N LYS F 60 11.75 12.10 -35.25
CA LYS F 60 12.17 11.64 -33.93
C LYS F 60 13.63 12.02 -33.74
N ASN F 61 13.92 12.68 -32.64
CA ASN F 61 15.29 13.09 -32.34
C ASN F 61 16.04 11.86 -31.81
N ALA F 62 17.01 11.38 -32.58
CA ALA F 62 17.80 10.22 -32.18
C ALA F 62 19.21 10.66 -31.86
N THR F 63 19.36 11.52 -30.87
CA THR F 63 20.69 12.01 -30.51
C THR F 63 21.08 11.90 -29.04
N SER F 64 20.36 11.10 -28.27
CA SER F 64 20.71 10.91 -26.86
C SER F 64 20.72 9.43 -26.57
N TYR F 65 21.70 8.99 -25.79
CA TYR F 65 21.83 7.58 -25.44
C TYR F 65 20.58 7.06 -24.78
N PRO F 66 20.15 5.85 -25.18
CA PRO F 66 18.95 5.30 -24.56
C PRO F 66 19.32 4.68 -23.22
N PRO F 67 18.31 4.43 -22.38
CA PRO F 67 18.63 3.82 -21.09
C PRO F 67 19.03 2.38 -21.31
N MET F 68 19.75 1.79 -20.36
CA MET F 68 20.13 0.38 -20.49
C MET F 68 19.04 -0.42 -19.77
N CYS F 69 18.85 -1.68 -20.16
CA CYS F 69 17.82 -2.50 -19.53
C CYS F 69 18.07 -2.64 -18.04
N THR F 70 16.99 -2.72 -17.27
CA THR F 70 17.09 -2.85 -15.83
C THR F 70 18.08 -3.94 -15.45
N GLN F 71 19.00 -3.59 -14.56
CA GLN F 71 20.04 -4.49 -14.11
C GLN F 71 20.67 -3.87 -12.87
N ASP F 72 21.50 -4.63 -12.17
CA ASP F 72 22.22 -4.13 -11.00
C ASP F 72 22.99 -2.91 -11.51
N PRO F 73 22.62 -1.71 -11.06
CA PRO F 73 23.29 -0.49 -11.51
C PRO F 73 24.79 -0.38 -11.23
N LYS F 74 25.27 -0.97 -10.13
CA LYS F 74 26.69 -0.90 -9.83
C LYS F 74 27.50 -1.84 -10.71
N ALA F 75 27.03 -3.08 -10.85
CA ALA F 75 27.71 -4.07 -11.69
C ALA F 75 27.66 -3.66 -13.15
N GLY F 76 26.55 -3.02 -13.56
CA GLY F 76 26.42 -2.60 -14.94
C GLY F 76 27.39 -1.48 -15.26
N GLN F 77 27.51 -0.53 -14.33
CA GLN F 77 28.41 0.60 -14.52
C GLN F 77 29.87 0.15 -14.49
N LEU F 78 30.21 -0.73 -13.57
CA LEU F 78 31.58 -1.22 -13.49
C LEU F 78 31.92 -1.86 -14.84
N LEU F 79 31.09 -2.81 -15.26
CA LEU F 79 31.32 -3.50 -16.52
C LEU F 79 31.46 -2.56 -17.71
N SER F 80 30.60 -1.55 -17.78
CA SER F 80 30.66 -0.58 -18.86
C SER F 80 32.01 0.13 -18.84
N GLU F 81 32.46 0.48 -17.64
CA GLU F 81 33.74 1.16 -17.46
C GLU F 81 34.91 0.34 -17.95
N LEU F 82 34.89 -0.96 -17.67
CA LEU F 82 35.96 -1.85 -18.07
C LEU F 82 35.94 -2.22 -19.56
N PHE F 83 34.76 -2.19 -20.15
CA PHE F 83 34.62 -2.58 -21.55
C PHE F 83 34.53 -1.50 -22.61
N THR F 84 34.13 -0.28 -22.24
CA THR F 84 33.98 0.78 -23.22
C THR F 84 35.27 1.11 -23.98
N ASN F 85 35.12 1.50 -25.24
CA ASN F 85 36.24 1.86 -26.10
C ASN F 85 36.36 3.38 -26.21
N ARG F 86 35.48 4.10 -25.54
CA ARG F 86 35.54 5.55 -25.61
C ARG F 86 36.36 6.19 -24.49
N LYS F 87 36.83 7.42 -24.75
CA LYS F 87 37.64 8.18 -23.81
C LYS F 87 37.10 8.19 -22.38
N GLU F 88 35.82 8.53 -22.24
CA GLU F 88 35.21 8.58 -20.92
C GLU F 88 33.91 7.79 -20.92
N ASN F 89 33.75 6.90 -19.95
CA ASN F 89 32.54 6.09 -19.88
C ASN F 89 31.31 6.97 -19.71
N ILE F 90 30.24 6.60 -20.43
CA ILE F 90 29.00 7.33 -20.38
C ILE F 90 28.03 6.74 -19.35
N PRO F 91 27.60 7.55 -18.39
CA PRO F 91 26.67 7.11 -17.34
C PRO F 91 25.33 6.86 -18.02
N LEU F 92 24.70 5.73 -17.71
CA LEU F 92 23.42 5.42 -18.33
C LEU F 92 22.31 5.26 -17.31
N LYS F 93 21.08 5.53 -17.75
CA LYS F 93 19.92 5.40 -16.91
C LYS F 93 19.38 3.97 -17.09
N LEU F 94 18.62 3.49 -16.11
CA LEU F 94 18.03 2.16 -16.15
C LEU F 94 16.55 2.29 -16.52
N SER F 95 16.01 1.27 -17.17
CA SER F 95 14.60 1.27 -17.54
C SER F 95 14.19 -0.02 -18.23
N GLU F 96 12.91 -0.36 -18.10
CA GLU F 96 12.39 -1.55 -18.76
C GLU F 96 12.18 -1.16 -20.22
N ASP F 97 12.15 0.14 -20.47
CA ASP F 97 11.99 0.70 -21.81
C ASP F 97 13.41 0.80 -22.35
N CYS F 98 13.93 -0.31 -22.85
CA CYS F 98 15.31 -0.37 -23.32
C CYS F 98 15.52 -1.01 -24.69
N LEU F 99 14.44 -1.36 -25.37
CA LEU F 99 14.59 -1.98 -26.67
C LEU F 99 14.89 -0.96 -27.76
N TYR F 100 16.14 -0.50 -27.74
CA TYR F 100 16.65 0.47 -28.70
C TYR F 100 17.94 -0.01 -29.35
N LEU F 101 18.33 0.65 -30.43
CA LEU F 101 19.57 0.30 -31.10
C LEU F 101 20.22 1.59 -31.58
N ASN F 102 21.55 1.57 -31.67
CA ASN F 102 22.30 2.74 -32.11
C ASN F 102 22.95 2.40 -33.45
N ILE F 103 23.00 3.37 -34.34
CA ILE F 103 23.57 3.14 -35.66
C ILE F 103 24.71 4.10 -35.98
N TYR F 104 25.78 3.56 -36.55
CA TYR F 104 26.94 4.35 -36.96
C TYR F 104 27.15 4.05 -38.43
N THR F 105 26.72 4.96 -39.30
CA THR F 105 26.89 4.74 -40.74
C THR F 105 27.85 5.74 -41.38
N PRO F 106 28.89 5.24 -42.08
CA PRO F 106 29.90 6.05 -42.76
C PRO F 106 29.48 6.37 -44.20
N ALA F 107 28.30 5.90 -44.58
CA ALA F 107 27.81 6.12 -45.92
C ALA F 107 27.33 7.55 -46.14
N ASP F 108 27.51 8.05 -47.36
CA ASP F 108 27.03 9.37 -47.70
C ASP F 108 25.56 9.15 -47.97
N LEU F 109 24.70 9.50 -47.02
CA LEU F 109 23.28 9.30 -47.14
C LEU F 109 22.59 10.05 -48.28
N THR F 110 23.25 11.04 -48.86
CA THR F 110 22.66 11.79 -49.96
C THR F 110 22.66 10.94 -51.22
N LYS F 111 23.53 9.93 -51.23
CA LYS F 111 23.61 9.03 -52.37
C LYS F 111 22.98 7.68 -52.03
N LYS F 112 23.32 6.67 -52.83
CA LYS F 112 22.79 5.34 -52.63
C LYS F 112 23.94 4.40 -52.28
N ASN F 113 23.85 3.75 -51.13
CA ASN F 113 24.89 2.83 -50.70
C ASN F 113 24.33 1.53 -50.19
N ARG F 114 25.16 0.49 -50.21
CA ARG F 114 24.78 -0.81 -49.72
C ARG F 114 25.99 -1.45 -49.07
N LEU F 115 26.46 -0.81 -48.00
CA LEU F 115 27.62 -1.27 -47.26
C LEU F 115 27.27 -2.46 -46.37
N PRO F 116 28.26 -3.32 -46.08
CA PRO F 116 27.96 -4.46 -45.22
C PRO F 116 27.56 -3.94 -43.83
N VAL F 117 26.68 -4.67 -43.15
CA VAL F 117 26.21 -4.27 -41.84
C VAL F 117 26.77 -5.21 -40.79
N MET F 118 27.18 -4.63 -39.68
CA MET F 118 27.72 -5.42 -38.57
C MET F 118 26.86 -5.09 -37.35
N VAL F 119 26.12 -6.08 -36.87
CA VAL F 119 25.24 -5.93 -35.71
C VAL F 119 25.90 -6.53 -34.47
N TRP F 120 26.19 -5.66 -33.51
CA TRP F 120 26.86 -6.04 -32.27
C TRP F 120 25.95 -6.41 -31.09
N ILE F 121 26.20 -7.58 -30.52
CA ILE F 121 25.41 -8.03 -29.38
C ILE F 121 26.33 -8.06 -28.17
N HIS F 122 26.15 -7.11 -27.26
CA HIS F 122 27.00 -7.01 -26.08
C HIS F 122 26.88 -8.18 -25.10
N GLY F 123 27.94 -8.34 -24.29
CA GLY F 123 27.96 -9.39 -23.30
C GLY F 123 27.55 -8.84 -21.94
N GLY F 124 27.74 -9.63 -20.89
CA GLY F 124 27.35 -9.22 -19.55
C GLY F 124 26.56 -10.32 -18.85
N GLY F 125 26.84 -11.57 -19.23
CA GLY F 125 26.19 -12.72 -18.64
C GLY F 125 24.68 -12.74 -18.80
N LEU F 126 24.15 -11.93 -19.71
CA LEU F 126 22.72 -11.86 -19.94
C LEU F 126 22.03 -11.25 -18.71
N MET F 127 22.85 -10.69 -17.80
CA MET F 127 22.32 -10.07 -16.58
C MET F 127 22.57 -8.56 -16.55
N VAL F 128 23.66 -8.12 -17.17
CA VAL F 128 24.01 -6.70 -17.22
C VAL F 128 24.54 -6.34 -18.61
N GLY F 129 24.85 -5.07 -18.82
CA GLY F 129 25.37 -4.66 -20.11
C GLY F 129 24.52 -3.66 -20.85
N ALA F 130 25.13 -3.02 -21.85
CA ALA F 130 24.44 -2.01 -22.64
C ALA F 130 25.10 -1.82 -24.00
N ALA F 131 24.33 -1.36 -24.97
CA ALA F 131 24.84 -1.14 -26.30
C ALA F 131 25.70 0.12 -26.33
N SER F 132 25.20 1.18 -25.68
CA SER F 132 25.89 2.47 -25.65
C SER F 132 27.32 2.40 -25.11
N THR F 133 27.67 1.31 -24.46
CA THR F 133 29.03 1.14 -23.96
C THR F 133 29.99 1.10 -25.15
N TYR F 134 29.51 0.57 -26.28
CA TYR F 134 30.33 0.42 -27.48
C TYR F 134 30.13 1.44 -28.57
N ASP F 135 31.16 2.24 -28.79
CA ASP F 135 31.14 3.29 -29.80
C ASP F 135 31.62 2.71 -31.14
N GLY F 136 30.74 2.74 -32.14
CA GLY F 136 31.09 2.20 -33.44
C GLY F 136 31.74 3.17 -34.41
N LEU F 137 32.08 4.36 -33.94
CA LEU F 137 32.69 5.38 -34.78
C LEU F 137 33.95 4.94 -35.54
N ALA F 138 34.93 4.40 -34.82
CA ALA F 138 36.19 3.98 -35.46
C ALA F 138 36.05 2.81 -36.43
N LEU F 139 35.29 1.80 -36.04
CA LEU F 139 35.12 0.65 -36.92
C LEU F 139 34.39 1.06 -38.18
N ALA F 140 33.36 1.87 -38.02
CA ALA F 140 32.58 2.33 -39.16
C ALA F 140 33.44 3.17 -40.11
N ALA F 141 34.10 4.19 -39.58
CA ALA F 141 34.93 5.08 -40.39
C ALA F 141 36.13 4.39 -41.03
N HIS F 142 36.80 3.51 -40.29
CA HIS F 142 37.97 2.80 -40.81
C HIS F 142 37.66 1.71 -41.82
N GLU F 143 36.62 0.93 -41.55
CA GLU F 143 36.28 -0.19 -42.43
C GLU F 143 35.14 0.00 -43.42
N ASN F 144 34.52 1.17 -43.41
CA ASN F 144 33.44 1.47 -44.34
C ASN F 144 32.31 0.46 -44.25
N VAL F 145 31.81 0.24 -43.03
CA VAL F 145 30.70 -0.67 -42.80
C VAL F 145 29.72 0.01 -41.86
N VAL F 146 28.46 -0.38 -41.91
CA VAL F 146 27.45 0.19 -41.02
C VAL F 146 27.50 -0.62 -39.73
N VAL F 147 27.71 0.05 -38.61
CA VAL F 147 27.76 -0.63 -37.33
C VAL F 147 26.52 -0.35 -36.52
N VAL F 148 25.83 -1.42 -36.10
CA VAL F 148 24.62 -1.30 -35.32
C VAL F 148 24.81 -1.99 -33.98
N THR F 149 24.56 -1.27 -32.89
CA THR F 149 24.67 -1.87 -31.56
C THR F 149 23.26 -1.97 -30.97
N ILE F 150 22.85 -3.18 -30.63
CA ILE F 150 21.51 -3.42 -30.10
C ILE F 150 21.42 -3.77 -28.62
N GLN F 151 20.24 -3.60 -28.07
CA GLN F 151 19.98 -3.94 -26.68
C GLN F 151 18.85 -4.96 -26.62
N TYR F 152 18.79 -5.69 -25.52
CA TYR F 152 17.77 -6.73 -25.35
C TYR F 152 17.54 -6.92 -23.86
N ARG F 153 16.38 -7.47 -23.51
CA ARG F 153 16.04 -7.66 -22.10
C ARG F 153 17.00 -8.60 -21.36
N LEU F 154 17.39 -8.16 -20.16
CA LEU F 154 18.34 -8.90 -19.32
C LEU F 154 17.70 -9.45 -18.04
N GLY F 155 18.43 -10.31 -17.35
CA GLY F 155 17.96 -10.90 -16.11
C GLY F 155 16.55 -11.46 -16.13
N ILE F 156 15.82 -11.21 -15.06
CA ILE F 156 14.46 -11.69 -14.92
C ILE F 156 13.59 -11.22 -16.09
N TRP F 157 13.75 -9.97 -16.48
CA TRP F 157 12.99 -9.39 -17.57
C TRP F 157 13.18 -10.12 -18.90
N GLY F 158 14.41 -10.52 -19.19
CA GLY F 158 14.68 -11.20 -20.43
C GLY F 158 14.74 -12.72 -20.43
N PHE F 159 14.84 -13.33 -19.26
CA PHE F 159 14.96 -14.79 -19.26
C PHE F 159 14.14 -15.56 -18.27
N PHE F 160 13.22 -14.90 -17.57
CA PHE F 160 12.40 -15.62 -16.62
C PHE F 160 11.60 -16.68 -17.36
N SER F 161 11.69 -17.92 -16.89
CA SER F 161 10.98 -19.04 -17.53
C SER F 161 10.35 -20.00 -16.53
N THR F 162 9.10 -20.37 -16.78
CA THR F 162 8.39 -21.33 -15.91
C THR F 162 8.47 -22.72 -16.54
N GLY F 163 9.19 -22.81 -17.65
CA GLY F 163 9.34 -24.08 -18.34
C GLY F 163 8.15 -24.51 -19.17
N ASP F 164 7.12 -23.66 -19.28
CA ASP F 164 5.94 -24.01 -20.07
C ASP F 164 5.38 -22.81 -20.84
N GLU F 165 4.24 -22.97 -21.49
CA GLU F 165 3.65 -21.91 -22.31
C GLU F 165 3.26 -20.61 -21.63
N HIS F 166 3.24 -20.58 -20.30
CA HIS F 166 2.85 -19.36 -19.61
C HIS F 166 4.00 -18.35 -19.55
N SER F 167 5.21 -18.85 -19.75
CA SER F 167 6.41 -18.02 -19.78
C SER F 167 7.57 -18.88 -20.26
N ARG F 168 7.61 -19.09 -21.57
CA ARG F 168 8.63 -19.92 -22.19
C ARG F 168 10.04 -19.50 -21.87
N GLY F 169 10.30 -18.19 -21.93
CA GLY F 169 11.62 -17.68 -21.67
C GLY F 169 12.28 -17.17 -22.94
N ASN F 170 13.57 -16.84 -22.84
CA ASN F 170 14.35 -16.34 -23.97
C ASN F 170 13.84 -15.04 -24.59
N TRP F 171 13.16 -14.23 -23.79
CA TRP F 171 12.64 -12.95 -24.27
C TRP F 171 13.79 -12.12 -24.84
N GLY F 172 14.90 -12.09 -24.12
CA GLY F 172 16.06 -11.35 -24.57
C GLY F 172 16.49 -11.80 -25.95
N HIS F 173 16.55 -13.11 -26.18
CA HIS F 173 16.93 -13.64 -27.50
C HIS F 173 15.89 -13.26 -28.56
N LEU F 174 14.61 -13.24 -28.19
CA LEU F 174 13.60 -12.88 -29.17
C LEU F 174 13.78 -11.41 -29.53
N ASP F 175 14.29 -10.62 -28.59
CA ASP F 175 14.53 -9.21 -28.82
C ASP F 175 15.67 -9.02 -29.85
N GLN F 176 16.70 -9.84 -29.74
CA GLN F 176 17.82 -9.77 -30.66
C GLN F 176 17.28 -10.07 -32.07
N VAL F 177 16.41 -11.08 -32.15
CA VAL F 177 15.80 -11.46 -33.42
C VAL F 177 14.97 -10.29 -33.96
N ALA F 178 14.20 -9.65 -33.08
CA ALA F 178 13.38 -8.52 -33.49
C ALA F 178 14.25 -7.39 -34.06
N ALA F 179 15.42 -7.19 -33.47
CA ALA F 179 16.34 -6.15 -33.94
C ALA F 179 16.88 -6.51 -35.34
N LEU F 180 17.20 -7.79 -35.55
CA LEU F 180 17.69 -8.24 -36.84
C LEU F 180 16.62 -8.06 -37.91
N ARG F 181 15.36 -8.30 -37.52
CA ARG F 181 14.26 -8.15 -38.45
C ARG F 181 14.13 -6.66 -38.77
N TRP F 182 14.35 -5.82 -37.75
CA TRP F 182 14.27 -4.36 -37.97
C TRP F 182 15.34 -3.94 -38.98
N VAL F 183 16.56 -4.45 -38.79
CA VAL F 183 17.65 -4.14 -39.69
C VAL F 183 17.30 -4.54 -41.13
N GLN F 184 16.67 -5.68 -41.29
CA GLN F 184 16.29 -6.13 -42.63
C GLN F 184 15.36 -5.15 -43.32
N ASP F 185 14.38 -4.65 -42.58
CA ASP F 185 13.41 -3.74 -43.16
C ASP F 185 13.85 -2.29 -43.23
N ASN F 186 14.86 -1.91 -42.45
CA ASN F 186 15.26 -0.51 -42.40
C ASN F 186 16.70 -0.12 -42.69
N ILE F 187 17.64 -1.05 -42.64
CA ILE F 187 19.03 -0.65 -42.82
C ILE F 187 19.39 -0.03 -44.16
N ALA F 188 18.61 -0.32 -45.20
CA ALA F 188 18.89 0.23 -46.52
C ALA F 188 18.84 1.77 -46.51
N SER F 189 18.00 2.31 -45.64
CA SER F 189 17.85 3.77 -45.55
C SER F 189 19.06 4.43 -44.91
N PHE F 190 19.89 3.63 -44.25
CA PHE F 190 21.09 4.15 -43.61
C PHE F 190 22.31 3.79 -44.43
N GLY F 191 22.09 3.35 -45.67
CA GLY F 191 23.20 2.98 -46.54
C GLY F 191 23.78 1.59 -46.32
N GLY F 192 23.01 0.72 -45.66
CA GLY F 192 23.49 -0.62 -45.42
C GLY F 192 22.82 -1.62 -46.34
N ASN F 193 23.48 -2.77 -46.51
CA ASN F 193 22.94 -3.81 -47.37
C ASN F 193 22.20 -4.89 -46.57
N PRO F 194 20.86 -4.88 -46.59
CA PRO F 194 20.13 -5.91 -45.84
C PRO F 194 20.50 -7.33 -46.27
N GLY F 195 21.07 -7.46 -47.45
CA GLY F 195 21.47 -8.76 -47.93
C GLY F 195 22.83 -9.22 -47.41
N SER F 196 23.49 -8.36 -46.63
CA SER F 196 24.80 -8.72 -46.06
C SER F 196 24.95 -8.24 -44.61
N VAL F 197 24.30 -8.94 -43.69
CA VAL F 197 24.34 -8.60 -42.27
C VAL F 197 25.18 -9.59 -41.48
N THR F 198 26.17 -9.06 -40.77
CA THR F 198 27.04 -9.90 -39.95
C THR F 198 26.73 -9.67 -38.47
N ILE F 199 26.45 -10.73 -37.73
CA ILE F 199 26.18 -10.57 -36.32
C ILE F 199 27.43 -10.98 -35.54
N PHE F 200 27.82 -10.15 -34.57
CA PHE F 200 28.97 -10.47 -33.75
C PHE F 200 28.77 -10.02 -32.32
N GLY F 201 29.37 -10.74 -31.39
CA GLY F 201 29.23 -10.40 -29.99
C GLY F 201 30.23 -11.18 -29.17
N GLU F 202 30.43 -10.77 -27.92
CA GLU F 202 31.38 -11.49 -27.10
C GLU F 202 30.75 -11.90 -25.79
N SER F 203 31.24 -12.98 -25.20
CA SER F 203 30.73 -13.47 -23.93
C SER F 203 29.29 -13.92 -24.12
N ALA F 204 28.38 -13.41 -23.31
CA ALA F 204 26.97 -13.76 -23.46
C ALA F 204 26.53 -13.32 -24.86
N GLY F 205 27.19 -12.29 -25.38
CA GLY F 205 26.87 -11.79 -26.71
C GLY F 205 27.31 -12.84 -27.74
N GLY F 206 28.43 -13.50 -27.46
CA GLY F 206 28.92 -14.53 -28.35
C GLY F 206 28.01 -15.75 -28.27
N GLU F 207 27.50 -16.02 -27.07
CA GLU F 207 26.60 -17.15 -26.88
C GLU F 207 25.27 -16.85 -27.58
N SER F 208 24.84 -15.58 -27.56
CA SER F 208 23.59 -15.21 -28.22
C SER F 208 23.74 -15.44 -29.73
N VAL F 209 24.87 -15.00 -30.28
CA VAL F 209 25.14 -15.19 -31.69
C VAL F 209 25.11 -16.68 -32.02
N SER F 210 25.72 -17.48 -31.16
CA SER F 210 25.77 -18.93 -31.34
C SER F 210 24.37 -19.54 -31.31
N VAL F 211 23.52 -19.01 -30.42
CA VAL F 211 22.13 -19.46 -30.30
C VAL F 211 21.35 -19.09 -31.56
N LEU F 212 21.49 -17.84 -32.00
CA LEU F 212 20.80 -17.39 -33.21
C LEU F 212 21.21 -18.27 -34.39
N VAL F 213 22.49 -18.61 -34.46
CA VAL F 213 23.01 -19.45 -35.53
C VAL F 213 22.29 -20.80 -35.61
N LEU F 214 21.84 -21.31 -34.46
CA LEU F 214 21.14 -22.59 -34.41
C LEU F 214 19.62 -22.44 -34.43
N SER F 215 19.14 -21.20 -34.45
CA SER F 215 17.71 -20.94 -34.43
C SER F 215 17.03 -20.72 -35.76
N PRO F 216 15.86 -21.35 -35.96
CA PRO F 216 15.08 -21.23 -37.20
C PRO F 216 14.38 -19.87 -37.26
N LEU F 217 14.31 -19.18 -36.13
CA LEU F 217 13.67 -17.87 -36.08
C LEU F 217 14.57 -16.79 -36.69
N ALA F 218 15.88 -17.04 -36.67
CA ALA F 218 16.84 -16.08 -37.20
C ALA F 218 17.27 -16.40 -38.62
N LYS F 219 16.74 -17.48 -39.19
CA LYS F 219 17.08 -17.84 -40.56
C LYS F 219 16.88 -16.68 -41.51
N ASN F 220 17.89 -16.41 -42.33
CA ASN F 220 17.82 -15.34 -43.31
C ASN F 220 17.81 -13.92 -42.76
N LEU F 221 18.15 -13.76 -41.49
CA LEU F 221 18.22 -12.43 -40.88
C LEU F 221 19.69 -11.99 -40.79
N PHE F 222 20.60 -12.89 -41.15
CA PHE F 222 22.04 -12.59 -41.14
C PHE F 222 22.76 -13.53 -42.11
N HIS F 223 23.95 -13.10 -42.53
CA HIS F 223 24.72 -13.87 -43.50
C HIS F 223 26.13 -14.26 -43.09
N ARG F 224 26.55 -13.82 -41.90
CA ARG F 224 27.87 -14.16 -41.37
C ARG F 224 27.78 -14.03 -39.87
N ALA F 225 28.57 -14.82 -39.14
CA ALA F 225 28.53 -14.77 -37.68
C ALA F 225 29.90 -14.80 -37.03
N ILE F 226 30.03 -14.09 -35.92
CA ILE F 226 31.28 -14.07 -35.16
C ILE F 226 30.99 -14.18 -33.67
N SER F 227 31.53 -15.22 -33.04
CA SER F 227 31.37 -15.43 -31.60
C SER F 227 32.73 -15.20 -30.95
N GLU F 228 32.77 -14.22 -30.05
CA GLU F 228 34.00 -13.90 -29.36
C GLU F 228 33.90 -14.33 -27.90
N SER F 229 34.69 -15.35 -27.53
CA SER F 229 34.69 -15.85 -26.16
C SER F 229 33.31 -16.23 -25.63
N GLY F 230 32.66 -17.17 -26.29
CA GLY F 230 31.35 -17.59 -25.85
C GLY F 230 30.52 -18.20 -26.95
N VAL F 231 30.02 -19.40 -26.72
CA VAL F 231 29.20 -20.11 -27.67
C VAL F 231 28.02 -20.74 -26.94
N ALA F 232 27.15 -21.42 -27.69
CA ALA F 232 25.98 -22.07 -27.08
C ALA F 232 26.35 -23.27 -26.21
N LEU F 233 27.61 -23.69 -26.24
CA LEU F 233 28.02 -24.81 -25.42
C LEU F 233 28.64 -24.36 -24.09
N THR F 234 28.66 -23.05 -23.87
CA THR F 234 29.17 -22.49 -22.62
C THR F 234 28.03 -22.72 -21.63
N SER F 235 28.01 -23.92 -21.06
CA SER F 235 26.95 -24.38 -20.15
C SER F 235 26.40 -23.44 -19.08
N VAL F 236 27.21 -22.50 -18.61
CA VAL F 236 26.72 -21.61 -17.57
C VAL F 236 25.64 -20.62 -18.06
N LEU F 237 25.52 -20.45 -19.38
CA LEU F 237 24.53 -19.54 -19.94
C LEU F 237 23.27 -20.25 -20.43
N VAL F 238 23.32 -21.59 -20.47
CA VAL F 238 22.19 -22.39 -20.95
C VAL F 238 21.62 -23.31 -19.87
N LYS F 239 20.32 -23.20 -19.63
CA LYS F 239 19.65 -24.02 -18.61
C LYS F 239 19.00 -25.26 -19.18
N LYS F 240 19.49 -26.42 -18.79
CA LYS F 240 18.94 -27.68 -19.25
C LYS F 240 18.11 -28.31 -18.14
N GLY F 241 17.27 -29.26 -18.50
CA GLY F 241 16.44 -29.92 -17.51
C GLY F 241 15.22 -29.12 -17.14
N ASP F 242 14.74 -29.31 -15.91
CA ASP F 242 13.55 -28.61 -15.43
C ASP F 242 13.95 -27.26 -14.82
N VAL F 243 13.33 -26.19 -15.33
CA VAL F 243 13.62 -24.84 -14.85
C VAL F 243 12.58 -24.34 -13.84
N LYS F 244 11.54 -25.14 -13.65
CA LYS F 244 10.46 -24.81 -12.73
C LYS F 244 10.96 -24.47 -11.32
N PRO F 245 11.89 -25.26 -10.76
CA PRO F 245 12.39 -24.96 -9.42
C PRO F 245 12.96 -23.54 -9.30
N LEU F 246 13.75 -23.13 -10.29
CA LEU F 246 14.35 -21.80 -10.30
C LEU F 246 13.24 -20.74 -10.36
N ALA F 247 12.28 -20.94 -11.25
CA ALA F 247 11.18 -20.00 -11.39
C ALA F 247 10.49 -19.81 -10.04
N GLU F 248 10.30 -20.90 -9.31
CA GLU F 248 9.64 -20.83 -8.01
C GLU F 248 10.48 -20.14 -6.94
N GLN F 249 11.80 -20.29 -7.04
CA GLN F 249 12.69 -19.64 -6.09
C GLN F 249 12.62 -18.13 -6.34
N ILE F 250 12.50 -17.74 -7.60
CA ILE F 250 12.43 -16.33 -7.93
C ILE F 250 11.10 -15.73 -7.50
N ALA F 251 10.00 -16.43 -7.77
CA ALA F 251 8.68 -15.94 -7.41
C ALA F 251 8.55 -15.79 -5.89
N ILE F 252 9.02 -16.81 -5.17
CA ILE F 252 8.95 -16.79 -3.71
C ILE F 252 9.75 -15.60 -3.15
N THR F 253 10.95 -15.40 -3.66
CA THR F 253 11.79 -14.30 -3.21
C THR F 253 11.10 -12.96 -3.52
N ALA F 254 10.30 -12.96 -4.59
CA ALA F 254 9.57 -11.77 -4.99
C ALA F 254 8.29 -11.59 -4.17
N GLY F 255 7.97 -12.59 -3.34
CA GLY F 255 6.78 -12.50 -2.52
C GLY F 255 5.54 -12.96 -3.27
N CYS F 256 5.71 -13.88 -4.20
CA CYS F 256 4.61 -14.40 -5.01
C CYS F 256 4.26 -15.83 -4.64
N LYS F 257 3.01 -16.23 -4.87
CA LYS F 257 2.59 -17.60 -4.59
C LYS F 257 3.06 -18.46 -5.76
N THR F 258 3.24 -19.76 -5.51
CA THR F 258 3.70 -20.67 -6.56
C THR F 258 2.66 -21.70 -6.94
N THR F 259 1.38 -21.37 -6.74
CA THR F 259 0.28 -22.28 -7.04
C THR F 259 0.37 -22.93 -8.43
N THR F 260 0.60 -22.12 -9.46
CA THR F 260 0.73 -22.65 -10.82
C THR F 260 1.64 -21.70 -11.62
N SER F 261 1.99 -22.10 -12.84
CA SER F 261 2.83 -21.26 -13.69
C SER F 261 2.13 -19.93 -13.98
N ALA F 262 0.85 -20.03 -14.35
CA ALA F 262 0.06 -18.84 -14.67
C ALA F 262 -0.02 -17.87 -13.50
N VAL F 263 -0.10 -18.42 -12.29
CA VAL F 263 -0.19 -17.61 -11.08
C VAL F 263 1.14 -16.90 -10.80
N MET F 264 2.26 -17.62 -10.92
CA MET F 264 3.56 -17.00 -10.67
C MET F 264 3.80 -15.85 -11.66
N VAL F 265 3.57 -16.12 -12.94
CA VAL F 265 3.77 -15.12 -13.98
C VAL F 265 2.90 -13.91 -13.79
N HIS F 266 1.61 -14.14 -13.55
CA HIS F 266 0.68 -13.04 -13.34
C HIS F 266 1.11 -12.18 -12.17
N CYS F 267 1.56 -12.82 -11.09
CA CYS F 267 2.02 -12.09 -9.92
C CYS F 267 3.28 -11.25 -10.21
N LEU F 268 4.23 -11.84 -10.93
CA LEU F 268 5.47 -11.15 -11.27
C LEU F 268 5.23 -9.98 -12.22
N ARG F 269 4.19 -10.07 -13.05
CA ARG F 269 3.88 -8.98 -13.96
C ARG F 269 3.33 -7.79 -13.19
N GLN F 270 2.87 -8.02 -11.96
CA GLN F 270 2.29 -6.95 -11.14
C GLN F 270 3.34 -6.21 -10.34
N LYS F 271 4.51 -6.82 -10.17
CA LYS F 271 5.61 -6.22 -9.43
C LYS F 271 6.17 -5.02 -10.19
N THR F 272 6.72 -4.06 -9.46
CA THR F 272 7.31 -2.87 -10.09
C THR F 272 8.74 -3.19 -10.46
N GLU F 273 9.34 -2.29 -11.25
CA GLU F 273 10.71 -2.44 -11.68
C GLU F 273 11.62 -2.54 -10.45
N GLU F 274 11.40 -1.66 -9.48
CA GLU F 274 12.20 -1.65 -8.26
C GLU F 274 12.08 -2.97 -7.49
N GLU F 275 10.87 -3.54 -7.45
CA GLU F 275 10.65 -4.79 -6.73
C GLU F 275 11.36 -5.96 -7.41
N LEU F 276 11.33 -6.00 -8.73
CA LEU F 276 12.01 -7.08 -9.45
C LEU F 276 13.52 -6.84 -9.37
N LEU F 277 13.92 -5.57 -9.26
CA LEU F 277 15.33 -5.26 -9.14
C LEU F 277 15.79 -5.67 -7.73
N GLU F 278 14.92 -5.49 -6.74
CA GLU F 278 15.26 -5.88 -5.38
C GLU F 278 15.32 -7.39 -5.27
N THR F 279 14.48 -8.08 -6.05
CA THR F 279 14.47 -9.54 -6.04
C THR F 279 15.77 -10.03 -6.66
N THR F 280 16.20 -9.35 -7.72
CA THR F 280 17.44 -9.68 -8.40
C THR F 280 18.60 -9.59 -7.41
N LEU F 281 18.69 -8.48 -6.70
CA LEU F 281 19.75 -8.28 -5.71
C LEU F 281 19.74 -9.34 -4.60
N LYS F 282 18.55 -9.78 -4.18
CA LYS F 282 18.44 -10.80 -3.14
C LYS F 282 18.95 -12.16 -3.62
N MET F 283 18.72 -12.45 -4.90
CA MET F 283 19.15 -13.72 -5.51
C MET F 283 20.67 -13.73 -5.60
N LYS F 284 21.27 -12.54 -5.54
CA LYS F 284 22.71 -12.36 -5.64
C LYS F 284 23.31 -13.06 -6.87
N PHE F 285 22.81 -12.70 -8.04
CA PHE F 285 23.30 -13.26 -9.30
C PHE F 285 24.69 -12.71 -9.59
N LEU F 286 25.39 -13.33 -10.54
CA LEU F 286 26.73 -12.88 -10.93
C LEU F 286 27.75 -13.18 -9.86
N SER F 287 27.33 -13.87 -8.82
CA SER F 287 28.25 -14.19 -7.74
C SER F 287 28.31 -15.68 -7.44
N LEU F 288 29.51 -16.17 -7.14
CA LEU F 288 29.69 -17.57 -6.83
C LEU F 288 29.25 -17.84 -5.40
N ASP F 289 28.20 -18.63 -5.24
CA ASP F 289 27.69 -18.96 -3.92
C ASP F 289 28.62 -19.99 -3.28
N LEU F 290 29.11 -19.68 -2.08
CA LEU F 290 30.02 -20.59 -1.39
C LEU F 290 29.36 -21.39 -0.28
N GLN F 291 28.03 -21.28 -0.17
CA GLN F 291 27.31 -22.01 0.86
C GLN F 291 26.38 -23.05 0.27
N GLY F 292 26.10 -24.09 1.04
CA GLY F 292 25.20 -25.13 0.58
C GLY F 292 25.76 -25.97 -0.55
N ASP F 293 24.86 -26.57 -1.32
CA ASP F 293 25.25 -27.42 -2.44
C ASP F 293 25.44 -26.61 -3.72
N PRO F 294 26.66 -26.61 -4.26
CA PRO F 294 26.99 -25.89 -5.49
C PRO F 294 26.05 -26.22 -6.64
N ARG F 295 25.51 -27.44 -6.62
CA ARG F 295 24.60 -27.89 -7.67
C ARG F 295 23.29 -27.12 -7.70
N GLU F 296 22.95 -26.46 -6.59
CA GLU F 296 21.71 -25.72 -6.54
C GLU F 296 21.85 -24.22 -6.78
N SER F 297 23.08 -23.75 -6.89
CA SER F 297 23.31 -22.33 -7.12
C SER F 297 23.14 -21.95 -8.60
N GLN F 298 22.46 -20.83 -8.84
CA GLN F 298 22.22 -20.34 -10.19
C GLN F 298 22.68 -18.90 -10.28
N PRO F 299 23.95 -18.69 -10.62
CA PRO F 299 24.51 -17.33 -10.74
C PRO F 299 23.94 -16.47 -11.86
N LEU F 300 23.30 -17.09 -12.85
CA LEU F 300 22.73 -16.35 -13.97
C LEU F 300 21.42 -16.95 -14.46
N LEU F 301 20.58 -16.11 -15.06
CA LEU F 301 19.31 -16.54 -15.63
C LEU F 301 19.57 -16.45 -17.13
N GLY F 302 19.65 -17.59 -17.81
CA GLY F 302 19.93 -17.54 -19.22
C GLY F 302 19.01 -18.28 -20.17
N THR F 303 19.61 -18.75 -21.26
CA THR F 303 18.91 -19.48 -22.32
C THR F 303 18.28 -20.79 -21.84
N VAL F 304 17.08 -21.07 -22.33
CA VAL F 304 16.37 -22.31 -22.01
C VAL F 304 15.90 -22.89 -23.34
N ILE F 305 15.51 -24.16 -23.33
CA ILE F 305 15.02 -24.79 -24.54
C ILE F 305 13.53 -24.54 -24.50
N ASP F 306 13.13 -23.40 -25.06
CA ASP F 306 11.72 -22.98 -25.06
C ASP F 306 10.81 -23.67 -26.07
N GLY F 307 11.36 -24.10 -27.20
CA GLY F 307 10.54 -24.75 -28.22
C GLY F 307 10.18 -23.80 -29.35
N MET F 308 10.57 -22.54 -29.23
CA MET F 308 10.31 -21.54 -30.27
C MET F 308 11.64 -21.12 -30.87
N LEU F 309 12.53 -20.59 -30.03
CA LEU F 309 13.84 -20.17 -30.48
C LEU F 309 14.72 -21.42 -30.66
N LEU F 310 14.71 -22.28 -29.66
CA LEU F 310 15.49 -23.51 -29.70
C LEU F 310 14.58 -24.72 -29.61
N LEU F 311 14.62 -25.58 -30.62
CA LEU F 311 13.77 -26.77 -30.63
C LEU F 311 14.33 -27.91 -29.79
N LYS F 312 15.62 -27.84 -29.47
CA LYS F 312 16.28 -28.83 -28.65
C LYS F 312 17.64 -28.32 -28.19
N THR F 313 18.31 -29.07 -27.31
CA THR F 313 19.61 -28.63 -26.81
C THR F 313 20.59 -28.32 -27.94
N PRO F 314 21.51 -27.38 -27.69
CA PRO F 314 22.52 -27.01 -28.70
C PRO F 314 23.35 -28.21 -29.12
N GLU F 315 23.62 -29.10 -28.16
CA GLU F 315 24.39 -30.30 -28.43
C GLU F 315 23.69 -31.17 -29.48
N GLU F 316 22.37 -31.25 -29.40
CA GLU F 316 21.60 -32.04 -30.35
C GLU F 316 21.44 -31.29 -31.68
N LEU F 317 21.25 -29.98 -31.59
CA LEU F 317 21.08 -29.15 -32.78
C LEU F 317 22.34 -29.06 -33.65
N GLN F 318 23.49 -29.34 -33.07
CA GLN F 318 24.74 -29.29 -33.81
C GLN F 318 24.92 -30.46 -34.75
N ALA F 319 24.58 -31.65 -34.26
CA ALA F 319 24.72 -32.86 -35.05
C ALA F 319 23.84 -32.86 -36.30
N GLU F 320 22.81 -32.04 -36.32
CA GLU F 320 21.92 -31.97 -37.47
C GLU F 320 22.62 -31.34 -38.69
N ARG F 321 23.35 -32.20 -39.40
CA ARG F 321 24.13 -31.83 -40.60
C ARG F 321 23.30 -31.45 -41.82
N ASN F 322 22.50 -30.39 -41.75
CA ASN F 322 21.70 -30.03 -42.92
C ASN F 322 20.98 -28.69 -42.87
N PHE F 323 20.96 -28.06 -41.69
CA PHE F 323 20.31 -26.76 -41.52
C PHE F 323 20.99 -25.77 -42.47
N HIS F 324 20.43 -24.56 -42.60
CA HIS F 324 21.04 -23.54 -43.45
C HIS F 324 22.27 -22.97 -42.75
N THR F 325 23.42 -23.02 -43.41
CA THR F 325 24.66 -22.52 -42.80
C THR F 325 25.13 -21.16 -43.32
N VAL F 326 26.05 -20.56 -42.57
CA VAL F 326 26.65 -19.27 -42.89
C VAL F 326 28.10 -19.27 -42.42
N PRO F 327 28.96 -18.46 -43.06
CA PRO F 327 30.36 -18.43 -42.62
C PRO F 327 30.37 -18.07 -41.12
N TYR F 328 31.19 -18.78 -40.34
CA TYR F 328 31.22 -18.56 -38.90
C TYR F 328 32.63 -18.48 -38.34
N MET F 329 32.90 -17.41 -37.60
CA MET F 329 34.20 -17.21 -36.97
C MET F 329 34.00 -17.37 -35.47
N VAL F 330 34.79 -18.26 -34.85
CA VAL F 330 34.68 -18.53 -33.42
C VAL F 330 36.06 -18.40 -32.79
N GLY F 331 36.18 -17.54 -31.80
CA GLY F 331 37.48 -17.34 -31.16
C GLY F 331 37.45 -17.23 -29.65
N ILE F 332 38.64 -17.39 -29.07
CA ILE F 332 38.79 -17.30 -27.62
C ILE F 332 40.04 -16.48 -27.28
N ASN F 333 40.16 -16.13 -26.01
CA ASN F 333 41.31 -15.38 -25.56
C ASN F 333 42.22 -16.31 -24.77
N LYS F 334 43.50 -15.95 -24.73
CA LYS F 334 44.50 -16.74 -24.03
C LYS F 334 44.16 -17.09 -22.58
N GLN F 335 43.68 -16.11 -21.81
CA GLN F 335 43.34 -16.33 -20.40
C GLN F 335 41.91 -15.94 -20.04
N GLU F 336 40.94 -16.67 -20.57
CA GLU F 336 39.52 -16.39 -20.32
C GLU F 336 39.14 -16.18 -18.86
N PHE F 337 39.83 -16.88 -17.96
CA PHE F 337 39.52 -16.77 -16.54
C PHE F 337 40.72 -16.16 -15.82
N GLY F 338 41.40 -15.25 -16.50
CA GLY F 338 42.57 -14.63 -15.92
C GLY F 338 42.37 -13.60 -14.83
N TRP F 339 41.33 -12.77 -14.96
CA TRP F 339 41.10 -11.74 -13.97
C TRP F 339 39.67 -11.21 -13.94
N LEU F 340 39.23 -10.66 -15.06
CA LEU F 340 37.89 -10.09 -15.14
C LEU F 340 36.75 -10.92 -14.55
N ILE F 341 36.50 -12.10 -15.12
CA ILE F 341 35.40 -12.92 -14.61
C ILE F 341 35.52 -13.28 -13.13
N PRO F 342 36.67 -13.82 -12.70
CA PRO F 342 36.83 -14.18 -11.28
C PRO F 342 36.56 -12.97 -10.38
N MET F 343 37.06 -11.81 -10.81
CA MET F 343 36.89 -10.57 -10.06
C MET F 343 35.42 -10.17 -9.94
N LEU F 344 34.69 -10.22 -11.06
CA LEU F 344 33.28 -9.85 -11.07
C LEU F 344 32.38 -10.85 -10.37
N MET F 345 32.88 -12.06 -10.14
CA MET F 345 32.10 -13.10 -9.48
C MET F 345 32.52 -13.32 -8.04
N SER F 346 33.45 -12.50 -7.55
CA SER F 346 33.94 -12.63 -6.19
C SER F 346 34.50 -14.03 -5.96
N TYR F 347 35.18 -14.56 -6.97
CA TYR F 347 35.79 -15.88 -6.87
C TYR F 347 36.76 -15.89 -5.68
N PRO F 348 36.69 -16.92 -4.84
CA PRO F 348 37.53 -17.10 -3.65
C PRO F 348 38.99 -17.49 -3.89
N LEU F 349 39.73 -16.68 -4.64
CA LEU F 349 41.13 -16.97 -4.90
C LEU F 349 41.97 -15.74 -4.64
N SER F 350 42.88 -15.83 -3.67
CA SER F 350 43.74 -14.71 -3.32
C SER F 350 45.20 -15.11 -3.19
N GLU F 351 45.47 -16.41 -3.06
CA GLU F 351 46.84 -16.89 -2.92
C GLU F 351 47.49 -17.23 -4.25
N GLY F 352 48.78 -16.94 -4.35
CA GLY F 352 49.52 -17.23 -5.57
C GLY F 352 49.84 -18.71 -5.62
N GLN F 353 49.69 -19.38 -4.49
CA GLN F 353 49.98 -20.81 -4.41
C GLN F 353 48.69 -21.58 -4.14
N LEU F 354 48.48 -22.63 -4.92
CA LEU F 354 47.30 -23.47 -4.78
C LEU F 354 47.68 -24.95 -4.69
N ASP F 355 47.10 -25.65 -3.71
CA ASP F 355 47.35 -27.08 -3.55
C ASP F 355 46.16 -27.80 -4.15
N GLN F 356 46.33 -29.07 -4.50
CA GLN F 356 45.25 -29.82 -5.13
C GLN F 356 44.03 -30.03 -4.25
N LYS F 357 44.24 -30.15 -2.95
CA LYS F 357 43.12 -30.35 -2.05
C LYS F 357 42.17 -29.15 -2.15
N THR F 358 42.74 -27.95 -2.07
CA THR F 358 41.95 -26.73 -2.16
C THR F 358 41.38 -26.58 -3.56
N ALA F 359 42.18 -26.91 -4.57
CA ALA F 359 41.75 -26.83 -5.96
C ALA F 359 40.46 -27.64 -6.15
N MET F 360 40.44 -28.86 -5.62
CA MET F 360 39.26 -29.70 -5.75
C MET F 360 38.07 -29.06 -5.06
N SER F 361 38.31 -28.44 -3.90
CA SER F 361 37.24 -27.77 -3.18
C SER F 361 36.66 -26.63 -4.00
N LEU F 362 37.53 -25.80 -4.56
CA LEU F 362 37.08 -24.67 -5.35
C LEU F 362 36.36 -25.14 -6.61
N LEU F 363 36.88 -26.18 -7.24
CA LEU F 363 36.25 -26.67 -8.46
C LEU F 363 34.82 -27.13 -8.20
N TRP F 364 34.60 -27.79 -7.08
CA TRP F 364 33.28 -28.28 -6.73
C TRP F 364 32.36 -27.08 -6.48
N LYS F 365 32.89 -26.05 -5.83
CA LYS F 365 32.13 -24.84 -5.56
C LYS F 365 31.86 -24.11 -6.88
N SER F 366 32.64 -24.46 -7.90
CA SER F 366 32.49 -23.85 -9.21
C SER F 366 31.52 -24.62 -10.09
N TYR F 367 30.82 -25.59 -9.51
CA TYR F 367 29.86 -26.39 -10.27
C TYR F 367 28.99 -25.58 -11.24
N PRO F 368 28.36 -24.49 -10.77
CA PRO F 368 27.53 -23.73 -11.70
C PRO F 368 28.24 -23.26 -12.97
N LEU F 369 29.55 -23.05 -12.88
CA LEU F 369 30.33 -22.60 -14.03
C LEU F 369 30.96 -23.73 -14.86
N VAL F 370 31.30 -24.85 -14.23
CA VAL F 370 31.94 -25.95 -14.96
C VAL F 370 31.14 -27.25 -15.07
N CYS F 371 30.17 -27.44 -14.16
CA CYS F 371 29.31 -28.63 -14.17
C CYS F 371 30.05 -29.97 -14.08
N ILE F 372 31.14 -30.00 -13.33
CA ILE F 372 31.91 -31.23 -13.17
C ILE F 372 31.43 -31.98 -11.93
N ALA F 373 30.84 -33.15 -12.15
CA ALA F 373 30.33 -34.00 -11.06
C ALA F 373 31.41 -34.17 -9.99
N LYS F 374 30.99 -34.19 -8.72
CA LYS F 374 31.95 -34.32 -7.64
C LYS F 374 32.89 -35.51 -7.76
N GLU F 375 32.37 -36.62 -8.26
CA GLU F 375 33.18 -37.83 -8.40
C GLU F 375 34.28 -37.67 -9.44
N LEU F 376 34.11 -36.70 -10.34
CA LEU F 376 35.07 -36.47 -11.41
C LEU F 376 36.11 -35.39 -11.10
N ILE F 377 35.86 -34.59 -10.06
CA ILE F 377 36.77 -33.52 -9.66
C ILE F 377 38.23 -33.98 -9.54
N PRO F 378 38.46 -35.13 -8.88
CA PRO F 378 39.83 -35.64 -8.71
C PRO F 378 40.58 -35.81 -10.04
N GLU F 379 39.93 -36.42 -11.02
CA GLU F 379 40.53 -36.65 -12.34
C GLU F 379 40.88 -35.33 -13.01
N ALA F 380 39.89 -34.46 -13.12
CA ALA F 380 40.07 -33.15 -13.74
C ALA F 380 41.24 -32.40 -13.13
N THR F 381 41.23 -32.29 -11.80
CA THR F 381 42.27 -31.59 -11.07
C THR F 381 43.66 -32.21 -11.27
N GLU F 382 43.73 -33.53 -11.19
CA GLU F 382 45.00 -34.23 -11.34
C GLU F 382 45.53 -34.05 -12.77
N LYS F 383 44.64 -34.11 -13.74
CA LYS F 383 45.00 -33.95 -15.15
C LYS F 383 45.69 -32.61 -15.39
N TYR F 384 45.18 -31.54 -14.78
CA TYR F 384 45.76 -30.22 -14.95
C TYR F 384 46.83 -29.83 -13.95
N LEU F 385 46.62 -30.17 -12.67
CA LEU F 385 47.57 -29.78 -11.62
C LEU F 385 48.66 -30.80 -11.30
N GLY F 386 48.39 -32.07 -11.59
CA GLY F 386 49.38 -33.11 -11.32
C GLY F 386 50.62 -32.94 -12.18
N GLY F 387 50.56 -32.01 -13.12
CA GLY F 387 51.68 -31.77 -14.01
C GLY F 387 52.98 -31.52 -13.27
N THR F 388 53.10 -30.34 -12.65
CA THR F 388 54.32 -30.00 -11.92
C THR F 388 54.13 -29.99 -10.40
N ASP F 389 55.23 -29.75 -9.70
CA ASP F 389 55.21 -29.70 -8.24
C ASP F 389 55.36 -28.25 -7.79
N ASP F 390 54.99 -27.32 -8.66
CA ASP F 390 55.06 -25.89 -8.35
C ASP F 390 53.64 -25.40 -8.07
N THR F 391 53.32 -25.18 -6.80
CA THR F 391 51.99 -24.72 -6.41
C THR F 391 51.65 -23.37 -7.02
N VAL F 392 52.66 -22.61 -7.43
CA VAL F 392 52.43 -21.32 -8.04
C VAL F 392 51.91 -21.58 -9.44
N LYS F 393 52.54 -22.53 -10.13
CA LYS F 393 52.15 -22.88 -11.48
C LYS F 393 50.84 -23.65 -11.43
N LYS F 394 50.57 -24.28 -10.29
CA LYS F 394 49.33 -25.03 -10.14
C LYS F 394 48.09 -24.15 -10.17
N LYS F 395 48.20 -22.93 -9.63
CA LYS F 395 47.04 -22.04 -9.64
C LYS F 395 46.83 -21.48 -11.04
N ASP F 396 47.91 -21.31 -11.80
CA ASP F 396 47.83 -20.82 -13.18
C ASP F 396 47.12 -21.88 -14.04
N LEU F 397 47.46 -23.14 -13.80
CA LEU F 397 46.86 -24.25 -14.53
C LEU F 397 45.41 -24.44 -14.12
N PHE F 398 45.10 -24.04 -12.89
CA PHE F 398 43.75 -24.16 -12.37
C PHE F 398 42.86 -23.17 -13.14
N LEU F 399 43.39 -21.97 -13.36
CA LEU F 399 42.66 -20.94 -14.10
C LEU F 399 42.48 -21.38 -15.55
N ASP F 400 43.45 -22.12 -16.08
CA ASP F 400 43.36 -22.64 -17.46
C ASP F 400 42.25 -23.68 -17.51
N LEU F 401 42.14 -24.48 -16.45
CA LEU F 401 41.12 -25.53 -16.38
C LEU F 401 39.71 -24.93 -16.48
N ILE F 402 39.43 -23.90 -15.68
CA ILE F 402 38.11 -23.26 -15.71
C ILE F 402 37.86 -22.70 -17.12
N ALA F 403 38.85 -21.98 -17.65
CA ALA F 403 38.76 -21.38 -18.98
C ALA F 403 38.45 -22.37 -20.09
N ASP F 404 39.17 -23.49 -20.09
CA ASP F 404 38.97 -24.52 -21.09
C ASP F 404 37.56 -25.11 -21.02
N VAL F 405 37.04 -25.27 -19.81
CA VAL F 405 35.70 -25.84 -19.64
C VAL F 405 34.61 -24.86 -20.04
N MET F 406 34.81 -23.59 -19.71
CA MET F 406 33.84 -22.57 -20.02
C MET F 406 33.88 -22.06 -21.46
N PHE F 407 35.08 -21.86 -22.01
CA PHE F 407 35.19 -21.33 -23.35
C PHE F 407 35.99 -22.15 -24.36
N GLY F 408 37.20 -22.54 -24.00
CA GLY F 408 38.06 -23.29 -24.90
C GLY F 408 37.50 -24.52 -25.59
N VAL F 409 37.10 -25.51 -24.82
CA VAL F 409 36.57 -26.75 -25.39
C VAL F 409 35.23 -26.53 -26.11
N PRO F 410 34.32 -25.74 -25.53
CA PRO F 410 33.03 -25.50 -26.17
C PRO F 410 33.19 -24.85 -27.56
N SER F 411 34.13 -23.89 -27.64
CA SER F 411 34.39 -23.17 -28.89
C SER F 411 34.88 -24.10 -29.99
N VAL F 412 35.87 -24.92 -29.68
CA VAL F 412 36.40 -25.83 -30.66
C VAL F 412 35.34 -26.85 -31.08
N ILE F 413 34.56 -27.33 -30.13
CA ILE F 413 33.52 -28.30 -30.46
C ILE F 413 32.48 -27.68 -31.40
N VAL F 414 32.15 -26.41 -31.18
CA VAL F 414 31.19 -25.73 -32.03
C VAL F 414 31.81 -25.50 -33.42
N ALA F 415 33.07 -25.11 -33.45
CA ALA F 415 33.76 -24.87 -34.71
C ALA F 415 33.85 -26.16 -35.54
N ARG F 416 34.21 -27.26 -34.87
CA ARG F 416 34.33 -28.55 -35.55
C ARG F 416 33.00 -29.00 -36.12
N ASN F 417 31.93 -28.78 -35.39
CA ASN F 417 30.61 -29.18 -35.89
C ASN F 417 30.17 -28.28 -37.03
N HIS F 418 30.52 -27.00 -36.95
CA HIS F 418 30.15 -26.07 -38.02
C HIS F 418 30.91 -26.44 -39.30
N ARG F 419 32.17 -26.82 -39.14
CA ARG F 419 33.01 -27.23 -40.26
C ARG F 419 32.43 -28.49 -40.91
N ASP F 420 32.17 -29.50 -40.09
CA ASP F 420 31.64 -30.75 -40.60
C ASP F 420 30.28 -30.62 -41.24
N ALA F 421 29.59 -29.51 -40.98
CA ALA F 421 28.28 -29.26 -41.58
C ALA F 421 28.50 -28.68 -42.96
N GLY F 422 29.76 -28.56 -43.36
CA GLY F 422 30.09 -28.04 -44.68
C GLY F 422 30.16 -26.54 -44.86
N ALA F 423 30.13 -25.78 -43.77
CA ALA F 423 30.19 -24.32 -43.86
C ALA F 423 31.58 -23.77 -43.55
N PRO F 424 31.93 -22.61 -44.13
CA PRO F 424 33.24 -21.97 -43.90
C PRO F 424 33.39 -21.62 -42.43
N THR F 425 34.48 -22.11 -41.83
CA THR F 425 34.73 -21.87 -40.41
C THR F 425 36.12 -21.31 -40.18
N TYR F 426 36.22 -20.37 -39.23
CA TYR F 426 37.48 -19.76 -38.89
C TYR F 426 37.60 -19.68 -37.36
N MET F 427 38.83 -19.84 -36.86
CA MET F 427 39.07 -19.76 -35.43
C MET F 427 40.30 -18.93 -35.10
N TYR F 428 40.30 -18.35 -33.91
CA TYR F 428 41.44 -17.55 -33.46
C TYR F 428 41.61 -17.67 -31.95
N GLU F 429 42.76 -17.21 -31.48
CA GLU F 429 43.10 -17.19 -30.08
C GLU F 429 43.80 -15.86 -29.91
N PHE F 430 43.21 -14.98 -29.10
CA PHE F 430 43.74 -13.65 -28.86
C PHE F 430 44.62 -13.62 -27.62
N GLN F 431 45.84 -13.12 -27.78
CA GLN F 431 46.77 -13.05 -26.67
C GLN F 431 47.48 -11.71 -26.65
N TYR F 432 46.95 -10.77 -25.88
CA TYR F 432 47.54 -9.44 -25.81
C TYR F 432 47.02 -8.71 -24.59
N ARG F 433 47.87 -7.91 -23.95
CA ARG F 433 47.41 -7.16 -22.80
C ARG F 433 47.29 -5.70 -23.17
N PRO F 434 46.06 -5.23 -23.40
CA PRO F 434 45.81 -3.84 -23.77
C PRO F 434 46.19 -2.82 -22.70
N SER F 435 46.64 -1.66 -23.15
CA SER F 435 47.02 -0.59 -22.24
C SER F 435 45.77 -0.04 -21.56
N PHE F 436 44.62 -0.37 -22.12
CA PHE F 436 43.35 0.10 -21.56
C PHE F 436 42.87 -0.77 -20.42
N SER F 437 43.62 -1.81 -20.11
CA SER F 437 43.28 -2.72 -19.02
C SER F 437 43.10 -1.94 -17.73
N SER F 438 42.38 -2.51 -16.78
CA SER F 438 42.17 -1.88 -15.50
C SER F 438 43.48 -1.82 -14.71
N ASP F 439 43.67 -0.74 -13.96
CA ASP F 439 44.85 -0.56 -13.14
C ASP F 439 44.94 -1.65 -12.07
N MET F 440 43.83 -2.31 -11.80
CA MET F 440 43.79 -3.35 -10.77
C MET F 440 44.12 -4.73 -11.30
N LYS F 441 44.33 -4.81 -12.60
CA LYS F 441 44.65 -6.07 -13.27
C LYS F 441 46.16 -6.24 -13.34
N PRO F 442 46.69 -7.35 -12.78
CA PRO F 442 48.13 -7.61 -12.78
C PRO F 442 48.69 -7.58 -14.20
N LYS F 443 49.91 -7.09 -14.34
CA LYS F 443 50.54 -6.98 -15.64
C LYS F 443 50.78 -8.34 -16.28
N THR F 444 50.83 -9.39 -15.46
CA THR F 444 51.06 -10.72 -15.98
C THR F 444 49.88 -11.31 -16.76
N VAL F 445 48.68 -10.78 -16.53
CA VAL F 445 47.51 -11.29 -17.25
C VAL F 445 47.52 -10.80 -18.71
N ILE F 446 47.57 -11.75 -19.63
CA ILE F 446 47.59 -11.46 -21.05
C ILE F 446 46.46 -12.20 -21.74
N GLY F 447 45.65 -11.47 -22.50
CA GLY F 447 44.54 -12.08 -23.20
C GLY F 447 43.43 -12.48 -22.24
N ASP F 448 43.05 -11.57 -21.36
CA ASP F 448 41.99 -11.81 -20.40
C ASP F 448 40.67 -11.70 -21.14
N HIS F 449 39.60 -12.17 -20.50
CA HIS F 449 38.27 -12.10 -21.07
C HIS F 449 37.99 -10.65 -21.45
N GLY F 450 37.53 -10.43 -22.67
CA GLY F 450 37.23 -9.08 -23.12
C GLY F 450 38.39 -8.26 -23.67
N ASP F 451 39.62 -8.74 -23.52
CA ASP F 451 40.77 -7.99 -24.01
C ASP F 451 40.76 -7.68 -25.51
N GLU F 452 40.13 -8.53 -26.31
CA GLU F 452 40.11 -8.30 -27.76
C GLU F 452 39.17 -7.16 -28.16
N LEU F 453 38.16 -6.88 -27.35
CA LEU F 453 37.20 -5.82 -27.64
C LEU F 453 37.82 -4.47 -28.01
N PHE F 454 38.90 -4.10 -27.33
CA PHE F 454 39.54 -2.83 -27.61
C PHE F 454 40.09 -2.74 -29.04
N SER F 455 40.59 -3.86 -29.56
CA SER F 455 41.11 -3.87 -30.92
C SER F 455 39.94 -3.83 -31.92
N VAL F 456 38.94 -4.67 -31.69
CA VAL F 456 37.76 -4.75 -32.56
C VAL F 456 37.02 -3.41 -32.72
N PHE F 457 36.88 -2.64 -31.65
CA PHE F 457 36.17 -1.36 -31.74
C PHE F 457 37.06 -0.13 -31.84
N GLY F 458 38.32 -0.34 -32.19
CA GLY F 458 39.25 0.77 -32.35
C GLY F 458 39.46 1.72 -31.18
N ALA F 459 39.56 1.20 -29.97
CA ALA F 459 39.80 2.04 -28.81
C ALA F 459 41.03 2.93 -29.02
N PRO F 460 42.10 2.39 -29.63
CA PRO F 460 43.31 3.18 -29.87
C PRO F 460 43.07 4.47 -30.67
N PHE F 461 41.90 4.57 -31.29
CA PHE F 461 41.57 5.75 -32.07
C PHE F 461 40.59 6.68 -31.38
N LEU F 462 40.11 6.29 -30.20
CA LEU F 462 39.18 7.12 -29.46
C LEU F 462 39.80 7.48 -28.12
N LYS F 463 40.45 6.50 -27.50
CA LYS F 463 41.11 6.69 -26.23
C LYS F 463 42.53 7.19 -26.50
N GLU F 464 43.11 7.92 -25.55
CA GLU F 464 44.45 8.46 -25.71
C GLU F 464 45.57 7.54 -25.23
N GLY F 465 46.75 7.74 -25.78
CA GLY F 465 47.89 6.93 -25.40
C GLY F 465 47.73 5.50 -25.88
N ALA F 466 48.66 5.05 -26.71
CA ALA F 466 48.64 3.70 -27.25
C ALA F 466 49.88 3.59 -28.11
N SER F 467 50.60 2.49 -27.98
CA SER F 467 51.81 2.26 -28.76
C SER F 467 51.49 1.94 -30.20
N GLU F 468 52.47 2.16 -31.09
CA GLU F 468 52.29 1.86 -32.50
C GLU F 468 51.86 0.41 -32.64
N GLU F 469 52.37 -0.45 -31.76
CA GLU F 469 52.03 -1.87 -31.78
C GLU F 469 50.54 -2.10 -31.49
N GLU F 470 50.01 -1.38 -30.51
CA GLU F 470 48.60 -1.52 -30.15
C GLU F 470 47.69 -0.95 -31.25
N ILE F 471 48.14 0.14 -31.87
CA ILE F 471 47.39 0.78 -32.93
C ILE F 471 47.30 -0.15 -34.14
N ARG F 472 48.44 -0.73 -34.51
CA ARG F 472 48.50 -1.64 -35.65
C ARG F 472 47.64 -2.87 -35.40
N LEU F 473 47.66 -3.37 -34.18
CA LEU F 473 46.88 -4.55 -33.82
C LEU F 473 45.40 -4.30 -34.05
N SER F 474 44.93 -3.11 -33.70
CA SER F 474 43.53 -2.76 -33.87
C SER F 474 43.17 -2.63 -35.35
N LYS F 475 44.05 -2.01 -36.12
CA LYS F 475 43.80 -1.87 -37.55
C LYS F 475 43.68 -3.24 -38.19
N MET F 476 44.58 -4.13 -37.79
CA MET F 476 44.59 -5.49 -38.32
C MET F 476 43.32 -6.24 -37.95
N VAL F 477 42.92 -6.14 -36.69
CA VAL F 477 41.72 -6.83 -36.23
C VAL F 477 40.47 -6.30 -36.92
N MET F 478 40.34 -4.99 -36.98
CA MET F 478 39.16 -4.40 -37.62
C MET F 478 39.10 -4.82 -39.09
N LYS F 479 40.26 -4.89 -39.74
CA LYS F 479 40.34 -5.29 -41.14
C LYS F 479 39.87 -6.72 -41.31
N PHE F 480 40.37 -7.61 -40.45
CA PHE F 480 40.00 -9.02 -40.47
C PHE F 480 38.50 -9.18 -40.28
N TRP F 481 37.94 -8.47 -39.32
CA TRP F 481 36.51 -8.52 -39.01
C TRP F 481 35.65 -7.96 -40.14
N ALA F 482 36.03 -6.80 -40.68
CA ALA F 482 35.28 -6.18 -41.77
C ALA F 482 35.42 -6.97 -43.07
N ASN F 483 36.59 -7.55 -43.31
CA ASN F 483 36.78 -8.37 -44.51
C ASN F 483 35.81 -9.54 -44.41
N PHE F 484 35.71 -10.11 -43.21
CA PHE F 484 34.82 -11.24 -42.98
C PHE F 484 33.38 -10.80 -43.22
N ALA F 485 33.07 -9.58 -42.81
CA ALA F 485 31.73 -9.03 -42.99
C ALA F 485 31.43 -8.94 -44.48
N ARG F 486 32.42 -8.50 -45.25
CA ARG F 486 32.25 -8.35 -46.68
C ARG F 486 32.18 -9.67 -47.44
N ASN F 487 33.18 -10.53 -47.26
CA ASN F 487 33.25 -11.78 -48.03
C ASN F 487 33.13 -13.11 -47.30
N GLY F 488 32.83 -13.11 -46.00
CA GLY F 488 32.77 -14.39 -45.31
C GLY F 488 34.14 -15.02 -45.23
N ASN F 489 35.17 -14.21 -45.46
CA ASN F 489 36.57 -14.65 -45.41
C ASN F 489 37.34 -13.46 -44.85
N PRO F 490 38.09 -13.66 -43.75
CA PRO F 490 38.83 -12.53 -43.19
C PRO F 490 40.09 -12.07 -43.94
N ASN F 491 40.61 -12.92 -44.82
CA ASN F 491 41.82 -12.61 -45.56
C ASN F 491 41.79 -11.42 -46.51
N GLY F 492 42.96 -10.82 -46.68
CA GLY F 492 43.10 -9.66 -47.55
C GLY F 492 44.55 -9.22 -47.63
N GLU F 493 44.86 -8.41 -48.62
CA GLU F 493 46.23 -7.92 -48.81
C GLU F 493 46.75 -7.10 -47.64
N GLY F 494 48.00 -7.37 -47.23
CA GLY F 494 48.61 -6.66 -46.14
C GLY F 494 48.31 -7.26 -44.77
N LEU F 495 47.59 -8.38 -44.76
CA LEU F 495 47.25 -9.05 -43.51
C LEU F 495 47.84 -10.44 -43.45
N PRO F 496 48.29 -10.88 -42.25
CA PRO F 496 48.84 -12.23 -42.21
C PRO F 496 47.78 -13.24 -42.67
N HIS F 497 48.21 -14.37 -43.22
CA HIS F 497 47.27 -15.36 -43.70
C HIS F 497 46.53 -16.07 -42.57
N TRP F 498 45.20 -16.11 -42.67
CA TRP F 498 44.36 -16.76 -41.68
C TRP F 498 43.78 -17.99 -42.37
N PRO F 499 44.32 -19.17 -42.05
CA PRO F 499 43.81 -20.39 -42.67
C PRO F 499 42.40 -20.72 -42.22
N GLU F 500 41.66 -21.38 -43.10
CA GLU F 500 40.30 -21.79 -42.81
C GLU F 500 40.37 -22.95 -41.83
N TYR F 501 39.38 -23.06 -40.96
CA TYR F 501 39.35 -24.13 -39.98
C TYR F 501 38.76 -25.40 -40.61
N ASN F 502 39.58 -26.13 -41.35
CA ASN F 502 39.14 -27.38 -41.98
C ASN F 502 39.68 -28.57 -41.20
N GLN F 503 39.91 -29.69 -41.87
CA GLN F 503 40.41 -30.87 -41.19
C GLN F 503 41.78 -30.68 -40.56
N LYS F 504 42.56 -29.73 -41.06
CA LYS F 504 43.89 -29.45 -40.51
C LYS F 504 43.73 -28.61 -39.25
N GLU F 505 42.52 -28.13 -39.03
CA GLU F 505 42.20 -27.31 -37.86
C GLU F 505 43.15 -26.14 -37.67
N GLY F 506 43.45 -25.45 -38.75
CA GLY F 506 44.31 -24.29 -38.66
C GLY F 506 43.52 -23.17 -38.02
N TYR F 507 44.21 -22.32 -37.27
CA TYR F 507 43.57 -21.19 -36.61
C TYR F 507 44.61 -20.10 -36.53
N LEU F 508 44.17 -18.88 -36.21
CA LEU F 508 45.09 -17.76 -36.13
C LEU F 508 45.38 -17.31 -34.69
N GLN F 509 46.65 -17.13 -34.38
CA GLN F 509 47.05 -16.63 -33.06
C GLN F 509 47.21 -15.13 -33.26
N ILE F 510 46.34 -14.35 -32.62
CA ILE F 510 46.38 -12.90 -32.74
C ILE F 510 47.08 -12.24 -31.56
N GLY F 511 48.06 -11.39 -31.86
CA GLY F 511 48.79 -10.69 -30.82
C GLY F 511 49.91 -9.83 -31.37
N ALA F 512 50.87 -9.47 -30.52
CA ALA F 512 52.01 -8.65 -30.94
C ALA F 512 52.56 -9.25 -32.23
N ASN F 513 52.71 -10.57 -32.23
CA ASN F 513 53.18 -11.31 -33.39
C ASN F 513 51.99 -12.18 -33.79
N THR F 514 51.50 -12.02 -35.01
CA THR F 514 50.35 -12.81 -35.46
C THR F 514 50.72 -13.83 -36.52
N GLN F 515 50.44 -15.10 -36.23
CA GLN F 515 50.73 -16.19 -37.17
C GLN F 515 49.70 -17.29 -37.05
N ALA F 516 49.69 -18.15 -38.07
CA ALA F 516 48.79 -19.28 -38.09
C ALA F 516 49.39 -20.41 -37.27
N ALA F 517 48.53 -21.31 -36.81
CA ALA F 517 48.93 -22.46 -36.04
C ALA F 517 47.86 -23.53 -36.27
N GLN F 518 48.06 -24.72 -35.71
CA GLN F 518 47.09 -25.79 -35.92
C GLN F 518 46.68 -26.54 -34.66
N LYS F 519 45.50 -27.15 -34.70
CA LYS F 519 44.98 -27.94 -33.59
C LYS F 519 44.82 -27.18 -32.26
N LEU F 520 43.93 -26.20 -32.26
CA LEU F 520 43.67 -25.42 -31.05
C LEU F 520 42.90 -26.27 -30.03
N LYS F 521 43.47 -26.43 -28.84
CA LYS F 521 42.87 -27.20 -27.74
C LYS F 521 42.54 -28.64 -28.11
N ASP F 522 43.37 -29.27 -28.93
CA ASP F 522 43.13 -30.64 -29.34
C ASP F 522 43.08 -31.64 -28.20
N LYS F 523 44.12 -31.67 -27.37
CA LYS F 523 44.18 -32.60 -26.25
C LYS F 523 43.12 -32.33 -25.21
N GLU F 524 42.82 -31.05 -24.99
CA GLU F 524 41.81 -30.68 -23.99
C GLU F 524 40.43 -31.18 -24.39
N VAL F 525 40.06 -31.02 -25.65
CA VAL F 525 38.75 -31.47 -26.10
C VAL F 525 38.64 -32.98 -25.91
N ALA F 526 39.71 -33.70 -26.26
CA ALA F 526 39.70 -35.15 -26.11
C ALA F 526 39.50 -35.53 -24.64
N PHE F 527 40.28 -34.92 -23.76
CA PHE F 527 40.18 -35.20 -22.33
C PHE F 527 38.78 -34.92 -21.78
N TRP F 528 38.28 -33.71 -22.02
CA TRP F 528 36.97 -33.33 -21.51
C TRP F 528 35.81 -34.09 -22.13
N THR F 529 35.96 -34.52 -23.37
CA THR F 529 34.87 -35.25 -24.01
C THR F 529 34.75 -36.63 -23.38
N ASN F 530 35.89 -37.23 -23.07
CA ASN F 530 35.89 -38.55 -22.45
C ASN F 530 35.46 -38.48 -20.99
N LEU F 531 35.86 -37.40 -20.30
CA LEU F 531 35.49 -37.24 -18.90
C LEU F 531 33.99 -37.07 -18.72
N PHE F 532 33.41 -36.14 -19.48
CA PHE F 532 31.97 -35.91 -19.39
C PHE F 532 31.17 -37.11 -19.89
N ALA F 533 31.82 -37.97 -20.68
CA ALA F 533 31.16 -39.16 -21.21
C ALA F 533 30.73 -40.08 -20.08
N LYS F 534 31.63 -40.28 -19.12
CA LYS F 534 31.38 -41.14 -17.97
C LYS F 534 29.97 -40.93 -17.40
#